data_5UE5
#
_entry.id   5UE5
#
loop_
_entity.id
_entity.type
_entity.pdbx_description
1 polymer Matrilysin
2 branched '2-O-sulfo-alpha-L-idopyranuronic acid-(1-4)-2-deoxy-6-O-sulfo-2-(sulfoamino)-alpha-D-glucopyranose-(1-4)-2-O-sulfo-alpha-L-idopyranuronic acid-(1-4)-2-deoxy-6-O-sulfo-2-(sulfoamino)-alpha-D-glucopyranose-(1-4)-2-O-sulfo-alpha-L-idopyranuronic acid-(1-4)-2-deoxy-6-O-sulfo-2-(sulfoamino)-alpha-D-glucopyranose-(1-4)-2-O-sulfo-alpha-L-idopyranuronic acid-(1-4)-2-deoxy-6-O-sulfo-2-(sulfoamino)-alpha-D-glucopyranose'
3 non-polymer 'CALCIUM ION'
4 non-polymer 'ZINC ION'
#
_entity_poly.entity_id   1
_entity_poly.type   'polypeptide(L)'
_entity_poly.pdbx_seq_one_letter_code
;PQEAGGMSELQWEQAQDYLKRFYLYDSETKNANSLEAKLKEMQKFFGLPITGMLNSRVIEIMQKPRCGVPDVAEYSLFPN
SPKWTSKVVTYRIVSYTRDLPHITVDRLVSKALNMWGKEIPLHFRKVVWGTADIMIGFARGAHGDSYPFDGPGNTLAHAF
APGTGLGGDAHFDEDERWTDGSSLGINFLYAATHALGHSLGMGHSSDPNAVMYPTYGNGDPQNFKLSQDDIKGIQKLYGK
RSNSRKK
;
_entity_poly.pdbx_strand_id   A
#
loop_
_chem_comp.id
_chem_comp.type
_chem_comp.name
_chem_comp.formula
CA non-polymer 'CALCIUM ION' 'Ca 2'
IDS L-saccharide, alpha linking '2-O-sulfo-alpha-L-idopyranuronic acid' 'C6 H10 O10 S'
SGN D-saccharide, alpha linking 2-deoxy-6-O-sulfo-2-(sulfoamino)-alpha-D-glucopyranose 'C6 H13 N O11 S2'
ZN non-polymer 'ZINC ION' 'Zn 2'
#
# COMPACT_ATOMS: atom_id res chain seq x y z
N PRO A 1 -8.89 8.70 25.29
CA PRO A 1 -10.20 8.31 25.80
C PRO A 1 -10.20 6.93 26.41
N GLN A 2 -9.17 6.07 26.17
CA GLN A 2 -9.16 4.74 26.79
C GLN A 2 -10.41 3.98 26.38
N GLU A 3 -10.59 3.75 25.06
CA GLU A 3 -11.74 2.96 24.60
C GLU A 3 -11.50 1.50 24.88
N ALA A 4 -10.24 1.01 24.75
CA ALA A 4 -9.96 -0.41 25.02
C ALA A 4 -10.52 -0.88 26.35
N GLY A 5 -10.59 -0.01 27.38
CA GLY A 5 -11.13 -0.45 28.66
C GLY A 5 -12.48 -1.09 28.51
N GLY A 6 -13.38 -0.51 27.67
CA GLY A 6 -14.72 -1.08 27.49
C GLY A 6 -14.84 -1.94 26.26
N MET A 7 -13.75 -2.60 25.79
CA MET A 7 -13.87 -3.52 24.65
C MET A 7 -14.09 -4.93 25.17
N SER A 8 -14.51 -5.86 24.28
CA SER A 8 -14.82 -7.23 24.70
C SER A 8 -13.70 -8.14 24.25
N GLU A 9 -13.75 -9.44 24.64
CA GLU A 9 -12.72 -10.37 24.20
C GLU A 9 -12.75 -10.42 22.68
N LEU A 10 -13.98 -10.51 22.09
CA LEU A 10 -14.10 -10.60 20.63
C LEU A 10 -13.26 -9.56 19.93
N GLN A 11 -13.22 -8.30 20.42
CA GLN A 11 -12.44 -7.27 19.74
C GLN A 11 -10.97 -7.62 19.80
N TRP A 12 -10.46 -7.96 21.00
CA TRP A 12 -9.03 -8.27 21.15
C TRP A 12 -8.69 -9.45 20.28
N GLU A 13 -9.55 -10.50 20.31
CA GLU A 13 -9.31 -11.69 19.49
C GLU A 13 -9.35 -11.33 18.03
N GLN A 14 -10.35 -10.53 17.57
CA GLN A 14 -10.40 -10.12 16.17
C GLN A 14 -9.04 -9.61 15.75
N ALA A 15 -8.39 -8.77 16.59
CA ALA A 15 -7.09 -8.22 16.21
C ALA A 15 -6.16 -9.32 15.76
N GLN A 16 -6.11 -10.45 16.51
CA GLN A 16 -5.26 -11.57 16.11
C GLN A 16 -5.51 -11.87 14.66
N ASP A 17 -6.79 -12.01 14.26
CA ASP A 17 -7.11 -12.39 12.89
C ASP A 17 -6.79 -11.28 11.92
N TYR A 18 -7.22 -10.02 12.19
CA TYR A 18 -6.94 -8.93 11.25
C TYR A 18 -5.49 -8.91 10.86
N LEU A 19 -4.55 -9.10 11.82
CA LEU A 19 -3.13 -9.06 11.46
C LEU A 19 -2.72 -10.36 10.82
N LYS A 20 -3.26 -11.51 11.30
CA LYS A 20 -2.92 -12.79 10.70
C LYS A 20 -2.91 -12.69 9.19
N ARG A 21 -3.97 -12.09 8.58
CA ARG A 21 -4.02 -11.93 7.12
C ARG A 21 -2.98 -10.95 6.60
N PHE A 22 -2.63 -9.85 7.34
CA PHE A 22 -1.61 -8.91 6.83
C PHE A 22 -0.34 -9.62 6.41
N TYR A 23 -0.01 -10.83 6.90
CA TYR A 23 1.21 -11.50 6.45
C TYR A 23 0.85 -12.93 6.11
N LEU A 24 -0.18 -13.09 5.25
CA LEU A 24 -0.63 -14.41 4.80
C LEU A 24 -1.25 -15.16 5.96
N TYR A 25 -2.27 -16.02 5.69
CA TYR A 25 -2.93 -16.72 6.79
C TYR A 25 -2.18 -18.03 6.95
N ASP A 26 -1.05 -18.02 7.70
CA ASP A 26 -0.23 -19.23 7.84
C ASP A 26 -0.29 -19.71 9.26
N SER A 27 -0.71 -20.98 9.53
CA SER A 27 -0.75 -21.46 10.91
C SER A 27 0.62 -21.56 11.55
N GLU A 28 1.75 -21.39 10.81
CA GLU A 28 3.05 -21.54 11.45
C GLU A 28 3.19 -20.61 12.64
N THR A 29 2.55 -19.43 12.65
CA THR A 29 2.63 -18.51 13.80
C THR A 29 1.35 -18.58 14.59
N LYS A 30 0.83 -19.79 14.90
CA LYS A 30 -0.46 -19.92 15.60
C LYS A 30 -0.20 -20.42 17.00
N ASN A 31 0.03 -19.49 17.97
CA ASN A 31 0.29 -19.91 19.34
C ASN A 31 -0.01 -18.75 20.27
N ALA A 32 -0.41 -19.04 21.53
CA ALA A 32 -0.77 -17.95 22.44
C ALA A 32 0.45 -17.12 22.77
N ASN A 33 1.59 -17.75 23.09
CA ASN A 33 2.76 -16.98 23.51
C ASN A 33 3.35 -16.26 22.32
N SER A 34 3.36 -16.88 21.12
CA SER A 34 3.85 -16.19 19.93
C SER A 34 3.21 -14.83 19.79
N LEU A 35 1.91 -14.65 20.16
CA LEU A 35 1.30 -13.33 20.10
C LEU A 35 2.30 -12.28 20.50
N GLU A 36 3.03 -12.47 21.62
CA GLU A 36 3.93 -11.42 22.09
C GLU A 36 4.99 -11.11 21.06
N ALA A 37 5.75 -12.12 20.58
CA ALA A 37 6.78 -11.85 19.56
C ALA A 37 6.15 -11.32 18.30
N LYS A 38 5.06 -11.97 17.84
CA LYS A 38 4.41 -11.58 16.59
C LYS A 38 3.90 -10.16 16.63
N LEU A 39 3.34 -9.66 17.75
CA LEU A 39 3.01 -8.24 17.78
C LEU A 39 4.31 -7.45 17.83
N LYS A 40 5.39 -7.95 18.48
CA LYS A 40 6.63 -7.17 18.52
C LYS A 40 7.00 -6.72 17.12
N GLU A 41 7.03 -7.65 16.14
CA GLU A 41 7.41 -7.25 14.78
C GLU A 41 6.37 -6.35 14.18
N MET A 42 5.05 -6.55 14.44
CA MET A 42 4.04 -5.64 13.90
C MET A 42 4.34 -4.24 14.36
N GLN A 43 4.52 -4.06 15.70
CA GLN A 43 4.62 -2.71 16.24
C GLN A 43 5.80 -2.00 15.63
N LYS A 44 6.94 -2.68 15.42
CA LYS A 44 8.06 -2.03 14.75
C LYS A 44 7.76 -1.85 13.27
N PHE A 45 7.15 -2.85 12.60
CA PHE A 45 6.81 -2.69 11.18
C PHE A 45 6.07 -1.38 11.02
N PHE A 46 5.06 -1.12 11.88
CA PHE A 46 4.35 0.14 11.78
C PHE A 46 5.26 1.29 12.13
N GLY A 47 6.01 1.18 13.25
CA GLY A 47 6.88 2.28 13.68
C GLY A 47 6.43 2.77 15.03
N LEU A 48 5.10 2.88 15.24
CA LEU A 48 4.55 3.29 16.55
C LEU A 48 5.41 2.77 17.69
N PRO A 49 5.73 3.53 18.77
CA PRO A 49 6.67 3.04 19.76
C PRO A 49 6.06 2.14 20.82
N ILE A 50 4.73 2.13 21.04
CA ILE A 50 4.16 1.28 22.09
C ILE A 50 4.33 -0.15 21.64
N THR A 51 5.41 -0.86 22.07
CA THR A 51 5.59 -2.27 21.72
C THR A 51 4.92 -3.12 22.77
N GLY A 52 4.75 -4.44 22.51
CA GLY A 52 4.14 -5.33 23.51
C GLY A 52 2.76 -4.95 23.97
N MET A 53 2.03 -4.03 23.30
CA MET A 53 0.67 -3.65 23.74
C MET A 53 -0.33 -3.94 22.65
N LEU A 54 -1.65 -3.89 22.98
CA LEU A 54 -2.67 -4.10 21.97
C LEU A 54 -3.91 -3.33 22.37
N ASN A 55 -3.96 -1.99 22.10
CA ASN A 55 -5.05 -1.18 22.63
C ASN A 55 -4.99 0.25 22.14
N SER A 56 -3.83 0.95 22.23
CA SER A 56 -3.77 2.36 21.85
C SER A 56 -3.71 2.49 20.34
N ARG A 57 -2.54 2.78 19.73
CA ARG A 57 -2.48 2.86 18.27
C ARG A 57 -2.69 1.50 17.66
N VAL A 58 -2.36 0.41 18.37
CA VAL A 58 -2.27 -0.90 17.72
C VAL A 58 -3.65 -1.38 17.34
N ILE A 59 -4.70 -1.19 18.17
CA ILE A 59 -6.05 -1.54 17.72
C ILE A 59 -6.50 -0.55 16.67
N GLU A 60 -6.32 0.77 16.88
CA GLU A 60 -6.79 1.75 15.89
C GLU A 60 -6.42 1.29 14.49
N ILE A 61 -5.12 1.06 14.23
CA ILE A 61 -4.71 0.62 12.90
C ILE A 61 -5.35 -0.68 12.45
N MET A 62 -5.62 -1.66 13.34
CA MET A 62 -6.26 -2.89 12.88
C MET A 62 -7.58 -2.51 12.23
N GLN A 63 -8.37 -1.62 12.86
CA GLN A 63 -9.66 -1.23 12.28
C GLN A 63 -9.52 -0.24 11.14
N LYS A 64 -8.59 0.75 11.17
CA LYS A 64 -8.52 1.71 10.06
C LYS A 64 -8.02 1.00 8.81
N PRO A 65 -8.45 1.34 7.58
CA PRO A 65 -7.92 0.66 6.40
C PRO A 65 -6.56 1.22 6.04
N ARG A 66 -5.85 0.60 5.08
CA ARG A 66 -4.46 0.99 4.82
C ARG A 66 -3.91 0.46 3.49
N CYS A 67 -3.93 -0.86 3.27
CA CYS A 67 -3.29 -1.45 2.09
C CYS A 67 -3.69 -2.91 2.07
N GLY A 68 -3.52 -3.64 0.95
CA GLY A 68 -3.94 -5.04 0.91
C GLY A 68 -2.83 -5.89 0.35
N VAL A 69 -1.56 -5.52 0.62
CA VAL A 69 -0.43 -6.22 0.02
C VAL A 69 0.20 -6.98 1.17
N PRO A 70 0.51 -8.30 1.13
CA PRO A 70 1.10 -8.91 2.31
C PRO A 70 2.47 -8.31 2.51
N ASP A 71 3.03 -8.33 3.74
CA ASP A 71 4.34 -7.72 3.98
C ASP A 71 5.40 -8.79 4.07
N VAL A 72 5.31 -9.84 3.22
CA VAL A 72 6.25 -10.95 3.26
C VAL A 72 6.26 -11.62 1.90
N ALA A 73 7.30 -12.40 1.55
CA ALA A 73 7.31 -13.08 0.25
C ALA A 73 8.27 -14.24 0.29
N GLU A 74 8.12 -15.25 -0.62
CA GLU A 74 8.93 -16.46 -0.52
C GLU A 74 8.90 -17.17 -1.86
N TYR A 75 9.74 -16.74 -2.83
CA TYR A 75 9.75 -17.39 -4.15
C TYR A 75 11.13 -17.33 -4.77
N SER A 76 11.37 -18.13 -5.83
CA SER A 76 12.67 -18.16 -6.50
C SER A 76 12.51 -17.53 -7.86
N LEU A 77 13.58 -17.47 -8.70
CA LEU A 77 13.44 -16.84 -10.01
C LEU A 77 12.93 -15.43 -9.82
N PHE A 78 13.41 -14.74 -8.75
CA PHE A 78 12.94 -13.38 -8.48
C PHE A 78 13.51 -12.48 -9.56
N PRO A 79 12.87 -11.38 -10.01
CA PRO A 79 13.41 -10.64 -11.15
C PRO A 79 14.70 -9.94 -10.81
N ASN A 80 15.38 -9.33 -11.82
CA ASN A 80 16.63 -8.64 -11.52
C ASN A 80 16.35 -7.53 -10.53
N SER A 81 16.98 -7.57 -9.33
CA SER A 81 16.77 -6.52 -8.32
C SER A 81 15.34 -6.47 -7.80
N PRO A 82 15.07 -6.02 -6.55
CA PRO A 82 13.68 -5.95 -6.08
C PRO A 82 12.90 -4.81 -6.71
N LYS A 83 13.52 -3.68 -7.12
CA LYS A 83 12.76 -2.55 -7.67
C LYS A 83 12.89 -2.53 -9.18
N TRP A 84 12.10 -1.73 -9.92
CA TRP A 84 12.18 -1.76 -11.39
C TRP A 84 13.60 -1.53 -11.87
N THR A 85 14.35 -2.58 -12.23
CA THR A 85 15.64 -2.35 -12.89
C THR A 85 15.45 -1.70 -14.26
N SER A 86 14.29 -1.89 -14.93
CA SER A 86 14.17 -1.51 -16.34
C SER A 86 14.58 -0.08 -16.62
N LYS A 87 15.01 0.24 -17.86
CA LYS A 87 15.38 1.62 -18.17
C LYS A 87 14.15 2.50 -18.15
N VAL A 88 12.93 1.95 -18.39
CA VAL A 88 11.72 2.76 -18.41
C VAL A 88 10.61 2.02 -17.72
N VAL A 89 9.51 2.73 -17.37
CA VAL A 89 8.33 2.06 -16.83
C VAL A 89 7.13 2.57 -17.61
N THR A 90 6.08 1.74 -17.84
CA THR A 90 4.89 2.16 -18.56
C THR A 90 3.69 1.76 -17.73
N TYR A 91 2.50 2.38 -17.93
CA TYR A 91 1.35 2.06 -17.08
C TYR A 91 0.05 2.39 -17.77
N ARG A 92 -1.02 1.56 -17.66
CA ARG A 92 -2.28 1.85 -18.36
C ARG A 92 -3.46 1.51 -17.50
N ILE A 93 -4.63 2.18 -17.68
CA ILE A 93 -5.77 1.93 -16.80
C ILE A 93 -6.61 0.89 -17.49
N VAL A 94 -7.11 -0.14 -16.76
CA VAL A 94 -7.94 -1.17 -17.40
C VAL A 94 -9.35 -0.65 -17.46
N SER A 95 -9.88 -0.21 -16.29
CA SER A 95 -11.29 0.16 -16.17
C SER A 95 -11.38 1.28 -15.16
N TYR A 96 -12.54 1.94 -15.01
CA TYR A 96 -12.66 3.03 -14.06
C TYR A 96 -13.89 2.82 -13.20
N THR A 97 -13.91 3.39 -11.98
CA THR A 97 -15.01 3.16 -11.05
C THR A 97 -16.06 4.23 -11.26
N ARG A 98 -17.36 3.93 -11.03
CA ARG A 98 -18.40 4.94 -11.23
C ARG A 98 -18.16 6.14 -10.36
N ASP A 99 -17.58 6.00 -9.15
CA ASP A 99 -17.34 7.18 -8.31
C ASP A 99 -16.57 8.26 -9.04
N LEU A 100 -15.69 7.93 -10.01
CA LEU A 100 -14.80 8.93 -10.60
C LEU A 100 -14.79 8.79 -12.10
N PRO A 101 -14.74 9.87 -12.94
CA PRO A 101 -14.70 9.65 -14.37
C PRO A 101 -13.33 9.14 -14.78
N HIS A 102 -13.27 8.30 -15.85
CA HIS A 102 -12.00 7.76 -16.34
C HIS A 102 -10.89 8.79 -16.32
N ILE A 103 -11.12 9.98 -16.93
CA ILE A 103 -10.12 11.05 -16.92
C ILE A 103 -9.53 11.25 -15.54
N THR A 104 -10.38 11.30 -14.49
CA THR A 104 -9.89 11.59 -13.16
C THR A 104 -9.03 10.42 -12.73
N VAL A 105 -9.52 9.17 -12.72
CA VAL A 105 -8.67 8.07 -12.28
C VAL A 105 -7.34 8.19 -13.01
N ASP A 106 -7.35 8.22 -14.36
CA ASP A 106 -6.11 8.26 -15.12
C ASP A 106 -5.16 9.31 -14.60
N ARG A 107 -5.61 10.58 -14.47
CA ARG A 107 -4.67 11.63 -14.07
C ARG A 107 -4.22 11.43 -12.64
N LEU A 108 -5.01 10.81 -11.72
CA LEU A 108 -4.50 10.56 -10.37
C LEU A 108 -3.42 9.48 -10.42
N VAL A 109 -3.67 8.34 -11.12
CA VAL A 109 -2.66 7.27 -11.12
C VAL A 109 -1.36 7.90 -11.51
N SER A 110 -1.40 8.75 -12.57
CA SER A 110 -0.17 9.33 -13.08
C SER A 110 0.39 10.34 -12.12
N LYS A 111 -0.45 11.22 -11.54
CA LYS A 111 0.06 12.29 -10.69
C LYS A 111 0.80 11.74 -9.47
N ALA A 112 0.53 10.49 -9.05
CA ALA A 112 1.29 9.85 -7.97
C ALA A 112 2.46 9.08 -8.57
N LEU A 113 2.19 8.08 -9.44
CA LEU A 113 3.26 7.35 -10.14
C LEU A 113 4.35 8.30 -10.60
N ASN A 114 3.96 9.46 -11.18
CA ASN A 114 4.92 10.41 -11.71
C ASN A 114 5.72 10.98 -10.57
N MET A 115 5.07 11.37 -9.45
CA MET A 115 5.85 11.83 -8.30
C MET A 115 6.94 10.82 -8.01
N TRP A 116 6.61 9.53 -7.80
CA TRP A 116 7.67 8.56 -7.54
C TRP A 116 8.77 8.73 -8.57
N GLY A 117 8.46 8.67 -9.88
CA GLY A 117 9.51 8.80 -10.89
C GLY A 117 10.31 10.08 -10.76
N LYS A 118 9.66 11.19 -10.33
CA LYS A 118 10.38 12.46 -10.21
C LYS A 118 11.40 12.47 -9.09
N GLU A 119 11.50 11.44 -8.22
CA GLU A 119 12.51 11.45 -7.16
C GLU A 119 13.70 10.57 -7.46
N ILE A 120 13.86 10.08 -8.72
CA ILE A 120 14.88 9.07 -9.03
C ILE A 120 15.33 9.18 -10.46
N PRO A 121 16.53 8.70 -10.87
CA PRO A 121 16.90 8.78 -12.27
C PRO A 121 16.05 7.91 -13.17
N LEU A 122 15.20 6.97 -12.67
CA LEU A 122 14.33 6.22 -13.57
C LEU A 122 13.55 7.14 -14.48
N HIS A 123 13.03 6.59 -15.60
CA HIS A 123 12.32 7.39 -16.59
C HIS A 123 10.93 6.81 -16.74
N PHE A 124 9.92 7.61 -17.17
CA PHE A 124 8.56 7.10 -17.34
C PHE A 124 8.06 7.48 -18.71
N ARG A 125 7.01 6.79 -19.23
CA ARG A 125 6.65 6.91 -20.64
C ARG A 125 5.14 6.87 -20.75
N LYS A 126 4.51 7.60 -21.70
CA LYS A 126 3.05 7.63 -21.76
C LYS A 126 2.58 6.47 -22.59
N VAL A 127 1.29 6.07 -22.43
CA VAL A 127 0.76 4.91 -23.15
C VAL A 127 -0.25 5.37 -24.18
N VAL A 128 -0.01 5.15 -25.50
CA VAL A 128 -1.00 5.49 -26.52
C VAL A 128 -1.16 4.42 -27.59
N TRP A 129 -0.59 3.20 -27.45
CA TRP A 129 -0.72 2.21 -28.52
C TRP A 129 -0.13 0.90 -28.00
N GLY A 130 -0.95 -0.05 -27.49
CA GLY A 130 -0.44 -1.32 -26.99
C GLY A 130 -0.65 -1.45 -25.50
N THR A 131 -0.19 -2.57 -24.91
CA THR A 131 -0.36 -2.79 -23.46
C THR A 131 0.79 -2.17 -22.72
N ALA A 132 0.72 -2.19 -21.36
CA ALA A 132 1.74 -1.55 -20.53
C ALA A 132 2.27 -2.53 -19.50
N ASP A 133 3.25 -2.11 -18.67
CA ASP A 133 3.73 -2.99 -17.61
C ASP A 133 2.69 -2.98 -16.52
N ILE A 134 2.45 -1.81 -15.87
CA ILE A 134 1.56 -1.80 -14.72
C ILE A 134 0.15 -1.52 -15.17
N MET A 135 -0.76 -2.53 -15.13
CA MET A 135 -2.16 -2.28 -15.46
C MET A 135 -2.83 -1.74 -14.22
N ILE A 136 -3.79 -0.78 -14.31
CA ILE A 136 -4.46 -0.24 -13.12
C ILE A 136 -5.92 -0.58 -13.23
N GLY A 137 -6.45 -1.60 -12.52
CA GLY A 137 -7.86 -1.97 -12.67
C GLY A 137 -8.61 -1.88 -11.37
N PHE A 138 -9.96 -1.89 -11.45
CA PHE A 138 -10.79 -1.98 -10.25
C PHE A 138 -11.34 -3.37 -10.24
N ALA A 139 -11.27 -4.10 -9.11
CA ALA A 139 -11.82 -5.45 -9.15
C ALA A 139 -11.98 -6.01 -7.75
N ARG A 140 -12.63 -7.18 -7.64
CA ARG A 140 -12.80 -7.84 -6.34
C ARG A 140 -11.95 -9.09 -6.39
N GLY A 141 -11.40 -9.55 -5.25
CA GLY A 141 -10.59 -10.77 -5.22
C GLY A 141 -11.12 -11.88 -6.10
N ALA A 142 -12.46 -12.01 -6.27
CA ALA A 142 -13.00 -13.03 -7.18
C ALA A 142 -12.95 -12.62 -8.64
N HIS A 143 -12.10 -11.65 -9.07
CA HIS A 143 -12.01 -11.31 -10.48
C HIS A 143 -11.24 -12.41 -11.18
N GLY A 144 -10.10 -12.83 -10.59
CA GLY A 144 -9.30 -13.89 -11.18
C GLY A 144 -7.92 -13.96 -10.57
N ASP A 145 -7.82 -14.09 -9.23
CA ASP A 145 -6.50 -14.17 -8.59
C ASP A 145 -6.64 -14.61 -7.15
N SER A 146 -5.52 -14.92 -6.46
CA SER A 146 -5.60 -15.39 -5.08
C SER A 146 -6.05 -14.28 -4.15
N TYR A 147 -6.22 -14.59 -2.83
CA TYR A 147 -6.48 -13.55 -1.82
C TYR A 147 -7.96 -13.23 -1.86
N PRO A 148 -8.75 -13.25 -0.75
CA PRO A 148 -10.19 -13.06 -0.89
C PRO A 148 -10.53 -11.60 -1.07
N PHE A 149 -11.81 -11.30 -1.36
CA PHE A 149 -12.22 -9.92 -1.58
C PHE A 149 -12.24 -9.11 -0.31
N ASP A 150 -12.57 -9.69 0.88
CA ASP A 150 -12.63 -8.91 2.11
C ASP A 150 -13.91 -8.11 2.15
N GLY A 151 -14.19 -7.23 1.15
CA GLY A 151 -15.39 -6.41 1.17
C GLY A 151 -14.99 -5.01 1.60
N PRO A 152 -15.84 -4.16 2.21
CA PRO A 152 -15.35 -2.87 2.67
C PRO A 152 -14.55 -3.10 3.95
N GLY A 153 -13.95 -2.04 4.53
CA GLY A 153 -13.18 -2.23 5.75
C GLY A 153 -11.82 -2.82 5.46
N ASN A 154 -11.18 -3.45 6.49
CA ASN A 154 -9.82 -3.99 6.37
C ASN A 154 -9.41 -4.46 4.99
N THR A 155 -8.10 -4.38 4.64
CA THR A 155 -7.65 -4.76 3.30
C THR A 155 -8.16 -3.71 2.34
N LEU A 156 -7.29 -2.73 1.97
CA LEU A 156 -7.71 -1.62 1.12
C LEU A 156 -7.44 -1.92 -0.33
N ALA A 157 -6.20 -2.32 -0.72
CA ALA A 157 -5.94 -2.58 -2.13
C ALA A 157 -4.76 -3.52 -2.30
N HIS A 158 -4.91 -4.66 -3.03
CA HIS A 158 -3.74 -5.50 -3.30
C HIS A 158 -2.99 -4.91 -4.46
N ALA A 159 -1.67 -5.21 -4.55
CA ALA A 159 -0.84 -4.72 -5.65
C ALA A 159 0.24 -5.76 -5.86
N PHE A 160 0.98 -5.75 -6.99
CA PHE A 160 1.95 -6.81 -7.25
C PHE A 160 3.34 -6.22 -7.39
N ALA A 161 4.38 -7.08 -7.29
CA ALA A 161 5.78 -6.62 -7.29
C ALA A 161 6.28 -6.54 -8.70
N PRO A 162 7.30 -5.72 -9.08
CA PRO A 162 7.70 -5.62 -10.48
C PRO A 162 8.36 -6.90 -10.95
N GLY A 163 7.56 -7.93 -11.31
CA GLY A 163 8.11 -9.20 -11.76
C GLY A 163 7.40 -9.68 -13.01
N THR A 164 8.13 -10.13 -14.06
CA THR A 164 7.46 -10.61 -15.28
C THR A 164 6.64 -9.49 -15.90
N GLY A 165 6.09 -9.71 -17.12
CA GLY A 165 5.25 -8.69 -17.72
C GLY A 165 3.91 -8.63 -17.03
N LEU A 166 3.30 -9.79 -16.71
CA LEU A 166 1.98 -9.78 -16.08
C LEU A 166 2.11 -9.20 -14.69
N GLY A 167 3.03 -9.71 -13.86
CA GLY A 167 3.18 -9.16 -12.52
C GLY A 167 3.63 -7.71 -12.58
N GLY A 168 3.64 -7.02 -11.42
CA GLY A 168 3.84 -5.57 -11.42
C GLY A 168 2.52 -4.81 -11.48
N ASP A 169 1.35 -5.41 -11.77
CA ASP A 169 0.12 -4.63 -11.87
C ASP A 169 -0.32 -4.07 -10.53
N ALA A 170 -1.18 -3.01 -10.53
CA ALA A 170 -1.74 -2.48 -9.29
C ALA A 170 -3.24 -2.64 -9.37
N HIS A 171 -3.95 -3.00 -8.26
CA HIS A 171 -5.41 -3.14 -8.30
C HIS A 171 -6.02 -2.26 -7.23
N PHE A 172 -7.36 -2.06 -7.24
CA PHE A 172 -8.03 -1.24 -6.23
C PHE A 172 -9.26 -2.00 -5.77
N ASP A 173 -9.43 -2.29 -4.45
CA ASP A 173 -10.62 -3.02 -3.99
C ASP A 173 -11.82 -2.20 -4.41
N GLU A 174 -12.61 -2.64 -5.42
CA GLU A 174 -13.73 -1.82 -5.88
C GLU A 174 -14.68 -1.58 -4.72
N ASP A 175 -14.86 -2.56 -3.81
CA ASP A 175 -15.74 -2.36 -2.65
C ASP A 175 -15.40 -1.08 -1.92
N GLU A 176 -14.09 -0.77 -1.78
CA GLU A 176 -13.69 0.39 -0.99
C GLU A 176 -14.16 1.68 -1.63
N ARG A 177 -14.13 2.77 -0.83
CA ARG A 177 -14.64 4.06 -1.32
C ARG A 177 -13.50 4.78 -1.98
N TRP A 178 -13.71 5.48 -3.13
CA TRP A 178 -12.61 6.06 -3.89
C TRP A 178 -13.03 7.42 -4.42
N THR A 179 -12.39 8.55 -4.02
CA THR A 179 -12.86 9.85 -4.48
C THR A 179 -11.85 10.94 -4.20
N ASP A 180 -11.88 12.10 -4.92
CA ASP A 180 -10.96 13.20 -4.62
C ASP A 180 -11.71 14.46 -4.24
N GLY A 181 -12.47 15.11 -5.16
CA GLY A 181 -13.13 16.36 -4.79
C GLY A 181 -13.96 16.17 -3.54
N SER A 182 -14.78 15.10 -3.49
CA SER A 182 -15.63 14.87 -2.32
C SER A 182 -14.81 14.78 -1.04
N SER A 183 -13.56 14.27 -1.08
CA SER A 183 -12.73 14.19 0.13
C SER A 183 -13.54 13.54 1.22
N LEU A 184 -13.86 12.23 1.06
CA LEU A 184 -14.77 11.54 1.99
C LEU A 184 -14.18 10.21 2.41
N GLY A 185 -13.97 9.27 1.47
CA GLY A 185 -13.49 7.93 1.82
C GLY A 185 -11.99 7.91 1.71
N ILE A 186 -11.42 7.21 0.70
CA ILE A 186 -9.97 7.09 0.60
C ILE A 186 -9.52 7.95 -0.57
N ASN A 187 -8.54 8.87 -0.37
CA ASN A 187 -8.14 9.73 -1.46
C ASN A 187 -7.44 8.90 -2.51
N PHE A 188 -7.83 9.02 -3.81
CA PHE A 188 -7.16 8.20 -4.81
C PHE A 188 -5.71 8.59 -4.84
N LEU A 189 -5.40 9.92 -4.81
CA LEU A 189 -4.02 10.37 -4.92
C LEU A 189 -3.17 9.70 -3.87
N TYR A 190 -3.65 9.72 -2.61
CA TYR A 190 -2.83 9.27 -1.48
C TYR A 190 -2.63 7.78 -1.59
N ALA A 191 -3.74 7.02 -1.80
CA ALA A 191 -3.60 5.58 -2.00
C ALA A 191 -2.76 5.31 -3.21
N ALA A 192 -2.89 6.10 -4.29
CA ALA A 192 -2.13 5.82 -5.51
C ALA A 192 -0.66 5.84 -5.17
N THR A 193 -0.15 6.85 -4.42
CA THR A 193 1.28 6.81 -4.09
C THR A 193 1.61 5.49 -3.45
N HIS A 194 0.73 5.00 -2.55
CA HIS A 194 1.03 3.76 -1.85
C HIS A 194 0.93 2.58 -2.80
N ALA A 195 -0.25 2.33 -3.41
CA ALA A 195 -0.41 1.20 -4.33
C ALA A 195 0.66 1.21 -5.39
N LEU A 196 0.87 2.36 -6.08
CA LEU A 196 1.88 2.40 -7.14
C LEU A 196 3.25 2.25 -6.53
N GLY A 197 3.52 2.77 -5.33
CA GLY A 197 4.83 2.58 -4.72
C GLY A 197 5.17 1.11 -4.62
N HIS A 198 4.23 0.23 -4.21
CA HIS A 198 4.52 -1.20 -4.19
C HIS A 198 4.84 -1.70 -5.58
N SER A 199 4.22 -1.13 -6.64
CA SER A 199 4.59 -1.53 -8.00
C SER A 199 6.06 -1.30 -8.26
N LEU A 200 6.78 -0.45 -7.47
CA LEU A 200 8.21 -0.23 -7.67
C LEU A 200 9.03 -1.04 -6.69
N GLY A 201 8.47 -2.08 -6.04
CA GLY A 201 9.25 -2.82 -5.04
C GLY A 201 9.58 -1.97 -3.84
N MET A 202 8.91 -0.82 -3.60
CA MET A 202 9.19 -0.06 -2.38
C MET A 202 8.50 -0.76 -1.22
N GLY A 203 9.02 -0.56 0.01
CA GLY A 203 8.41 -1.18 1.18
C GLY A 203 7.76 -0.12 2.03
N HIS A 204 7.13 -0.54 3.14
CA HIS A 204 6.53 0.43 4.06
C HIS A 204 7.63 1.14 4.81
N SER A 205 7.29 2.23 5.56
CA SER A 205 8.29 3.00 6.30
C SER A 205 7.81 3.28 7.70
N SER A 206 8.72 3.61 8.64
CA SER A 206 8.31 3.86 10.02
C SER A 206 8.16 5.33 10.36
N ASP A 207 8.55 6.28 9.48
CA ASP A 207 8.54 7.69 9.89
C ASP A 207 7.11 8.17 10.03
N PRO A 208 6.74 9.06 10.99
CA PRO A 208 5.34 9.45 11.11
C PRO A 208 4.86 10.25 9.93
N ASN A 209 5.77 10.89 9.16
CA ASN A 209 5.37 11.66 7.98
C ASN A 209 5.70 10.87 6.73
N ALA A 210 5.58 9.52 6.74
CA ALA A 210 5.95 8.75 5.55
C ALA A 210 4.83 8.73 4.53
N VAL A 211 5.15 8.43 3.25
CA VAL A 211 4.12 8.38 2.21
C VAL A 211 3.52 6.99 2.16
N MET A 212 4.31 5.92 2.45
CA MET A 212 3.74 4.58 2.61
C MET A 212 3.61 4.35 4.09
N TYR A 213 3.21 5.37 4.90
CA TYR A 213 3.18 5.20 6.35
C TYR A 213 2.00 4.31 6.63
N PRO A 214 2.10 3.12 7.26
CA PRO A 214 0.92 2.29 7.41
C PRO A 214 -0.02 2.85 8.45
N THR A 215 0.42 3.72 9.38
CA THR A 215 -0.52 4.25 10.38
C THR A 215 -1.38 5.30 9.71
N TYR A 216 -2.38 4.90 8.87
CA TYR A 216 -3.19 5.92 8.19
C TYR A 216 -3.92 6.72 9.24
N GLY A 217 -4.11 8.05 9.02
CA GLY A 217 -4.86 8.88 9.96
C GLY A 217 -6.14 9.39 9.33
N ASN A 218 -6.74 8.65 8.38
CA ASN A 218 -8.01 9.07 7.77
C ASN A 218 -7.88 10.44 7.12
N GLY A 219 -8.98 11.01 6.57
CA GLY A 219 -8.90 12.33 5.97
C GLY A 219 -8.33 12.25 4.57
N ASP A 220 -8.34 13.39 3.84
CA ASP A 220 -7.82 13.45 2.47
C ASP A 220 -6.82 14.58 2.43
N PRO A 221 -5.63 14.49 1.78
CA PRO A 221 -4.71 15.62 1.78
C PRO A 221 -5.19 16.64 0.76
N GLN A 222 -4.80 17.92 0.89
CA GLN A 222 -5.23 18.90 -0.11
C GLN A 222 -4.34 18.71 -1.32
N ASN A 223 -3.01 18.96 -1.21
CA ASN A 223 -2.12 18.85 -2.36
C ASN A 223 -1.34 17.54 -2.33
N PHE A 224 -0.93 17.04 -1.15
CA PHE A 224 -0.19 15.78 -1.05
C PHE A 224 1.22 15.96 -1.58
N LYS A 225 2.25 15.35 -0.95
CA LYS A 225 3.61 15.36 -1.49
C LYS A 225 4.36 14.14 -1.02
N LEU A 226 5.50 13.81 -1.68
CA LEU A 226 6.34 12.71 -1.23
C LEU A 226 6.95 13.00 0.12
N SER A 227 7.50 11.95 0.78
CA SER A 227 8.14 12.11 2.08
C SER A 227 9.64 12.14 1.94
N GLN A 228 10.37 12.67 2.96
CA GLN A 228 11.82 12.61 2.92
C GLN A 228 12.26 11.17 3.07
N ASP A 229 11.72 10.44 4.07
CA ASP A 229 12.21 9.09 4.36
C ASP A 229 12.04 8.14 3.19
N ASP A 230 10.95 8.26 2.40
CA ASP A 230 10.81 7.41 1.21
C ASP A 230 11.77 7.85 0.12
N ILE A 231 12.01 9.18 -0.04
CA ILE A 231 12.92 9.62 -1.10
C ILE A 231 14.29 9.08 -0.83
N LYS A 232 14.84 9.25 0.39
CA LYS A 232 16.14 8.65 0.68
C LYS A 232 16.05 7.15 0.61
N GLY A 233 14.91 6.55 1.04
CA GLY A 233 14.84 5.09 1.06
C GLY A 233 15.10 4.55 -0.32
N ILE A 234 14.38 5.08 -1.34
CA ILE A 234 14.57 4.57 -2.68
C ILE A 234 15.92 4.94 -3.23
N GLN A 235 16.45 6.17 -2.98
CA GLN A 235 17.71 6.56 -3.62
C GLN A 235 18.86 5.70 -3.16
N LYS A 236 18.79 5.04 -1.99
CA LYS A 236 19.90 4.18 -1.57
C LYS A 236 20.10 3.10 -2.62
N LEU A 237 19.04 2.64 -3.32
CA LEU A 237 19.21 1.63 -4.36
C LEU A 237 19.62 2.26 -5.67
N TYR A 238 18.94 3.35 -6.11
CA TYR A 238 19.26 3.96 -7.41
C TYR A 238 20.40 4.94 -7.31
N GLY A 239 21.06 5.11 -6.13
CA GLY A 239 22.21 6.01 -6.06
C GLY A 239 21.81 7.45 -6.24
N LYS A 240 21.71 7.95 -7.50
CA LYS A 240 21.44 9.38 -7.71
C LYS A 240 19.99 9.66 -7.39
N ARG A 241 19.58 10.95 -7.33
CA ARG A 241 18.18 11.30 -7.09
C ARG A 241 17.83 12.59 -7.77
N SER A 242 16.52 12.96 -7.81
CA SER A 242 16.10 14.27 -8.32
C SER A 242 15.47 15.10 -7.22
N ASN A 243 15.70 14.77 -5.91
CA ASN A 243 15.25 15.62 -4.82
C ASN A 243 13.81 16.03 -5.00
N SER A 244 12.93 15.07 -5.34
CA SER A 244 11.53 15.38 -5.62
C SER A 244 11.40 16.41 -6.73
N ARG A 245 11.64 17.71 -6.45
CA ARG A 245 11.44 18.75 -7.47
C ARG A 245 10.07 18.63 -8.08
N LYS A 246 9.00 19.14 -7.41
CA LYS A 246 7.69 19.20 -8.06
C LYS A 246 7.08 20.56 -7.80
N LYS A 247 5.87 20.80 -8.35
CA LYS A 247 5.18 22.07 -8.15
C LYS A 247 4.38 22.00 -6.88
C1 SGN B . 4.76 11.50 -16.83
C2 SGN B . 4.15 10.96 -18.14
C3 SGN B . 3.25 12.04 -18.80
C4 SGN B . 2.22 12.62 -17.79
C5 SGN B . 3.02 13.09 -16.53
C6 SGN B . 2.12 13.69 -15.41
N2 SGN B . 5.22 10.58 -19.05
O3 SGN B . 2.63 11.43 -19.94
O4 SGN B . 1.40 13.71 -18.29
O5 SGN B . 3.74 11.98 -15.96
O6 SGN B . 2.19 15.13 -15.35
S1 SGN B . 6.63 11.63 -19.34
O1S SGN B . 6.38 12.86 -18.63
O2S SGN B . 7.74 10.84 -18.83
O3S SGN B . 6.69 11.72 -20.79
S2 SGN B . 3.32 15.75 -14.57
O4S SGN B . 2.90 15.62 -13.19
O5S SGN B . 3.33 17.12 -15.05
O6S SGN B . 4.51 15.01 -14.90
H1 SGN B . 5.33 10.71 -16.32
H2 SGN B . 3.53 10.08 -17.87
H3 SGN B . 3.87 12.88 -19.18
H4 SGN B . 1.61 11.76 -17.51
H5 SGN B . 3.73 13.86 -16.86
H61 SGN B . 2.36 13.27 -14.43
H62 SGN B . 1.07 13.43 -15.61
HN21 SGN B . 5.13 9.71 -19.55
HO3 SGN B . 2.08 10.70 -19.68
C1 IDS B . 0.26 13.34 -19.10
C2 IDS B . -0.95 12.76 -18.31
C3 IDS B . -1.74 13.87 -17.60
C4 IDS B . -2.12 15.04 -18.54
C5 IDS B . -0.79 15.52 -19.19
C6 IDS B . -1.13 16.64 -20.14
O2 IDS B . -1.85 12.05 -19.19
O3 IDS B . -0.95 14.35 -16.50
O4 IDS B . -3.08 14.73 -19.61
O5 IDS B . -0.17 14.44 -19.92
O6A IDS B . -1.20 17.82 -19.67
O6B IDS B . -1.31 16.37 -21.36
S IDS B . -1.64 10.56 -19.34
O1S IDS B . -2.24 10.25 -20.62
O2S IDS B . -2.35 10.01 -18.21
O3S IDS B . -0.21 10.35 -19.28
H1 IDS B . 0.57 12.62 -19.87
H2 IDS B . -0.64 12.08 -17.50
H3 IDS B . -2.64 13.41 -17.17
H4 IDS B . -2.45 15.84 -17.86
H5 IDS B . -0.08 15.89 -18.44
HO3 IDS B . -1.41 14.97 -15.93
C1 SGN B . -4.27 15.58 -19.65
C2 SGN B . -5.49 14.86 -18.99
C3 SGN B . -6.42 14.24 -20.06
C4 SGN B . -6.84 15.37 -21.03
C5 SGN B . -5.53 15.73 -21.79
C6 SGN B . -5.82 16.80 -22.87
N2 SGN B . -5.07 13.87 -18.01
O3 SGN B . -7.50 13.66 -19.33
O4 SGN B . -7.98 15.09 -21.89
O5 SGN B . -4.54 16.29 -20.88
O6 SGN B . -6.50 17.97 -22.38
S1 SGN B . -5.02 12.09 -18.26
O1S SGN B . -6.42 11.69 -18.26
O2S SGN B . -4.28 11.54 -17.14
O3S SGN B . -4.42 11.91 -19.56
S2 SGN B . -5.78 18.95 -21.47
O4S SGN B . -6.57 20.17 -21.62
O5S SGN B . -5.86 18.39 -20.14
O6S SGN B . -4.44 19.07 -21.99
H1 SGN B . -4.10 16.50 -19.07
H2 SGN B . -6.11 15.61 -18.46
H3 SGN B . -5.90 13.44 -20.61
H4 SGN B . -7.10 16.28 -20.47
H5 SGN B . -5.11 14.85 -22.29
H61 SGN B . -6.51 16.36 -23.61
H62 SGN B . -4.90 17.07 -23.41
HN21 SGN B . -4.78 14.25 -17.13
HO3 SGN B . -8.04 13.09 -19.87
C1 IDS B . -9.27 15.02 -21.19
C2 IDS B . -10.46 15.57 -22.03
C3 IDS B . -10.94 14.52 -23.07
C4 IDS B . -11.16 13.14 -22.40
C5 IDS B . -9.84 12.75 -21.72
C6 IDS B . -9.88 11.38 -21.09
O2 IDS B . -11.59 15.92 -21.22
O3 IDS B . -9.98 14.37 -24.13
O4 IDS B . -12.24 13.19 -21.43
O5 IDS B . -9.57 13.70 -20.68
O6A IDS B . -10.79 10.58 -21.45
O6B IDS B . -9.00 11.09 -20.24
S IDS B . -11.49 17.04 -20.19
O1S IDS B . -12.75 17.74 -20.34
O2S IDS B . -11.36 16.33 -18.93
O3S IDS B . -10.34 17.85 -20.54
H1 IDS B . -9.22 15.64 -20.28
H2 IDS B . -10.13 16.48 -22.57
H3 IDS B . -11.89 14.87 -23.52
H4 IDS B . -11.34 12.39 -23.19
H5 IDS B . -9.00 12.73 -22.44
HO3 IDS B . -9.82 15.18 -24.61
C1 SGN B . -13.52 12.79 -21.97
C2 SGN B . -14.74 13.42 -21.22
C3 SGN B . -15.19 12.63 -19.97
C4 SGN B . -15.29 11.13 -20.32
C5 SGN B . -13.86 10.70 -20.77
C6 SGN B . -13.77 9.17 -21.02
N2 SGN B . -14.45 14.80 -20.85
O3 SGN B . -16.45 13.15 -19.51
O4 SGN B . -15.83 10.37 -19.20
O5 SGN B . -13.58 11.35 -22.03
O6 SGN B . -14.66 8.84 -22.11
S1 SGN B . -15.73 16.02 -20.61
O1S SGN B . -15.79 16.14 -19.16
O2S SGN B . -16.93 15.45 -21.20
O3S SGN B . -15.22 17.21 -21.21
S2 SGN B . -14.59 7.43 -22.62
O4S SGN B . -14.79 6.59 -21.46
O5S SGN B . -15.67 7.35 -23.58
O6S SGN B . -13.28 7.32 -23.22
H1 SGN B . -13.59 13.17 -23.00
H2 SGN B . -15.60 13.41 -21.91
H3 SGN B . -14.44 12.78 -19.17
H4 SGN B . -15.90 10.99 -21.23
H5 SGN B . -13.11 10.96 -20.00
H61 SGN B . -14.05 8.62 -20.13
H62 SGN B . -12.74 8.92 -21.28
HN21 SGN B . -13.50 15.04 -20.65
HO3 SGN B . -16.74 12.73 -18.71
C1 IDS B . -17.26 10.09 -19.29
C2 IDS B . -17.48 8.58 -19.55
C3 IDS B . -17.18 7.76 -18.27
C4 IDS B . -17.91 8.32 -17.02
C5 IDS B . -17.67 9.85 -16.92
C6 IDS B . -18.48 10.39 -15.78
O2 IDS B . -18.83 8.30 -19.95
O3 IDS B . -15.75 7.70 -18.07
O4 IDS B . -19.34 8.07 -17.05
O5 IDS B . -18.02 10.52 -18.14
O6A IDS B . -18.32 9.88 -14.63
O6B IDS B . -19.29 11.33 -16.01
S IDS B . -19.13 8.29 -21.44
O1S IDS B . -20.57 8.17 -21.49
O2S IDS B . -18.43 7.13 -21.94
O3S IDS B . -18.64 9.55 -21.97
H1 IDS B . -17.76 10.69 -20.06
H2 IDS B . -16.77 8.24 -20.33
H3 IDS B . -17.49 6.72 -18.42
H4 IDS B . -17.46 7.90 -16.11
H5 IDS B . -16.60 10.06 -16.74
HO3 IDS B . -15.36 8.57 -18.06
C1 SGN B . -19.73 6.81 -16.46
C2 SGN B . -20.76 6.06 -17.36
C3 SGN B . -22.22 6.52 -17.15
C4 SGN B . -22.51 6.53 -15.62
C5 SGN B . -21.51 7.51 -14.97
C6 SGN B . -21.83 7.69 -13.45
N2 SGN B . -20.42 6.25 -18.76
O3 SGN B . -23.02 5.58 -17.89
O4 SGN B . -23.87 6.89 -15.24
O5 SGN B . -20.18 6.97 -15.10
O6 SGN B . -20.84 8.53 -12.84
S1 SGN B . -20.82 5.06 -20.02
O1S SGN B . -21.26 3.86 -19.33
O2S SGN B . -21.85 5.74 -20.80
O3S SGN B . -19.60 4.94 -20.79
S2 SGN B . -21.06 8.89 -11.40
O4S SGN B . -22.26 9.70 -11.40
O5S SGN B . -21.20 7.63 -10.70
O6S SGN B . -19.87 9.63 -11.03
H1 SGN B . -18.87 6.12 -16.40
H2 SGN B . -20.72 4.98 -17.11
H3 SGN B . -22.35 7.53 -17.57
H4 SGN B . -22.25 5.55 -15.20
H5 SGN B . -21.56 8.51 -15.44
H61 SGN B . -21.83 6.70 -12.97
H62 SGN B . -22.82 8.15 -13.34
HN21 SGN B . -20.03 7.14 -19.02
HO3 SGN B . -23.93 5.80 -17.91
C1 IDS B . -24.85 5.82 -15.38
C2 IDS B . -25.99 5.98 -14.34
C3 IDS B . -26.93 7.16 -14.73
C4 IDS B . -27.42 6.94 -16.19
C5 IDS B . -26.19 6.82 -17.12
C6 IDS B . -26.65 6.59 -18.53
O2 IDS B . -26.70 4.72 -14.31
O3 IDS B . -26.19 8.39 -14.62
O4 IDS B . -28.20 5.75 -16.26
O5 IDS B . -25.39 5.70 -16.72
O6A IDS B . -27.23 7.55 -19.14
O6B IDS B . -26.44 5.47 -19.07
S IDS B . -27.38 4.28 -13.04
O1S IDS B . -26.29 4.13 -12.08
O2S IDS B . -28.33 5.30 -12.70
O3S IDS B . -27.98 3.01 -13.41
H1 IDS B . -24.41 4.85 -15.15
H2 IDS B . -25.52 6.19 -13.37
H3 IDS B . -27.80 7.22 -14.06
H4 IDS B . -28.06 7.79 -16.50
H5 IDS B . -25.59 7.75 -17.09
HO3 IDS B . -26.70 9.16 -14.85
CA CA C . 2.17 -6.18 -15.24
CA CA D . -11.73 -3.56 1.78
ZN ZN E . -6.45 -9.23 -8.07
ZN ZN F . 1.24 -1.30 1.56
N PRO A 1 -6.05 2.39 25.98
CA PRO A 1 -5.00 1.95 26.89
C PRO A 1 -5.34 0.59 27.42
N GLN A 2 -6.63 0.26 27.64
CA GLN A 2 -7.00 -1.06 28.12
C GLN A 2 -8.43 -1.42 27.70
N GLU A 3 -8.84 -1.00 26.49
CA GLU A 3 -10.18 -1.35 26.00
C GLU A 3 -10.16 -2.81 25.63
N ALA A 4 -9.38 -3.22 24.60
CA ALA A 4 -9.42 -4.60 24.14
C ALA A 4 -9.27 -5.57 25.30
N GLY A 5 -8.39 -5.27 26.28
CA GLY A 5 -8.22 -6.17 27.42
C GLY A 5 -9.56 -6.55 28.02
N GLY A 6 -10.45 -5.56 28.28
CA GLY A 6 -11.76 -5.85 28.86
C GLY A 6 -12.85 -5.74 27.82
N MET A 7 -12.66 -6.34 26.62
CA MET A 7 -13.68 -6.29 25.57
C MET A 7 -13.96 -7.71 25.14
N SER A 8 -14.99 -7.97 24.30
CA SER A 8 -15.32 -9.35 23.95
C SER A 8 -14.12 -10.08 23.41
N GLU A 9 -14.10 -11.43 23.49
CA GLU A 9 -12.97 -12.19 22.96
C GLU A 9 -12.91 -11.93 21.48
N LEU A 10 -14.07 -11.92 20.78
CA LEU A 10 -14.07 -11.65 19.34
C LEU A 10 -13.21 -10.44 19.03
N GLN A 11 -13.33 -9.32 19.78
CA GLN A 11 -12.49 -8.16 19.47
C GLN A 11 -11.03 -8.55 19.54
N TRP A 12 -10.60 -9.15 20.67
CA TRP A 12 -9.18 -9.53 20.80
C TRP A 12 -8.76 -10.47 19.70
N GLU A 13 -9.60 -11.48 19.33
CA GLU A 13 -9.19 -12.43 18.30
C GLU A 13 -9.12 -11.75 16.96
N GLN A 14 -10.14 -10.93 16.59
CA GLN A 14 -10.09 -10.24 15.30
C GLN A 14 -8.75 -9.56 15.14
N ALA A 15 -8.19 -8.98 16.22
CA ALA A 15 -6.88 -8.34 16.09
C ALA A 15 -5.90 -9.31 15.49
N GLN A 16 -5.82 -10.54 16.05
CA GLN A 16 -4.88 -11.53 15.53
C GLN A 16 -5.28 -11.92 14.13
N ASP A 17 -6.57 -12.21 13.85
CA ASP A 17 -6.95 -12.60 12.48
C ASP A 17 -6.53 -11.56 11.46
N TYR A 18 -6.67 -10.24 11.79
CA TYR A 18 -6.34 -9.21 10.80
C TYR A 18 -4.84 -9.20 10.56
N LEU A 19 -4.03 -9.27 11.64
CA LEU A 19 -2.58 -9.20 11.45
C LEU A 19 -2.18 -10.47 10.72
N LYS A 20 -2.68 -11.63 11.19
CA LYS A 20 -2.41 -12.91 10.55
C LYS A 20 -2.46 -12.79 9.03
N ARG A 21 -3.53 -12.19 8.45
CA ARG A 21 -3.59 -12.13 6.98
C ARG A 21 -2.61 -11.11 6.43
N PHE A 22 -2.30 -10.00 7.14
CA PHE A 22 -1.28 -9.08 6.64
C PHE A 22 0.04 -9.80 6.43
N TYR A 23 0.35 -10.93 7.13
CA TYR A 23 1.62 -11.63 6.88
C TYR A 23 1.37 -13.01 6.31
N LEU A 24 0.37 -13.17 5.41
CA LEU A 24 0.05 -14.48 4.83
C LEU A 24 -0.48 -15.44 5.88
N TYR A 25 -1.21 -16.51 5.47
CA TYR A 25 -1.69 -17.50 6.43
C TYR A 25 -0.62 -18.57 6.56
N ASP A 26 0.40 -18.38 7.42
CA ASP A 26 1.40 -19.44 7.63
C ASP A 26 1.21 -19.97 9.03
N SER A 27 1.14 -21.31 9.24
CA SER A 27 1.02 -21.83 10.59
C SER A 27 2.32 -21.75 11.35
N GLU A 28 3.48 -21.47 10.70
CA GLU A 28 4.74 -21.42 11.44
C GLU A 28 4.62 -20.57 12.68
N THR A 29 3.94 -19.39 12.62
CA THR A 29 3.84 -18.55 13.81
C THR A 29 2.47 -18.72 14.45
N LYS A 30 1.96 -19.97 14.55
CA LYS A 30 0.64 -20.19 15.16
C LYS A 30 0.84 -20.58 16.60
N ASN A 31 0.59 -19.68 17.56
CA ASN A 31 0.70 -20.04 18.98
C ASN A 31 0.18 -18.90 19.83
N ALA A 32 -0.33 -19.19 21.05
CA ALA A 32 -0.84 -18.12 21.90
C ALA A 32 0.29 -17.28 22.44
N ASN A 33 1.45 -17.88 22.78
CA ASN A 33 2.56 -17.09 23.34
C ASN A 33 3.30 -16.36 22.23
N SER A 34 3.39 -16.93 21.00
CA SER A 34 4.11 -16.21 19.93
C SER A 34 3.49 -14.85 19.73
N LEU A 35 2.15 -14.75 19.71
CA LEU A 35 1.48 -13.45 19.61
C LEU A 35 2.26 -12.38 20.33
N GLU A 36 2.77 -12.63 21.56
CA GLU A 36 3.49 -11.56 22.27
C GLU A 36 4.70 -11.14 21.46
N ALA A 37 5.56 -12.10 21.06
CA ALA A 37 6.74 -11.73 20.28
C ALA A 37 6.36 -11.20 18.91
N LYS A 38 5.38 -11.83 18.22
CA LYS A 38 5.09 -11.44 16.84
C LYS A 38 4.56 -10.02 16.85
N LEU A 39 3.63 -9.66 17.76
CA LEU A 39 3.20 -8.27 17.86
C LEU A 39 4.44 -7.39 17.89
N LYS A 40 5.46 -7.72 18.71
CA LYS A 40 6.61 -6.84 18.81
C LYS A 40 7.15 -6.50 17.43
N GLU A 41 7.20 -7.47 16.48
CA GLU A 41 7.70 -7.17 15.14
C GLU A 41 6.80 -6.17 14.45
N MET A 42 5.46 -6.34 14.57
CA MET A 42 4.54 -5.46 13.84
C MET A 42 4.68 -4.04 14.31
N GLN A 43 5.12 -3.80 15.56
CA GLN A 43 5.20 -2.43 16.06
C GLN A 43 6.33 -1.69 15.37
N LYS A 44 7.49 -2.35 15.12
CA LYS A 44 8.54 -1.69 14.34
C LYS A 44 8.02 -1.43 12.94
N PHE A 45 7.38 -2.44 12.32
CA PHE A 45 6.85 -2.23 10.96
C PHE A 45 6.00 -0.98 10.92
N PHE A 46 5.06 -0.78 11.87
CA PHE A 46 4.25 0.44 11.86
C PHE A 46 5.05 1.63 12.32
N GLY A 47 5.93 1.48 13.34
CA GLY A 47 6.63 2.62 13.91
C GLY A 47 6.09 2.95 15.29
N LEU A 48 4.77 2.75 15.53
CA LEU A 48 4.17 3.10 16.82
C LEU A 48 5.08 2.74 17.97
N PRO A 49 5.35 3.58 19.01
CA PRO A 49 6.31 3.22 20.04
C PRO A 49 5.77 2.32 21.13
N ILE A 50 4.47 2.39 21.50
CA ILE A 50 3.95 1.52 22.55
C ILE A 50 4.12 0.07 22.11
N THR A 51 4.93 -0.79 22.78
CA THR A 51 5.08 -2.18 22.33
C THR A 51 4.64 -3.20 23.35
N GLY A 52 4.42 -4.47 22.92
CA GLY A 52 3.98 -5.51 23.82
C GLY A 52 2.52 -5.38 24.20
N MET A 53 1.73 -4.47 23.57
CA MET A 53 0.34 -4.29 23.97
C MET A 53 -0.49 -3.91 22.76
N LEU A 54 -1.85 -4.03 22.85
CA LEU A 54 -2.69 -3.53 21.76
C LEU A 54 -4.03 -3.13 22.32
N ASN A 55 -4.64 -2.02 21.84
CA ASN A 55 -5.91 -1.55 22.38
C ASN A 55 -6.21 -0.14 21.92
N SER A 56 -5.28 0.83 22.15
CA SER A 56 -5.55 2.23 21.80
C SER A 56 -5.21 2.47 20.35
N ARG A 57 -3.98 2.94 20.02
CA ARG A 57 -3.67 3.25 18.63
C ARG A 57 -3.53 1.96 17.84
N VAL A 58 -2.98 0.89 18.47
CA VAL A 58 -2.69 -0.32 17.72
C VAL A 58 -3.97 -0.85 17.10
N ILE A 59 -5.04 -1.09 17.89
CA ILE A 59 -6.30 -1.57 17.29
C ILE A 59 -6.76 -0.56 16.28
N GLU A 60 -6.65 0.76 16.59
CA GLU A 60 -7.13 1.77 15.63
C GLU A 60 -6.62 1.42 14.25
N ILE A 61 -5.33 1.01 14.13
CA ILE A 61 -4.75 0.73 12.82
C ILE A 61 -5.45 -0.44 12.16
N MET A 62 -5.85 -1.47 12.94
CA MET A 62 -6.37 -2.70 12.35
C MET A 62 -7.75 -2.39 11.80
N GLN A 63 -8.65 -1.80 12.62
CA GLN A 63 -9.96 -1.42 12.09
C GLN A 63 -9.79 -0.46 10.93
N LYS A 64 -8.83 0.48 10.96
CA LYS A 64 -8.74 1.46 9.87
C LYS A 64 -8.26 0.78 8.61
N PRO A 65 -8.70 1.17 7.38
CA PRO A 65 -8.16 0.56 6.18
C PRO A 65 -6.77 1.08 5.92
N ARG A 66 -6.01 0.42 5.00
CA ARG A 66 -4.60 0.79 4.80
C ARG A 66 -4.04 0.24 3.50
N CYS A 67 -4.05 -1.09 3.29
CA CYS A 67 -3.39 -1.67 2.12
C CYS A 67 -3.80 -3.12 2.04
N GLY A 68 -3.64 -3.77 0.87
CA GLY A 68 -4.01 -5.18 0.73
C GLY A 68 -2.86 -5.96 0.17
N VAL A 69 -1.61 -5.54 0.51
CA VAL A 69 -0.42 -6.22 -0.03
C VAL A 69 0.21 -6.84 1.19
N PRO A 70 0.56 -8.15 1.27
CA PRO A 70 1.14 -8.64 2.51
C PRO A 70 2.53 -8.05 2.67
N ASP A 71 3.15 -8.19 3.85
CA ASP A 71 4.48 -7.61 4.08
C ASP A 71 5.53 -8.70 4.09
N VAL A 72 5.35 -9.74 3.24
CA VAL A 72 6.28 -10.87 3.22
C VAL A 72 6.03 -11.61 1.91
N ALA A 73 7.07 -12.23 1.29
CA ALA A 73 6.86 -12.93 0.03
C ALA A 73 7.86 -14.06 -0.11
N GLU A 74 7.63 -15.02 -1.03
CA GLU A 74 8.49 -16.20 -1.10
C GLU A 74 8.22 -16.92 -2.41
N TYR A 75 9.04 -17.93 -2.78
CA TYR A 75 8.82 -18.64 -4.05
C TYR A 75 8.92 -17.70 -5.24
N SER A 76 8.95 -18.26 -6.48
CA SER A 76 9.05 -17.45 -7.69
C SER A 76 10.44 -16.87 -7.78
N LEU A 77 11.14 -16.99 -8.94
CA LEU A 77 12.51 -16.48 -9.01
C LEU A 77 12.43 -14.99 -9.29
N PHE A 78 12.22 -14.17 -8.22
CA PHE A 78 12.04 -12.72 -8.38
C PHE A 78 12.98 -12.13 -9.42
N PRO A 79 12.65 -11.09 -10.22
CA PRO A 79 13.56 -10.64 -11.27
C PRO A 79 14.77 -9.94 -10.71
N ASN A 80 15.65 -9.38 -11.57
CA ASN A 80 16.87 -8.74 -11.07
C ASN A 80 16.49 -7.67 -10.08
N SER A 81 17.07 -7.67 -8.86
CA SER A 81 16.78 -6.63 -7.85
C SER A 81 15.33 -6.59 -7.42
N PRO A 82 14.96 -6.16 -6.18
CA PRO A 82 13.56 -6.10 -5.81
C PRO A 82 12.81 -4.96 -6.46
N LYS A 83 13.46 -3.82 -6.83
CA LYS A 83 12.73 -2.69 -7.41
C LYS A 83 12.85 -2.73 -8.92
N TRP A 84 12.07 -1.94 -9.69
CA TRP A 84 12.16 -2.02 -11.15
C TRP A 84 13.59 -1.91 -11.61
N THR A 85 14.10 -2.87 -12.42
CA THR A 85 15.42 -2.73 -13.03
C THR A 85 15.34 -2.18 -14.44
N SER A 86 14.14 -2.01 -15.04
CA SER A 86 14.07 -1.67 -16.47
C SER A 86 14.48 -0.24 -16.68
N LYS A 87 14.93 0.14 -17.90
CA LYS A 87 15.28 1.54 -18.15
C LYS A 87 14.05 2.41 -18.12
N VAL A 88 12.84 1.84 -18.38
CA VAL A 88 11.62 2.64 -18.43
C VAL A 88 10.51 1.92 -17.70
N VAL A 89 9.40 2.62 -17.39
CA VAL A 89 8.24 1.97 -16.80
C VAL A 89 7.01 2.51 -17.52
N THR A 90 5.92 1.70 -17.66
CA THR A 90 4.72 2.12 -18.38
C THR A 90 3.52 1.78 -17.55
N TYR A 91 2.34 2.39 -17.81
CA TYR A 91 1.15 2.10 -17.00
C TYR A 91 -0.12 2.36 -17.79
N ARG A 92 -1.15 1.48 -17.73
CA ARG A 92 -2.39 1.67 -18.49
C ARG A 92 -3.53 1.53 -17.51
N ILE A 93 -4.72 2.12 -17.76
CA ILE A 93 -5.85 1.91 -16.86
C ILE A 93 -6.69 0.80 -17.43
N VAL A 94 -7.17 -0.17 -16.61
CA VAL A 94 -8.02 -1.25 -17.13
C VAL A 94 -9.44 -0.71 -17.17
N SER A 95 -9.94 -0.19 -16.03
CA SER A 95 -11.33 0.23 -15.94
C SER A 95 -11.44 1.40 -14.99
N TYR A 96 -12.67 1.92 -14.75
CA TYR A 96 -12.83 3.06 -13.85
C TYR A 96 -14.00 2.83 -12.94
N THR A 97 -14.04 3.54 -11.79
CA THR A 97 -15.11 3.35 -10.81
C THR A 97 -16.11 4.45 -11.02
N ARG A 98 -17.41 4.26 -10.68
CA ARG A 98 -18.38 5.31 -10.93
C ARG A 98 -18.10 6.52 -10.08
N ASP A 99 -17.52 6.38 -8.86
CA ASP A 99 -17.20 7.57 -8.07
C ASP A 99 -16.42 8.61 -8.86
N LEU A 100 -15.58 8.21 -9.84
CA LEU A 100 -14.65 9.14 -10.48
C LEU A 100 -14.67 8.93 -11.98
N PRO A 101 -14.63 9.95 -12.87
CA PRO A 101 -14.59 9.65 -14.29
C PRO A 101 -13.24 9.05 -14.67
N HIS A 102 -13.10 8.55 -15.92
CA HIS A 102 -11.89 7.82 -16.31
C HIS A 102 -10.76 8.83 -16.36
N ILE A 103 -10.97 9.96 -17.08
CA ILE A 103 -10.00 11.06 -17.09
C ILE A 103 -9.42 11.30 -15.71
N THR A 104 -10.26 11.32 -14.66
CA THR A 104 -9.76 11.68 -13.33
C THR A 104 -8.98 10.52 -12.74
N VAL A 105 -9.44 9.26 -12.84
CA VAL A 105 -8.60 8.19 -12.29
C VAL A 105 -7.29 8.24 -13.02
N ASP A 106 -7.32 8.22 -14.37
CA ASP A 106 -6.08 8.14 -15.14
C ASP A 106 -5.07 9.16 -14.67
N ARG A 107 -5.44 10.44 -14.54
CA ARG A 107 -4.45 11.44 -14.13
C ARG A 107 -4.02 11.22 -12.70
N LEU A 108 -4.92 10.85 -11.75
CA LEU A 108 -4.49 10.65 -10.36
C LEU A 108 -3.42 9.59 -10.31
N VAL A 109 -3.48 8.53 -11.15
CA VAL A 109 -2.42 7.52 -11.11
C VAL A 109 -1.15 8.20 -11.58
N SER A 110 -1.20 8.90 -12.72
CA SER A 110 0.01 9.50 -13.26
C SER A 110 0.58 10.50 -12.27
N LYS A 111 -0.29 11.32 -11.63
CA LYS A 111 0.20 12.38 -10.75
C LYS A 111 0.97 11.80 -9.59
N ALA A 112 0.61 10.60 -9.09
CA ALA A 112 1.41 9.93 -8.05
C ALA A 112 2.55 9.18 -8.71
N LEU A 113 2.24 8.17 -9.55
CA LEU A 113 3.26 7.38 -10.24
C LEU A 113 4.40 8.26 -10.73
N ASN A 114 4.06 9.42 -11.33
CA ASN A 114 5.08 10.30 -11.90
C ASN A 114 5.91 10.83 -10.77
N MET A 115 5.30 11.37 -9.68
CA MET A 115 6.12 11.88 -8.58
C MET A 115 7.11 10.83 -8.17
N TRP A 116 6.70 9.55 -7.94
CA TRP A 116 7.71 8.54 -7.63
C TRP A 116 8.82 8.65 -8.64
N GLY A 117 8.51 8.52 -9.95
CA GLY A 117 9.55 8.57 -10.97
C GLY A 117 10.41 9.80 -10.92
N LYS A 118 9.82 10.96 -10.53
CA LYS A 118 10.59 12.20 -10.51
C LYS A 118 11.64 12.19 -9.43
N GLU A 119 11.48 11.38 -8.36
CA GLU A 119 12.49 11.32 -7.31
C GLU A 119 13.48 10.19 -7.57
N ILE A 120 13.81 9.84 -8.84
CA ILE A 120 14.72 8.74 -9.13
C ILE A 120 15.25 8.85 -10.55
N PRO A 121 16.44 8.32 -10.92
CA PRO A 121 16.89 8.44 -12.31
C PRO A 121 16.06 7.60 -13.24
N LEU A 122 15.25 6.62 -12.75
CA LEU A 122 14.33 5.92 -13.63
C LEU A 122 13.55 6.88 -14.51
N HIS A 123 12.96 6.35 -15.61
CA HIS A 123 12.23 7.18 -16.56
C HIS A 123 10.83 6.63 -16.69
N PHE A 124 9.84 7.43 -17.14
CA PHE A 124 8.48 6.93 -17.33
C PHE A 124 8.01 7.28 -18.72
N ARG A 125 7.04 6.50 -19.27
CA ARG A 125 6.67 6.62 -20.68
C ARG A 125 5.16 6.70 -20.76
N LYS A 126 4.61 7.40 -21.78
CA LYS A 126 3.16 7.60 -21.88
C LYS A 126 2.61 6.54 -22.80
N VAL A 127 1.44 5.92 -22.49
CA VAL A 127 0.93 4.80 -23.26
C VAL A 127 -0.25 5.24 -24.10
N VAL A 128 -0.19 5.04 -25.45
CA VAL A 128 -1.36 5.34 -26.29
C VAL A 128 -1.60 4.29 -27.37
N TRP A 129 -0.93 3.11 -27.36
CA TRP A 129 -1.18 2.13 -28.43
C TRP A 129 -0.59 0.81 -27.96
N GLY A 130 -1.41 -0.11 -27.40
CA GLY A 130 -0.89 -1.40 -26.94
C GLY A 130 -1.02 -1.52 -25.44
N THR A 131 -0.32 -2.51 -24.82
CA THR A 131 -0.47 -2.79 -23.39
C THR A 131 0.67 -2.14 -22.63
N ALA A 132 0.59 -2.06 -21.27
CA ALA A 132 1.66 -1.48 -20.48
C ALA A 132 2.22 -2.48 -19.48
N ASP A 133 3.31 -2.12 -18.76
CA ASP A 133 3.82 -3.01 -17.73
C ASP A 133 2.82 -3.02 -16.58
N ILE A 134 2.49 -1.87 -15.98
CA ILE A 134 1.54 -1.86 -14.87
C ILE A 134 0.16 -1.73 -15.48
N MET A 135 -0.88 -2.40 -14.93
CA MET A 135 -2.27 -2.22 -15.34
C MET A 135 -3.00 -1.71 -14.12
N ILE A 136 -3.87 -0.67 -14.19
CA ILE A 136 -4.53 -0.14 -13.00
C ILE A 136 -6.00 -0.48 -13.09
N GLY A 137 -6.51 -1.51 -12.37
CA GLY A 137 -7.92 -1.85 -12.47
C GLY A 137 -8.64 -1.70 -11.17
N PHE A 138 -10.00 -1.71 -11.22
CA PHE A 138 -10.80 -1.73 -10.00
C PHE A 138 -11.28 -3.15 -9.87
N ALA A 139 -11.05 -3.82 -8.73
CA ALA A 139 -11.51 -5.20 -8.62
C ALA A 139 -11.39 -5.66 -7.19
N ARG A 140 -12.12 -6.72 -6.82
CA ARG A 140 -12.14 -7.22 -5.43
C ARG A 140 -11.55 -8.60 -5.42
N GLY A 141 -10.94 -9.05 -4.30
CA GLY A 141 -10.35 -10.39 -4.20
C GLY A 141 -10.97 -11.46 -5.07
N ALA A 142 -12.32 -11.51 -5.20
CA ALA A 142 -12.96 -12.48 -6.10
C ALA A 142 -12.96 -12.03 -7.55
N HIS A 143 -11.91 -11.33 -8.05
CA HIS A 143 -11.79 -11.11 -9.50
C HIS A 143 -10.84 -12.14 -10.07
N GLY A 144 -10.54 -13.25 -9.35
CA GLY A 144 -9.59 -14.25 -9.85
C GLY A 144 -8.21 -13.96 -9.29
N ASP A 145 -8.04 -13.93 -7.94
CA ASP A 145 -6.72 -13.69 -7.36
C ASP A 145 -6.70 -13.95 -5.87
N SER A 146 -5.49 -14.01 -5.26
CA SER A 146 -5.38 -14.32 -3.84
C SER A 146 -5.95 -13.22 -2.97
N TYR A 147 -6.09 -13.50 -1.64
CA TYR A 147 -6.53 -12.48 -0.68
C TYR A 147 -8.04 -12.33 -0.83
N PRO A 148 -8.91 -12.44 0.21
CA PRO A 148 -10.34 -12.42 -0.06
C PRO A 148 -10.86 -11.02 -0.32
N PHE A 149 -12.14 -10.94 -0.76
CA PHE A 149 -12.76 -9.64 -1.04
C PHE A 149 -12.92 -8.81 0.21
N ASP A 150 -13.30 -9.43 1.36
CA ASP A 150 -13.43 -8.68 2.60
C ASP A 150 -14.29 -7.42 2.55
N GLY A 151 -14.98 -7.07 1.44
CA GLY A 151 -15.88 -5.92 1.46
C GLY A 151 -15.20 -4.65 1.89
N PRO A 152 -15.90 -3.65 2.48
CA PRO A 152 -15.23 -2.42 2.84
C PRO A 152 -14.48 -2.64 4.12
N GLY A 153 -13.71 -1.63 4.61
CA GLY A 153 -12.92 -1.84 5.82
C GLY A 153 -11.69 -2.66 5.51
N ASN A 154 -11.15 -3.40 6.50
CA ASN A 154 -9.87 -4.09 6.37
C ASN A 154 -9.49 -4.48 4.96
N THR A 155 -8.20 -4.34 4.57
CA THR A 155 -7.79 -4.59 3.19
C THR A 155 -8.24 -3.41 2.36
N LEU A 156 -7.32 -2.68 1.69
CA LEU A 156 -7.68 -1.51 0.90
C LEU A 156 -7.36 -1.76 -0.56
N ALA A 157 -6.10 -2.09 -0.93
CA ALA A 157 -5.79 -2.33 -2.34
C ALA A 157 -4.67 -3.34 -2.47
N HIS A 158 -4.83 -4.39 -3.30
CA HIS A 158 -3.75 -5.37 -3.47
C HIS A 158 -2.96 -4.98 -4.70
N ALA A 159 -1.61 -5.19 -4.68
CA ALA A 159 -0.76 -4.81 -5.80
C ALA A 159 0.31 -5.86 -5.95
N PHE A 160 1.12 -5.83 -7.04
CA PHE A 160 2.12 -6.88 -7.25
C PHE A 160 3.51 -6.28 -7.32
N ALA A 161 4.56 -7.13 -7.35
CA ALA A 161 5.95 -6.63 -7.32
C ALA A 161 6.40 -6.41 -8.74
N PRO A 162 7.45 -5.64 -9.11
CA PRO A 162 7.74 -5.37 -10.52
C PRO A 162 8.18 -6.59 -11.29
N GLY A 163 7.24 -7.51 -11.60
CA GLY A 163 7.60 -8.70 -12.38
C GLY A 163 7.63 -8.31 -13.84
N THR A 164 8.65 -8.74 -14.62
CA THR A 164 8.67 -8.44 -16.05
C THR A 164 7.57 -9.27 -16.69
N GLY A 165 6.35 -8.72 -16.91
CA GLY A 165 5.30 -9.48 -17.57
C GLY A 165 3.96 -9.15 -16.95
N LEU A 166 3.12 -10.15 -16.60
CA LEU A 166 1.81 -9.86 -16.02
C LEU A 166 2.04 -9.22 -14.66
N GLY A 167 3.04 -9.68 -13.88
CA GLY A 167 3.31 -9.06 -12.59
C GLY A 167 3.59 -7.58 -12.69
N GLY A 168 3.75 -6.90 -11.52
CA GLY A 168 3.87 -5.45 -11.50
C GLY A 168 2.52 -4.76 -11.45
N ASP A 169 1.38 -5.43 -11.72
CA ASP A 169 0.12 -4.70 -11.79
C ASP A 169 -0.38 -4.18 -10.47
N ALA A 170 -1.25 -3.15 -10.48
CA ALA A 170 -1.82 -2.60 -9.25
C ALA A 170 -3.34 -2.71 -9.34
N HIS A 171 -4.06 -3.14 -8.27
CA HIS A 171 -5.52 -3.19 -8.32
C HIS A 171 -6.08 -2.35 -7.20
N PHE A 172 -7.39 -2.02 -7.22
CA PHE A 172 -8.00 -1.18 -6.18
C PHE A 172 -9.26 -1.90 -5.70
N ASP A 173 -9.44 -2.15 -4.38
CA ASP A 173 -10.64 -2.83 -3.91
C ASP A 173 -11.83 -2.01 -4.36
N GLU A 174 -12.61 -2.44 -5.38
CA GLU A 174 -13.71 -1.61 -5.85
C GLU A 174 -14.69 -1.39 -4.71
N ASP A 175 -14.84 -2.37 -3.78
CA ASP A 175 -15.78 -2.19 -2.69
C ASP A 175 -15.43 -0.97 -1.84
N GLU A 176 -14.13 -0.61 -1.72
CA GLU A 176 -13.76 0.54 -0.90
C GLU A 176 -14.21 1.84 -1.53
N ARG A 177 -14.26 2.93 -0.74
CA ARG A 177 -14.60 4.23 -1.30
C ARG A 177 -13.39 4.79 -2.02
N TRP A 178 -13.61 5.61 -3.06
CA TRP A 178 -12.50 6.17 -3.85
C TRP A 178 -12.94 7.52 -4.36
N THR A 179 -12.25 8.62 -4.03
CA THR A 179 -12.76 9.94 -4.44
C THR A 179 -11.63 10.94 -4.32
N ASP A 180 -11.72 12.18 -4.87
CA ASP A 180 -10.63 13.15 -4.72
C ASP A 180 -11.15 14.49 -4.27
N GLY A 181 -11.99 15.19 -5.08
CA GLY A 181 -12.51 16.49 -4.63
C GLY A 181 -13.31 16.33 -3.36
N SER A 182 -14.12 15.27 -3.23
CA SER A 182 -14.95 15.10 -2.04
C SER A 182 -14.10 14.97 -0.79
N SER A 183 -12.92 14.31 -0.87
CA SER A 183 -12.07 14.14 0.31
C SER A 183 -12.86 13.54 1.45
N LEU A 184 -13.56 12.41 1.18
CA LEU A 184 -14.44 11.79 2.17
C LEU A 184 -13.88 10.45 2.62
N GLY A 185 -13.61 9.50 1.70
CA GLY A 185 -13.14 8.17 2.09
C GLY A 185 -11.65 8.08 1.88
N ILE A 186 -11.17 7.31 0.86
CA ILE A 186 -9.74 7.17 0.66
C ILE A 186 -9.37 8.08 -0.49
N ASN A 187 -8.35 8.96 -0.35
CA ASN A 187 -8.04 9.88 -1.43
C ASN A 187 -7.25 9.12 -2.46
N PHE A 188 -7.61 9.14 -3.76
CA PHE A 188 -6.88 8.32 -4.73
C PHE A 188 -5.44 8.80 -4.77
N LEU A 189 -5.17 10.13 -4.67
CA LEU A 189 -3.78 10.61 -4.76
C LEU A 189 -2.98 9.94 -3.66
N TYR A 190 -3.47 10.05 -2.41
CA TYR A 190 -2.74 9.50 -1.27
C TYR A 190 -2.54 8.01 -1.44
N ALA A 191 -3.62 7.26 -1.78
CA ALA A 191 -3.48 5.81 -1.96
C ALA A 191 -2.65 5.47 -3.18
N ALA A 192 -2.71 6.28 -4.25
CA ALA A 192 -2.02 5.90 -5.48
C ALA A 192 -0.56 5.77 -5.16
N THR A 193 0.10 6.81 -4.61
CA THR A 193 1.50 6.65 -4.19
C THR A 193 1.70 5.36 -3.43
N HIS A 194 0.74 4.92 -2.59
CA HIS A 194 0.93 3.68 -1.83
C HIS A 194 0.85 2.51 -2.79
N ALA A 195 -0.30 2.28 -3.48
CA ALA A 195 -0.44 1.12 -4.35
C ALA A 195 0.64 1.09 -5.41
N LEU A 196 0.86 2.23 -6.10
CA LEU A 196 1.88 2.27 -7.14
C LEU A 196 3.24 2.11 -6.51
N GLY A 197 3.50 2.74 -5.34
CA GLY A 197 4.79 2.56 -4.69
C GLY A 197 5.14 1.09 -4.60
N HIS A 198 4.17 0.21 -4.23
CA HIS A 198 4.47 -1.22 -4.17
C HIS A 198 4.83 -1.78 -5.53
N SER A 199 4.25 -1.31 -6.65
CA SER A 199 4.73 -1.76 -7.95
C SER A 199 6.20 -1.44 -8.16
N LEU A 200 6.83 -0.53 -7.38
CA LEU A 200 8.25 -0.26 -7.54
C LEU A 200 9.05 -1.04 -6.52
N GLY A 201 8.49 -2.10 -5.88
CA GLY A 201 9.24 -2.83 -4.85
C GLY A 201 9.57 -1.97 -3.66
N MET A 202 8.88 -0.82 -3.44
CA MET A 202 9.17 -0.02 -2.24
C MET A 202 8.52 -0.71 -1.06
N GLY A 203 9.09 -0.50 0.16
CA GLY A 203 8.57 -1.15 1.35
C GLY A 203 7.90 -0.12 2.24
N HIS A 204 7.14 -0.59 3.24
CA HIS A 204 6.51 0.34 4.17
C HIS A 204 7.57 1.07 4.97
N SER A 205 7.18 2.17 5.66
CA SER A 205 8.13 2.96 6.43
C SER A 205 7.54 3.28 7.79
N SER A 206 8.39 3.67 8.77
CA SER A 206 7.90 3.97 10.12
C SER A 206 7.76 5.46 10.37
N ASP A 207 7.99 6.36 9.38
CA ASP A 207 8.01 7.79 9.69
C ASP A 207 6.58 8.25 9.83
N PRO A 208 6.16 9.12 10.77
CA PRO A 208 4.75 9.47 10.86
C PRO A 208 4.30 10.24 9.63
N ASN A 209 5.21 10.90 8.89
CA ASN A 209 4.83 11.60 7.67
C ASN A 209 5.31 10.82 6.46
N ALA A 210 5.33 9.46 6.52
CA ALA A 210 5.81 8.70 5.37
C ALA A 210 4.75 8.63 4.29
N VAL A 211 5.13 8.33 3.02
CA VAL A 211 4.15 8.20 1.96
C VAL A 211 3.54 6.82 2.06
N MET A 212 4.36 5.78 2.36
CA MET A 212 3.84 4.43 2.49
C MET A 212 3.71 4.19 3.98
N TYR A 213 3.08 5.14 4.71
CA TYR A 213 2.98 5.02 6.16
C TYR A 213 1.84 4.06 6.40
N PRO A 214 1.98 2.89 7.07
CA PRO A 214 0.82 2.02 7.19
C PRO A 214 -0.15 2.57 8.22
N THR A 215 0.16 3.60 9.03
CA THR A 215 -0.82 4.15 9.96
C THR A 215 -1.63 5.24 9.28
N TYR A 216 -2.03 5.07 8.00
CA TYR A 216 -2.68 6.17 7.28
C TYR A 216 -3.90 6.63 8.05
N GLY A 217 -3.90 7.87 8.59
CA GLY A 217 -5.07 8.36 9.33
C GLY A 217 -6.02 9.00 8.35
N ASN A 218 -6.41 10.28 8.55
CA ASN A 218 -7.41 10.92 7.70
C ASN A 218 -6.90 12.28 7.28
N GLY A 219 -7.55 12.95 6.31
CA GLY A 219 -7.05 14.24 5.83
C GLY A 219 -6.11 13.99 4.67
N ASP A 220 -6.30 14.68 3.51
CA ASP A 220 -5.47 14.44 2.34
C ASP A 220 -5.24 15.78 1.68
N PRO A 221 -4.22 16.60 2.01
CA PRO A 221 -4.17 17.94 1.45
C PRO A 221 -3.79 17.88 -0.02
N GLN A 222 -4.02 18.98 -0.79
CA GLN A 222 -3.67 18.95 -2.21
C GLN A 222 -2.16 19.00 -2.33
N ASN A 223 -1.47 19.88 -1.56
CA ASN A 223 0.00 19.90 -1.62
C ASN A 223 0.61 18.56 -1.25
N PHE A 224 -0.13 17.58 -0.69
CA PHE A 224 0.43 16.25 -0.44
C PHE A 224 1.46 15.84 -1.47
N LYS A 225 2.66 15.36 -1.05
CA LYS A 225 3.71 14.99 -1.99
C LYS A 225 4.57 13.88 -1.39
N LEU A 226 5.55 13.34 -2.15
CA LEU A 226 6.43 12.29 -1.62
C LEU A 226 7.01 12.66 -0.27
N SER A 227 7.50 11.66 0.49
CA SER A 227 8.01 11.87 1.84
C SER A 227 9.51 11.85 1.82
N GLN A 228 10.17 12.42 2.86
CA GLN A 228 11.63 12.45 2.87
C GLN A 228 12.16 11.04 3.05
N ASP A 229 11.65 10.27 4.05
CA ASP A 229 12.16 8.92 4.27
C ASP A 229 11.90 8.04 3.05
N ASP A 230 10.73 8.11 2.40
CA ASP A 230 10.55 7.29 1.20
C ASP A 230 11.54 7.70 0.14
N ILE A 231 11.78 9.02 -0.05
CA ILE A 231 12.73 9.42 -1.09
C ILE A 231 14.08 8.85 -0.74
N LYS A 232 14.57 9.03 0.51
CA LYS A 232 15.91 8.54 0.79
C LYS A 232 15.93 7.03 0.68
N GLY A 233 14.84 6.33 1.06
CA GLY A 233 14.85 4.88 1.00
C GLY A 233 15.07 4.43 -0.43
N ILE A 234 14.34 5.03 -1.40
CA ILE A 234 14.51 4.64 -2.79
C ILE A 234 15.83 5.18 -3.33
N GLN A 235 16.28 6.39 -2.90
CA GLN A 235 17.51 6.97 -3.47
C GLN A 235 18.70 6.09 -3.17
N LYS A 236 18.70 5.32 -2.05
CA LYS A 236 19.87 4.51 -1.71
C LYS A 236 20.05 3.39 -2.72
N LEU A 237 18.96 2.81 -3.28
CA LEU A 237 19.13 1.68 -4.20
C LEU A 237 19.55 2.21 -5.55
N TYR A 238 18.83 3.23 -6.09
CA TYR A 238 19.13 3.71 -7.43
C TYR A 238 20.32 4.66 -7.42
N GLY A 239 20.80 5.16 -6.27
CA GLY A 239 21.98 6.03 -6.26
C GLY A 239 21.55 7.48 -6.31
N LYS A 240 20.83 7.91 -7.37
CA LYS A 240 20.33 9.28 -7.47
C LYS A 240 21.43 10.29 -7.68
N ARG A 241 21.14 11.40 -8.40
CA ARG A 241 22.12 12.47 -8.61
C ARG A 241 21.41 13.79 -8.37
N SER A 242 20.55 14.24 -9.31
CA SER A 242 19.90 15.54 -9.17
C SER A 242 18.87 15.73 -10.27
N ASN A 243 17.77 16.46 -10.04
CA ASN A 243 16.82 16.72 -11.13
C ASN A 243 15.81 17.76 -10.71
N SER A 244 14.92 17.45 -9.76
CA SER A 244 13.89 18.41 -9.33
C SER A 244 13.03 18.83 -10.51
N ARG A 245 13.50 19.74 -11.41
CA ARG A 245 12.70 20.15 -12.55
C ARG A 245 11.41 20.72 -12.00
N LYS A 246 11.54 21.62 -11.00
CA LYS A 246 10.39 22.33 -10.41
C LYS A 246 9.26 21.37 -10.07
N LYS A 247 9.23 20.85 -8.82
CA LYS A 247 8.16 19.96 -8.39
C LYS A 247 7.91 20.21 -6.92
C1 SGN B . 3.77 12.07 -17.07
C2 SGN B . 2.94 11.15 -18.00
C3 SGN B . 2.31 12.03 -19.11
C4 SGN B . 1.44 13.12 -18.44
C5 SGN B . 2.42 13.97 -17.58
C6 SGN B . 1.71 15.17 -16.88
N2 SGN B . 3.75 10.11 -18.60
O3 SGN B . 1.60 11.16 -20.01
O4 SGN B . 0.71 13.90 -19.44
O5 SGN B . 2.96 13.13 -16.54
O6 SGN B . 2.51 15.71 -15.81
S1 SGN B . 5.35 10.42 -19.35
O1S SGN B . 5.98 9.12 -19.37
O2S SGN B . 5.01 10.91 -20.67
O3S SGN B . 5.97 11.45 -18.54
S2 SGN B . 3.90 16.22 -16.11
O4S SGN B . 4.74 15.05 -16.16
O5S SGN B . 4.19 17.08 -14.97
O6S SGN B . 3.79 16.95 -17.36
H1 SGN B . 4.20 11.48 -16.24
H2 SGN B . 2.12 10.71 -17.42
H3 SGN B . 3.14 12.48 -19.68
H4 SGN B . 0.74 12.67 -17.73
H5 SGN B . 3.22 14.38 -18.21
H61 SGN B . 0.78 14.82 -16.41
H62 SGN B . 1.46 15.95 -17.61
HN21 SGN B . 3.38 9.18 -18.65
HO3 SGN B . 1.35 11.61 -20.81
C1 IDS B . -0.59 13.34 -19.78
C2 IDS B . -1.70 13.91 -18.88
C3 IDS B . -2.01 15.38 -19.28
C4 IDS B . -2.21 15.58 -20.82
C5 IDS B . -1.04 14.88 -21.55
C6 IDS B . -1.29 14.96 -23.04
O2 IDS B . -2.90 13.09 -18.92
O3 IDS B . -0.88 16.16 -18.84
O4 IDS B . -3.50 15.10 -21.31
O5 IDS B . -0.92 13.51 -21.16
O6A IDS B . -1.35 16.10 -23.57
O6B IDS B . -1.42 13.87 -23.69
S IDS B . -2.85 11.65 -18.45
O1S IDS B . -2.68 10.88 -19.68
O2S IDS B . -4.12 11.42 -17.82
O3S IDS B . -1.74 11.52 -17.53
H1 IDS B . -0.57 12.25 -19.68
H2 IDS B . -1.38 13.93 -17.83
H3 IDS B . -2.90 15.72 -18.74
H4 IDS B . -2.10 16.65 -21.06
H5 IDS B . -0.08 15.40 -21.36
HO3 IDS B . -0.99 17.10 -18.96
C1 SGN B . -4.60 16.01 -21.07
C2 SGN B . -5.72 15.33 -20.25
C3 SGN B . -6.74 14.53 -21.09
C4 SGN B . -7.25 15.46 -22.23
C5 SGN B . -5.98 15.81 -23.07
C6 SGN B . -6.35 16.60 -24.36
N2 SGN B . -5.12 14.39 -19.34
O3 SGN B . -7.74 14.11 -20.14
O4 SGN B . -8.36 14.95 -23.02
O5 SGN B . -5.10 16.63 -22.27
O6 SGN B . -5.21 16.76 -25.22
S1 SGN B . -5.63 14.24 -17.65
O1S SGN B . -6.58 15.30 -17.40
O2S SGN B . -4.36 14.34 -16.95
O3S SGN B . -6.16 12.89 -17.59
S2 SGN B . -4.36 18.01 -25.14
O4S SGN B . -5.07 18.96 -25.99
O5S SGN B . -4.30 18.41 -23.75
O6S SGN B . -3.08 17.59 -25.69
H1 SGN B . -4.28 16.87 -20.46
H2 SGN B . -6.29 16.11 -19.70
H3 SGN B . -6.25 13.65 -21.53
H4 SGN B . -7.58 16.43 -21.81
H5 SGN B . -5.45 14.91 -23.39
H61 SGN B . -6.85 17.56 -24.13
H62 SGN B . -7.05 15.99 -24.93
HN21 SGN B . -4.46 13.74 -19.70
HO3 SGN B . -8.34 13.47 -20.49
C1 IDS B . -9.61 14.83 -22.31
C2 IDS B . -10.84 15.09 -23.24
C3 IDS B . -11.20 13.85 -24.09
C4 IDS B . -11.27 12.57 -23.21
C5 IDS B . -9.90 12.45 -22.52
C6 IDS B . -9.82 11.15 -21.76
O2 IDS B . -12.00 15.45 -22.47
O3 IDS B . -10.22 13.72 -25.14
O4 IDS B . -12.35 12.69 -22.23
O5 IDS B . -9.75 13.57 -21.62
O6A IDS B . -8.89 10.35 -22.03
O6B IDS B . -10.70 10.90 -20.89
S IDS B . -12.28 16.92 -22.21
O1S IDS B . -11.03 17.52 -21.77
O2S IDS B . -12.75 17.41 -23.48
O3S IDS B . -13.30 16.89 -21.18
H1 IDS B . -9.67 15.58 -21.51
H2 IDS B . -10.59 15.91 -23.94
H3 IDS B . -12.18 14.04 -24.57
H4 IDS B . -11.38 11.68 -23.84
H5 IDS B . -9.08 12.45 -23.25
HO3 IDS B . -10.41 13.01 -25.74
C1 SGN B . -13.59 12.07 -22.65
C2 SGN B . -14.87 12.79 -22.10
C3 SGN B . -15.32 12.30 -20.70
C4 SGN B . -15.30 10.75 -20.67
C5 SGN B . -13.83 10.36 -20.97
C6 SGN B . -13.62 8.83 -20.77
N2 SGN B . -14.65 14.22 -22.07
O3 SGN B . -16.63 12.83 -20.43
O4 SGN B . -15.81 10.25 -19.39
O5 SGN B . -13.55 10.67 -22.35
O6 SGN B . -14.42 8.11 -21.72
S1 SGN B . -15.96 15.41 -22.23
O1S SGN B . -17.11 14.67 -22.76
O2S SGN B . -15.41 16.44 -23.09
O3S SGN B . -16.13 15.90 -20.88
S2 SGN B . -14.27 6.61 -21.71
O4S SGN B . -14.62 6.19 -20.36
O5S SGN B . -15.21 6.17 -22.72
O6S SGN B . -12.88 6.37 -22.06
H1 SGN B . -13.67 12.16 -23.75
H2 SGN B . -15.71 12.55 -22.79
H3 SGN B . -14.62 12.71 -19.95
H4 SGN B . -15.87 10.34 -21.51
H5 SGN B . -13.14 10.88 -20.28
H61 SGN B . -13.89 8.57 -19.74
H62 SGN B . -12.55 8.62 -20.93
HN21 SGN B . -13.73 14.55 -21.86
HO3 SGN B . -16.93 12.61 -19.55
C1 IDS B . -17.23 9.86 -19.41
C2 IDS B . -17.38 8.32 -19.33
C3 IDS B . -17.14 7.77 -17.90
C4 IDS B . -17.90 8.57 -16.81
C5 IDS B . -17.65 10.08 -17.05
C6 IDS B . -18.45 10.89 -16.05
O2 IDS B . -18.67 7.87 -19.77
O3 IDS B . -15.74 7.82 -17.58
O4 IDS B . -19.31 8.26 -16.79
O5 IDS B . -18.02 10.48 -18.38
O6A IDS B . -18.53 10.49 -14.86
O6B IDS B . -19.01 11.94 -16.46
S IDS B . -19.08 8.04 -21.21
O1S IDS B . -19.89 9.24 -21.21
O2S IDS B . -19.84 6.84 -21.50
O3S IDS B . -17.86 8.16 -22.00
H1 IDS B . -17.74 10.24 -20.30
H2 IDS B . -16.62 7.86 -19.99
H3 IDS B . -17.46 6.73 -17.88
H4 IDS B . -17.47 8.34 -15.81
H5 IDS B . -16.59 10.31 -16.92
HO3 IDS B . -15.24 7.25 -18.15
C1 SGN B . -19.65 7.06 -16.03
C2 SGN B . -20.74 6.25 -16.77
C3 SGN B . -22.15 6.85 -16.53
C4 SGN B . -22.37 7.00 -15.00
C5 SGN B . -21.26 7.94 -14.47
C6 SGN B . -21.44 8.25 -12.96
N2 SGN B . -20.46 6.22 -18.19
O3 SGN B . -23.18 6.04 -17.13
O4 SGN B . -23.70 7.50 -14.72
O5 SGN B . -19.97 7.32 -14.66
O6 SGN B . -20.41 9.12 -12.47
S1 SGN B . -20.77 4.80 -19.21
O1S SGN B . -21.29 3.76 -18.33
O2S SGN B . -21.70 5.29 -20.21
O3S SGN B . -19.48 4.52 -19.81
S2 SGN B . -20.60 9.62 -11.06
O4S SGN B . -20.90 8.46 -10.25
O5S SGN B . -19.32 10.24 -10.75
O6S SGN B . -21.69 10.57 -11.15
H1 SGN B . -18.78 6.39 -15.97
H2 SGN B . -20.74 5.23 -16.37
H3 SGN B . -22.21 7.84 -17.01
H4 SGN B . -22.23 5.99 -14.58
H5 SGN B . -21.28 8.91 -15.00
H61 SGN B . -21.42 7.31 -12.40
H62 SGN B . -22.41 8.75 -12.82
HN21 SGN B . -20.12 7.06 -18.62
HO3 SGN B . -23.20 5.16 -16.78
C1 IDS B . -24.35 6.86 -13.59
C2 IDS B . -25.39 7.79 -12.92
C3 IDS B . -26.64 7.95 -13.82
C4 IDS B . -27.17 6.55 -14.20
C5 IDS B . -26.04 5.75 -14.90
C6 IDS B . -26.55 4.38 -15.28
O2 IDS B . -25.84 7.29 -11.63
O3 IDS B . -26.28 8.70 -14.99
O4 IDS B . -27.60 5.85 -13.03
O5 IDS B . -24.93 5.61 -13.97
O6A IDS B . -27.59 4.31 -15.99
O6B IDS B . -25.93 3.36 -14.87
S IDS B . -24.91 7.26 -10.45
O1S IDS B . -24.18 6.01 -10.57
O2S IDS B . -24.08 8.45 -10.54
O3S IDS B . -25.81 7.28 -9.31
H1 IDS B . -23.62 6.62 -12.82
H2 IDS B . -24.97 8.80 -12.79
H3 IDS B . -27.42 8.50 -13.27
H4 IDS B . -28.05 6.65 -14.87
H5 IDS B . -25.71 6.25 -15.81
HO3 IDS B . -27.02 8.86 -15.57
CA CA C . 2.11 -6.45 -15.80
CA CA D . -11.80 -3.50 1.86
ZN ZN E . -5.98 -9.32 -8.16
ZN ZN F . 1.18 -1.25 1.61
N PRO A 1 -3.61 3.65 27.02
CA PRO A 1 -4.92 3.07 26.80
C PRO A 1 -6.00 4.07 27.14
N GLN A 2 -7.23 3.86 26.62
CA GLN A 2 -8.33 4.79 26.85
C GLN A 2 -9.60 4.21 26.27
N GLU A 3 -9.62 3.98 24.93
CA GLU A 3 -10.80 3.39 24.30
C GLU A 3 -10.82 1.92 24.66
N ALA A 4 -9.66 1.22 24.56
CA ALA A 4 -9.63 -0.21 24.87
C ALA A 4 -10.39 -0.55 26.13
N GLY A 5 -10.38 0.33 27.17
CA GLY A 5 -11.15 0.03 28.36
C GLY A 5 -12.58 -0.33 28.01
N GLY A 6 -13.24 0.45 27.11
CA GLY A 6 -14.62 0.15 26.70
C GLY A 6 -14.68 -0.61 25.40
N MET A 7 -13.70 -1.50 25.07
CA MET A 7 -13.82 -2.35 23.88
C MET A 7 -14.40 -3.68 24.31
N SER A 8 -14.88 -4.48 23.33
CA SER A 8 -15.40 -5.80 23.63
C SER A 8 -14.35 -6.83 23.29
N GLU A 9 -14.51 -8.08 23.78
CA GLU A 9 -13.60 -9.14 23.36
C GLU A 9 -13.54 -9.23 21.85
N LEU A 10 -14.63 -8.88 21.14
CA LEU A 10 -14.63 -9.00 19.68
C LEU A 10 -13.55 -8.12 19.09
N GLN A 11 -13.34 -6.85 19.53
CA GLN A 11 -12.27 -6.05 18.92
C GLN A 11 -10.94 -6.71 19.18
N TRP A 12 -10.61 -7.04 20.45
CA TRP A 12 -9.35 -7.71 20.74
C TRP A 12 -9.18 -8.92 19.85
N GLU A 13 -10.26 -9.69 19.60
CA GLU A 13 -10.13 -10.88 18.75
C GLU A 13 -9.94 -10.49 17.31
N GLN A 14 -10.67 -9.50 16.75
CA GLN A 14 -10.43 -9.10 15.37
C GLN A 14 -8.95 -8.85 15.23
N ALA A 15 -8.33 -8.06 16.14
CA ALA A 15 -6.91 -7.76 15.99
C ALA A 15 -6.10 -9.01 15.71
N GLN A 16 -6.23 -10.06 16.55
CA GLN A 16 -5.48 -11.30 16.32
C GLN A 16 -5.75 -11.76 14.90
N ASP A 17 -7.02 -11.84 14.47
CA ASP A 17 -7.32 -12.33 13.12
C ASP A 17 -6.78 -11.38 12.06
N TYR A 18 -6.83 -10.05 12.25
CA TYR A 18 -6.37 -9.14 11.22
C TYR A 18 -4.90 -9.37 11.01
N LEU A 19 -4.12 -9.63 12.08
CA LEU A 19 -2.72 -9.96 11.87
C LEU A 19 -2.67 -11.22 11.02
N LYS A 20 -3.48 -12.25 11.36
CA LYS A 20 -3.45 -13.49 10.58
C LYS A 20 -3.52 -13.19 9.10
N ARG A 21 -4.39 -12.24 8.65
CA ARG A 21 -4.55 -12.03 7.22
C ARG A 21 -3.33 -11.36 6.63
N PHE A 22 -2.74 -10.35 7.33
CA PHE A 22 -1.64 -9.61 6.71
C PHE A 22 -0.51 -10.54 6.30
N TYR A 23 -0.30 -11.72 6.93
CA TYR A 23 0.83 -12.57 6.55
C TYR A 23 0.35 -13.86 5.91
N LEU A 24 -0.54 -13.82 4.88
CA LEU A 24 -1.04 -15.06 4.25
C LEU A 24 -1.32 -16.10 5.32
N TYR A 25 -2.35 -15.86 6.15
CA TYR A 25 -2.82 -16.89 7.09
C TYR A 25 -1.74 -17.33 8.05
N ASP A 26 -1.39 -16.48 9.04
CA ASP A 26 -0.46 -16.89 10.10
C ASP A 26 -1.25 -17.19 11.36
N SER A 27 -1.75 -18.43 11.50
CA SER A 27 -2.22 -18.87 12.82
C SER A 27 -1.05 -18.97 13.78
N GLU A 28 0.22 -19.00 13.33
CA GLU A 28 1.35 -19.08 14.27
C GLU A 28 1.19 -18.06 15.37
N THR A 29 0.74 -16.84 15.01
CA THR A 29 0.54 -15.75 15.97
C THR A 29 -0.33 -16.16 17.16
N LYS A 30 -1.29 -17.08 16.95
CA LYS A 30 -2.21 -17.51 18.01
C LYS A 30 -1.57 -17.69 19.38
N ASN A 31 -2.42 -17.77 20.43
CA ASN A 31 -1.94 -17.98 21.79
C ASN A 31 -1.44 -16.65 22.29
N ALA A 32 -2.06 -16.05 23.35
CA ALA A 32 -1.57 -14.77 23.85
C ALA A 32 -0.09 -14.85 24.16
N ASN A 33 0.41 -16.01 24.63
CA ASN A 33 1.83 -16.11 24.99
C ASN A 33 2.68 -15.65 23.82
N SER A 34 2.51 -16.28 22.64
CA SER A 34 3.31 -15.91 21.47
C SER A 34 2.92 -14.57 20.92
N LEU A 35 1.62 -14.21 20.98
CA LEU A 35 1.18 -12.92 20.45
C LEU A 35 2.10 -11.81 20.91
N GLU A 36 2.60 -11.86 22.17
CA GLU A 36 3.48 -10.79 22.63
C GLU A 36 4.74 -10.73 21.79
N ALA A 37 5.38 -11.89 21.54
CA ALA A 37 6.59 -11.90 20.71
C ALA A 37 6.28 -11.42 19.31
N LYS A 38 5.16 -11.87 18.71
CA LYS A 38 4.86 -11.44 17.33
C LYS A 38 4.56 -9.97 17.32
N LEU A 39 3.76 -9.42 18.26
CA LEU A 39 3.57 -7.97 18.29
C LEU A 39 4.94 -7.33 18.17
N LYS A 40 5.96 -7.82 18.89
CA LYS A 40 7.26 -7.15 18.83
C LYS A 40 7.69 -6.94 17.39
N GLU A 41 7.54 -7.92 16.49
CA GLU A 41 7.95 -7.72 15.09
C GLU A 41 7.09 -6.67 14.42
N MET A 42 5.75 -6.74 14.61
CA MET A 42 4.87 -5.76 13.96
C MET A 42 5.37 -4.36 14.24
N GLN A 43 5.63 -4.06 15.53
CA GLN A 43 5.94 -2.69 15.93
C GLN A 43 7.04 -2.12 15.06
N LYS A 44 8.03 -2.95 14.68
CA LYS A 44 9.11 -2.46 13.83
C LYS A 44 8.52 -2.21 12.46
N PHE A 45 7.78 -3.21 11.90
CA PHE A 45 7.21 -3.07 10.57
C PHE A 45 6.35 -1.83 10.47
N PHE A 46 5.39 -1.62 11.40
CA PHE A 46 4.55 -0.43 11.33
C PHE A 46 5.43 0.77 11.65
N GLY A 47 6.15 0.73 12.80
CA GLY A 47 7.04 1.83 13.18
C GLY A 47 6.67 2.36 14.55
N LEU A 48 5.36 2.38 14.88
CA LEU A 48 4.90 2.87 16.18
C LEU A 48 5.88 2.56 17.31
N PRO A 49 6.20 3.46 18.27
CA PRO A 49 7.21 3.14 19.28
C PRO A 49 6.66 2.35 20.45
N ILE A 50 5.35 2.44 20.78
CA ILE A 50 4.83 1.75 21.97
C ILE A 50 5.07 0.26 21.78
N THR A 51 6.07 -0.37 22.47
CA THR A 51 6.36 -1.78 22.23
C THR A 51 5.50 -2.71 23.06
N GLY A 52 5.20 -3.93 22.54
CA GLY A 52 4.47 -4.92 23.32
C GLY A 52 3.14 -4.42 23.86
N MET A 53 2.40 -3.58 23.10
CA MET A 53 1.07 -3.14 23.56
C MET A 53 0.03 -3.62 22.56
N LEU A 54 -1.27 -3.57 22.95
CA LEU A 54 -2.34 -3.94 22.04
C LEU A 54 -3.60 -3.23 22.49
N ASN A 55 -3.64 -1.89 22.34
CA ASN A 55 -4.71 -1.10 22.93
C ASN A 55 -4.69 0.35 22.47
N SER A 56 -3.53 1.05 22.53
CA SER A 56 -3.50 2.48 22.20
C SER A 56 -3.41 2.65 20.69
N ARG A 57 -2.26 3.07 20.10
CA ARG A 57 -2.18 3.20 18.65
C ARG A 57 -2.29 1.84 18.00
N VAL A 58 -1.84 0.75 18.68
CA VAL A 58 -1.75 -0.53 17.99
C VAL A 58 -3.12 -0.95 17.51
N ILE A 59 -4.15 -0.98 18.38
CA ILE A 59 -5.49 -1.36 17.90
C ILE A 59 -5.94 -0.39 16.84
N GLU A 60 -5.70 0.94 17.00
CA GLU A 60 -6.12 1.87 15.96
C GLU A 60 -5.63 1.42 14.59
N ILE A 61 -4.41 0.84 14.48
CA ILE A 61 -3.91 0.48 13.15
C ILE A 61 -4.70 -0.69 12.61
N MET A 62 -5.19 -1.62 13.47
CA MET A 62 -5.88 -2.80 12.99
C MET A 62 -7.15 -2.33 12.31
N GLN A 63 -8.03 -1.61 13.04
CA GLN A 63 -9.30 -1.19 12.47
C GLN A 63 -9.08 -0.27 11.28
N LYS A 64 -8.08 0.64 11.33
CA LYS A 64 -7.91 1.59 10.22
C LYS A 64 -7.36 0.82 9.04
N PRO A 65 -7.81 1.02 7.77
CA PRO A 65 -7.26 0.24 6.67
C PRO A 65 -5.93 0.81 6.25
N ARG A 66 -5.33 0.36 5.11
CA ARG A 66 -4.00 0.81 4.74
C ARG A 66 -3.63 0.41 3.32
N CYS A 67 -3.61 -0.92 3.08
CA CYS A 67 -3.19 -1.47 1.80
C CYS A 67 -3.57 -2.94 1.82
N GLY A 68 -3.55 -3.67 0.68
CA GLY A 68 -4.06 -5.04 0.67
C GLY A 68 -2.96 -5.95 0.21
N VAL A 69 -1.68 -5.62 0.52
CA VAL A 69 -0.55 -6.44 0.06
C VAL A 69 -0.02 -7.06 1.33
N PRO A 70 0.21 -8.39 1.49
CA PRO A 70 0.71 -8.87 2.76
C PRO A 70 2.14 -8.47 2.92
N ASP A 71 2.75 -8.79 4.09
CA ASP A 71 4.12 -8.37 4.38
C ASP A 71 5.09 -9.53 4.44
N VAL A 72 4.76 -10.71 3.86
CA VAL A 72 5.71 -11.83 3.84
C VAL A 72 5.63 -12.48 2.47
N ALA A 73 6.60 -13.34 2.10
CA ALA A 73 6.55 -13.97 0.78
C ALA A 73 7.43 -15.20 0.75
N GLU A 74 7.29 -16.07 -0.28
CA GLU A 74 8.05 -17.33 -0.29
C GLU A 74 8.04 -17.89 -1.70
N TYR A 75 9.11 -18.57 -2.18
CA TYR A 75 9.10 -19.13 -3.54
C TYR A 75 8.83 -18.05 -4.58
N SER A 76 9.88 -17.46 -5.20
CA SER A 76 9.67 -16.47 -6.26
C SER A 76 10.72 -16.63 -7.34
N LEU A 77 10.57 -15.97 -8.51
CA LEU A 77 11.59 -16.10 -9.56
C LEU A 77 12.81 -15.27 -9.21
N PHE A 78 12.75 -14.30 -8.28
CA PHE A 78 13.93 -13.49 -7.96
C PHE A 78 14.32 -12.69 -9.18
N PRO A 79 13.51 -11.71 -9.67
CA PRO A 79 13.86 -10.99 -10.89
C PRO A 79 15.00 -10.02 -10.65
N ASN A 80 15.41 -9.27 -11.69
CA ASN A 80 16.53 -8.34 -11.54
C ASN A 80 16.20 -7.30 -10.48
N SER A 81 16.63 -7.51 -9.22
CA SER A 81 16.48 -6.49 -8.17
C SER A 81 15.02 -6.38 -7.75
N PRO A 82 14.65 -6.03 -6.49
CA PRO A 82 13.24 -5.95 -6.15
C PRO A 82 12.55 -4.76 -6.78
N LYS A 83 13.24 -3.64 -7.09
CA LYS A 83 12.58 -2.47 -7.67
C LYS A 83 12.77 -2.50 -9.16
N TRP A 84 12.03 -1.66 -9.94
CA TRP A 84 12.16 -1.71 -11.39
C TRP A 84 13.61 -1.47 -11.80
N THR A 85 14.11 -2.20 -12.83
CA THR A 85 15.41 -1.88 -13.42
C THR A 85 15.28 -1.32 -14.82
N SER A 86 14.07 -1.21 -15.43
CA SER A 86 13.99 -0.67 -16.79
C SER A 86 14.29 0.80 -16.70
N LYS A 87 14.89 1.44 -17.74
CA LYS A 87 15.09 2.88 -17.65
C LYS A 87 13.76 3.59 -17.56
N VAL A 88 12.67 2.98 -18.10
CA VAL A 88 11.38 3.64 -18.13
C VAL A 88 10.29 2.61 -17.92
N VAL A 89 9.12 2.99 -17.36
CA VAL A 89 8.05 2.03 -17.13
C VAL A 89 6.80 2.59 -17.77
N THR A 90 5.85 1.71 -18.21
CA THR A 90 4.63 2.16 -18.84
C THR A 90 3.48 1.79 -17.94
N TYR A 91 2.32 2.48 -18.04
CA TYR A 91 1.18 2.16 -17.18
C TYR A 91 -0.11 2.37 -17.94
N ARG A 92 -1.07 1.41 -17.95
CA ARG A 92 -2.32 1.59 -18.69
C ARG A 92 -3.49 1.21 -17.82
N ILE A 93 -4.68 1.83 -18.01
CA ILE A 93 -5.80 1.55 -17.12
C ILE A 93 -6.64 0.45 -17.74
N VAL A 94 -7.08 -0.56 -16.97
CA VAL A 94 -7.83 -1.68 -17.53
C VAL A 94 -9.29 -1.28 -17.59
N SER A 95 -9.87 -0.84 -16.45
CA SER A 95 -11.30 -0.54 -16.38
C SER A 95 -11.48 0.72 -15.59
N TYR A 96 -12.73 1.10 -15.25
CA TYR A 96 -12.93 2.32 -14.49
C TYR A 96 -14.15 2.18 -13.61
N THR A 97 -14.28 3.06 -12.60
CA THR A 97 -15.39 2.97 -11.66
C THR A 97 -16.31 4.12 -11.96
N ARG A 98 -17.62 3.98 -11.65
CA ARG A 98 -18.57 5.06 -11.91
C ARG A 98 -18.17 6.29 -11.12
N ASP A 99 -17.45 6.13 -9.97
CA ASP A 99 -17.08 7.31 -9.19
C ASP A 99 -16.28 8.35 -9.95
N LEU A 100 -15.35 7.96 -10.87
CA LEU A 100 -14.52 8.96 -11.56
C LEU A 100 -14.49 8.59 -13.03
N PRO A 101 -14.35 9.50 -14.04
CA PRO A 101 -14.30 9.00 -15.41
C PRO A 101 -13.02 8.22 -15.66
N HIS A 102 -12.90 7.59 -16.85
CA HIS A 102 -11.76 6.71 -17.12
C HIS A 102 -10.51 7.56 -17.18
N ILE A 103 -10.55 8.65 -17.96
CA ILE A 103 -9.39 9.55 -18.05
C ILE A 103 -8.96 10.06 -16.69
N THR A 104 -9.89 10.34 -15.75
CA THR A 104 -9.47 10.90 -14.45
C THR A 104 -8.74 9.82 -13.69
N VAL A 105 -9.27 8.58 -13.60
CA VAL A 105 -8.50 7.53 -12.95
C VAL A 105 -7.10 7.60 -13.54
N ASP A 106 -7.00 7.62 -14.89
CA ASP A 106 -5.70 7.62 -15.54
C ASP A 106 -4.85 8.77 -15.03
N ARG A 107 -5.44 9.98 -14.84
CA ARG A 107 -4.62 11.13 -14.48
C ARG A 107 -4.22 11.08 -13.03
N LEU A 108 -5.01 10.52 -12.09
CA LEU A 108 -4.52 10.42 -10.71
C LEU A 108 -3.37 9.42 -10.65
N VAL A 109 -3.41 8.30 -11.41
CA VAL A 109 -2.29 7.37 -11.30
C VAL A 109 -1.04 8.07 -11.76
N SER A 110 -1.13 8.80 -12.89
CA SER A 110 0.07 9.46 -13.42
C SER A 110 0.52 10.55 -12.48
N LYS A 111 -0.43 11.27 -11.84
CA LYS A 111 -0.06 12.38 -10.94
C LYS A 111 0.65 11.84 -9.71
N ALA A 112 0.27 10.64 -9.21
CA ALA A 112 1.00 10.04 -8.08
C ALA A 112 2.26 9.34 -8.55
N LEU A 113 2.16 8.48 -9.59
CA LEU A 113 3.33 7.78 -10.13
C LEU A 113 4.39 8.82 -10.40
N ASN A 114 4.04 9.92 -11.11
CA ASN A 114 5.02 10.98 -11.38
C ASN A 114 5.72 11.36 -10.11
N MET A 115 4.96 11.49 -9.01
CA MET A 115 5.55 11.91 -7.74
C MET A 115 6.62 10.95 -7.30
N TRP A 116 6.41 9.63 -7.43
CA TRP A 116 7.50 8.70 -7.13
C TRP A 116 8.69 8.99 -8.01
N GLY A 117 8.46 9.19 -9.33
CA GLY A 117 9.59 9.32 -10.25
C GLY A 117 10.44 10.54 -10.02
N LYS A 118 9.85 11.69 -9.61
CA LYS A 118 10.66 12.90 -9.52
C LYS A 118 11.77 12.76 -8.49
N GLU A 119 11.74 11.76 -7.56
CA GLU A 119 12.84 11.61 -6.62
C GLU A 119 13.89 10.62 -7.11
N ILE A 120 13.94 10.30 -8.43
CA ILE A 120 14.86 9.26 -8.93
C ILE A 120 15.15 9.46 -10.40
N PRO A 121 16.26 8.93 -10.98
CA PRO A 121 16.50 9.13 -12.40
C PRO A 121 15.59 8.30 -13.27
N LEU A 122 14.72 7.38 -12.75
CA LEU A 122 13.76 6.72 -13.63
C LEU A 122 12.96 7.74 -14.39
N HIS A 123 12.34 7.28 -15.51
CA HIS A 123 11.48 8.14 -16.33
C HIS A 123 10.14 7.45 -16.45
N PHE A 124 9.08 8.07 -17.03
CA PHE A 124 7.86 7.32 -17.35
C PHE A 124 7.39 7.66 -18.74
N ARG A 125 6.60 6.75 -19.37
CA ARG A 125 6.17 6.94 -20.76
C ARG A 125 4.66 6.90 -20.78
N LYS A 126 3.99 7.75 -21.60
CA LYS A 126 2.52 7.77 -21.62
C LYS A 126 2.06 6.75 -22.62
N VAL A 127 0.95 6.02 -22.35
CA VAL A 127 0.55 4.91 -23.20
C VAL A 127 -0.33 5.33 -24.37
N VAL A 128 0.05 5.03 -25.63
CA VAL A 128 -0.83 5.32 -26.77
C VAL A 128 -0.81 4.24 -27.86
N TRP A 129 -0.17 3.06 -27.72
CA TRP A 129 -0.20 2.07 -28.79
C TRP A 129 0.38 0.76 -28.25
N GLY A 130 -0.47 -0.20 -27.82
CA GLY A 130 0.03 -1.46 -27.28
C GLY A 130 -0.24 -1.57 -25.80
N THR A 131 0.16 -2.70 -25.17
CA THR A 131 -0.08 -2.91 -23.75
C THR A 131 1.05 -2.31 -22.95
N ALA A 132 0.93 -2.30 -21.59
CA ALA A 132 1.93 -1.65 -20.73
C ALA A 132 2.48 -2.61 -19.71
N ASP A 133 3.52 -2.18 -18.94
CA ASP A 133 4.10 -3.06 -17.93
C ASP A 133 3.17 -3.09 -16.74
N ILE A 134 2.82 -1.90 -16.17
CA ILE A 134 1.91 -1.88 -15.04
C ILE A 134 0.52 -1.82 -15.63
N MET A 135 -0.47 -2.55 -15.09
CA MET A 135 -1.86 -2.40 -15.51
C MET A 135 -2.61 -1.91 -14.28
N ILE A 136 -3.59 -0.98 -14.42
CA ILE A 136 -4.27 -0.43 -13.24
C ILE A 136 -5.73 -0.83 -13.37
N GLY A 137 -6.30 -1.68 -12.50
CA GLY A 137 -7.68 -2.13 -12.69
C GLY A 137 -8.50 -2.10 -11.42
N PHE A 138 -9.81 -2.36 -11.55
CA PHE A 138 -10.72 -2.39 -10.41
C PHE A 138 -11.31 -3.78 -10.36
N ALA A 139 -11.13 -4.54 -9.26
CA ALA A 139 -11.69 -5.89 -9.26
C ALA A 139 -11.77 -6.44 -7.86
N ARG A 140 -12.40 -7.63 -7.70
CA ARG A 140 -12.49 -8.28 -6.40
C ARG A 140 -11.60 -9.50 -6.37
N GLY A 141 -11.24 -10.02 -5.17
CA GLY A 141 -10.47 -11.26 -5.09
C GLY A 141 -11.02 -12.33 -6.00
N ALA A 142 -12.36 -12.36 -6.25
CA ALA A 142 -12.91 -13.34 -7.19
C ALA A 142 -12.75 -12.93 -8.65
N HIS A 143 -11.69 -12.19 -9.05
CA HIS A 143 -11.46 -11.90 -10.46
C HIS A 143 -10.50 -12.89 -11.07
N GLY A 144 -10.00 -13.91 -10.32
CA GLY A 144 -8.93 -14.77 -10.82
C GLY A 144 -7.77 -14.86 -9.86
N ASP A 145 -7.57 -13.88 -8.94
CA ASP A 145 -6.42 -13.94 -8.01
C ASP A 145 -6.83 -14.52 -6.68
N SER A 146 -5.85 -14.85 -5.81
CA SER A 146 -6.15 -15.48 -4.53
C SER A 146 -6.64 -14.46 -3.52
N TYR A 147 -7.00 -14.91 -2.29
CA TYR A 147 -7.43 -14.01 -1.22
C TYR A 147 -8.81 -13.48 -1.52
N PRO A 148 -9.80 -13.40 -0.60
CA PRO A 148 -11.11 -12.90 -0.98
C PRO A 148 -11.12 -11.39 -0.96
N PHE A 149 -12.19 -10.79 -1.51
CA PHE A 149 -12.33 -9.33 -1.46
C PHE A 149 -12.29 -8.83 -0.05
N ASP A 150 -12.97 -9.50 0.92
CA ASP A 150 -13.14 -8.95 2.26
C ASP A 150 -14.37 -8.04 2.20
N GLY A 151 -14.34 -7.02 1.30
CA GLY A 151 -15.48 -6.11 1.14
C GLY A 151 -15.02 -4.73 1.59
N PRO A 152 -15.85 -3.82 2.15
CA PRO A 152 -15.33 -2.53 2.54
C PRO A 152 -14.52 -2.72 3.81
N GLY A 153 -13.83 -1.67 4.30
CA GLY A 153 -13.01 -1.84 5.50
C GLY A 153 -11.72 -2.57 5.18
N ASN A 154 -11.18 -3.35 6.14
CA ASN A 154 -9.86 -3.98 6.00
C ASN A 154 -9.47 -4.40 4.60
N THR A 155 -8.17 -4.48 4.27
CA THR A 155 -7.74 -4.87 2.93
C THR A 155 -8.19 -3.79 1.97
N LEU A 156 -7.32 -2.77 1.71
CA LEU A 156 -7.70 -1.64 0.87
C LEU A 156 -7.39 -1.93 -0.59
N ALA A 157 -6.13 -2.24 -0.96
CA ALA A 157 -5.81 -2.48 -2.37
C ALA A 157 -4.63 -3.41 -2.53
N HIS A 158 -4.77 -4.57 -3.21
CA HIS A 158 -3.60 -5.42 -3.43
C HIS A 158 -2.81 -4.89 -4.61
N ALA A 159 -1.49 -5.15 -4.64
CA ALA A 159 -0.65 -4.71 -5.75
C ALA A 159 0.39 -5.80 -5.96
N PHE A 160 1.30 -5.68 -6.95
CA PHE A 160 2.31 -6.72 -7.17
C PHE A 160 3.67 -6.09 -7.39
N ALA A 161 4.76 -6.89 -7.45
CA ALA A 161 6.12 -6.36 -7.55
C ALA A 161 6.65 -6.63 -8.93
N PRO A 162 7.66 -5.89 -9.49
CA PRO A 162 8.09 -6.14 -10.85
C PRO A 162 8.76 -7.49 -10.99
N GLY A 163 8.02 -8.55 -11.39
CA GLY A 163 8.64 -9.86 -11.58
C GLY A 163 7.95 -10.65 -12.66
N THR A 164 8.70 -11.45 -13.47
CA THR A 164 8.11 -12.24 -14.55
C THR A 164 7.67 -11.36 -15.70
N GLY A 165 6.68 -10.46 -15.50
CA GLY A 165 6.19 -9.62 -16.60
C GLY A 165 4.73 -9.32 -16.37
N LEU A 166 3.92 -10.40 -16.22
CA LEU A 166 2.50 -10.21 -15.88
C LEU A 166 2.44 -9.45 -14.58
N GLY A 167 3.26 -9.85 -13.57
CA GLY A 167 3.28 -9.14 -12.29
C GLY A 167 3.72 -7.70 -12.43
N GLY A 168 4.00 -7.02 -11.30
CA GLY A 168 4.26 -5.58 -11.33
C GLY A 168 3.00 -4.77 -11.50
N ASP A 169 1.79 -5.37 -11.60
CA ASP A 169 0.59 -4.58 -11.82
C ASP A 169 0.04 -4.01 -10.52
N ALA A 170 -0.86 -2.99 -10.62
CA ALA A 170 -1.49 -2.43 -9.43
C ALA A 170 -2.99 -2.69 -9.53
N HIS A 171 -3.71 -2.93 -8.41
CA HIS A 171 -5.16 -3.14 -8.47
C HIS A 171 -5.82 -2.31 -7.39
N PHE A 172 -7.17 -2.20 -7.40
CA PHE A 172 -7.88 -1.40 -6.39
C PHE A 172 -9.12 -2.16 -5.96
N ASP A 173 -9.36 -2.35 -4.64
CA ASP A 173 -10.56 -3.08 -4.20
C ASP A 173 -11.76 -2.34 -4.71
N GLU A 174 -12.40 -2.79 -5.81
CA GLU A 174 -13.57 -2.08 -6.32
C GLU A 174 -14.61 -1.88 -5.22
N ASP A 175 -14.72 -2.82 -4.24
CA ASP A 175 -15.72 -2.66 -3.18
C ASP A 175 -15.45 -1.38 -2.40
N GLU A 176 -14.16 -1.04 -2.15
CA GLU A 176 -13.86 0.19 -1.41
C GLU A 176 -14.35 1.39 -2.19
N ARG A 177 -14.48 2.54 -1.50
CA ARG A 177 -14.95 3.76 -2.15
C ARG A 177 -13.75 4.43 -2.79
N TRP A 178 -13.96 5.18 -3.90
CA TRP A 178 -12.85 5.87 -4.56
C TRP A 178 -13.36 7.18 -5.08
N THR A 179 -12.60 8.30 -4.98
CA THR A 179 -13.10 9.60 -5.44
C THR A 179 -11.99 10.62 -5.33
N ASP A 180 -12.22 11.90 -5.68
CA ASP A 180 -11.16 12.91 -5.51
C ASP A 180 -11.81 14.24 -5.15
N GLY A 181 -12.66 14.82 -6.03
CA GLY A 181 -13.33 16.06 -5.67
C GLY A 181 -14.21 15.87 -4.45
N SER A 182 -14.91 14.72 -4.33
CA SER A 182 -15.81 14.54 -3.19
C SER A 182 -15.04 14.37 -1.90
N SER A 183 -13.80 13.84 -1.93
CA SER A 183 -12.99 13.71 -0.70
C SER A 183 -13.82 13.13 0.41
N LEU A 184 -14.32 11.88 0.22
CA LEU A 184 -15.23 11.26 1.17
C LEU A 184 -14.60 9.99 1.71
N GLY A 185 -14.34 8.97 0.85
CA GLY A 185 -13.80 7.72 1.37
C GLY A 185 -12.30 7.74 1.26
N ILE A 186 -11.70 7.05 0.25
CA ILE A 186 -10.24 7.01 0.14
C ILE A 186 -9.87 7.88 -1.05
N ASN A 187 -9.04 8.93 -0.88
CA ASN A 187 -8.72 9.77 -2.03
C ASN A 187 -7.90 8.96 -2.99
N PHE A 188 -8.22 9.01 -4.30
CA PHE A 188 -7.44 8.24 -5.28
C PHE A 188 -6.00 8.70 -5.21
N LEU A 189 -5.79 10.04 -5.22
CA LEU A 189 -4.43 10.58 -5.27
C LEU A 189 -3.57 9.94 -4.21
N TYR A 190 -4.11 9.87 -2.97
CA TYR A 190 -3.32 9.45 -1.84
C TYR A 190 -3.05 7.96 -1.94
N ALA A 191 -4.12 7.16 -2.17
CA ALA A 191 -3.93 5.72 -2.28
C ALA A 191 -2.99 5.40 -3.41
N ALA A 192 -3.18 6.03 -4.59
CA ALA A 192 -2.31 5.74 -5.72
C ALA A 192 -0.85 5.84 -5.32
N THR A 193 -0.47 6.85 -4.52
CA THR A 193 0.94 6.94 -4.12
C THR A 193 1.31 5.68 -3.36
N HIS A 194 0.42 5.21 -2.46
CA HIS A 194 0.72 3.99 -1.71
C HIS A 194 0.78 2.81 -2.66
N ALA A 195 -0.29 2.58 -3.45
CA ALA A 195 -0.36 1.40 -4.32
C ALA A 195 0.75 1.40 -5.35
N LEU A 196 0.92 2.50 -6.12
CA LEU A 196 1.97 2.51 -7.14
C LEU A 196 3.30 2.31 -6.46
N GLY A 197 3.53 2.90 -5.26
CA GLY A 197 4.79 2.66 -4.55
C GLY A 197 5.11 1.18 -4.54
N HIS A 198 4.14 0.31 -4.19
CA HIS A 198 4.40 -1.13 -4.20
C HIS A 198 4.80 -1.61 -5.58
N SER A 199 4.15 -1.12 -6.68
CA SER A 199 4.58 -1.53 -8.02
C SER A 199 6.01 -1.12 -8.32
N LEU A 200 6.68 -0.29 -7.49
CA LEU A 200 8.11 -0.03 -7.69
C LEU A 200 8.93 -0.84 -6.70
N GLY A 201 8.41 -1.99 -6.21
CA GLY A 201 9.12 -2.75 -5.19
C GLY A 201 9.47 -1.93 -3.96
N MET A 202 8.78 -0.80 -3.67
CA MET A 202 9.08 -0.09 -2.43
C MET A 202 8.47 -0.86 -1.29
N GLY A 203 8.97 -0.62 -0.06
CA GLY A 203 8.40 -1.26 1.13
C GLY A 203 7.82 -0.19 2.00
N HIS A 204 7.20 -0.60 3.13
CA HIS A 204 6.67 0.39 4.06
C HIS A 204 7.82 1.06 4.78
N SER A 205 7.54 2.16 5.52
CA SER A 205 8.59 2.87 6.24
C SER A 205 8.15 3.07 7.68
N SER A 206 9.11 3.30 8.61
CA SER A 206 8.77 3.50 10.01
C SER A 206 8.52 4.95 10.37
N ASP A 207 8.49 5.90 9.41
CA ASP A 207 8.46 7.32 9.78
C ASP A 207 7.03 7.71 10.08
N PRO A 208 6.68 8.56 11.09
CA PRO A 208 5.26 8.83 11.34
C PRO A 208 4.63 9.60 10.20
N ASN A 209 5.41 10.27 9.32
CA ASN A 209 4.85 11.02 8.20
C ASN A 209 5.16 10.32 6.90
N ALA A 210 5.20 8.97 6.85
CA ALA A 210 5.60 8.31 5.60
C ALA A 210 4.51 8.35 4.55
N VAL A 211 4.87 8.19 3.25
CA VAL A 211 3.87 8.16 2.19
C VAL A 211 3.28 6.76 2.15
N MET A 212 4.09 5.69 2.35
CA MET A 212 3.54 4.34 2.46
C MET A 212 3.37 4.03 3.94
N TYR A 213 2.86 4.97 4.77
CA TYR A 213 2.80 4.69 6.20
C TYR A 213 1.63 3.76 6.41
N PRO A 214 1.76 2.54 6.99
CA PRO A 214 0.58 1.70 7.16
C PRO A 214 -0.30 2.18 8.28
N THR A 215 0.09 3.19 9.09
CA THR A 215 -0.84 3.71 10.10
C THR A 215 -1.67 4.76 9.41
N TYR A 216 -2.60 4.36 8.51
CA TYR A 216 -3.36 5.36 7.75
C TYR A 216 -4.19 6.10 8.77
N GLY A 217 -3.90 7.39 9.08
CA GLY A 217 -4.65 8.09 10.13
C GLY A 217 -6.06 8.39 9.68
N ASN A 218 -6.52 9.68 9.74
CA ASN A 218 -7.88 10.01 9.34
C ASN A 218 -7.83 11.02 8.21
N GLY A 219 -7.62 12.33 8.47
CA GLY A 219 -7.57 13.29 7.38
C GLY A 219 -6.16 13.37 6.88
N ASP A 220 -5.95 13.72 5.59
CA ASP A 220 -4.59 13.88 5.06
C ASP A 220 -4.54 15.19 4.29
N PRO A 221 -3.46 15.99 4.25
CA PRO A 221 -3.55 17.29 3.58
C PRO A 221 -3.71 17.11 2.09
N GLN A 222 -4.16 18.18 1.39
CA GLN A 222 -4.49 18.07 -0.03
C GLN A 222 -3.27 18.43 -0.87
N ASN A 223 -2.31 19.24 -0.36
CA ASN A 223 -1.05 19.49 -1.06
C ASN A 223 0.02 18.61 -0.46
N PHE A 224 -0.26 17.30 -0.23
CA PHE A 224 0.72 16.45 0.43
C PHE A 224 1.88 16.20 -0.50
N LYS A 225 2.98 15.60 -0.01
CA LYS A 225 4.13 15.32 -0.87
C LYS A 225 4.81 14.03 -0.48
N LEU A 226 5.80 13.54 -1.27
CA LEU A 226 6.61 12.40 -0.81
C LEU A 226 7.16 12.68 0.57
N SER A 227 7.57 11.61 1.29
CA SER A 227 8.17 11.78 2.62
C SER A 227 9.69 11.77 2.50
N GLN A 228 10.38 12.08 3.62
CA GLN A 228 11.83 12.09 3.61
C GLN A 228 12.33 10.66 3.58
N ASP A 229 11.78 9.79 4.44
CA ASP A 229 12.30 8.43 4.55
C ASP A 229 12.00 7.66 3.29
N ASP A 230 10.77 7.72 2.73
CA ASP A 230 10.51 7.04 1.46
C ASP A 230 11.52 7.49 0.43
N ILE A 231 11.82 8.81 0.35
CA ILE A 231 12.81 9.27 -0.62
C ILE A 231 14.13 8.61 -0.31
N LYS A 232 14.62 8.66 0.95
CA LYS A 232 15.94 8.12 1.22
C LYS A 232 15.94 6.63 0.96
N GLY A 233 14.81 5.93 1.21
CA GLY A 233 14.78 4.49 1.02
C GLY A 233 14.99 4.15 -0.44
N ILE A 234 14.27 4.82 -1.36
CA ILE A 234 14.43 4.48 -2.78
C ILE A 234 15.76 4.98 -3.28
N GLN A 235 16.22 6.19 -2.88
CA GLN A 235 17.48 6.70 -3.44
C GLN A 235 18.64 5.83 -3.01
N LYS A 236 18.55 5.08 -1.88
CA LYS A 236 19.69 4.26 -1.48
C LYS A 236 19.94 3.21 -2.54
N LEU A 237 18.88 2.64 -3.16
CA LEU A 237 19.07 1.59 -4.16
C LEU A 237 19.48 2.22 -5.48
N TYR A 238 18.73 3.25 -5.94
CA TYR A 238 19.07 3.89 -7.22
C TYR A 238 20.33 4.71 -7.09
N GLY A 239 20.81 5.06 -5.87
CA GLY A 239 22.03 5.83 -5.74
C GLY A 239 21.91 7.19 -6.41
N LYS A 240 20.71 7.84 -6.38
CA LYS A 240 20.57 9.13 -7.05
C LYS A 240 19.18 9.68 -6.80
N ARG A 241 18.97 11.01 -6.85
CA ARG A 241 17.65 11.59 -6.57
C ARG A 241 17.59 13.00 -7.14
N SER A 242 16.41 13.49 -7.59
CA SER A 242 16.27 14.86 -8.06
C SER A 242 15.31 15.58 -7.14
N ASN A 243 15.40 16.93 -7.03
CA ASN A 243 14.60 17.68 -6.06
C ASN A 243 13.90 18.81 -6.79
N SER A 244 12.59 18.68 -7.11
CA SER A 244 11.92 19.74 -7.87
C SER A 244 10.41 19.57 -7.77
N ARG A 245 9.69 20.25 -6.84
CA ARG A 245 8.26 20.05 -6.70
C ARG A 245 7.47 21.34 -6.74
N LYS A 246 6.24 21.32 -7.33
CA LYS A 246 5.36 22.48 -7.33
C LYS A 246 3.93 22.01 -7.15
N LYS A 247 2.91 22.90 -7.15
CA LYS A 247 1.52 22.44 -7.05
C LYS A 247 1.32 21.56 -5.84
C1 SGN B . 3.47 12.38 -17.64
C2 SGN B . 2.80 12.54 -19.02
C3 SGN B . 1.92 13.83 -19.02
C4 SGN B . 0.97 13.88 -17.79
C5 SGN B . 1.79 13.64 -16.50
C6 SGN B . 0.92 13.57 -15.22
N2 SGN B . 3.86 12.54 -20.03
O3 SGN B . 1.16 13.85 -20.26
O4 SGN B . 0.28 15.17 -17.64
O5 SGN B . 2.48 12.38 -16.60
O6 SGN B . 0.70 14.85 -14.61
S1 SGN B . 4.94 11.15 -20.35
O1S SGN B . 4.91 11.02 -21.78
O2S SGN B . 6.24 11.64 -19.92
O3S SGN B . 4.43 10.03 -19.58
S2 SGN B . 1.88 15.60 -14.00
O4S SGN B . 2.19 16.61 -14.98
O5S SGN B . 2.94 14.62 -13.79
O6S SGN B . 1.33 16.13 -12.76
H1 SGN B . 4.05 11.45 -17.56
H2 SGN B . 2.14 11.66 -19.20
H3 SGN B . 2.57 14.72 -18.98
H4 SGN B . 0.26 13.04 -17.89
H5 SGN B . 2.55 14.43 -16.39
H61 SGN B . 1.36 12.90 -14.47
H62 SGN B . -0.07 13.15 -15.47
HN21 SGN B . 4.03 13.40 -20.53
HO3 SGN B . 1.70 13.88 -21.04
C1 IDS B . -0.87 15.39 -18.48
C2 IDS B . -2.15 14.66 -17.98
C3 IDS B . -2.68 15.35 -16.70
C4 IDS B . -2.95 16.86 -16.90
C5 IDS B . -1.61 17.45 -17.42
C6 IDS B . -1.85 18.92 -17.70
O2 IDS B . -3.20 14.65 -18.97
O3 IDS B . -1.72 15.12 -15.65
O4 IDS B . -4.06 17.21 -17.80
O5 IDS B . -1.18 16.80 -18.64
O6A IDS B . -1.74 19.73 -16.76
O6B IDS B . -2.13 19.26 -18.88
S IDS B . -3.11 13.73 -20.17
O1S IDS B . -2.52 12.49 -19.70
O2S IDS B . -2.32 14.44 -21.14
O3S IDS B . -4.50 13.57 -20.58
H1 IDS B . -0.65 15.09 -19.50
H2 IDS B . -1.93 13.62 -17.68
H3 IDS B . -3.61 14.85 -16.43
H4 IDS B . -3.09 17.26 -15.88
H5 IDS B . -0.82 17.36 -16.68
HO3 IDS B . -2.01 15.43 -14.79
C1 SGN B . -5.18 17.95 -17.18
C2 SGN B . -6.27 17.05 -16.53
C3 SGN B . -7.71 17.16 -17.11
C4 SGN B . -8.07 18.64 -17.35
C5 SGN B . -7.01 19.15 -18.38
C6 SGN B . -7.27 20.66 -18.67
N2 SGN B . -5.95 15.63 -16.57
O3 SGN B . -8.59 16.43 -16.23
O4 SGN B . -9.41 18.86 -17.89
O5 SGN B . -5.64 19.12 -17.91
O6 SGN B . -7.16 21.36 -17.42
S1 SGN B . -6.10 14.64 -18.05
O1S SGN B . -7.51 14.28 -18.04
O2S SGN B . -5.24 13.48 -17.86
O3S SGN B . -5.78 15.53 -19.14
S2 SGN B . -7.27 22.86 -17.40
O4S SGN B . -5.89 23.29 -17.17
O5S SGN B . -7.80 23.25 -18.69
O6S SGN B . -8.15 23.14 -16.28
H1 SGN B . -4.74 18.59 -16.41
H2 SGN B . -6.36 17.38 -15.48
H3 SGN B . -7.81 16.67 -18.09
H4 SGN B . -7.96 19.19 -16.41
H5 SGN B . -7.09 18.58 -19.31
H61 SGN B . -8.26 20.79 -19.12
H62 SGN B . -6.51 21.03 -19.38
HN21 SGN B . -5.72 15.20 -15.70
HO3 SGN B . -8.63 16.79 -15.35
C1 IDS B . -10.50 18.37 -17.08
C2 IDS B . -11.85 19.11 -17.36
C3 IDS B . -12.52 18.63 -18.69
C4 IDS B . -12.58 17.08 -18.77
C5 IDS B . -11.13 16.58 -18.54
C6 IDS B . -11.15 15.09 -18.64
O2 IDS B . -12.79 18.85 -16.29
O3 IDS B . -11.76 19.10 -19.82
O4 IDS B . -13.46 16.48 -17.77
O5 IDS B . -10.71 16.96 -17.21
O6A IDS B . -10.73 14.57 -19.71
O6B IDS B . -11.58 14.44 -17.65
S IDS B . -12.77 19.68 -15.03
O1S IDS B . -11.43 20.20 -14.86
O2S IDS B . -13.75 20.72 -15.30
O3S IDS B . -13.17 18.75 -14.01
H1 IDS B . -10.25 18.53 -16.02
H2 IDS B . -11.68 20.19 -17.43
H3 IDS B . -13.54 19.05 -18.76
H4 IDS B . -12.86 16.77 -19.78
H5 IDS B . -10.44 16.99 -19.29
HO3 IDS B . -11.71 20.05 -19.87
C1 SGN B . -14.84 16.30 -18.20
C2 SGN B . -15.83 16.42 -17.00
C3 SGN B . -16.05 15.07 -16.26
C4 SGN B . -16.40 13.97 -17.29
C5 SGN B . -15.15 13.88 -18.22
C6 SGN B . -15.27 12.68 -19.22
N2 SGN B . -15.34 17.44 -16.09
O3 SGN B . -17.08 15.18 -15.25
O4 SGN B . -16.77 12.72 -16.63
O5 SGN B . -15.03 15.11 -18.99
O6 SGN B . -14.06 11.89 -19.23
S1 SGN B . -16.45 18.53 -15.19
O1S SGN B . -16.21 19.82 -15.82
O2S SGN B . -15.92 18.50 -13.84
O3S SGN B . -17.78 18.01 -15.39
S2 SGN B . -13.95 10.79 -20.25
O4S SGN B . -15.25 10.20 -20.38
O5S SGN B . -13.49 11.48 -21.45
O6S SGN B . -12.95 9.88 -19.70
H1 SGN B . -15.08 17.15 -18.87
H2 SGN B . -16.81 16.75 -17.41
H3 SGN B . -15.14 14.79 -15.72
H4 SGN B . -17.22 14.28 -17.96
H5 SGN B . -14.23 13.72 -17.63
H61 SGN B . -15.47 13.06 -20.23
H62 SGN B . -16.11 12.02 -18.93
HN21 SGN B . -14.36 17.47 -15.93
HO3 SGN B . -16.91 15.85 -14.60
C1 IDS B . -18.17 12.63 -16.19
C2 IDS B . -19.03 11.66 -17.06
C3 IDS B . -18.80 10.17 -16.70
C4 IDS B . -18.84 9.94 -15.16
C5 IDS B . -17.93 10.97 -14.48
C6 IDS B . -17.97 10.75 -12.99
O2 IDS B . -20.44 11.91 -16.85
O3 IDS B . -17.54 9.69 -17.20
O4 IDS B . -20.19 10.02 -14.63
O5 IDS B . -18.29 12.31 -14.79
O6A IDS B . -18.56 11.60 -12.27
O6B IDS B . -17.41 9.72 -12.52
S IDS B . -21.12 13.07 -17.53
O1S IDS B . -20.09 13.91 -18.12
O2S IDS B . -21.85 13.72 -16.45
O3S IDS B . -21.97 12.43 -18.51
H1 IDS B . -18.65 13.63 -16.21
H2 IDS B . -18.80 11.79 -18.13
H3 IDS B . -19.59 9.55 -17.15
H4 IDS B . -18.37 8.97 -14.92
H5 IDS B . -16.90 10.80 -14.84
HO3 IDS B . -17.47 9.74 -18.15
C1 SGN B . -20.86 8.74 -14.48
C2 SGN B . -22.31 8.81 -15.05
C3 SGN B . -23.35 9.35 -14.03
C4 SGN B . -23.13 8.62 -12.69
C5 SGN B . -21.68 8.98 -12.22
C6 SGN B . -21.45 8.63 -10.72
N2 SGN B . -22.31 9.66 -16.24
O3 SGN B . -24.69 9.18 -14.52
O4 SGN B . -24.15 9.03 -11.73
O5 SGN B . -20.77 8.30 -13.10
O6 SGN B . -20.31 9.30 -10.16
S1 SGN B . -23.21 9.23 -17.72
O1S SGN B . -24.43 10.03 -17.60
O2S SGN B . -22.38 9.71 -18.80
O3S SGN B . -23.46 7.80 -17.65
S2 SGN B . -20.26 9.35 -8.65
O4S SGN B . -20.38 7.98 -8.21
O5S SGN B . -18.98 9.97 -8.34
O6S SGN B . -21.39 10.19 -8.26
H1 SGN B . -20.37 7.96 -15.09
H2 SGN B . -22.63 7.81 -15.31
H3 SGN B . -23.22 10.43 -13.89
H4 SGN B . -23.19 7.55 -12.90
H5 SGN B . -21.51 10.08 -12.27
H61 SGN B . -21.39 7.55 -10.57
H62 SGN B . -22.32 9.02 -10.16
HN21 SGN B . -21.84 10.54 -16.18
HO3 SGN B . -24.93 8.26 -14.65
C1 IDS B . -24.65 7.94 -10.92
C2 IDS B . -25.19 8.45 -9.55
C3 IDS B . -26.50 9.24 -9.74
C4 IDS B . -27.50 8.37 -10.53
C5 IDS B . -26.85 7.93 -11.87
C6 IDS B . -27.82 7.07 -12.65
O2 IDS B . -25.39 7.29 -8.71
O3 IDS B . -26.20 10.47 -10.44
O4 IDS B . -27.84 7.20 -9.78
O5 IDS B . -25.65 7.18 -11.61
O6A IDS B . -28.93 7.56 -12.97
O6B IDS B . -27.48 5.89 -12.93
S IDS B . -25.01 7.39 -7.26
O1S IDS B . -25.63 8.60 -6.77
O2S IDS B . -25.55 6.18 -6.68
O3S IDS B . -23.56 7.42 -7.28
H1 IDS B . -23.85 7.22 -10.66
H2 IDS B . -24.43 9.12 -9.10
H3 IDS B . -26.93 9.49 -8.75
H4 IDS B . -28.43 8.94 -10.71
H5 IDS B . -26.62 8.81 -12.49
HO3 IDS B . -26.97 11.00 -10.57
CA CA C . 2.67 -6.52 -15.79
CA CA D . -11.68 -3.37 1.55
ZN ZN E . -5.96 -9.26 -8.26
ZN ZN F . 1.33 -1.01 1.65
N PRO A 1 2.71 -2.45 32.09
CA PRO A 1 1.35 -2.99 32.20
C PRO A 1 0.67 -2.90 30.86
N GLN A 2 -0.64 -3.21 30.77
CA GLN A 2 -1.33 -3.24 29.48
C GLN A 2 -2.82 -3.03 29.69
N GLU A 3 -3.47 -2.10 28.94
CA GLU A 3 -4.90 -1.86 29.15
C GLU A 3 -5.72 -2.85 28.35
N ALA A 4 -5.23 -3.34 27.18
CA ALA A 4 -6.03 -4.30 26.42
C ALA A 4 -6.38 -5.49 27.27
N GLY A 5 -5.49 -5.94 28.19
CA GLY A 5 -5.82 -7.08 29.03
C GLY A 5 -7.22 -6.98 29.60
N GLY A 6 -7.68 -5.77 29.99
CA GLY A 6 -9.03 -5.62 30.53
C GLY A 6 -10.07 -5.24 29.49
N MET A 7 -9.93 -5.66 28.22
CA MET A 7 -10.97 -5.41 27.21
C MET A 7 -11.58 -6.75 26.85
N SER A 8 -12.71 -6.77 26.11
CA SER A 8 -13.36 -8.04 25.82
C SER A 8 -12.44 -8.98 25.07
N GLU A 9 -12.65 -10.31 25.18
CA GLU A 9 -11.83 -11.24 24.41
C GLU A 9 -12.03 -10.98 22.93
N LEU A 10 -13.19 -10.47 22.47
CA LEU A 10 -13.39 -10.29 21.03
C LEU A 10 -12.39 -9.27 20.55
N GLN A 11 -12.26 -8.09 21.19
CA GLN A 11 -11.25 -7.13 20.75
C GLN A 11 -9.89 -7.80 20.67
N TRP A 12 -9.45 -8.48 21.75
CA TRP A 12 -8.11 -9.07 21.74
C TRP A 12 -7.95 -10.07 20.62
N GLU A 13 -8.94 -10.98 20.47
CA GLU A 13 -8.86 -12.01 19.43
C GLU A 13 -8.89 -11.36 18.06
N GLN A 14 -9.85 -10.44 17.83
CA GLN A 14 -9.93 -9.73 16.54
C GLN A 14 -8.60 -9.06 16.26
N ALA A 15 -7.97 -8.42 17.27
CA ALA A 15 -6.73 -7.68 17.02
C ALA A 15 -5.71 -8.60 16.37
N GLN A 16 -5.54 -9.82 16.92
CA GLN A 16 -4.64 -10.78 16.27
C GLN A 16 -5.18 -11.12 14.91
N ASP A 17 -6.48 -11.47 14.77
CA ASP A 17 -6.98 -11.88 13.45
C ASP A 17 -6.71 -10.84 12.38
N TYR A 18 -6.83 -9.54 12.72
CA TYR A 18 -6.49 -8.50 11.74
C TYR A 18 -5.05 -8.66 11.33
N LEU A 19 -4.14 -8.91 12.29
CA LEU A 19 -2.72 -8.96 11.93
C LEU A 19 -2.41 -10.23 11.16
N LYS A 20 -2.92 -11.41 11.57
CA LYS A 20 -2.57 -12.63 10.83
C LYS A 20 -3.12 -12.59 9.43
N ARG A 21 -4.28 -11.94 9.13
CA ARG A 21 -4.75 -11.95 7.75
C ARG A 21 -3.71 -11.29 6.89
N PHE A 22 -3.00 -10.22 7.36
CA PHE A 22 -2.02 -9.56 6.48
C PHE A 22 -1.01 -10.58 6.02
N TYR A 23 -0.70 -11.64 6.80
CA TYR A 23 0.26 -12.65 6.34
C TYR A 23 -0.50 -13.85 5.80
N LEU A 24 -1.43 -13.64 4.85
CA LEU A 24 -2.20 -14.75 4.29
C LEU A 24 -3.02 -15.42 5.39
N TYR A 25 -2.46 -16.34 6.20
CA TYR A 25 -3.25 -17.05 7.21
C TYR A 25 -2.28 -17.78 8.12
N ASP A 26 -1.45 -17.04 8.90
CA ASP A 26 -0.46 -17.70 9.74
C ASP A 26 -1.13 -18.30 10.95
N SER A 27 -1.69 -19.53 10.84
CA SER A 27 -2.33 -20.17 11.99
C SER A 27 -1.35 -20.84 12.92
N GLU A 28 -0.13 -21.22 12.48
CA GLU A 28 0.80 -21.89 13.39
C GLU A 28 1.08 -20.98 14.56
N THR A 29 1.25 -19.66 14.32
CA THR A 29 1.54 -18.74 15.41
C THR A 29 0.48 -18.73 16.48
N LYS A 30 -0.76 -19.22 16.26
CA LYS A 30 -1.74 -19.23 17.36
C LYS A 30 -1.13 -19.83 18.61
N ASN A 31 -0.71 -19.02 19.61
CA ASN A 31 -0.23 -19.63 20.85
C ASN A 31 -0.08 -18.55 21.91
N ALA A 32 -0.39 -18.83 23.21
CA ALA A 32 -0.37 -17.77 24.22
C ALA A 32 0.95 -17.04 24.24
N ASN A 33 2.07 -17.78 24.36
CA ASN A 33 3.37 -17.13 24.45
C ASN A 33 3.67 -16.43 23.14
N SER A 34 3.36 -17.09 21.99
CA SER A 34 3.64 -16.49 20.68
C SER A 34 3.02 -15.12 20.56
N LEU A 35 1.78 -14.86 21.03
CA LEU A 35 1.21 -13.52 20.87
C LEU A 35 2.26 -12.47 21.24
N GLU A 36 2.90 -12.56 22.42
CA GLU A 36 3.89 -11.55 22.77
C GLU A 36 4.89 -11.36 21.64
N ALA A 37 5.53 -12.45 21.16
CA ALA A 37 6.56 -12.30 20.13
C ALA A 37 5.95 -11.84 18.83
N LYS A 38 4.88 -12.51 18.35
CA LYS A 38 4.26 -12.11 17.09
C LYS A 38 3.93 -10.64 17.10
N LEU A 39 3.21 -10.16 18.12
CA LEU A 39 2.91 -8.73 18.21
C LEU A 39 4.18 -7.95 17.93
N LYS A 40 5.32 -8.28 18.58
CA LYS A 40 6.56 -7.53 18.31
C LYS A 40 6.81 -7.38 16.81
N GLU A 41 6.62 -8.46 15.99
CA GLU A 41 6.92 -8.34 14.56
C GLU A 41 6.08 -7.26 13.92
N MET A 42 4.78 -7.17 14.27
CA MET A 42 3.91 -6.14 13.70
C MET A 42 4.46 -4.77 14.00
N GLN A 43 5.08 -4.60 15.19
CA GLN A 43 5.55 -3.27 15.58
C GLN A 43 6.68 -2.86 14.67
N LYS A 44 7.56 -3.79 14.24
CA LYS A 44 8.59 -3.43 13.27
C LYS A 44 7.93 -3.12 11.95
N PHE A 45 7.01 -3.98 11.46
CA PHE A 45 6.37 -3.75 10.17
C PHE A 45 5.84 -2.33 10.08
N PHE A 46 5.14 -1.86 11.16
CA PHE A 46 4.61 -0.50 11.15
C PHE A 46 5.74 0.47 11.43
N GLY A 47 6.48 0.28 12.54
CA GLY A 47 7.58 1.19 12.90
C GLY A 47 7.36 1.82 14.26
N LEU A 48 6.08 2.08 14.63
CA LEU A 48 5.75 2.70 15.92
C LEU A 48 6.65 2.26 17.06
N PRO A 49 7.01 3.08 18.08
CA PRO A 49 7.93 2.63 19.12
C PRO A 49 7.30 1.80 20.23
N ILE A 50 6.02 1.99 20.61
CA ILE A 50 5.46 1.22 21.73
C ILE A 50 5.45 -0.26 21.38
N THR A 51 6.22 -1.16 22.05
CA THR A 51 6.24 -2.58 21.67
C THR A 51 5.79 -3.52 22.77
N GLY A 52 5.47 -4.79 22.40
CA GLY A 52 4.96 -5.76 23.37
C GLY A 52 3.57 -5.43 23.86
N MET A 53 2.88 -4.39 23.32
CA MET A 53 1.60 -3.97 23.89
C MET A 53 0.71 -3.45 22.79
N LEU A 54 -0.62 -3.38 23.02
CA LEU A 54 -1.53 -2.76 22.04
C LEU A 54 -2.80 -2.33 22.75
N ASN A 55 -3.46 -1.24 22.30
CA ASN A 55 -4.66 -0.73 22.97
C ASN A 55 -4.96 0.69 22.54
N SER A 56 -3.96 1.58 22.41
CA SER A 56 -4.22 2.97 22.01
C SER A 56 -3.96 3.10 20.52
N ARG A 57 -2.79 3.62 20.06
CA ARG A 57 -2.58 3.78 18.63
C ARG A 57 -2.61 2.40 18.00
N VAL A 58 -1.95 1.40 18.62
CA VAL A 58 -1.74 0.12 17.95
C VAL A 58 -3.06 -0.51 17.55
N ILE A 59 -4.09 -0.54 18.42
CA ILE A 59 -5.34 -1.21 18.06
C ILE A 59 -6.06 -0.37 17.03
N GLU A 60 -6.03 0.98 17.15
CA GLU A 60 -6.73 1.81 16.17
C GLU A 60 -6.20 1.48 14.78
N ILE A 61 -4.86 1.40 14.62
CA ILE A 61 -4.29 1.17 13.30
C ILE A 61 -4.63 -0.20 12.76
N MET A 62 -4.89 -1.22 13.61
CA MET A 62 -5.29 -2.52 13.08
C MET A 62 -6.57 -2.32 12.29
N GLN A 63 -7.58 -1.62 12.89
CA GLN A 63 -8.86 -1.43 12.22
C GLN A 63 -8.79 -0.38 11.11
N LYS A 64 -7.87 0.62 11.15
CA LYS A 64 -7.83 1.62 10.08
C LYS A 64 -7.67 0.94 8.74
N PRO A 65 -8.11 1.50 7.58
CA PRO A 65 -7.86 0.81 6.32
C PRO A 65 -6.37 0.71 6.11
N ARG A 66 -5.88 -0.39 5.50
CA ARG A 66 -4.44 -0.58 5.32
C ARG A 66 -4.23 -1.18 3.95
N CYS A 67 -3.07 -0.98 3.29
CA CYS A 67 -2.86 -1.62 1.99
C CYS A 67 -3.25 -3.08 2.04
N GLY A 68 -3.60 -3.69 0.89
CA GLY A 68 -4.14 -5.05 0.89
C GLY A 68 -3.16 -6.00 0.26
N VAL A 69 -1.84 -5.77 0.41
CA VAL A 69 -0.83 -6.63 -0.22
C VAL A 69 -0.30 -7.47 0.91
N PRO A 70 -0.13 -8.82 0.84
CA PRO A 70 0.40 -9.52 1.99
C PRO A 70 1.86 -9.18 2.16
N ASP A 71 2.52 -9.68 3.22
CA ASP A 71 3.90 -9.31 3.50
C ASP A 71 4.72 -10.53 3.82
N VAL A 72 4.55 -11.60 3.01
CA VAL A 72 5.31 -12.83 3.22
C VAL A 72 5.52 -13.51 1.88
N ALA A 73 6.55 -14.37 1.74
CA ALA A 73 6.79 -15.03 0.47
C ALA A 73 7.59 -16.29 0.72
N GLU A 74 7.60 -17.27 -0.22
CA GLU A 74 8.29 -18.53 0.06
C GLU A 74 8.46 -19.30 -1.24
N TYR A 75 9.63 -19.93 -1.47
CA TYR A 75 9.79 -20.75 -2.69
C TYR A 75 9.37 -20.00 -3.93
N SER A 76 10.09 -18.91 -4.29
CA SER A 76 9.76 -18.16 -5.50
C SER A 76 11.03 -17.58 -6.09
N LEU A 77 11.27 -17.69 -7.42
CA LEU A 77 12.48 -17.11 -8.00
C LEU A 77 12.24 -15.62 -8.08
N PHE A 78 12.72 -14.81 -7.10
CA PHE A 78 12.50 -13.37 -7.16
C PHE A 78 12.99 -12.82 -8.48
N PRO A 79 12.45 -11.69 -9.01
CA PRO A 79 12.87 -11.21 -10.32
C PRO A 79 14.17 -10.45 -10.25
N ASN A 80 14.63 -9.88 -11.39
CA ASN A 80 15.89 -9.14 -11.41
C ASN A 80 15.78 -7.91 -10.52
N SER A 81 16.60 -7.80 -9.45
CA SER A 81 16.68 -6.57 -8.66
C SER A 81 15.42 -6.33 -7.84
N PRO A 82 15.45 -5.78 -6.60
CA PRO A 82 14.20 -5.58 -5.87
C PRO A 82 13.34 -4.46 -6.42
N LYS A 83 13.88 -3.46 -7.16
CA LYS A 83 13.05 -2.34 -7.63
C LYS A 83 13.16 -2.21 -9.13
N TRP A 84 12.38 -1.32 -9.78
CA TRP A 84 12.37 -1.24 -11.24
C TRP A 84 13.77 -1.07 -11.78
N THR A 85 14.43 -2.15 -12.27
CA THR A 85 15.70 -2.01 -12.98
C THR A 85 15.49 -1.89 -14.47
N SER A 86 14.23 -1.77 -14.99
CA SER A 86 14.05 -1.74 -16.44
C SER A 86 14.54 -0.43 -17.02
N LYS A 87 14.81 -0.37 -18.35
CA LYS A 87 15.21 0.90 -18.95
C LYS A 87 14.02 1.83 -18.95
N VAL A 88 12.76 1.32 -19.01
CA VAL A 88 11.60 2.20 -18.91
C VAL A 88 10.42 1.42 -18.40
N VAL A 89 9.35 2.08 -17.89
CA VAL A 89 8.15 1.36 -17.47
C VAL A 89 6.94 2.16 -17.95
N THR A 90 5.78 1.49 -18.18
CA THR A 90 4.61 2.18 -18.72
C THR A 90 3.38 1.78 -17.92
N TYR A 91 2.26 2.52 -18.07
CA TYR A 91 1.07 2.24 -17.25
C TYR A 91 -0.21 2.63 -17.96
N ARG A 92 -1.24 1.73 -18.06
CA ARG A 92 -2.48 2.07 -18.76
C ARG A 92 -3.67 1.70 -17.90
N ILE A 93 -4.80 2.44 -18.01
CA ILE A 93 -5.94 2.16 -17.15
C ILE A 93 -6.81 1.12 -17.82
N VAL A 94 -7.33 0.11 -17.08
CA VAL A 94 -8.16 -0.93 -17.68
C VAL A 94 -9.59 -0.42 -17.71
N SER A 95 -10.14 0.02 -16.56
CA SER A 95 -11.54 0.40 -16.48
C SER A 95 -11.70 1.62 -15.60
N TYR A 96 -12.93 2.10 -15.36
CA TYR A 96 -13.13 3.28 -14.54
C TYR A 96 -14.31 3.05 -13.62
N THR A 97 -14.38 3.78 -12.48
CA THR A 97 -15.48 3.59 -11.54
C THR A 97 -16.44 4.75 -11.73
N ARG A 98 -17.76 4.55 -11.59
CA ARG A 98 -18.69 5.69 -11.68
C ARG A 98 -18.30 6.80 -10.72
N ASP A 99 -17.58 6.46 -9.61
CA ASP A 99 -17.17 7.48 -8.66
C ASP A 99 -16.37 8.58 -9.32
N LEU A 100 -15.59 8.28 -10.38
CA LEU A 100 -14.69 9.27 -10.99
C LEU A 100 -14.61 9.03 -12.48
N PRO A 101 -14.56 10.01 -13.42
CA PRO A 101 -14.47 9.66 -14.83
C PRO A 101 -13.10 9.09 -15.14
N HIS A 102 -12.88 8.67 -16.40
CA HIS A 102 -11.66 7.92 -16.74
C HIS A 102 -10.50 8.89 -16.75
N ILE A 103 -10.67 10.06 -17.40
CA ILE A 103 -9.63 11.10 -17.37
C ILE A 103 -9.11 11.30 -15.96
N THR A 104 -9.99 11.33 -14.95
CA THR A 104 -9.56 11.68 -13.61
C THR A 104 -8.78 10.50 -13.09
N VAL A 105 -9.37 9.28 -13.02
CA VAL A 105 -8.63 8.13 -12.53
C VAL A 105 -7.24 8.15 -13.13
N ASP A 106 -7.15 8.32 -14.46
CA ASP A 106 -5.85 8.28 -15.12
C ASP A 106 -4.94 9.36 -14.57
N ARG A 107 -5.43 10.62 -14.48
CA ARG A 107 -4.52 11.68 -14.04
C ARG A 107 -4.06 11.40 -12.64
N LEU A 108 -4.87 10.81 -11.72
CA LEU A 108 -4.36 10.56 -10.37
C LEU A 108 -3.21 9.59 -10.44
N VAL A 109 -3.30 8.49 -11.23
CA VAL A 109 -2.22 7.50 -11.18
C VAL A 109 -0.95 8.21 -11.59
N SER A 110 -0.98 8.99 -12.69
CA SER A 110 0.23 9.66 -13.15
C SER A 110 0.67 10.67 -12.11
N LYS A 111 -0.27 11.39 -11.49
CA LYS A 111 0.07 12.42 -10.49
C LYS A 111 0.79 11.80 -9.30
N ALA A 112 0.50 10.51 -8.95
CA ALA A 112 1.22 9.84 -7.86
C ALA A 112 2.48 9.21 -8.40
N LEU A 113 2.32 8.31 -9.40
CA LEU A 113 3.45 7.64 -10.05
C LEU A 113 4.54 8.66 -10.33
N ASN A 114 4.21 9.73 -11.09
CA ASN A 114 5.23 10.70 -11.48
C ASN A 114 5.95 11.20 -10.26
N MET A 115 5.23 11.47 -9.14
CA MET A 115 5.92 11.93 -7.93
C MET A 115 7.07 10.98 -7.65
N TRP A 116 6.80 9.66 -7.51
CA TRP A 116 7.88 8.73 -7.25
C TRP A 116 8.97 8.87 -8.30
N GLY A 117 8.62 8.93 -9.60
CA GLY A 117 9.65 8.98 -10.64
C GLY A 117 10.58 10.16 -10.45
N LYS A 118 10.06 11.34 -10.03
CA LYS A 118 10.93 12.50 -9.83
C LYS A 118 11.99 12.24 -8.78
N GLU A 119 11.84 11.24 -7.88
CA GLU A 119 12.85 11.02 -6.85
C GLU A 119 14.02 10.22 -7.34
N ILE A 120 14.13 9.86 -8.65
CA ILE A 120 15.16 8.92 -9.07
C ILE A 120 15.49 9.13 -10.53
N PRO A 121 16.70 8.79 -11.05
CA PRO A 121 16.96 9.01 -12.47
C PRO A 121 16.25 8.05 -13.40
N LEU A 122 15.30 7.19 -12.94
CA LEU A 122 14.56 6.35 -13.88
C LEU A 122 13.85 7.17 -14.92
N HIS A 123 13.41 6.49 -16.01
CA HIS A 123 12.76 7.15 -17.13
C HIS A 123 11.38 6.57 -17.23
N PHE A 124 10.26 7.33 -17.09
CA PHE A 124 8.92 6.77 -17.24
C PHE A 124 8.37 7.22 -18.57
N ARG A 125 7.38 6.49 -19.14
CA ARG A 125 6.94 6.71 -20.53
C ARG A 125 5.42 6.66 -20.54
N LYS A 126 4.74 7.44 -21.40
CA LYS A 126 3.28 7.53 -21.34
C LYS A 126 2.67 6.63 -22.39
N VAL A 127 1.44 6.13 -22.13
CA VAL A 127 0.80 5.16 -23.02
C VAL A 127 -0.02 5.79 -24.13
N VAL A 128 -0.01 5.20 -25.34
CA VAL A 128 -0.67 5.83 -26.49
C VAL A 128 -0.87 4.82 -27.60
N TRP A 129 0.19 4.09 -28.00
CA TRP A 129 0.08 3.07 -29.05
C TRP A 129 0.44 1.74 -28.41
N GLY A 130 -0.56 0.90 -28.02
CA GLY A 130 -0.26 -0.45 -27.51
C GLY A 130 -0.58 -0.60 -26.04
N THR A 131 -0.43 -1.84 -25.51
CA THR A 131 -0.69 -2.09 -24.09
C THR A 131 0.54 -1.74 -23.28
N ALA A 132 0.44 -1.78 -21.93
CA ALA A 132 1.55 -1.38 -21.06
C ALA A 132 1.97 -2.52 -20.17
N ASP A 133 3.06 -2.35 -19.39
CA ASP A 133 3.44 -3.36 -18.41
C ASP A 133 2.46 -3.29 -17.26
N ILE A 134 2.28 -2.09 -16.67
CA ILE A 134 1.44 -1.98 -15.48
C ILE A 134 0.02 -1.77 -15.96
N MET A 135 -0.98 -2.47 -15.37
CA MET A 135 -2.37 -2.24 -15.75
C MET A 135 -3.08 -1.76 -14.50
N ILE A 136 -3.95 -0.72 -14.58
CA ILE A 136 -4.59 -0.18 -13.38
C ILE A 136 -6.06 -0.52 -13.49
N GLY A 137 -6.66 -1.35 -12.62
CA GLY A 137 -8.06 -1.74 -12.82
C GLY A 137 -8.85 -1.67 -11.54
N PHE A 138 -10.20 -1.81 -11.68
CA PHE A 138 -11.09 -1.82 -10.52
C PHE A 138 -11.59 -3.24 -10.42
N ALA A 139 -11.40 -3.96 -9.28
CA ALA A 139 -11.87 -5.34 -9.25
C ALA A 139 -12.01 -5.84 -7.83
N ARG A 140 -12.57 -7.05 -7.65
CA ARG A 140 -12.73 -7.64 -6.31
C ARG A 140 -11.77 -8.81 -6.20
N GLY A 141 -11.43 -9.24 -4.96
CA GLY A 141 -10.52 -10.37 -4.77
C GLY A 141 -10.85 -11.56 -5.64
N ALA A 142 -12.14 -11.83 -5.97
CA ALA A 142 -12.47 -12.95 -6.86
C ALA A 142 -12.34 -12.58 -8.34
N HIS A 143 -11.56 -11.54 -8.72
CA HIS A 143 -11.33 -11.28 -10.13
C HIS A 143 -10.45 -12.40 -10.65
N GLY A 144 -9.40 -12.77 -9.88
CA GLY A 144 -8.48 -13.82 -10.32
C GLY A 144 -7.19 -13.75 -9.54
N ASP A 145 -7.23 -13.89 -8.19
CA ASP A 145 -6.01 -13.79 -7.39
C ASP A 145 -6.27 -14.22 -5.96
N SER A 146 -5.19 -14.47 -5.18
CA SER A 146 -5.34 -14.91 -3.80
C SER A 146 -6.05 -13.87 -2.96
N TYR A 147 -6.39 -14.22 -1.69
CA TYR A 147 -6.89 -13.23 -0.73
C TYR A 147 -8.37 -13.02 -0.97
N PRO A 148 -9.31 -13.04 0.01
CA PRO A 148 -10.72 -12.94 -0.33
C PRO A 148 -11.11 -11.52 -0.64
N PHE A 149 -12.35 -11.32 -1.14
CA PHE A 149 -12.81 -9.99 -1.50
C PHE A 149 -13.08 -9.11 -0.30
N ASP A 150 -13.53 -9.66 0.86
CA ASP A 150 -13.78 -8.83 2.04
C ASP A 150 -14.59 -7.56 1.83
N GLY A 151 -15.22 -7.29 0.66
CA GLY A 151 -16.08 -6.12 0.51
C GLY A 151 -15.44 -4.85 1.01
N PRO A 152 -16.20 -3.86 1.57
CA PRO A 152 -15.58 -2.61 1.97
C PRO A 152 -14.90 -2.84 3.31
N GLY A 153 -14.27 -1.81 3.91
CA GLY A 153 -13.58 -2.03 5.18
C GLY A 153 -12.33 -2.85 4.96
N ASN A 154 -11.88 -3.59 6.01
CA ASN A 154 -10.58 -4.27 5.98
C ASN A 154 -10.06 -4.64 4.60
N THR A 155 -8.74 -4.48 4.37
CA THR A 155 -8.15 -4.74 3.05
C THR A 155 -8.52 -3.56 2.16
N LEU A 156 -7.55 -2.68 1.82
CA LEU A 156 -7.87 -1.51 1.01
C LEU A 156 -7.63 -1.84 -0.45
N ALA A 157 -6.38 -2.13 -0.88
CA ALA A 157 -6.12 -2.42 -2.28
C ALA A 157 -4.87 -3.25 -2.42
N HIS A 158 -4.88 -4.35 -3.23
CA HIS A 158 -3.66 -5.12 -3.42
C HIS A 158 -2.94 -4.56 -4.63
N ALA A 159 -1.59 -4.43 -4.60
CA ALA A 159 -0.81 -4.05 -5.76
C ALA A 159 0.06 -5.24 -6.11
N PHE A 160 0.74 -5.26 -7.28
CA PHE A 160 1.64 -6.38 -7.59
C PHE A 160 3.06 -5.93 -7.37
N ALA A 161 4.01 -6.88 -7.19
CA ALA A 161 5.41 -6.55 -6.93
C ALA A 161 6.14 -6.44 -8.25
N PRO A 162 7.31 -5.72 -8.38
CA PRO A 162 7.92 -5.56 -9.69
C PRO A 162 8.57 -6.84 -10.18
N GLY A 163 7.79 -7.74 -10.80
CA GLY A 163 8.34 -9.01 -11.27
C GLY A 163 7.77 -9.41 -12.61
N THR A 164 8.49 -9.15 -13.73
CA THR A 164 8.02 -9.55 -15.07
C THR A 164 6.98 -8.56 -15.53
N GLY A 165 6.81 -8.33 -16.86
CA GLY A 165 5.82 -7.36 -17.31
C GLY A 165 4.48 -7.53 -16.65
N LEU A 166 4.05 -8.80 -16.43
CA LEU A 166 2.77 -9.03 -15.76
C LEU A 166 2.88 -8.39 -14.39
N GLY A 167 3.91 -8.76 -13.59
CA GLY A 167 4.06 -8.16 -12.26
C GLY A 167 4.34 -6.68 -12.38
N GLY A 168 4.20 -5.94 -11.25
CA GLY A 168 4.21 -4.49 -11.31
C GLY A 168 2.79 -3.94 -11.35
N ASP A 169 1.78 -4.69 -11.85
CA ASP A 169 0.42 -4.14 -11.95
C ASP A 169 -0.07 -3.46 -10.70
N ALA A 170 -1.11 -2.59 -10.81
CA ALA A 170 -1.78 -2.04 -9.64
C ALA A 170 -3.24 -2.39 -9.71
N HIS A 171 -3.97 -2.51 -8.58
CA HIS A 171 -5.41 -2.78 -8.62
C HIS A 171 -6.06 -2.00 -7.51
N PHE A 172 -7.41 -1.87 -7.51
CA PHE A 172 -8.10 -1.13 -6.45
C PHE A 172 -9.37 -1.86 -6.08
N ASP A 173 -9.63 -2.14 -4.78
CA ASP A 173 -10.84 -2.86 -4.38
C ASP A 173 -12.02 -2.06 -4.87
N GLU A 174 -12.71 -2.49 -5.95
CA GLU A 174 -13.85 -1.71 -6.45
C GLU A 174 -14.88 -1.48 -5.37
N ASP A 175 -15.03 -2.41 -4.40
CA ASP A 175 -16.02 -2.22 -3.35
C ASP A 175 -15.66 -1.02 -2.50
N GLU A 176 -14.36 -0.72 -2.29
CA GLU A 176 -13.98 0.44 -1.48
C GLU A 176 -14.44 1.72 -2.12
N ARG A 177 -14.42 2.84 -1.35
CA ARG A 177 -14.93 4.11 -1.84
C ARG A 177 -13.76 4.91 -2.37
N TRP A 178 -13.87 5.56 -3.56
CA TRP A 178 -12.73 6.28 -4.12
C TRP A 178 -13.17 7.63 -4.64
N THR A 179 -12.57 8.77 -4.25
CA THR A 179 -13.07 10.07 -4.73
C THR A 179 -12.06 11.15 -4.41
N ASP A 180 -11.93 12.26 -5.19
CA ASP A 180 -10.90 13.25 -4.93
C ASP A 180 -11.52 14.56 -4.48
N GLY A 181 -12.36 15.23 -5.31
CA GLY A 181 -12.94 16.51 -4.89
C GLY A 181 -13.80 16.34 -3.67
N SER A 182 -14.61 15.25 -3.61
CA SER A 182 -15.50 15.06 -2.46
C SER A 182 -14.73 14.77 -1.19
N SER A 183 -13.50 14.18 -1.25
CA SER A 183 -12.71 13.93 -0.04
C SER A 183 -13.60 13.32 1.03
N LEU A 184 -14.12 12.10 0.79
CA LEU A 184 -15.09 11.48 1.71
C LEU A 184 -14.54 10.15 2.18
N GLY A 185 -14.28 9.18 1.27
CA GLY A 185 -13.75 7.88 1.67
C GLY A 185 -12.25 7.90 1.52
N ILE A 186 -11.69 7.21 0.49
CA ILE A 186 -10.24 7.11 0.37
C ILE A 186 -9.80 7.92 -0.82
N ASN A 187 -9.02 9.02 -0.65
CA ASN A 187 -8.56 9.75 -1.83
C ASN A 187 -7.84 8.81 -2.77
N PHE A 188 -8.15 8.87 -4.10
CA PHE A 188 -7.50 7.95 -5.04
C PHE A 188 -6.04 8.34 -5.13
N LEU A 189 -5.72 9.65 -5.17
CA LEU A 189 -4.33 10.08 -5.28
C LEU A 189 -3.51 9.63 -4.10
N TYR A 190 -3.98 9.90 -2.86
CA TYR A 190 -3.19 9.53 -1.69
C TYR A 190 -2.89 8.05 -1.76
N ALA A 191 -3.94 7.21 -1.96
CA ALA A 191 -3.72 5.77 -2.02
C ALA A 191 -2.83 5.42 -3.18
N ALA A 192 -3.00 6.05 -4.36
CA ALA A 192 -2.17 5.69 -5.51
C ALA A 192 -0.71 5.79 -5.15
N THR A 193 -0.26 6.82 -4.40
CA THR A 193 1.17 6.85 -4.05
C THR A 193 1.50 5.59 -3.29
N HIS A 194 0.60 5.16 -2.37
CA HIS A 194 0.86 3.96 -1.58
C HIS A 194 0.89 2.74 -2.48
N ALA A 195 -0.16 2.54 -3.33
CA ALA A 195 -0.22 1.33 -4.16
C ALA A 195 0.90 1.30 -5.18
N LEU A 196 1.09 2.39 -5.95
CA LEU A 196 2.18 2.42 -6.93
C LEU A 196 3.50 2.29 -6.17
N GLY A 197 3.63 2.87 -4.95
CA GLY A 197 4.86 2.70 -4.20
C GLY A 197 5.21 1.23 -4.08
N HIS A 198 4.26 0.37 -3.65
CA HIS A 198 4.54 -1.07 -3.61
C HIS A 198 5.04 -1.56 -4.94
N SER A 199 4.44 -1.12 -6.07
CA SER A 199 4.92 -1.60 -7.37
C SER A 199 6.38 -1.26 -7.62
N LEU A 200 7.03 -0.36 -6.84
CA LEU A 200 8.46 -0.09 -7.04
C LEU A 200 9.28 -0.99 -6.14
N GLY A 201 8.70 -1.99 -5.42
CA GLY A 201 9.47 -2.71 -4.43
C GLY A 201 9.69 -1.87 -3.19
N MET A 202 8.93 -0.77 -2.97
CA MET A 202 9.15 0.05 -1.77
C MET A 202 8.56 -0.66 -0.57
N GLY A 203 9.32 -0.79 0.55
CA GLY A 203 8.76 -1.38 1.76
C GLY A 203 8.22 -0.27 2.64
N HIS A 204 7.44 -0.60 3.69
CA HIS A 204 6.86 0.46 4.51
C HIS A 204 7.94 1.24 5.22
N SER A 205 7.68 2.50 5.60
CA SER A 205 8.68 3.32 6.29
C SER A 205 8.26 3.45 7.73
N SER A 206 9.14 3.94 8.63
CA SER A 206 8.83 4.01 10.05
C SER A 206 8.52 5.43 10.51
N ASP A 207 8.20 6.36 9.59
CA ASP A 207 8.11 7.77 9.98
C ASP A 207 6.67 8.06 10.33
N PRO A 208 6.30 8.92 11.31
CA PRO A 208 4.89 9.15 11.58
C PRO A 208 4.18 9.82 10.43
N ASN A 209 4.90 10.41 9.45
CA ASN A 209 4.26 11.07 8.32
C ASN A 209 4.74 10.45 7.03
N ALA A 210 4.85 9.10 6.93
CA ALA A 210 5.35 8.48 5.69
C ALA A 210 4.28 8.50 4.62
N VAL A 211 4.67 8.33 3.32
CA VAL A 211 3.68 8.24 2.26
C VAL A 211 3.15 6.82 2.18
N MET A 212 4.01 5.79 2.41
CA MET A 212 3.54 4.41 2.48
C MET A 212 3.22 4.10 3.92
N TYR A 213 2.75 5.07 4.75
CA TYR A 213 2.62 4.78 6.16
C TYR A 213 1.36 3.95 6.28
N PRO A 214 1.34 2.74 6.89
CA PRO A 214 0.09 1.98 6.96
C PRO A 214 -0.88 2.51 7.98
N THR A 215 -0.60 3.63 8.71
CA THR A 215 -1.60 4.20 9.62
C THR A 215 -2.42 5.22 8.86
N TYR A 216 -2.80 4.94 7.61
CA TYR A 216 -3.43 5.96 6.77
C TYR A 216 -4.90 5.97 7.08
N GLY A 217 -5.53 7.15 7.33
CA GLY A 217 -6.94 7.17 7.67
C GLY A 217 -7.53 8.55 7.49
N ASN A 218 -8.40 9.02 8.41
CA ASN A 218 -9.02 10.34 8.23
C ASN A 218 -7.99 11.44 8.27
N GLY A 219 -8.37 12.70 7.99
CA GLY A 219 -7.41 13.80 8.03
C GLY A 219 -6.54 13.74 6.81
N ASP A 220 -7.12 13.56 5.61
CA ASP A 220 -6.30 13.57 4.39
C ASP A 220 -5.71 14.95 4.23
N PRO A 221 -4.51 15.14 3.63
CA PRO A 221 -4.01 16.50 3.42
C PRO A 221 -4.76 17.13 2.27
N GLN A 222 -4.48 18.42 1.95
CA GLN A 222 -5.16 19.07 0.84
C GLN A 222 -4.48 18.65 -0.44
N ASN A 223 -3.24 19.13 -0.69
CA ASN A 223 -2.56 18.81 -1.96
C ASN A 223 -1.90 17.45 -1.90
N PHE A 224 -1.39 17.02 -0.72
CA PHE A 224 -0.69 15.74 -0.59
C PHE A 224 0.72 15.86 -1.15
N LYS A 225 1.71 15.13 -0.57
CA LYS A 225 3.07 15.18 -1.09
C LYS A 225 3.84 13.92 -0.70
N LEU A 226 5.05 13.70 -1.25
CA LEU A 226 5.91 12.62 -0.75
C LEU A 226 6.45 12.96 0.62
N SER A 227 7.01 11.97 1.36
CA SER A 227 7.60 12.22 2.67
C SER A 227 9.11 12.21 2.58
N GLN A 228 9.82 12.55 3.68
CA GLN A 228 11.28 12.52 3.64
C GLN A 228 11.76 11.09 3.73
N ASP A 229 11.28 10.31 4.71
CA ASP A 229 11.80 8.96 4.90
C ASP A 229 11.59 8.13 3.65
N ASP A 230 10.45 8.29 2.95
CA ASP A 230 10.28 7.59 1.69
C ASP A 230 11.27 8.09 0.65
N ILE A 231 11.46 9.42 0.51
CA ILE A 231 12.36 9.92 -0.54
C ILE A 231 13.74 9.36 -0.29
N LYS A 232 14.30 9.52 0.93
CA LYS A 232 15.64 9.00 1.18
C LYS A 232 15.61 7.49 1.07
N GLY A 233 14.50 6.82 1.45
CA GLY A 233 14.47 5.36 1.37
C GLY A 233 14.70 4.94 -0.06
N ILE A 234 13.97 5.54 -1.03
CA ILE A 234 14.15 5.13 -2.42
C ILE A 234 15.50 5.58 -2.92
N GLN A 235 15.98 6.79 -2.54
CA GLN A 235 17.27 7.24 -3.05
C GLN A 235 18.38 6.38 -2.52
N LYS A 236 18.27 5.75 -1.32
CA LYS A 236 19.41 4.99 -0.80
C LYS A 236 19.64 3.82 -1.74
N LEU A 237 18.58 3.13 -2.23
CA LEU A 237 18.79 1.93 -3.03
C LEU A 237 19.22 2.33 -4.42
N TYR A 238 18.47 3.25 -5.08
CA TYR A 238 18.87 3.68 -6.43
C TYR A 238 20.20 4.39 -6.36
N GLY A 239 20.32 5.41 -5.48
CA GLY A 239 21.54 6.20 -5.41
C GLY A 239 21.46 7.33 -6.40
N LYS A 240 22.38 8.32 -6.31
CA LYS A 240 22.41 9.43 -7.28
C LYS A 240 21.23 10.36 -7.04
N ARG A 241 19.98 9.93 -7.34
CA ARG A 241 18.80 10.77 -7.11
C ARG A 241 18.72 11.94 -8.07
N SER A 242 17.51 12.43 -8.41
CA SER A 242 17.36 13.71 -9.11
C SER A 242 16.64 14.68 -8.20
N ASN A 243 16.59 15.99 -8.52
CA ASN A 243 15.86 16.94 -7.68
C ASN A 243 14.40 16.93 -8.05
N SER A 244 13.53 17.56 -7.23
CA SER A 244 12.09 17.63 -7.52
C SER A 244 11.72 19.06 -7.85
N ARG A 245 10.43 19.37 -8.15
CA ARG A 245 9.99 20.76 -8.31
C ARG A 245 8.90 21.04 -7.29
N LYS A 246 7.66 20.54 -7.51
CA LYS A 246 6.52 21.00 -6.71
C LYS A 246 5.39 20.00 -6.88
N LYS A 247 4.39 19.95 -5.95
CA LYS A 247 3.31 18.97 -6.08
C LYS A 247 3.88 17.61 -6.37
C1 SGN B . 3.85 12.24 -17.45
C2 SGN B . 3.65 11.82 -18.92
C3 SGN B . 2.71 12.84 -19.61
C4 SGN B . 1.38 12.88 -18.82
C5 SGN B . 1.70 13.27 -17.35
C6 SGN B . 0.44 13.34 -16.44
N2 SGN B . 4.96 11.72 -19.57
O3 SGN B . 2.44 12.49 -20.98
O4 SGN B . 0.44 13.83 -19.41
O5 SGN B . 2.59 12.29 -16.77
O6 SGN B . 0.76 13.43 -15.03
S1 SGN B . 5.91 10.20 -19.59
O1S SGN B . 7.17 10.58 -18.99
O2S SGN B . 5.14 9.20 -18.87
O3S SGN B . 6.07 9.95 -21.01
S2 SGN B . 1.62 14.55 -14.53
O4S SGN B . 2.98 14.10 -14.79
O5S SGN B . 1.28 14.63 -13.13
O6S SGN B . 1.23 15.74 -15.29
H1 SGN B . 4.50 11.52 -16.93
H2 SGN B . 3.17 10.83 -18.91
H3 SGN B . 3.16 13.86 -19.59
H4 SGN B . 1.01 11.84 -18.85
H5 SGN B . 2.18 14.25 -17.33
H61 SGN B . -0.15 12.43 -16.58
H62 SGN B . -0.17 14.20 -16.71
HN21 SGN B . 5.36 12.55 -19.96
HO3 SGN B . 3.22 12.44 -21.52
C1 IDS B . -0.93 13.36 -19.55
C2 IDS B . -1.98 14.44 -19.16
C3 IDS B . -2.04 15.54 -20.26
C4 IDS B . -2.32 14.90 -21.65
C5 IDS B . -1.19 13.85 -21.90
C6 IDS B . -1.44 13.25 -23.26
O2 IDS B . -3.27 13.84 -18.96
O3 IDS B . -0.79 16.26 -20.34
O4 IDS B . -3.65 14.29 -21.68
O5 IDS B . -1.21 12.84 -20.87
O6A IDS B . -0.64 13.54 -24.20
O6B IDS B . -2.43 12.49 -23.41
S IDS B . -3.64 13.21 -17.62
O1S IDS B . -2.84 12.02 -17.46
O2S IDS B . -5.05 12.91 -17.77
O3S IDS B . -3.38 14.25 -16.65
H1 IDS B . -1.10 12.51 -18.88
H2 IDS B . -1.68 14.96 -18.25
H3 IDS B . -2.83 16.27 -20.03
H4 IDS B . -2.21 15.65 -22.44
H5 IDS B . -0.22 14.35 -21.91
HO3 IDS B . -0.55 16.70 -19.55
C1 SGN B . -4.72 15.21 -21.99
C2 SGN B . -6.01 14.99 -21.14
C3 SGN B . -6.86 13.80 -21.66
C4 SGN B . -7.13 14.02 -23.18
C5 SGN B . -5.73 14.04 -23.87
C6 SGN B . -5.87 14.19 -25.41
N2 SGN B . -5.65 14.75 -19.76
O3 SGN B . -8.02 13.73 -20.82
O4 SGN B . -8.05 13.11 -23.83
O5 SGN B . -4.99 15.21 -23.40
O6 SGN B . -4.58 14.32 -26.05
S1 SGN B . -5.79 15.98 -18.46
O1S SGN B . -4.41 16.29 -18.12
O2S SGN B . -6.41 15.28 -17.35
O3S SGN B . -6.52 17.08 -19.04
S2 SGN B . -3.82 13.08 -26.46
O4S SGN B . -4.13 12.03 -25.50
O5S SGN B . -4.31 12.80 -27.79
O6S SGN B . -2.42 13.49 -26.42
H1 SGN B . -4.41 16.24 -21.75
H2 SGN B . -6.64 15.89 -21.22
H3 SGN B . -6.29 12.86 -21.51
H4 SGN B . -7.51 15.03 -23.37
H5 SGN B . -5.16 13.13 -23.65
H61 SGN B . -6.40 15.13 -25.62
H62 SGN B . -6.46 13.37 -25.85
HN21 SGN B . -5.30 13.84 -19.55
HO3 SGN B . -8.62 13.00 -21.02
C1 IDS B . -9.44 13.23 -23.41
C2 IDS B . -10.41 12.90 -24.60
C3 IDS B . -10.65 11.38 -24.78
C4 IDS B . -10.98 10.73 -23.40
C5 IDS B . -9.79 11.04 -22.47
C6 IDS B . -9.95 10.31 -21.16
O2 IDS B . -11.66 13.59 -24.38
O3 IDS B . -9.49 10.73 -25.33
O4 IDS B . -12.18 11.25 -22.75
O5 IDS B . -9.74 12.47 -22.23
O6A IDS B . -9.04 9.51 -20.79
O6B IDS B . -10.98 10.50 -20.48
S IDS B . -12.30 14.26 -25.58
O1S IDS B . -11.43 15.39 -25.87
O2S IDS B . -12.33 13.26 -26.63
O3S IDS B . -13.62 14.65 -25.12
H1 IDS B . -9.67 14.27 -23.14
H2 IDS B . -9.90 13.31 -25.49
H3 IDS B . -11.47 11.19 -25.51
H4 IDS B . -11.03 9.65 -23.52
H5 IDS B . -8.83 10.72 -22.93
HO3 IDS B . -9.23 11.08 -26.18
C1 SGN B . -13.42 10.68 -23.22
C2 SGN B . -14.64 11.59 -22.90
C3 SGN B . -15.26 11.35 -21.50
C4 SGN B . -15.43 9.84 -21.26
C5 SGN B . -14.02 9.20 -21.39
C6 SGN B . -14.08 7.70 -21.01
N2 SGN B . -14.30 12.99 -23.10
O3 SGN B . -16.56 11.98 -21.40
O4 SGN B . -16.07 9.64 -19.97
O5 SGN B . -13.59 9.31 -22.77
O6 SGN B . -12.79 7.09 -21.08
S1 SGN B . -13.54 14.03 -21.84
O1S SGN B . -12.57 13.19 -21.16
O2S SGN B . -14.67 14.34 -20.97
O3S SGN B . -13.02 15.18 -22.54
S2 SGN B . -12.47 6.23 -22.28
O4S SGN B . -13.16 4.98 -22.01
O5S SGN B . -12.99 6.95 -23.44
O6S SGN B . -11.03 6.15 -22.22
H1 SGN B . -13.37 10.61 -24.33
H2 SGN B . -15.46 11.32 -23.60
H3 SGN B . -14.61 11.74 -20.70
H4 SGN B . -16.00 9.39 -22.10
H5 SGN B . -13.31 9.68 -20.70
H61 SGN B . -14.83 7.14 -21.59
H62 SGN B . -14.36 7.67 -19.96
HN21 SGN B . -14.48 13.39 -23.99
HO3 SGN B . -16.50 12.92 -21.50
C1 IDS B . -17.49 9.31 -20.03
C2 IDS B . -17.65 7.83 -19.58
C3 IDS B . -17.54 7.74 -18.04
C4 IDS B . -18.49 8.75 -17.32
C5 IDS B . -18.22 10.17 -17.88
C6 IDS B . -19.23 11.11 -17.26
O2 IDS B . -18.91 7.31 -20.01
O3 IDS B . -16.19 7.88 -17.61
O4 IDS B . -19.88 8.37 -17.49
O5 IDS B . -18.37 10.19 -19.31
O6A IDS B . -19.02 11.52 -16.08
O6B IDS B . -20.23 11.45 -17.94
S IDS B . -18.96 6.62 -21.36
O1S IDS B . -20.38 6.56 -21.65
O2S IDS B . -18.34 5.34 -21.12
O3S IDS B . -18.22 7.46 -22.29
H1 IDS B . -17.93 9.48 -21.03
H2 IDS B . -16.85 7.21 -20.00
H3 IDS B . -17.81 6.72 -17.73
H4 IDS B . -18.24 8.82 -16.24
H5 IDS B . -17.22 10.53 -17.61
HO3 IDS B . -15.80 8.71 -17.88
C1 SGN B . -20.34 7.37 -16.54
C2 SGN B . -21.31 6.33 -17.18
C3 SGN B . -22.77 6.86 -17.30
C4 SGN B . -23.21 7.40 -15.93
C5 SGN B . -22.22 8.56 -15.59
C6 SGN B . -22.63 9.26 -14.26
N2 SGN B . -20.84 5.95 -18.49
O3 SGN B . -23.61 5.80 -17.79
O4 SGN B . -24.59 7.83 -15.81
O5 SGN B . -20.91 8.01 -15.37
O6 SGN B . -22.69 8.29 -13.21
S1 SGN B . -21.15 4.33 -19.19
O1S SGN B . -21.85 4.61 -20.42
O2S SGN B . -19.82 3.82 -19.45
O3S SGN B . -21.90 3.60 -18.18
S2 SGN B . -22.85 8.80 -11.80
O4S SGN B . -23.80 9.90 -11.85
O5S SGN B . -23.35 7.64 -11.09
O6S SGN B . -21.51 9.19 -11.42
H1 SGN B . -19.50 6.77 -16.15
H2 SGN B . -21.33 5.44 -16.53
H3 SGN B . -22.80 7.66 -18.04
H4 SGN B . -23.01 6.64 -15.15
H5 SGN B . -22.21 9.32 -16.39
H61 SGN B . -23.61 9.73 -14.39
H62 SGN B . -21.87 10.04 -14.03
HN21 SGN B . -20.41 6.65 -19.06
HO3 SGN B . -23.66 5.05 -17.22
C1 IDS B . -25.57 6.76 -15.69
C2 IDS B . -26.86 7.30 -15.01
C3 IDS B . -27.66 8.19 -15.99
C4 IDS B . -27.87 7.45 -17.34
C5 IDS B . -26.50 6.95 -17.91
C6 IDS B . -26.75 6.18 -19.17
O2 IDS B . -27.72 6.24 -14.57
O3 IDS B . -27.06 9.48 -16.16
O4 IDS B . -28.71 6.31 -17.14
O5 IDS B . -25.89 6.09 -16.93
O6A IDS B . -27.08 6.81 -20.20
O6B IDS B . -26.61 4.93 -19.14
S IDS B . -27.32 5.32 -13.44
O1S IDS B . -28.52 5.25 -12.62
O2S IDS B . -27.00 4.07 -14.11
O3S IDS B . -26.20 5.94 -12.76
H1 IDS B . -25.19 5.97 -15.02
H2 IDS B . -26.59 7.94 -14.16
H3 IDS B . -28.65 8.38 -15.56
H4 IDS B . -28.36 8.11 -18.06
H5 IDS B . -25.83 7.79 -18.17
HO3 IDS B . -26.16 9.45 -16.48
CA CA C . 2.66 -5.14 -14.76
CA CA D . -12.06 -3.75 1.35
ZN ZN E . -5.42 -8.95 -8.44
ZN ZN F . 1.61 -0.77 1.98
N PRO A 1 0.91 1.05 28.94
CA PRO A 1 -0.16 0.39 29.67
C PRO A 1 -0.80 -0.67 28.81
N GLN A 2 -1.82 -1.39 29.35
CA GLN A 2 -2.49 -2.45 28.61
C GLN A 2 -3.98 -2.31 28.79
N GLU A 3 -4.65 -1.47 27.96
CA GLU A 3 -6.12 -1.47 27.96
C GLU A 3 -6.64 -2.74 27.32
N ALA A 4 -5.82 -3.56 26.61
CA ALA A 4 -6.38 -4.73 25.92
C ALA A 4 -6.85 -5.72 26.95
N GLY A 5 -6.04 -5.98 28.01
CA GLY A 5 -6.50 -6.89 29.05
C GLY A 5 -7.84 -6.42 29.57
N GLY A 6 -8.04 -5.09 29.72
CA GLY A 6 -9.31 -4.60 30.23
C GLY A 6 -10.49 -4.99 29.36
N MET A 7 -10.43 -4.74 28.03
CA MET A 7 -11.62 -4.99 27.19
C MET A 7 -11.92 -6.48 27.12
N SER A 8 -13.13 -6.86 26.66
CA SER A 8 -13.49 -8.27 26.62
C SER A 8 -12.49 -9.07 25.82
N GLU A 9 -12.36 -10.38 26.09
CA GLU A 9 -11.37 -11.17 25.36
C GLU A 9 -11.80 -11.27 23.92
N LEU A 10 -13.10 -11.56 23.64
CA LEU A 10 -13.56 -11.63 22.26
C LEU A 10 -13.15 -10.42 21.43
N GLN A 11 -13.16 -9.19 21.98
CA GLN A 11 -12.69 -8.04 21.20
C GLN A 11 -11.21 -8.22 20.98
N TRP A 12 -10.44 -8.51 22.04
CA TRP A 12 -9.00 -8.61 21.88
C TRP A 12 -8.62 -9.70 20.90
N GLU A 13 -9.33 -10.85 20.89
CA GLU A 13 -9.03 -11.90 19.93
C GLU A 13 -9.14 -11.34 18.53
N GLN A 14 -10.16 -10.50 18.26
CA GLN A 14 -10.34 -10.01 16.90
C GLN A 14 -9.05 -9.35 16.43
N ALA A 15 -8.36 -8.55 17.28
CA ALA A 15 -7.10 -7.96 16.86
C ALA A 15 -6.16 -9.03 16.35
N GLN A 16 -5.99 -10.16 17.09
CA GLN A 16 -5.08 -11.20 16.60
C GLN A 16 -5.55 -11.69 15.25
N ASP A 17 -6.87 -11.96 15.07
CA ASP A 17 -7.34 -12.40 13.76
C ASP A 17 -7.03 -11.34 12.71
N TYR A 18 -7.17 -10.05 13.06
CA TYR A 18 -6.90 -8.99 12.08
C TYR A 18 -5.44 -8.95 11.72
N LEU A 19 -4.49 -9.33 12.61
CA LEU A 19 -3.08 -9.23 12.25
C LEU A 19 -2.68 -10.44 11.44
N LYS A 20 -2.84 -11.67 11.97
CA LYS A 20 -2.46 -12.86 11.20
C LYS A 20 -3.03 -12.80 9.79
N ARG A 21 -4.21 -12.17 9.56
CA ARG A 21 -4.79 -12.16 8.22
C ARG A 21 -3.86 -11.52 7.21
N PHE A 22 -3.06 -10.49 7.59
CA PHE A 22 -2.22 -9.84 6.61
C PHE A 22 -1.09 -10.76 6.25
N TYR A 23 -0.73 -11.76 7.09
CA TYR A 23 0.36 -12.67 6.74
C TYR A 23 -0.23 -13.94 6.14
N LEU A 24 -1.01 -13.78 5.04
CA LEU A 24 -1.58 -14.94 4.36
C LEU A 24 -2.45 -15.78 5.30
N TYR A 25 -3.05 -15.18 6.36
CA TYR A 25 -3.91 -15.96 7.29
C TYR A 25 -3.29 -17.29 7.65
N ASP A 26 -2.23 -17.31 8.49
CA ASP A 26 -1.56 -18.56 8.83
C ASP A 26 -1.83 -18.95 10.26
N SER A 27 -2.65 -19.99 10.53
CA SER A 27 -2.88 -20.43 11.90
C SER A 27 -1.71 -21.17 12.49
N GLU A 28 -0.74 -21.65 11.67
CA GLU A 28 0.44 -22.32 12.26
C GLU A 28 1.02 -21.48 13.37
N THR A 29 1.04 -20.14 13.21
CA THR A 29 1.67 -19.26 14.22
C THR A 29 0.72 -18.87 15.33
N LYS A 30 -0.38 -19.61 15.59
CA LYS A 30 -1.32 -19.27 16.66
C LYS A 30 -0.76 -19.80 17.97
N ASN A 31 -0.22 -18.95 18.88
CA ASN A 31 0.21 -19.48 20.17
C ASN A 31 0.45 -18.36 21.16
N ALA A 32 0.34 -18.63 22.49
CA ALA A 32 0.46 -17.54 23.47
C ALA A 32 1.81 -16.89 23.41
N ASN A 33 2.91 -17.67 23.37
CA ASN A 33 4.24 -17.08 23.33
C ASN A 33 4.54 -16.56 21.94
N SER A 34 4.06 -17.28 20.89
CA SER A 34 4.32 -16.86 19.51
C SER A 34 3.69 -15.52 19.20
N LEU A 35 2.47 -15.20 19.71
CA LEU A 35 1.87 -13.91 19.38
C LEU A 35 2.89 -12.83 19.69
N GLU A 36 3.68 -12.96 20.79
CA GLU A 36 4.59 -11.88 21.13
C GLU A 36 5.55 -11.67 19.98
N ALA A 37 6.15 -12.74 19.42
CA ALA A 37 7.05 -12.56 18.29
C ALA A 37 6.30 -12.08 17.06
N LYS A 38 5.13 -12.68 16.72
CA LYS A 38 4.43 -12.24 15.52
C LYS A 38 4.05 -10.78 15.63
N LEU A 39 3.40 -10.36 16.73
CA LEU A 39 3.01 -8.97 16.80
C LEU A 39 4.29 -8.16 16.75
N LYS A 40 5.37 -8.56 17.45
CA LYS A 40 6.63 -7.80 17.39
C LYS A 40 6.99 -7.40 15.96
N GLU A 41 6.97 -8.32 14.98
CA GLU A 41 7.42 -7.97 13.62
C GLU A 41 6.49 -6.95 12.99
N MET A 42 5.16 -7.01 13.28
CA MET A 42 4.25 -5.96 12.81
C MET A 42 4.75 -4.60 13.24
N GLN A 43 5.29 -4.52 14.48
CA GLN A 43 5.56 -3.22 15.07
C GLN A 43 6.70 -2.54 14.34
N LYS A 44 7.69 -3.29 13.82
CA LYS A 44 8.73 -2.68 13.00
C LYS A 44 8.12 -2.28 11.67
N PHE A 45 7.37 -3.18 11.01
CA PHE A 45 6.77 -2.85 9.71
C PHE A 45 6.05 -1.53 9.81
N PHE A 46 5.27 -1.33 10.89
CA PHE A 46 4.58 -0.05 11.07
C PHE A 46 5.58 1.01 11.49
N GLY A 47 6.40 0.72 12.53
CA GLY A 47 7.29 1.72 13.10
C GLY A 47 6.97 1.97 14.55
N LEU A 48 5.67 1.94 14.90
CA LEU A 48 5.23 2.24 16.26
C LEU A 48 6.17 1.66 17.30
N PRO A 49 6.59 2.37 18.40
CA PRO A 49 7.57 1.80 19.31
C PRO A 49 6.97 0.94 20.42
N ILE A 50 5.66 1.04 20.76
CA ILE A 50 5.13 0.27 21.88
C ILE A 50 5.11 -1.18 21.45
N THR A 51 6.15 -2.00 21.85
CA THR A 51 6.25 -3.37 21.36
C THR A 51 5.54 -4.37 22.25
N GLY A 52 5.14 -5.53 21.69
CA GLY A 52 4.47 -6.57 22.48
C GLY A 52 3.23 -6.06 23.18
N MET A 53 2.59 -4.97 22.69
CA MET A 53 1.46 -4.37 23.38
C MET A 53 0.50 -3.81 22.35
N LEU A 54 -0.81 -3.75 22.64
CA LEU A 54 -1.73 -3.14 21.68
C LEU A 54 -2.97 -2.68 22.41
N ASN A 55 -3.64 -1.57 21.97
CA ASN A 55 -4.79 -1.03 22.71
C ASN A 55 -5.07 0.40 22.31
N SER A 56 -4.02 1.27 22.18
CA SER A 56 -4.26 2.68 21.85
C SER A 56 -4.12 2.85 20.35
N ARG A 57 -2.95 3.27 19.82
CA ARG A 57 -2.83 3.46 18.38
C ARG A 57 -2.81 2.11 17.69
N VAL A 58 -2.25 1.06 18.32
CA VAL A 58 -2.11 -0.22 17.63
C VAL A 58 -3.48 -0.82 17.35
N ILE A 59 -4.48 -0.71 18.25
CA ILE A 59 -5.79 -1.30 17.96
C ILE A 59 -6.45 -0.46 16.88
N GLU A 60 -6.33 0.88 16.97
CA GLU A 60 -6.95 1.75 15.96
C GLU A 60 -6.57 1.28 14.57
N ILE A 61 -5.26 1.28 14.27
CA ILE A 61 -4.80 0.87 12.95
C ILE A 61 -5.41 -0.44 12.48
N MET A 62 -5.69 -1.43 13.36
CA MET A 62 -6.23 -2.69 12.86
C MET A 62 -7.58 -2.41 12.26
N GLN A 63 -8.51 -1.79 13.03
CA GLN A 63 -9.82 -1.49 12.46
C GLN A 63 -9.71 -0.55 11.27
N LYS A 64 -8.82 0.48 11.29
CA LYS A 64 -8.75 1.38 10.14
C LYS A 64 -8.18 0.67 8.93
N PRO A 65 -8.58 0.98 7.67
CA PRO A 65 -7.94 0.36 6.52
C PRO A 65 -6.69 1.12 6.14
N ARG A 66 -5.95 0.69 5.08
CA ARG A 66 -4.66 1.33 4.76
C ARG A 66 -4.02 0.81 3.48
N CYS A 67 -3.86 -0.52 3.35
CA CYS A 67 -3.40 -1.13 2.09
C CYS A 67 -3.79 -2.59 2.12
N GLY A 68 -3.70 -3.32 1.00
CA GLY A 68 -4.18 -4.71 0.99
C GLY A 68 -3.11 -5.64 0.51
N VAL A 69 -1.82 -5.31 0.76
CA VAL A 69 -0.72 -6.12 0.27
C VAL A 69 -0.25 -6.89 1.48
N PRO A 70 -0.02 -8.22 1.51
CA PRO A 70 0.40 -8.84 2.75
C PRO A 70 1.81 -8.38 3.05
N ASP A 71 2.21 -8.34 4.34
CA ASP A 71 3.57 -7.91 4.67
C ASP A 71 4.55 -9.00 4.30
N VAL A 72 4.16 -10.29 4.36
CA VAL A 72 5.09 -11.39 4.05
C VAL A 72 4.76 -11.91 2.67
N ALA A 73 5.68 -12.69 2.05
CA ALA A 73 5.41 -13.25 0.72
C ALA A 73 6.36 -14.39 0.43
N GLU A 74 6.05 -15.29 -0.55
CA GLU A 74 6.93 -16.44 -0.79
C GLU A 74 6.55 -17.15 -2.07
N TYR A 75 7.33 -18.17 -2.52
CA TYR A 75 6.96 -18.92 -3.72
C TYR A 75 6.77 -17.98 -4.89
N SER A 76 7.88 -17.45 -5.45
CA SER A 76 7.78 -16.63 -6.65
C SER A 76 9.09 -16.66 -7.43
N LEU A 77 9.06 -16.35 -8.74
CA LEU A 77 10.31 -16.32 -9.51
C LEU A 77 10.98 -15.00 -9.17
N PHE A 78 11.86 -14.99 -8.13
CA PHE A 78 12.46 -13.72 -7.71
C PHE A 78 13.00 -13.00 -8.94
N PRO A 79 12.58 -11.76 -9.30
CA PRO A 79 13.07 -11.18 -10.56
C PRO A 79 14.42 -10.54 -10.37
N ASN A 80 15.00 -9.96 -11.45
CA ASN A 80 16.30 -9.31 -11.33
C ASN A 80 16.17 -8.11 -10.42
N SER A 81 16.49 -8.25 -9.11
CA SER A 81 16.49 -7.12 -8.17
C SER A 81 15.07 -6.70 -7.82
N PRO A 82 14.72 -6.27 -6.58
CA PRO A 82 13.34 -5.91 -6.32
C PRO A 82 12.97 -4.55 -6.85
N LYS A 83 13.93 -3.62 -7.10
CA LYS A 83 13.52 -2.28 -7.59
C LYS A 83 13.44 -2.32 -9.09
N TRP A 84 12.68 -1.40 -9.73
CA TRP A 84 12.58 -1.45 -11.22
C TRP A 84 13.96 -1.25 -11.80
N THR A 85 14.60 -2.31 -12.37
CA THR A 85 15.81 -2.12 -13.16
C THR A 85 15.50 -2.01 -14.62
N SER A 86 14.22 -1.91 -15.07
CA SER A 86 13.95 -1.79 -16.50
C SER A 86 14.49 -0.48 -17.00
N LYS A 87 14.86 -0.37 -18.30
CA LYS A 87 15.30 0.92 -18.82
C LYS A 87 14.16 1.89 -18.71
N VAL A 88 12.89 1.46 -18.96
CA VAL A 88 11.74 2.36 -18.78
C VAL A 88 10.59 1.61 -18.15
N VAL A 89 9.62 2.33 -17.54
CA VAL A 89 8.41 1.70 -17.02
C VAL A 89 7.23 2.33 -17.73
N THR A 90 6.11 1.60 -17.91
CA THR A 90 4.91 2.14 -18.57
C THR A 90 3.71 1.75 -17.76
N TYR A 91 2.59 2.50 -17.84
CA TYR A 91 1.42 2.23 -17.00
C TYR A 91 0.14 2.53 -17.75
N ARG A 92 -0.87 1.63 -17.74
CA ARG A 92 -2.10 1.88 -18.48
C ARG A 92 -3.27 1.52 -17.60
N ILE A 93 -4.45 2.15 -17.80
CA ILE A 93 -5.58 1.89 -16.92
C ILE A 93 -6.38 0.77 -17.56
N VAL A 94 -6.85 -0.24 -16.79
CA VAL A 94 -7.62 -1.33 -17.38
C VAL A 94 -9.05 -0.84 -17.51
N SER A 95 -9.64 -0.36 -16.39
CA SER A 95 -11.05 0.04 -16.38
C SER A 95 -11.23 1.18 -15.41
N TYR A 96 -12.47 1.65 -15.18
CA TYR A 96 -12.68 2.78 -14.27
C TYR A 96 -13.83 2.47 -13.33
N THR A 97 -13.91 3.20 -12.20
CA THR A 97 -14.97 3.00 -11.22
C THR A 97 -15.99 4.08 -11.46
N ARG A 98 -17.29 3.87 -11.14
CA ARG A 98 -18.27 4.92 -11.42
C ARG A 98 -17.98 6.12 -10.55
N ASP A 99 -17.48 5.90 -9.31
CA ASP A 99 -17.08 7.03 -8.46
C ASP A 99 -16.31 8.12 -9.18
N LEU A 100 -15.46 7.80 -10.18
CA LEU A 100 -14.61 8.81 -10.81
C LEU A 100 -14.59 8.58 -12.31
N PRO A 101 -14.58 9.57 -13.21
CA PRO A 101 -14.52 9.24 -14.63
C PRO A 101 -13.16 8.68 -14.99
N HIS A 102 -12.98 8.21 -16.23
CA HIS A 102 -11.74 7.50 -16.60
C HIS A 102 -10.63 8.54 -16.62
N ILE A 103 -10.87 9.64 -17.35
CA ILE A 103 -9.94 10.78 -17.36
C ILE A 103 -9.40 11.07 -15.97
N THR A 104 -10.23 11.05 -14.91
CA THR A 104 -9.77 11.43 -13.59
C THR A 104 -8.95 10.32 -12.95
N VAL A 105 -9.36 9.04 -13.04
CA VAL A 105 -8.50 8.00 -12.47
C VAL A 105 -7.17 8.13 -13.18
N ASP A 106 -7.17 8.13 -14.52
CA ASP A 106 -5.91 8.12 -15.27
C ASP A 106 -4.95 9.18 -14.77
N ARG A 107 -5.38 10.46 -14.71
CA ARG A 107 -4.43 11.49 -14.27
C ARG A 107 -4.04 11.29 -12.82
N LEU A 108 -4.96 10.86 -11.93
CA LEU A 108 -4.56 10.67 -10.53
C LEU A 108 -3.45 9.63 -10.43
N VAL A 109 -3.39 8.61 -11.32
CA VAL A 109 -2.28 7.65 -11.24
C VAL A 109 -1.04 8.38 -11.67
N SER A 110 -1.07 9.11 -12.81
CA SER A 110 0.11 9.85 -13.25
C SER A 110 0.53 10.84 -12.20
N LYS A 111 -0.43 11.48 -11.50
CA LYS A 111 -0.07 12.60 -10.61
C LYS A 111 0.71 12.07 -9.42
N ALA A 112 0.42 10.85 -8.91
CA ALA A 112 1.25 10.27 -7.86
C ALA A 112 2.43 9.54 -8.45
N LEU A 113 2.22 8.65 -9.44
CA LEU A 113 3.32 7.92 -10.07
C LEU A 113 4.41 8.90 -10.45
N ASN A 114 4.06 9.96 -11.20
CA ASN A 114 5.08 10.93 -11.62
C ASN A 114 5.80 11.43 -10.40
N MET A 115 5.08 11.76 -9.31
CA MET A 115 5.74 12.24 -8.11
C MET A 115 6.84 11.25 -7.73
N TRP A 116 6.53 9.94 -7.61
CA TRP A 116 7.59 8.98 -7.32
C TRP A 116 8.72 9.13 -8.32
N GLY A 117 8.42 9.06 -9.64
CA GLY A 117 9.48 9.07 -10.64
C GLY A 117 10.33 10.30 -10.55
N LYS A 118 9.73 11.46 -10.20
CA LYS A 118 10.51 12.69 -10.13
C LYS A 118 11.67 12.55 -9.18
N GLU A 119 11.53 11.80 -8.07
CA GLU A 119 12.62 11.71 -7.09
C GLU A 119 13.67 10.68 -7.43
N ILE A 120 13.91 10.34 -8.72
CA ILE A 120 14.90 9.32 -9.04
C ILE A 120 15.34 9.41 -10.48
N PRO A 121 16.49 8.82 -10.91
CA PRO A 121 16.86 8.89 -12.32
C PRO A 121 16.13 7.89 -13.18
N LEU A 122 15.06 7.21 -12.70
CA LEU A 122 14.30 6.32 -13.59
C LEU A 122 13.69 7.13 -14.70
N HIS A 123 13.23 6.43 -15.78
CA HIS A 123 12.63 7.10 -16.93
C HIS A 123 11.25 6.50 -17.06
N PHE A 124 10.15 7.30 -17.08
CA PHE A 124 8.81 6.75 -17.26
C PHE A 124 8.27 7.20 -18.61
N ARG A 125 7.30 6.47 -19.19
CA ARG A 125 6.88 6.71 -20.58
C ARG A 125 5.38 6.64 -20.67
N LYS A 126 4.74 7.47 -21.52
CA LYS A 126 3.27 7.54 -21.56
C LYS A 126 2.73 6.51 -22.51
N VAL A 127 1.52 5.99 -22.30
CA VAL A 127 1.02 4.85 -23.06
C VAL A 127 0.16 5.29 -24.22
N VAL A 128 0.56 5.01 -25.49
CA VAL A 128 -0.33 5.33 -26.65
C VAL A 128 -0.38 4.23 -27.69
N TRP A 129 0.15 2.99 -27.43
CA TRP A 129 0.08 1.95 -28.48
C TRP A 129 0.64 0.68 -27.87
N GLY A 130 -0.20 -0.33 -27.52
CA GLY A 130 0.30 -1.57 -26.93
C GLY A 130 -0.11 -1.65 -25.47
N THR A 131 0.41 -2.65 -24.73
CA THR A 131 0.03 -2.85 -23.32
C THR A 131 1.09 -2.19 -22.46
N ALA A 132 1.08 -2.40 -21.12
CA ALA A 132 2.00 -1.68 -20.24
C ALA A 132 2.40 -2.52 -19.05
N ASP A 133 3.41 -2.08 -18.27
CA ASP A 133 3.88 -2.88 -17.14
C ASP A 133 2.97 -2.72 -15.94
N ILE A 134 2.58 -1.46 -15.60
CA ILE A 134 1.82 -1.23 -14.37
C ILE A 134 0.36 -1.09 -14.77
N MET A 135 -0.33 -2.23 -15.02
CA MET A 135 -1.73 -2.13 -15.40
C MET A 135 -2.49 -1.65 -14.17
N ILE A 136 -3.44 -0.68 -14.29
CA ILE A 136 -4.13 -0.15 -13.11
C ILE A 136 -5.59 -0.49 -13.25
N GLY A 137 -6.15 -1.49 -12.52
CA GLY A 137 -7.56 -1.86 -12.72
C GLY A 137 -8.37 -1.75 -11.46
N PHE A 138 -9.71 -1.69 -11.59
CA PHE A 138 -10.59 -1.77 -10.43
C PHE A 138 -11.14 -3.17 -10.42
N ALA A 139 -11.15 -3.88 -9.27
CA ALA A 139 -11.72 -5.22 -9.28
C ALA A 139 -11.91 -5.72 -7.88
N ARG A 140 -12.63 -6.85 -7.72
CA ARG A 140 -12.81 -7.45 -6.41
C ARG A 140 -11.98 -8.72 -6.36
N GLY A 141 -11.67 -9.24 -5.16
CA GLY A 141 -10.87 -10.45 -5.07
C GLY A 141 -11.36 -11.58 -5.91
N ALA A 142 -12.69 -11.65 -6.19
CA ALA A 142 -13.21 -12.69 -7.08
C ALA A 142 -13.07 -12.33 -8.56
N HIS A 143 -12.21 -11.36 -8.94
CA HIS A 143 -11.95 -11.13 -10.37
C HIS A 143 -11.14 -12.30 -10.90
N GLY A 144 -10.26 -12.90 -10.05
CA GLY A 144 -9.52 -14.09 -10.47
C GLY A 144 -8.12 -14.09 -9.89
N ASP A 145 -7.95 -14.01 -8.55
CA ASP A 145 -6.61 -14.01 -7.97
C ASP A 145 -6.68 -14.07 -6.45
N SER A 146 -5.51 -14.08 -5.76
CA SER A 146 -5.52 -14.09 -4.29
C SER A 146 -6.04 -12.80 -3.72
N TYR A 147 -6.20 -12.72 -2.38
CA TYR A 147 -6.64 -11.49 -1.71
C TYR A 147 -8.14 -11.37 -1.88
N PRO A 148 -9.03 -11.77 -0.92
CA PRO A 148 -10.46 -11.76 -1.22
C PRO A 148 -11.03 -10.36 -1.15
N PHE A 149 -12.31 -10.18 -1.58
CA PHE A 149 -12.95 -8.87 -1.50
C PHE A 149 -13.05 -8.34 -0.10
N ASP A 150 -13.21 -9.19 0.93
CA ASP A 150 -13.32 -8.71 2.30
C ASP A 150 -14.20 -7.50 2.55
N GLY A 151 -15.15 -7.16 1.64
CA GLY A 151 -16.06 -6.05 1.92
C GLY A 151 -15.35 -4.71 2.01
N PRO A 152 -16.10 -3.63 2.33
CA PRO A 152 -15.44 -2.34 2.52
C PRO A 152 -14.69 -2.40 3.83
N GLY A 153 -13.97 -1.34 4.22
CA GLY A 153 -13.18 -1.42 5.44
C GLY A 153 -11.99 -2.31 5.22
N ASN A 154 -11.51 -3.00 6.29
CA ASN A 154 -10.20 -3.67 6.28
C ASN A 154 -9.74 -4.16 4.92
N THR A 155 -8.41 -4.05 4.64
CA THR A 155 -7.90 -4.44 3.31
C THR A 155 -8.38 -3.38 2.34
N LEU A 156 -7.48 -2.43 1.96
CA LEU A 156 -7.87 -1.32 1.09
C LEU A 156 -7.58 -1.67 -0.35
N ALA A 157 -6.32 -1.99 -0.73
CA ALA A 157 -6.04 -2.33 -2.13
C ALA A 157 -4.84 -3.25 -2.25
N HIS A 158 -4.97 -4.43 -2.89
CA HIS A 158 -3.80 -5.26 -3.11
C HIS A 158 -3.01 -4.69 -4.28
N ALA A 159 -1.69 -5.02 -4.35
CA ALA A 159 -0.84 -4.56 -5.44
C ALA A 159 0.21 -5.61 -5.63
N PHE A 160 0.90 -5.66 -6.79
CA PHE A 160 1.88 -6.73 -7.02
C PHE A 160 3.28 -6.16 -7.11
N ALA A 161 4.31 -7.00 -6.89
CA ALA A 161 5.69 -6.52 -6.88
C ALA A 161 6.22 -6.44 -8.30
N PRO A 162 7.22 -5.60 -8.65
CA PRO A 162 7.67 -5.55 -10.04
C PRO A 162 8.35 -6.84 -10.43
N GLY A 163 7.57 -7.85 -10.92
CA GLY A 163 8.15 -9.13 -11.30
C GLY A 163 7.52 -9.62 -12.58
N THR A 164 8.31 -9.97 -13.63
CA THR A 164 7.72 -10.47 -14.87
C THR A 164 6.84 -9.39 -15.51
N GLY A 165 6.39 -9.59 -16.77
CA GLY A 165 5.51 -8.60 -17.38
C GLY A 165 4.16 -8.62 -16.71
N LEU A 166 3.61 -9.82 -16.39
CA LEU A 166 2.29 -9.89 -15.78
C LEU A 166 2.36 -9.24 -14.42
N GLY A 167 3.25 -9.71 -13.52
CA GLY A 167 3.33 -9.10 -12.20
C GLY A 167 3.75 -7.65 -12.31
N GLY A 168 3.76 -6.92 -11.17
CA GLY A 168 3.97 -5.47 -11.21
C GLY A 168 2.69 -4.69 -11.41
N ASP A 169 1.50 -5.30 -11.64
CA ASP A 169 0.29 -4.49 -11.80
C ASP A 169 -0.19 -3.94 -10.48
N ALA A 170 -0.99 -2.85 -10.49
CA ALA A 170 -1.59 -2.33 -9.27
C ALA A 170 -3.08 -2.54 -9.36
N HIS A 171 -3.80 -2.81 -8.25
CA HIS A 171 -5.26 -3.00 -8.31
C HIS A 171 -5.92 -2.14 -7.26
N PHE A 172 -7.27 -1.99 -7.31
CA PHE A 172 -8.00 -1.19 -6.33
C PHE A 172 -9.24 -1.94 -5.90
N ASP A 173 -9.46 -2.21 -4.58
CA ASP A 173 -10.67 -2.92 -4.14
C ASP A 173 -11.84 -2.10 -4.62
N GLU A 174 -12.59 -2.53 -5.65
CA GLU A 174 -13.69 -1.71 -6.14
C GLU A 174 -14.70 -1.51 -5.03
N ASP A 175 -14.88 -2.51 -4.14
CA ASP A 175 -15.82 -2.34 -3.02
C ASP A 175 -15.49 -1.07 -2.24
N GLU A 176 -14.20 -0.73 -2.06
CA GLU A 176 -13.84 0.44 -1.27
C GLU A 176 -14.31 1.73 -1.90
N ARG A 177 -14.37 2.81 -1.09
CA ARG A 177 -14.77 4.11 -1.61
C ARG A 177 -13.57 4.76 -2.26
N TRP A 178 -13.76 5.46 -3.40
CA TRP A 178 -12.66 6.13 -4.08
C TRP A 178 -13.15 7.47 -4.56
N THR A 179 -12.33 8.55 -4.58
CA THR A 179 -12.79 9.83 -5.11
C THR A 179 -11.64 10.83 -5.11
N ASP A 180 -11.89 12.14 -5.32
CA ASP A 180 -10.82 13.13 -5.21
C ASP A 180 -11.39 14.50 -4.90
N GLY A 181 -12.23 15.07 -5.80
CA GLY A 181 -12.84 16.36 -5.48
C GLY A 181 -13.75 16.25 -4.28
N SER A 182 -14.48 15.12 -4.11
CA SER A 182 -15.40 15.01 -2.99
C SER A 182 -14.70 14.79 -1.67
N SER A 183 -13.48 14.19 -1.67
CA SER A 183 -12.73 14.02 -0.41
C SER A 183 -13.55 13.47 0.74
N LEU A 184 -14.41 12.46 0.45
CA LEU A 184 -15.24 11.81 1.47
C LEU A 184 -14.62 10.52 1.99
N GLY A 185 -13.83 9.76 1.18
CA GLY A 185 -13.39 8.44 1.61
C GLY A 185 -11.89 8.34 1.42
N ILE A 186 -11.40 7.55 0.45
CA ILE A 186 -9.96 7.40 0.26
C ILE A 186 -9.60 8.18 -1.00
N ASN A 187 -8.84 9.30 -0.90
CA ASN A 187 -8.49 10.02 -2.10
C ASN A 187 -7.68 9.07 -2.99
N PHE A 188 -8.02 8.89 -4.30
CA PHE A 188 -7.18 8.05 -5.15
C PHE A 188 -5.80 8.67 -5.15
N LEU A 189 -5.68 10.03 -5.09
CA LEU A 189 -4.35 10.66 -5.12
C LEU A 189 -3.46 10.05 -4.05
N TYR A 190 -3.95 10.06 -2.79
CA TYR A 190 -3.11 9.68 -1.66
C TYR A 190 -2.85 8.18 -1.70
N ALA A 191 -3.90 7.36 -1.92
CA ALA A 191 -3.69 5.93 -2.05
C ALA A 191 -2.76 5.62 -3.21
N ALA A 192 -2.95 6.29 -4.36
CA ALA A 192 -2.16 6.00 -5.55
C ALA A 192 -0.70 6.00 -5.16
N THR A 193 -0.19 7.06 -4.51
CA THR A 193 1.22 7.09 -4.13
C THR A 193 1.59 5.81 -3.40
N HIS A 194 0.75 5.34 -2.45
CA HIS A 194 1.07 4.12 -1.71
C HIS A 194 0.97 2.91 -2.63
N ALA A 195 -0.18 2.67 -3.29
CA ALA A 195 -0.33 1.52 -4.16
C ALA A 195 0.78 1.45 -5.18
N LEU A 196 1.02 2.55 -5.93
CA LEU A 196 2.06 2.57 -6.94
C LEU A 196 3.40 2.33 -6.27
N GLY A 197 3.66 2.97 -5.12
CA GLY A 197 4.94 2.75 -4.44
C GLY A 197 5.26 1.28 -4.32
N HIS A 198 4.26 0.43 -3.95
CA HIS A 198 4.53 -1.02 -3.87
C HIS A 198 4.90 -1.59 -5.21
N SER A 199 4.29 -1.09 -6.32
CA SER A 199 4.72 -1.56 -7.64
C SER A 199 6.14 -1.14 -7.98
N LEU A 200 6.81 -0.27 -7.19
CA LEU A 200 8.23 0.01 -7.41
C LEU A 200 9.04 -0.85 -6.46
N GLY A 201 8.46 -1.87 -5.78
CA GLY A 201 9.22 -2.65 -4.79
C GLY A 201 9.47 -1.87 -3.52
N MET A 202 8.83 -0.69 -3.27
CA MET A 202 9.13 0.04 -2.05
C MET A 202 8.52 -0.69 -0.86
N GLY A 203 9.06 -0.44 0.35
CA GLY A 203 8.54 -1.08 1.55
C GLY A 203 7.99 -0.02 2.46
N HIS A 204 7.22 -0.39 3.50
CA HIS A 204 6.62 0.63 4.34
C HIS A 204 7.73 1.31 5.13
N SER A 205 7.46 2.54 5.64
CA SER A 205 8.47 3.29 6.37
C SER A 205 8.06 3.39 7.83
N SER A 206 9.00 3.79 8.72
CA SER A 206 8.70 3.86 10.15
C SER A 206 8.47 5.29 10.61
N ASP A 207 8.25 6.26 9.70
CA ASP A 207 8.27 7.67 10.10
C ASP A 207 6.85 8.14 10.31
N PRO A 208 6.49 8.98 11.31
CA PRO A 208 5.08 9.31 11.50
C PRO A 208 4.48 10.07 10.34
N ASN A 209 5.30 10.71 9.47
CA ASN A 209 4.76 11.45 8.34
C ASN A 209 5.14 10.79 7.05
N ALA A 210 5.08 9.44 6.93
CA ALA A 210 5.47 8.79 5.68
C ALA A 210 4.34 8.81 4.68
N VAL A 211 4.66 8.57 3.38
CA VAL A 211 3.64 8.56 2.33
C VAL A 211 3.03 7.18 2.22
N MET A 212 3.83 6.10 2.42
CA MET A 212 3.26 4.76 2.49
C MET A 212 3.05 4.40 3.94
N TYR A 213 2.75 5.38 4.82
CA TYR A 213 2.64 5.05 6.24
C TYR A 213 1.38 4.25 6.36
N PRO A 214 1.29 3.11 7.08
CA PRO A 214 0.02 2.41 7.14
C PRO A 214 -0.94 2.98 8.15
N THR A 215 -0.66 4.14 8.80
CA THR A 215 -1.58 4.68 9.79
C THR A 215 -2.29 5.81 9.11
N TYR A 216 -3.06 5.49 8.04
CA TYR A 216 -3.75 6.53 7.29
C TYR A 216 -4.58 7.37 8.24
N GLY A 217 -4.67 8.69 8.02
CA GLY A 217 -5.44 9.55 8.91
C GLY A 217 -6.88 9.58 8.44
N ASN A 218 -7.75 10.31 9.19
CA ASN A 218 -9.15 10.40 8.78
C ASN A 218 -9.26 11.30 7.57
N GLY A 219 -8.82 12.58 7.68
CA GLY A 219 -8.97 13.49 6.55
C GLY A 219 -7.95 13.18 5.48
N ASP A 220 -8.10 13.78 4.28
CA ASP A 220 -7.13 13.59 3.19
C ASP A 220 -6.46 14.93 2.92
N PRO A 221 -5.19 15.03 2.46
CA PRO A 221 -4.59 16.35 2.26
C PRO A 221 -5.12 17.03 1.02
N GLN A 222 -4.87 18.36 0.85
CA GLN A 222 -5.27 19.03 -0.38
C GLN A 222 -4.28 18.68 -1.47
N ASN A 223 -3.03 19.20 -1.41
CA ASN A 223 -2.10 19.02 -2.51
C ASN A 223 -1.44 17.67 -2.42
N PHE A 224 -1.07 17.21 -1.20
CA PHE A 224 -0.37 15.94 -1.03
C PHE A 224 1.07 16.09 -1.49
N LYS A 225 2.05 15.47 -0.78
CA LYS A 225 3.45 15.52 -1.22
C LYS A 225 4.14 14.25 -0.76
N LEU A 226 5.38 14.00 -1.26
CA LEU A 226 6.16 12.85 -0.80
C LEU A 226 6.76 13.19 0.55
N SER A 227 7.22 12.17 1.33
CA SER A 227 7.82 12.43 2.63
C SER A 227 9.33 12.47 2.51
N GLN A 228 10.05 12.57 3.65
CA GLN A 228 11.51 12.57 3.63
C GLN A 228 11.98 11.13 3.75
N ASP A 229 11.57 10.40 4.82
CA ASP A 229 12.01 9.02 4.96
C ASP A 229 11.56 8.18 3.79
N ASP A 230 10.34 8.43 3.25
CA ASP A 230 9.91 7.66 2.09
C ASP A 230 10.93 7.80 0.98
N ILE A 231 11.43 9.03 0.73
CA ILE A 231 12.35 9.24 -0.39
C ILE A 231 13.75 8.80 -0.07
N LYS A 232 14.30 9.06 1.14
CA LYS A 232 15.67 8.60 1.38
C LYS A 232 15.75 7.11 1.09
N GLY A 233 14.67 6.34 1.35
CA GLY A 233 14.73 4.91 1.15
C GLY A 233 14.96 4.57 -0.30
N ILE A 234 14.24 5.24 -1.24
CA ILE A 234 14.47 4.95 -2.67
C ILE A 234 15.78 5.57 -3.09
N GLN A 235 16.16 6.77 -2.58
CA GLN A 235 17.37 7.43 -3.06
C GLN A 235 18.59 6.66 -2.63
N LYS A 236 18.63 6.02 -1.44
CA LYS A 236 19.84 5.30 -1.03
C LYS A 236 20.08 4.13 -1.93
N LEU A 237 19.04 3.47 -2.49
CA LEU A 237 19.28 2.32 -3.36
C LEU A 237 19.65 2.83 -4.75
N TYR A 238 18.87 3.79 -5.33
CA TYR A 238 19.29 4.36 -6.61
C TYR A 238 20.53 5.22 -6.49
N GLY A 239 20.91 5.70 -5.30
CA GLY A 239 22.10 6.55 -5.18
C GLY A 239 21.91 7.86 -5.91
N LYS A 240 20.78 8.57 -5.73
CA LYS A 240 20.53 9.83 -6.44
C LYS A 240 19.16 10.36 -6.06
N ARG A 241 18.94 11.70 -5.91
CA ARG A 241 17.64 12.24 -5.50
C ARG A 241 17.26 13.38 -6.41
N SER A 242 16.11 14.07 -6.18
CA SER A 242 15.75 15.25 -6.98
C SER A 242 14.91 16.18 -6.13
N ASN A 243 14.24 17.20 -6.72
CA ASN A 243 13.30 18.05 -5.96
C ASN A 243 11.88 17.69 -6.34
N SER A 244 10.88 18.24 -5.60
CA SER A 244 9.47 18.00 -5.91
C SER A 244 8.88 19.29 -6.44
N ARG A 245 7.56 19.37 -6.70
CA ARG A 245 6.97 20.62 -7.20
C ARG A 245 5.51 20.75 -6.85
N LYS A 246 4.88 21.90 -7.16
CA LYS A 246 3.43 22.08 -6.98
C LYS A 246 2.66 20.99 -7.68
N LYS A 247 1.30 20.95 -7.58
CA LYS A 247 0.51 19.89 -8.22
C LYS A 247 0.85 18.57 -7.55
C1 SGN B . 3.87 12.54 -17.50
C2 SGN B . 2.93 11.37 -17.83
C3 SGN B . 1.99 11.71 -19.01
C4 SGN B . 1.30 13.09 -18.84
C5 SGN B . 2.40 14.13 -18.47
C6 SGN B . 1.82 15.53 -18.17
N2 SGN B . 3.62 10.12 -18.13
O3 SGN B . 1.07 10.60 -19.15
O4 SGN B . 0.63 13.53 -20.05
O5 SGN B . 3.10 13.72 -17.28
O6 SGN B . 2.69 16.36 -17.39
S1 SGN B . 5.36 10.04 -18.56
O1S SGN B . 5.45 10.91 -19.72
O2S SGN B . 6.05 10.62 -17.42
O3S SGN B . 5.61 8.63 -18.79
S2 SGN B . 4.07 16.68 -17.91
O4S SGN B . 4.89 15.56 -17.49
O5S SGN B . 4.39 17.92 -17.23
O6S SGN B . 3.95 16.81 -19.35
H1 SGN B . 4.43 12.33 -16.57
H2 SGN B . 2.29 11.23 -16.94
H3 SGN B . 2.61 11.75 -19.92
H4 SGN B . 0.62 13.02 -17.96
H5 SGN B . 3.13 14.23 -19.29
H61 SGN B . 0.91 15.43 -17.55
H62 SGN B . 1.54 16.03 -19.12
HN21 SGN B . 3.08 9.28 -18.18
HO3 SGN B . 0.51 10.49 -18.37
C1 IDS B . -0.69 12.96 -20.23
C2 IDS B . -1.79 13.77 -19.47
C3 IDS B . -2.14 15.08 -20.24
C4 IDS B . -2.40 14.84 -21.76
C5 IDS B . -1.24 14.00 -22.33
C6 IDS B . -1.57 13.66 -23.77
O2 IDS B . -2.96 12.95 -19.28
O3 IDS B . -1.05 16.02 -20.16
O4 IDS B . -3.70 14.21 -21.99
O5 IDS B . -1.07 12.78 -21.61
O6A IDS B . -2.29 12.65 -23.99
O6B IDS B . -1.10 14.40 -24.67
S IDS B . -3.04 12.07 -18.04
O1S IDS B . -4.23 11.28 -18.27
O2S IDS B . -3.15 13.02 -16.94
O3S IDS B . -1.82 11.27 -17.97
H1 IDS B . -0.70 11.92 -19.90
H2 IDS B . -1.42 14.09 -18.47
H3 IDS B . -3.03 15.54 -19.78
H4 IDS B . -2.36 15.80 -22.30
H5 IDS B . -0.30 14.56 -22.31
HO3 IDS B . -0.89 16.32 -19.27
C1 SGN B . -4.81 15.15 -21.95
C2 SGN B . -5.92 14.67 -20.99
C3 SGN B . -6.87 13.61 -21.62
C4 SGN B . -7.39 14.20 -22.96
C5 SGN B . -6.13 14.41 -23.87
C6 SGN B . -6.54 14.87 -25.31
N2 SGN B . -5.33 14.07 -19.81
O3 SGN B . -7.88 13.35 -20.64
O4 SGN B . -8.44 13.41 -23.59
O5 SGN B . -5.33 15.45 -23.27
O6 SGN B . -6.07 16.19 -25.62
S1 SGN B . -5.99 14.33 -18.17
O1S SGN B . -6.23 12.97 -17.74
O2S SGN B . -7.15 15.18 -18.33
O3S SGN B . -4.88 14.93 -17.45
S2 SGN B . -4.65 16.38 -26.12
O4S SGN B . -4.70 15.93 -27.49
O5S SGN B . -4.45 17.81 -25.98
O6S SGN B . -3.80 15.57 -25.26
H1 SGN B . -4.50 16.14 -21.57
H2 SGN B . -6.55 15.53 -20.71
H3 SGN B . -6.28 12.69 -21.80
H4 SGN B . -7.77 15.22 -22.80
H5 SGN B . -5.53 13.48 -23.96
H61 SGN B . -7.63 14.93 -25.40
H62 SGN B . -6.19 14.15 -26.07
HN21 SGN B . -4.57 13.43 -19.95
HO3 SGN B . -8.42 12.59 -20.86
C1 IDS B . -9.72 13.48 -22.91
C2 IDS B . -10.89 13.60 -23.93
C3 IDS B . -11.26 12.22 -24.54
C4 IDS B . -11.41 11.14 -23.42
C5 IDS B . -10.10 11.14 -22.60
C6 IDS B . -10.12 10.08 -21.53
O2 IDS B . -12.08 14.17 -23.34
O3 IDS B . -10.23 11.85 -25.46
O4 IDS B . -12.55 11.45 -22.55
O5 IDS B . -9.93 12.41 -21.97
O6A IDS B . -10.96 9.14 -21.59
O6B IDS B . -9.25 10.18 -20.61
S IDS B . -12.15 15.67 -23.09
O1S IDS B . -12.64 15.76 -21.73
O2S IDS B . -10.83 16.24 -23.29
O3S IDS B . -13.11 16.12 -24.09
H1 IDS B . -9.79 14.37 -22.27
H2 IDS B . -10.60 14.25 -24.77
H3 IDS B . -12.21 12.34 -25.09
H4 IDS B . -11.51 10.14 -23.88
H5 IDS B . -9.24 10.92 -23.24
HO3 IDS B . -10.41 11.04 -25.93
C1 SGN B . -13.78 10.82 -22.98
C2 SGN B . -15.04 11.66 -22.60
C3 SGN B . -15.50 11.42 -21.13
C4 SGN B . -15.59 9.89 -20.89
C5 SGN B . -14.17 9.32 -21.12
C6 SGN B . -14.14 7.81 -20.73
N2 SGN B . -14.80 13.08 -22.80
O3 SGN B . -16.77 12.06 -20.93
O4 SGN B . -16.14 9.64 -19.56
O5 SGN B . -13.86 9.46 -22.53
O6 SGN B . -12.83 7.26 -20.90
S1 SGN B . -16.14 14.24 -23.09
O1S SGN B . -17.26 13.45 -23.58
O2S SGN B . -15.58 15.22 -24.01
O3S SGN B . -16.36 14.79 -21.78
S2 SGN B . -12.58 6.35 -22.09
O4S SGN B . -13.34 5.14 -21.76
O5S SGN B . -13.08 7.06 -23.23
O6S SGN B . -11.14 6.16 -22.06
H1 SGN B . -13.80 10.79 -24.09
H2 SGN B . -15.87 11.33 -23.24
H3 SGN B . -14.75 11.87 -20.45
H4 SGN B . -16.20 9.42 -21.68
H5 SGN B . -13.41 9.84 -20.51
H61 SGN B . -14.91 7.25 -21.28
H62 SGN B . -14.35 7.76 -19.66
HN21 SGN B . -13.86 13.42 -22.70
HO3 SGN B . -17.07 11.97 -20.03
C1 IDS B . -17.55 9.26 -19.54
C2 IDS B . -17.70 7.75 -19.26
C3 IDS B . -17.42 7.40 -17.77
C4 IDS B . -18.17 8.35 -16.79
C5 IDS B . -17.98 9.82 -17.24
C6 IDS B . -18.82 10.71 -16.38
O2 IDS B . -19.03 7.29 -19.58
O3 IDS B . -16.00 7.44 -17.54
O4 IDS B . -19.58 8.01 -16.74
O5 IDS B . -18.35 10.01 -18.61
O6A IDS B . -18.54 10.79 -15.16
O6B IDS B . -19.78 11.34 -16.90
S IDS B . -19.25 6.72 -20.96
O1S IDS B . -18.59 5.43 -20.93
O2S IDS B . -18.65 7.66 -21.90
O3S IDS B . -20.69 6.65 -21.07
H1 IDS B . -18.07 9.53 -20.48
H2 IDS B . -16.96 7.18 -19.85
H3 IDS B . -17.76 6.36 -17.63
H4 IDS B . -17.74 8.29 -15.78
H5 IDS B . -16.93 10.12 -17.16
HO3 IDS B . -15.77 7.07 -16.70
C1 SGN B . -19.89 6.96 -15.77
C2 SGN B . -20.96 5.98 -16.34
C3 SGN B . -22.41 6.50 -16.15
C4 SGN B . -22.61 6.97 -14.68
C5 SGN B . -21.56 8.10 -14.43
C6 SGN B . -21.74 8.71 -13.02
N2 SGN B . -20.72 5.78 -17.76
O3 SGN B . -23.38 5.51 -16.53
O4 SGN B . -23.98 7.41 -14.53
O5 SGN B . -20.24 7.51 -14.48
O6 SGN B . -21.55 7.68 -12.03
S1 SGN B . -21.15 4.24 -18.58
O1S SGN B . -22.02 4.67 -19.65
O2S SGN B . -19.86 3.80 -19.11
O3S SGN B . -21.74 3.38 -17.57
S2 SGN B . -21.64 8.11 -10.58
O4S SGN B . -22.94 8.74 -10.43
O5S SGN B . -21.52 6.86 -9.85
O6S SGN B . -20.51 9.01 -10.39
H1 SGN B . -19.00 6.32 -15.59
H2 SGN B . -20.87 5.03 -15.79
H3 SGN B . -22.57 7.35 -16.82
H4 SGN B . -22.33 6.17 -13.97
H5 SGN B . -21.67 8.92 -15.17
H61 SGN B . -22.73 9.16 -12.94
H62 SGN B . -20.98 9.50 -12.88
HN21 SGN B . -20.39 6.54 -18.30
HO3 SGN B . -23.29 4.70 -16.03
C1 IDS B . -24.85 6.42 -13.92
C2 IDS B . -25.05 6.77 -12.43
C3 IDS B . -26.00 8.01 -12.32
C4 IDS B . -27.33 7.69 -13.08
C5 IDS B . -26.98 7.37 -14.56
C6 IDS B . -28.25 7.03 -15.29
O2 IDS B . -25.60 5.61 -11.74
O3 IDS B . -25.35 9.15 -12.88
O4 IDS B . -27.98 6.56 -12.49
O5 IDS B . -26.10 6.23 -14.62
O6A IDS B . -28.44 5.83 -15.66
O6B IDS B . -29.09 7.96 -15.51
S IDS B . -25.22 5.41 -10.29
O1S IDS B . -25.52 6.66 -9.60
O2S IDS B . -26.07 4.31 -9.88
O3S IDS B . -23.81 5.08 -10.32
H1 IDS B . -24.45 5.39 -13.97
H2 IDS B . -24.07 7.02 -12.01
H3 IDS B . -26.25 8.22 -11.26
H4 IDS B . -28.01 8.56 -13.03
H5 IDS B . -26.50 8.24 -15.06
HO3 IDS B . -25.89 9.93 -12.84
CA CA C . 2.37 -6.08 -15.03
CA CA D . -11.97 -3.52 1.70
ZN ZN E . -6.38 -9.05 -7.92
ZN ZN F . 1.11 -0.92 1.84
N PRO A 1 -1.09 1.25 32.17
CA PRO A 1 -1.69 -0.05 31.88
C PRO A 1 -2.38 -0.02 30.55
N GLN A 2 -3.00 -1.14 30.14
CA GLN A 2 -3.72 -1.23 28.86
C GLN A 2 -5.18 -1.47 29.12
N GLU A 3 -6.08 -0.94 28.25
CA GLU A 3 -7.51 -1.27 28.38
C GLU A 3 -7.73 -2.67 27.84
N ALA A 4 -7.03 -3.03 26.74
CA ALA A 4 -7.21 -4.33 26.11
C ALA A 4 -7.38 -5.48 27.08
N GLY A 5 -6.53 -5.57 28.12
CA GLY A 5 -6.65 -6.69 29.06
C GLY A 5 -8.09 -6.86 29.48
N GLY A 6 -8.77 -5.76 29.90
CA GLY A 6 -10.17 -5.85 30.30
C GLY A 6 -11.14 -5.81 29.14
N MET A 7 -10.75 -5.27 27.96
CA MET A 7 -11.71 -5.14 26.85
C MET A 7 -12.18 -6.52 26.43
N SER A 8 -13.36 -6.64 25.78
CA SER A 8 -13.90 -7.97 25.44
C SER A 8 -12.88 -8.84 24.76
N GLU A 9 -13.03 -10.19 24.88
CA GLU A 9 -12.05 -11.08 24.25
C GLU A 9 -12.18 -10.98 22.75
N LEU A 10 -13.41 -10.85 22.19
CA LEU A 10 -13.53 -10.75 20.73
C LEU A 10 -12.66 -9.64 20.20
N GLN A 11 -12.64 -8.44 20.83
CA GLN A 11 -11.82 -7.35 20.29
C GLN A 11 -10.38 -7.77 20.28
N TRP A 12 -9.87 -8.33 21.39
CA TRP A 12 -8.48 -8.77 21.44
C TRP A 12 -8.21 -9.83 20.38
N GLU A 13 -9.06 -10.88 20.35
CA GLU A 13 -8.85 -11.98 19.41
C GLU A 13 -8.95 -11.44 18.00
N GLN A 14 -9.84 -10.45 17.74
CA GLN A 14 -9.99 -9.94 16.38
C GLN A 14 -8.70 -9.28 15.97
N ALA A 15 -8.08 -8.49 16.89
CA ALA A 15 -6.79 -7.88 16.56
C ALA A 15 -5.81 -8.95 16.15
N GLN A 16 -5.75 -10.08 16.91
CA GLN A 16 -4.80 -11.13 16.57
C GLN A 16 -5.16 -11.72 15.21
N ASP A 17 -6.45 -12.04 14.98
CA ASP A 17 -6.84 -12.70 13.73
C ASP A 17 -6.65 -11.75 12.56
N TYR A 18 -6.75 -10.42 12.79
CA TYR A 18 -6.50 -9.46 11.71
C TYR A 18 -5.02 -9.40 11.41
N LEU A 19 -4.15 -9.29 12.44
CA LEU A 19 -2.73 -9.14 12.14
C LEU A 19 -2.27 -10.27 11.24
N LYS A 20 -2.56 -11.53 11.64
CA LYS A 20 -2.08 -12.66 10.84
C LYS A 20 -2.56 -12.60 9.39
N ARG A 21 -3.79 -12.12 9.05
CA ARG A 21 -4.17 -12.10 7.63
C ARG A 21 -3.33 -11.15 6.83
N PHE A 22 -2.79 -10.03 7.41
CA PHE A 22 -1.94 -9.16 6.61
C PHE A 22 -0.83 -10.00 6.01
N TYR A 23 -0.34 -11.05 6.70
CA TYR A 23 0.75 -11.86 6.17
C TYR A 23 0.23 -13.22 5.72
N LEU A 24 -0.76 -13.22 4.80
CA LEU A 24 -1.32 -14.48 4.29
C LEU A 24 -2.05 -15.25 5.38
N TYR A 25 -1.39 -16.07 6.23
CA TYR A 25 -2.11 -16.87 7.22
C TYR A 25 -1.07 -17.54 8.13
N ASP A 26 -0.60 -16.81 9.16
CA ASP A 26 0.47 -17.30 10.03
C ASP A 26 -0.09 -18.11 11.19
N SER A 27 -0.59 -19.34 10.93
CA SER A 27 -1.15 -20.13 12.03
C SER A 27 -0.11 -20.50 13.06
N GLU A 28 1.15 -20.80 12.67
CA GLU A 28 2.16 -21.18 13.66
C GLU A 28 2.30 -20.19 14.80
N THR A 29 1.96 -18.88 14.63
CA THR A 29 2.06 -17.93 15.75
C THR A 29 0.72 -17.78 16.43
N LYS A 30 -0.03 -18.89 16.62
CA LYS A 30 -1.28 -18.85 17.38
C LYS A 30 -0.94 -19.41 18.75
N ASN A 31 -0.46 -18.56 19.70
CA ASN A 31 -0.17 -19.07 21.04
C ASN A 31 -0.15 -17.93 22.05
N ALA A 32 -0.29 -18.25 23.35
CA ALA A 32 -0.38 -17.21 24.38
C ALA A 32 0.97 -16.55 24.57
N ASN A 33 2.08 -17.32 24.61
CA ASN A 33 3.39 -16.72 24.84
C ASN A 33 3.95 -16.17 23.55
N SER A 34 3.71 -16.84 22.39
CA SER A 34 4.24 -16.36 21.12
C SER A 34 3.71 -15.00 20.77
N LEU A 35 2.39 -14.72 20.97
CA LEU A 35 1.84 -13.43 20.56
C LEU A 35 2.68 -12.30 21.11
N GLU A 36 3.29 -12.44 22.31
CA GLU A 36 4.06 -11.33 22.86
C GLU A 36 5.21 -11.03 21.92
N ALA A 37 5.96 -12.08 21.51
CA ALA A 37 7.05 -11.87 20.56
C ALA A 37 6.50 -11.50 19.18
N LYS A 38 5.35 -12.08 18.75
CA LYS A 38 4.89 -11.83 17.38
C LYS A 38 4.54 -10.35 17.29
N LEU A 39 3.65 -9.87 18.19
CA LEU A 39 3.31 -8.44 18.23
C LEU A 39 4.59 -7.65 18.15
N LYS A 40 5.65 -8.00 18.92
CA LYS A 40 6.87 -7.19 18.91
C LYS A 40 7.33 -6.95 17.48
N GLU A 41 7.32 -7.97 16.60
CA GLU A 41 7.76 -7.76 15.22
C GLU A 41 6.83 -6.79 14.52
N MET A 42 5.50 -6.92 14.73
CA MET A 42 4.55 -6.05 14.02
C MET A 42 4.92 -4.61 14.28
N GLN A 43 5.27 -4.29 15.54
CA GLN A 43 5.47 -2.90 15.93
C GLN A 43 6.54 -2.26 15.07
N LYS A 44 7.57 -3.01 14.63
CA LYS A 44 8.54 -2.44 13.69
C LYS A 44 7.87 -2.25 12.34
N PHE A 45 7.10 -3.24 11.83
CA PHE A 45 6.46 -3.06 10.53
C PHE A 45 5.69 -1.75 10.49
N PHE A 46 4.86 -1.46 11.51
CA PHE A 46 4.12 -0.20 11.51
C PHE A 46 5.04 0.95 11.89
N GLY A 47 5.93 0.75 12.90
CA GLY A 47 6.84 1.82 13.32
C GLY A 47 6.49 2.30 14.71
N LEU A 48 5.18 2.32 15.07
CA LEU A 48 4.77 2.77 16.41
C LEU A 48 5.74 2.35 17.50
N PRO A 49 6.12 3.19 18.51
CA PRO A 49 7.13 2.78 19.48
C PRO A 49 6.60 1.97 20.65
N ILE A 50 5.31 2.09 21.04
CA ILE A 50 4.83 1.39 22.23
C ILE A 50 4.91 -0.10 21.99
N THR A 51 5.89 -0.83 22.60
CA THR A 51 6.08 -2.26 22.29
C THR A 51 5.36 -3.21 23.22
N GLY A 52 4.95 -4.39 22.68
CA GLY A 52 4.25 -5.37 23.51
C GLY A 52 2.91 -4.88 24.02
N MET A 53 2.32 -3.81 23.42
CA MET A 53 1.03 -3.30 23.92
C MET A 53 0.16 -2.94 22.75
N LEU A 54 -1.19 -3.12 22.84
CA LEU A 54 -2.06 -2.67 21.76
C LEU A 54 -3.44 -2.33 22.30
N ASN A 55 -4.02 -1.16 21.94
CA ASN A 55 -5.35 -0.81 22.46
C ASN A 55 -5.84 0.51 21.90
N SER A 56 -5.02 1.60 21.97
CA SER A 56 -5.47 2.90 21.49
C SER A 56 -5.11 3.04 20.01
N ARG A 57 -3.96 3.64 19.63
CA ARG A 57 -3.65 3.77 18.21
C ARG A 57 -3.46 2.41 17.61
N VAL A 58 -2.76 1.50 18.32
CA VAL A 58 -2.39 0.25 17.68
C VAL A 58 -3.64 -0.48 17.23
N ILE A 59 -4.67 -0.65 18.10
CA ILE A 59 -5.85 -1.42 17.68
C ILE A 59 -6.52 -0.69 16.54
N GLU A 60 -6.52 0.67 16.54
CA GLU A 60 -7.15 1.39 15.43
C GLU A 60 -6.58 0.92 14.11
N ILE A 61 -5.27 0.60 14.04
CA ILE A 61 -4.68 0.23 12.75
C ILE A 61 -5.31 -1.05 12.22
N MET A 62 -5.78 -1.97 13.09
CA MET A 62 -6.26 -3.26 12.62
C MET A 62 -7.57 -2.97 11.91
N GLN A 63 -8.54 -2.37 12.64
CA GLN A 63 -9.85 -2.08 12.03
C GLN A 63 -9.73 -1.10 10.89
N LYS A 64 -8.81 -0.10 10.99
CA LYS A 64 -8.78 0.96 9.99
C LYS A 64 -8.07 0.47 8.76
N PRO A 65 -8.64 0.45 7.52
CA PRO A 65 -7.90 -0.10 6.38
C PRO A 65 -6.78 0.82 5.96
N ARG A 66 -5.92 0.36 5.01
CA ARG A 66 -4.67 1.07 4.72
C ARG A 66 -3.97 0.56 3.46
N CYS A 67 -3.86 -0.76 3.28
CA CYS A 67 -3.25 -1.33 2.07
C CYS A 67 -3.69 -2.77 2.01
N GLY A 68 -3.57 -3.47 0.86
CA GLY A 68 -4.04 -4.86 0.79
C GLY A 68 -2.97 -5.72 0.17
N VAL A 69 -1.68 -5.38 0.42
CA VAL A 69 -0.58 -6.09 -0.23
C VAL A 69 0.02 -6.94 0.87
N PRO A 70 0.33 -8.25 0.74
CA PRO A 70 0.93 -8.94 1.87
C PRO A 70 2.32 -8.40 2.05
N ASP A 71 2.92 -8.61 3.25
CA ASP A 71 4.24 -8.05 3.54
C ASP A 71 5.18 -9.19 3.85
N VAL A 72 5.07 -10.29 3.06
CA VAL A 72 5.93 -11.46 3.27
C VAL A 72 6.16 -12.12 1.93
N ALA A 73 7.24 -12.91 1.78
CA ALA A 73 7.49 -13.58 0.50
C ALA A 73 8.40 -14.76 0.74
N GLU A 74 8.40 -15.76 -0.15
CA GLU A 74 9.17 -16.98 0.12
C GLU A 74 9.19 -17.83 -1.13
N TYR A 75 10.12 -18.82 -1.24
CA TYR A 75 10.14 -19.68 -2.42
C TYR A 75 10.42 -18.88 -3.68
N SER A 76 10.59 -19.55 -4.84
CA SER A 76 10.81 -18.87 -6.11
C SER A 76 12.10 -18.08 -6.12
N LEU A 77 12.51 -17.52 -7.29
CA LEU A 77 13.74 -16.74 -7.38
C LEU A 77 13.34 -15.32 -7.76
N PHE A 78 13.12 -14.44 -6.75
CA PHE A 78 12.76 -13.04 -7.02
C PHE A 78 13.52 -12.47 -8.20
N PRO A 79 12.96 -11.60 -9.07
CA PRO A 79 13.65 -11.22 -10.30
C PRO A 79 14.79 -10.26 -10.07
N ASN A 80 15.48 -9.86 -11.16
CA ASN A 80 16.57 -8.89 -11.07
C ASN A 80 16.25 -7.70 -10.19
N SER A 81 16.55 -7.80 -8.87
CA SER A 81 16.37 -6.69 -7.92
C SER A 81 14.91 -6.55 -7.54
N PRO A 82 14.50 -6.19 -6.29
CA PRO A 82 13.09 -6.06 -6.01
C PRO A 82 12.48 -4.83 -6.64
N LYS A 83 13.23 -3.72 -6.89
CA LYS A 83 12.62 -2.51 -7.45
C LYS A 83 12.78 -2.51 -8.96
N TRP A 84 12.06 -1.65 -9.71
CA TRP A 84 12.15 -1.70 -11.17
C TRP A 84 13.58 -1.54 -11.62
N THR A 85 14.10 -2.44 -12.50
CA THR A 85 15.41 -2.21 -13.11
C THR A 85 15.27 -1.74 -14.55
N SER A 86 14.07 -1.65 -15.15
CA SER A 86 13.97 -1.28 -16.56
C SER A 86 14.47 0.13 -16.76
N LYS A 87 14.97 0.50 -17.96
CA LYS A 87 15.38 1.88 -18.18
C LYS A 87 14.15 2.76 -18.04
N VAL A 88 12.99 2.34 -18.64
CA VAL A 88 11.75 3.12 -18.51
C VAL A 88 10.65 2.25 -17.99
N VAL A 89 9.63 2.85 -17.31
CA VAL A 89 8.48 2.09 -16.81
C VAL A 89 7.25 2.75 -17.36
N THR A 90 6.18 1.99 -17.71
CA THR A 90 5.00 2.59 -18.37
C THR A 90 3.74 2.07 -17.72
N TYR A 91 2.55 2.67 -17.97
CA TYR A 91 1.36 2.29 -17.19
C TYR A 91 0.07 2.58 -17.93
N ARG A 92 -0.99 1.74 -17.79
CA ARG A 92 -2.25 1.94 -18.53
C ARG A 92 -3.42 1.64 -17.63
N ILE A 93 -4.57 2.36 -17.77
CA ILE A 93 -5.72 2.08 -16.91
C ILE A 93 -6.53 1.00 -17.58
N VAL A 94 -6.98 -0.05 -16.85
CA VAL A 94 -7.80 -1.10 -17.48
C VAL A 94 -9.21 -0.58 -17.61
N SER A 95 -9.79 -0.11 -16.47
CA SER A 95 -11.17 0.34 -16.46
C SER A 95 -11.29 1.47 -15.48
N TYR A 96 -12.49 2.07 -15.30
CA TYR A 96 -12.64 3.20 -14.38
C TYR A 96 -13.86 2.99 -13.51
N THR A 97 -13.84 3.47 -12.24
CA THR A 97 -14.99 3.27 -11.36
C THR A 97 -16.01 4.33 -11.67
N ARG A 98 -17.32 4.02 -11.56
CA ARG A 98 -18.34 5.05 -11.76
C ARG A 98 -18.17 6.19 -10.76
N ASP A 99 -17.52 5.93 -9.60
CA ASP A 99 -17.31 7.00 -8.62
C ASP A 99 -16.62 8.21 -9.24
N LEU A 100 -15.76 8.01 -10.27
CA LEU A 100 -14.95 9.10 -10.81
C LEU A 100 -14.85 8.91 -12.31
N PRO A 101 -14.79 9.94 -13.20
CA PRO A 101 -14.72 9.65 -14.61
C PRO A 101 -13.34 9.14 -14.99
N HIS A 102 -13.18 8.69 -16.26
CA HIS A 102 -11.93 8.02 -16.66
C HIS A 102 -10.82 9.05 -16.65
N ILE A 103 -11.04 10.22 -17.30
CA ILE A 103 -10.08 11.32 -17.23
C ILE A 103 -9.51 11.49 -15.85
N THR A 104 -10.37 11.42 -14.80
CA THR A 104 -9.90 11.72 -13.46
C THR A 104 -9.12 10.53 -12.95
N VAL A 105 -9.65 9.29 -13.03
CA VAL A 105 -8.86 8.16 -12.55
C VAL A 105 -7.49 8.25 -13.19
N ASP A 106 -7.43 8.31 -14.54
CA ASP A 106 -6.15 8.35 -15.23
C ASP A 106 -5.23 9.41 -14.67
N ARG A 107 -5.69 10.67 -14.53
CA ARG A 107 -4.74 11.69 -14.08
C ARG A 107 -4.28 11.42 -12.68
N LEU A 108 -5.11 10.91 -11.73
CA LEU A 108 -4.58 10.67 -10.40
C LEU A 108 -3.47 9.63 -10.47
N VAL A 109 -3.62 8.56 -11.29
CA VAL A 109 -2.57 7.54 -11.32
C VAL A 109 -1.31 8.24 -11.78
N SER A 110 -1.39 9.09 -12.83
CA SER A 110 -0.21 9.78 -13.33
C SER A 110 0.30 10.77 -12.30
N LYS A 111 -0.62 11.47 -11.60
CA LYS A 111 -0.22 12.53 -10.68
C LYS A 111 0.56 11.94 -9.53
N ALA A 112 0.29 10.66 -9.13
CA ALA A 112 1.12 10.01 -8.11
C ALA A 112 2.34 9.37 -8.74
N LEU A 113 2.12 8.55 -9.78
CA LEU A 113 3.20 7.79 -10.41
C LEU A 113 4.29 8.72 -10.88
N ASN A 114 3.93 9.84 -11.54
CA ASN A 114 4.95 10.79 -11.99
C ASN A 114 5.68 11.27 -10.75
N MET A 115 4.93 11.65 -9.69
CA MET A 115 5.56 12.16 -8.47
C MET A 115 6.56 11.13 -7.99
N TRP A 116 6.23 9.82 -8.07
CA TRP A 116 7.23 8.80 -7.75
C TRP A 116 8.41 8.98 -8.66
N GLY A 117 8.23 8.85 -10.00
CA GLY A 117 9.36 8.93 -10.91
C GLY A 117 10.23 10.16 -10.69
N LYS A 118 9.64 11.29 -10.25
CA LYS A 118 10.43 12.50 -10.08
C LYS A 118 11.47 12.35 -9.01
N GLU A 119 11.26 11.51 -7.96
CA GLU A 119 12.27 11.38 -6.90
C GLU A 119 13.41 10.44 -7.23
N ILE A 120 13.49 9.87 -8.46
CA ILE A 120 14.46 8.80 -8.75
C ILE A 120 15.00 8.98 -10.15
N PRO A 121 16.21 8.48 -10.53
CA PRO A 121 16.67 8.67 -11.90
C PRO A 121 15.84 7.91 -12.90
N LEU A 122 15.04 6.89 -12.49
CA LEU A 122 14.22 6.18 -13.48
C LEU A 122 13.41 7.15 -14.31
N HIS A 123 13.01 6.68 -15.52
CA HIS A 123 12.29 7.51 -16.48
C HIS A 123 10.89 6.94 -16.63
N PHE A 124 9.92 7.69 -17.17
CA PHE A 124 8.58 7.13 -17.38
C PHE A 124 8.07 7.53 -18.76
N ARG A 125 7.14 6.74 -19.35
CA ARG A 125 6.65 7.00 -20.71
C ARG A 125 5.16 7.22 -20.62
N LYS A 126 4.55 7.95 -21.59
CA LYS A 126 3.09 8.15 -21.60
C LYS A 126 2.54 7.09 -22.55
N VAL A 127 1.43 6.41 -22.22
CA VAL A 127 0.93 5.31 -23.04
C VAL A 127 -0.20 5.74 -23.94
N VAL A 128 -0.36 5.05 -25.09
CA VAL A 128 -1.33 5.47 -26.09
C VAL A 128 -1.63 4.37 -27.10
N TRP A 129 -0.57 3.82 -27.74
CA TRP A 129 -0.73 2.77 -28.74
C TRP A 129 -0.11 1.51 -28.14
N GLY A 130 -0.91 0.49 -27.73
CA GLY A 130 -0.34 -0.77 -27.25
C GLY A 130 -0.68 -1.05 -25.80
N THR A 131 0.04 -2.00 -25.16
CA THR A 131 -0.20 -2.37 -23.77
C THR A 131 0.90 -1.76 -22.93
N ALA A 132 0.90 -1.95 -21.58
CA ALA A 132 1.90 -1.30 -20.73
C ALA A 132 2.40 -2.20 -19.64
N ASP A 133 3.46 -1.77 -18.90
CA ASP A 133 4.02 -2.62 -17.86
C ASP A 133 3.02 -2.72 -16.73
N ILE A 134 2.63 -1.58 -16.10
CA ILE A 134 1.68 -1.62 -15.00
C ILE A 134 0.30 -1.50 -15.61
N MET A 135 -0.73 -2.17 -15.03
CA MET A 135 -2.11 -2.01 -15.47
C MET A 135 -2.87 -1.52 -14.25
N ILE A 136 -3.84 -0.57 -14.37
CA ILE A 136 -4.53 -0.04 -13.17
C ILE A 136 -5.98 -0.42 -13.29
N GLY A 137 -6.44 -1.52 -12.65
CA GLY A 137 -7.83 -1.94 -12.81
C GLY A 137 -8.62 -1.83 -11.54
N PHE A 138 -9.95 -2.04 -11.67
CA PHE A 138 -10.85 -2.02 -10.51
C PHE A 138 -11.31 -3.44 -10.34
N ALA A 139 -11.09 -4.06 -9.15
CA ALA A 139 -11.47 -5.45 -9.02
C ALA A 139 -11.41 -5.85 -7.56
N ARG A 140 -12.11 -6.96 -7.22
CA ARG A 140 -12.15 -7.44 -5.84
C ARG A 140 -11.57 -8.83 -5.82
N GLY A 141 -11.03 -9.31 -4.67
CA GLY A 141 -10.44 -10.65 -4.59
C GLY A 141 -11.03 -11.68 -5.52
N ALA A 142 -12.36 -11.77 -5.65
CA ALA A 142 -12.99 -12.73 -6.57
C ALA A 142 -12.99 -12.31 -8.02
N HIS A 143 -12.07 -11.42 -8.49
CA HIS A 143 -11.92 -11.22 -9.93
C HIS A 143 -11.03 -12.31 -10.49
N GLY A 144 -10.37 -13.15 -9.65
CA GLY A 144 -9.44 -14.17 -10.12
C GLY A 144 -8.07 -13.92 -9.53
N ASP A 145 -7.93 -14.00 -8.18
CA ASP A 145 -6.63 -13.79 -7.54
C ASP A 145 -6.69 -14.11 -6.06
N SER A 146 -5.52 -14.26 -5.40
CA SER A 146 -5.51 -14.64 -3.99
C SER A 146 -6.10 -13.59 -3.09
N TYR A 147 -6.34 -13.94 -1.81
CA TYR A 147 -6.78 -12.98 -0.79
C TYR A 147 -8.27 -12.75 -0.97
N PRO A 148 -9.18 -12.82 0.05
CA PRO A 148 -10.59 -12.70 -0.25
C PRO A 148 -11.00 -11.28 -0.52
N PHE A 149 -12.24 -11.10 -1.00
CA PHE A 149 -12.75 -9.75 -1.30
C PHE A 149 -12.98 -8.93 -0.07
N ASP A 150 -13.48 -9.53 1.03
CA ASP A 150 -13.72 -8.77 2.26
C ASP A 150 -14.53 -7.49 2.12
N GLY A 151 -15.12 -7.12 0.96
CA GLY A 151 -16.03 -5.98 0.92
C GLY A 151 -15.31 -4.71 1.29
N PRO A 152 -16.01 -3.62 1.72
CA PRO A 152 -15.29 -2.41 2.10
C PRO A 152 -14.61 -2.67 3.43
N GLY A 153 -13.90 -1.67 4.00
CA GLY A 153 -13.21 -1.92 5.27
C GLY A 153 -11.94 -2.70 5.03
N ASN A 154 -11.41 -3.39 6.07
CA ASN A 154 -10.12 -4.09 5.99
C ASN A 154 -9.67 -4.50 4.61
N THR A 155 -8.35 -4.39 4.29
CA THR A 155 -7.85 -4.72 2.96
C THR A 155 -8.29 -3.60 2.03
N LEU A 156 -7.37 -2.68 1.66
CA LEU A 156 -7.75 -1.51 0.86
C LEU A 156 -7.47 -1.79 -0.60
N ALA A 157 -6.23 -2.16 -0.98
CA ALA A 157 -5.95 -2.45 -2.38
C ALA A 157 -4.77 -3.40 -2.50
N HIS A 158 -4.85 -4.46 -3.34
CA HIS A 158 -3.69 -5.32 -3.55
C HIS A 158 -2.91 -4.79 -4.72
N ALA A 159 -1.59 -5.10 -4.79
CA ALA A 159 -0.75 -4.62 -5.88
C ALA A 159 0.34 -5.65 -6.05
N PHE A 160 1.12 -5.63 -7.16
CA PHE A 160 2.12 -6.67 -7.39
C PHE A 160 3.50 -6.04 -7.52
N ALA A 161 4.55 -6.88 -7.63
CA ALA A 161 5.94 -6.39 -7.65
C ALA A 161 6.50 -6.56 -9.05
N PRO A 162 7.57 -5.85 -9.47
CA PRO A 162 7.99 -5.93 -10.87
C PRO A 162 8.64 -7.26 -11.18
N GLY A 163 7.87 -8.28 -11.64
CA GLY A 163 8.48 -9.56 -11.99
C GLY A 163 7.77 -10.25 -13.12
N THR A 164 8.47 -11.18 -13.84
CA THR A 164 7.89 -11.88 -14.99
C THR A 164 7.46 -10.90 -16.07
N GLY A 165 6.33 -10.17 -15.90
CA GLY A 165 5.90 -9.25 -16.95
C GLY A 165 4.44 -8.88 -16.71
N LEU A 166 3.54 -9.89 -16.67
CA LEU A 166 2.14 -9.62 -16.34
C LEU A 166 2.12 -9.00 -14.96
N GLY A 167 2.93 -9.53 -14.01
CA GLY A 167 3.01 -8.92 -12.68
C GLY A 167 3.48 -7.49 -12.71
N GLY A 168 3.78 -6.90 -11.53
CA GLY A 168 4.01 -5.46 -11.46
C GLY A 168 2.74 -4.65 -11.57
N ASP A 169 1.53 -5.25 -11.78
CA ASP A 169 0.33 -4.44 -11.94
C ASP A 169 -0.20 -3.93 -10.63
N ALA A 170 -1.05 -2.87 -10.66
CA ALA A 170 -1.70 -2.36 -9.45
C ALA A 170 -3.18 -2.59 -9.59
N HIS A 171 -3.92 -2.89 -8.48
CA HIS A 171 -5.38 -3.03 -8.55
C HIS A 171 -5.99 -2.18 -7.47
N PHE A 172 -7.33 -1.97 -7.49
CA PHE A 172 -8.01 -1.16 -6.48
C PHE A 172 -9.24 -1.92 -6.03
N ASP A 173 -9.47 -2.15 -4.72
CA ASP A 173 -10.65 -2.88 -4.28
C ASP A 173 -11.87 -2.09 -4.74
N GLU A 174 -12.59 -2.53 -5.80
CA GLU A 174 -13.75 -1.77 -6.25
C GLU A 174 -14.74 -1.60 -5.12
N ASP A 175 -14.85 -2.58 -4.20
CA ASP A 175 -15.80 -2.45 -3.09
C ASP A 175 -15.54 -1.18 -2.29
N GLU A 176 -14.27 -0.76 -2.14
CA GLU A 176 -13.97 0.42 -1.34
C GLU A 176 -14.46 1.67 -2.03
N ARG A 177 -14.63 2.78 -1.27
CA ARG A 177 -15.05 4.05 -1.89
C ARG A 177 -13.79 4.75 -2.34
N TRP A 178 -13.85 5.52 -3.45
CA TRP A 178 -12.70 6.31 -3.87
C TRP A 178 -13.20 7.65 -4.34
N THR A 179 -12.44 8.75 -4.15
CA THR A 179 -12.94 10.06 -4.57
C THR A 179 -11.79 11.03 -4.64
N ASP A 180 -12.03 12.33 -4.96
CA ASP A 180 -10.91 13.29 -4.98
C ASP A 180 -11.39 14.67 -4.57
N GLY A 181 -12.29 15.33 -5.35
CA GLY A 181 -12.81 16.61 -4.90
C GLY A 181 -13.59 16.45 -3.61
N SER A 182 -14.28 15.31 -3.42
CA SER A 182 -15.10 15.15 -2.22
C SER A 182 -14.25 14.89 -1.00
N SER A 183 -13.06 14.23 -1.13
CA SER A 183 -12.19 13.99 0.03
C SER A 183 -13.01 13.51 1.20
N LEU A 184 -13.45 12.23 1.17
CA LEU A 184 -14.44 11.75 2.13
C LEU A 184 -13.97 10.43 2.72
N GLY A 185 -13.81 9.36 1.89
CA GLY A 185 -13.28 8.10 2.41
C GLY A 185 -11.83 8.02 2.05
N ILE A 186 -11.47 7.36 0.93
CA ILE A 186 -10.06 7.16 0.59
C ILE A 186 -9.73 8.02 -0.62
N ASN A 187 -8.90 9.08 -0.47
CA ASN A 187 -8.53 9.86 -1.65
C ASN A 187 -7.83 8.96 -2.64
N PHE A 188 -8.08 9.16 -3.96
CA PHE A 188 -7.49 8.29 -4.96
C PHE A 188 -6.02 8.61 -5.10
N LEU A 189 -5.65 9.91 -5.13
CA LEU A 189 -4.25 10.31 -5.26
C LEU A 189 -3.47 9.76 -4.07
N TYR A 190 -3.95 10.04 -2.84
CA TYR A 190 -3.25 9.55 -1.64
C TYR A 190 -3.00 8.06 -1.74
N ALA A 191 -4.03 7.28 -2.15
CA ALA A 191 -3.86 5.83 -2.28
C ALA A 191 -2.91 5.49 -3.40
N ALA A 192 -3.09 6.12 -4.59
CA ALA A 192 -2.26 5.79 -5.73
C ALA A 192 -0.80 5.83 -5.37
N THR A 193 -0.35 6.83 -4.59
CA THR A 193 1.06 6.88 -4.23
C THR A 193 1.49 5.59 -3.56
N HIS A 194 0.64 5.03 -2.67
CA HIS A 194 0.99 3.79 -1.98
C HIS A 194 0.85 2.63 -2.94
N ALA A 195 -0.32 2.44 -3.60
CA ALA A 195 -0.48 1.30 -4.51
C ALA A 195 0.60 1.28 -5.57
N LEU A 196 0.83 2.40 -6.28
CA LEU A 196 1.86 2.44 -7.30
C LEU A 196 3.21 2.28 -6.62
N GLY A 197 3.44 2.92 -5.45
CA GLY A 197 4.71 2.73 -4.75
C GLY A 197 5.09 1.26 -4.67
N HIS A 198 4.12 0.36 -4.36
CA HIS A 198 4.45 -1.07 -4.27
C HIS A 198 4.89 -1.62 -5.62
N SER A 199 4.33 -1.12 -6.75
CA SER A 199 4.83 -1.56 -8.04
C SER A 199 6.28 -1.21 -8.27
N LEU A 200 6.96 -0.43 -7.39
CA LEU A 200 8.37 -0.10 -7.57
C LEU A 200 9.16 -0.89 -6.54
N GLY A 201 8.66 -2.05 -6.04
CA GLY A 201 9.34 -2.76 -4.96
C GLY A 201 9.66 -1.91 -3.75
N MET A 202 8.97 -0.76 -3.53
CA MET A 202 9.23 0.00 -2.30
C MET A 202 8.59 -0.78 -1.18
N GLY A 203 9.27 -0.94 -0.01
CA GLY A 203 8.65 -1.60 1.13
C GLY A 203 8.08 -0.57 2.08
N HIS A 204 7.25 -1.01 3.06
CA HIS A 204 6.68 -0.05 4.01
C HIS A 204 7.78 0.64 4.79
N SER A 205 7.48 1.80 5.43
CA SER A 205 8.49 2.54 6.19
C SER A 205 7.99 2.77 7.60
N SER A 206 8.91 3.14 8.53
CA SER A 206 8.54 3.31 9.94
C SER A 206 8.42 4.76 10.36
N ASP A 207 8.43 5.74 9.41
CA ASP A 207 8.50 7.14 9.83
C ASP A 207 7.09 7.62 10.04
N PRO A 208 6.73 8.49 11.03
CA PRO A 208 5.34 8.86 11.20
C PRO A 208 4.83 9.68 10.03
N ASN A 209 5.70 10.22 9.15
CA ASN A 209 5.21 11.00 8.00
C ASN A 209 5.35 10.20 6.71
N ALA A 210 5.45 8.85 6.72
CA ALA A 210 5.79 8.14 5.48
C ALA A 210 4.68 8.18 4.46
N VAL A 211 5.02 7.94 3.16
CA VAL A 211 4.01 7.87 2.11
C VAL A 211 3.38 6.49 2.11
N MET A 212 4.15 5.42 2.42
CA MET A 212 3.57 4.09 2.53
C MET A 212 3.10 3.87 3.96
N TYR A 213 2.94 4.92 4.80
CA TYR A 213 2.81 4.66 6.23
C TYR A 213 1.57 3.82 6.40
N PRO A 214 1.57 2.64 7.07
CA PRO A 214 0.34 1.84 7.11
C PRO A 214 -0.68 2.32 8.11
N THR A 215 -0.56 3.52 8.73
CA THR A 215 -1.62 4.03 9.61
C THR A 215 -2.40 5.06 8.83
N TYR A 216 -3.06 4.68 7.71
CA TYR A 216 -3.75 5.68 6.90
C TYR A 216 -4.64 6.57 7.75
N GLY A 217 -4.78 7.87 7.36
CA GLY A 217 -5.59 8.80 8.14
C GLY A 217 -6.93 8.98 7.46
N ASN A 218 -7.91 9.59 8.15
CA ASN A 218 -9.22 9.81 7.54
C ASN A 218 -9.07 10.77 6.38
N GLY A 219 -8.69 12.04 6.65
CA GLY A 219 -8.57 13.04 5.58
C GLY A 219 -7.10 13.25 5.29
N ASP A 220 -6.69 13.33 4.00
CA ASP A 220 -5.28 13.60 3.67
C ASP A 220 -5.21 15.01 3.13
N PRO A 221 -4.17 15.85 3.32
CA PRO A 221 -4.23 17.21 2.79
C PRO A 221 -4.08 17.16 1.30
N GLN A 222 -4.54 18.21 0.56
CA GLN A 222 -4.40 18.21 -0.90
C GLN A 222 -2.94 18.42 -1.25
N ASN A 223 -2.21 19.30 -0.52
CA ASN A 223 -0.78 19.46 -0.79
C ASN A 223 0.04 18.24 -0.44
N PHE A 224 -0.57 17.16 0.11
CA PHE A 224 0.14 15.89 0.33
C PHE A 224 1.15 15.59 -0.76
N LYS A 225 2.27 14.90 -0.42
CA LYS A 225 3.30 14.62 -1.43
C LYS A 225 4.15 13.44 -0.98
N LEU A 226 5.25 13.10 -1.71
CA LEU A 226 6.18 12.09 -1.20
C LEU A 226 6.74 12.50 0.15
N SER A 227 7.24 11.54 0.96
CA SER A 227 7.81 11.86 2.28
C SER A 227 9.33 11.91 2.20
N GLN A 228 10.00 12.32 3.29
CA GLN A 228 11.46 12.41 3.27
C GLN A 228 12.07 11.04 3.49
N ASP A 229 11.67 10.32 4.57
CA ASP A 229 12.23 8.99 4.80
C ASP A 229 11.93 8.06 3.64
N ASP A 230 10.73 8.17 3.04
CA ASP A 230 10.40 7.32 1.91
C ASP A 230 11.36 7.61 0.76
N ILE A 231 11.64 8.89 0.47
CA ILE A 231 12.53 9.22 -0.64
C ILE A 231 13.91 8.66 -0.39
N LYS A 232 14.58 9.00 0.73
CA LYS A 232 15.95 8.51 0.94
C LYS A 232 15.98 6.99 0.84
N GLY A 233 14.91 6.30 1.32
CA GLY A 233 14.94 4.83 1.31
C GLY A 233 15.15 4.33 -0.09
N ILE A 234 14.34 4.79 -1.07
CA ILE A 234 14.51 4.30 -2.44
C ILE A 234 15.85 4.72 -2.98
N GLN A 235 16.28 5.97 -2.69
CA GLN A 235 17.56 6.45 -3.25
C GLN A 235 18.72 5.61 -2.78
N LYS A 236 18.66 4.92 -1.62
CA LYS A 236 19.79 4.09 -1.22
C LYS A 236 20.03 3.03 -2.28
N LEU A 237 18.97 2.52 -2.95
CA LEU A 237 19.16 1.48 -3.97
C LEU A 237 19.62 2.09 -5.28
N TYR A 238 18.99 3.21 -5.72
CA TYR A 238 19.33 3.80 -7.01
C TYR A 238 20.52 4.74 -6.89
N GLY A 239 21.05 5.04 -5.68
CA GLY A 239 22.24 5.88 -5.58
C GLY A 239 22.02 7.22 -6.22
N LYS A 240 21.15 8.08 -5.64
CA LYS A 240 20.90 9.40 -6.25
C LYS A 240 20.35 10.36 -5.20
N ARG A 241 19.78 11.53 -5.57
CA ARG A 241 19.17 12.44 -4.60
C ARG A 241 18.01 13.17 -5.26
N SER A 242 17.28 14.05 -4.54
CA SER A 242 16.23 14.86 -5.18
C SER A 242 15.91 16.05 -4.30
N ASN A 243 14.84 16.83 -4.57
CA ASN A 243 14.55 18.02 -3.78
C ASN A 243 13.06 18.18 -3.58
N SER A 244 12.60 19.20 -2.81
CA SER A 244 11.17 19.38 -2.59
C SER A 244 10.43 19.65 -3.88
N ARG A 245 9.07 19.64 -3.82
CA ARG A 245 8.22 19.80 -5.00
C ARG A 245 7.03 20.67 -4.61
N LYS A 246 6.14 21.01 -5.57
CA LYS A 246 5.01 21.90 -5.25
C LYS A 246 3.76 21.09 -4.98
N LYS A 247 3.40 20.13 -5.87
CA LYS A 247 2.18 19.36 -5.68
C LYS A 247 2.37 17.95 -6.19
C1 SGN B . 4.11 12.72 -16.77
C2 SGN B . 3.32 11.62 -17.50
C3 SGN B . 2.26 12.22 -18.45
C4 SGN B . 1.43 13.36 -17.79
C5 SGN B . 2.38 14.32 -17.05
C6 SGN B . 1.59 15.39 -16.26
N2 SGN B . 4.20 10.71 -18.24
O3 SGN B . 1.45 11.15 -18.97
O4 SGN B . 0.70 14.13 -18.80
O5 SGN B . 3.20 13.61 -16.10
O6 SGN B . 2.45 16.06 -15.32
S1 SGN B . 5.67 11.27 -19.10
O1S SGN B . 6.27 10.08 -19.64
O2S SGN B . 5.16 12.20 -20.08
O3S SGN B . 6.43 11.97 -18.08
S2 SGN B . 1.88 17.22 -14.54
O4S SGN B . 0.43 17.14 -14.61
O5S SGN B . 2.43 18.39 -15.22
O6S SGN B . 2.42 17.02 -13.21
H1 SGN B . 4.79 12.27 -16.02
H2 SGN B . 2.80 11.06 -16.69
H3 SGN B . 2.78 12.68 -19.30
H4 SGN B . 0.77 12.92 -17.04
H5 SGN B . 3.05 14.85 -17.76
H61 SGN B . 0.77 14.92 -15.70
H62 SGN B . 1.20 16.12 -16.97
HN21 SGN B . 3.92 9.76 -18.32
HO3 SGN B . 0.95 10.69 -18.30
C1 IDS B . -0.57 13.55 -19.20
C2 IDS B . -1.74 14.22 -18.44
C3 IDS B . -2.00 15.66 -18.97
C4 IDS B . -2.05 15.74 -20.53
C5 IDS B . -0.84 14.97 -21.11
C6 IDS B . -0.97 14.93 -22.62
O2 IDS B . -2.95 13.44 -18.54
O3 IDS B . -0.97 16.58 -18.54
O4 IDS B . -3.31 15.29 -21.09
O5 IDS B . -0.78 13.62 -20.61
O6A IDS B . -0.44 15.86 -23.27
O6B IDS B . -1.62 13.98 -23.14
S IDS B . -3.02 12.04 -17.99
O1S IDS B . -4.38 11.92 -17.51
O2S IDS B . -2.03 11.95 -16.92
O3S IDS B . -2.72 11.19 -19.13
H1 IDS B . -0.58 12.47 -19.00
H2 IDS B . -1.51 14.31 -17.37
H3 IDS B . -2.95 16.03 -18.56
H4 IDS B . -1.89 16.79 -20.86
H5 IDS B . 0.10 15.48 -20.85
HO3 IDS B . -0.98 16.71 -17.60
C1 SGN B . -4.42 16.23 -20.94
C2 SGN B . -5.62 15.60 -20.20
C3 SGN B . -6.51 14.78 -21.16
C4 SGN B . -6.96 15.69 -22.31
C5 SGN B . -5.64 16.09 -23.05
C6 SGN B . -5.89 17.02 -24.25
N2 SGN B . -5.17 14.71 -19.15
O3 SGN B . -7.57 14.21 -20.38
O4 SGN B . -8.04 15.16 -23.14
O5 SGN B . -4.81 16.88 -22.17
O6 SGN B . -4.60 17.58 -24.58
S1 SGN B . -5.86 14.73 -17.51
O1S SGN B . -6.49 13.42 -17.45
O2S SGN B . -6.76 15.86 -17.45
O3S SGN B . -4.68 14.80 -16.68
S2 SGN B . -4.51 18.73 -25.55
O4S SGN B . -5.06 18.20 -26.79
O5S SGN B . -5.31 19.77 -24.93
O6S SGN B . -3.10 19.06 -25.63
H1 SGN B . -4.11 17.08 -20.31
H2 SGN B . -6.22 16.41 -19.78
H3 SGN B . -5.95 13.91 -21.55
H4 SGN B . -7.33 16.66 -21.89
H5 SGN B . -5.08 15.21 -23.40
H61 SGN B . -6.58 17.82 -23.94
H62 SGN B . -6.33 16.49 -25.11
HN21 SGN B . -4.48 14.02 -19.40
HO3 SGN B . -8.10 14.90 -19.99
C1 IDS B . -9.33 15.06 -22.48
C2 IDS B . -10.55 15.31 -23.41
C3 IDS B . -10.91 14.05 -24.23
C4 IDS B . -11.04 12.81 -23.30
C5 IDS B . -9.71 12.69 -22.52
C6 IDS B . -9.74 11.46 -21.64
O2 IDS B . -11.73 15.67 -22.66
O3 IDS B . -9.87 13.84 -25.21
O4 IDS B . -12.17 12.94 -22.38
O5 IDS B . -9.55 13.86 -21.71
O6A IDS B . -10.08 10.35 -22.16
O6B IDS B . -9.41 11.58 -20.43
S IDS B . -12.02 17.14 -22.38
O1S IDS B . -10.83 17.71 -21.77
O2S IDS B . -12.33 17.70 -23.68
O3S IDS B . -13.15 17.09 -21.48
H1 IDS B . -9.41 15.86 -21.72
H2 IDS B . -10.30 16.12 -24.13
H3 IDS B . -11.85 14.24 -24.77
H4 IDS B . -11.13 11.90 -23.91
H5 IDS B . -8.86 12.57 -23.20
HO3 IDS B . -10.03 13.11 -25.80
C1 SGN B . -13.43 12.41 -22.90
C2 SGN B . -14.69 13.13 -22.35
C3 SGN B . -15.16 12.58 -20.97
C4 SGN B . -15.24 11.03 -21.03
C5 SGN B . -13.80 10.57 -21.36
C6 SGN B . -13.74 9.02 -21.41
N2 SGN B . -14.45 14.56 -22.27
O3 SGN B . -16.44 13.16 -20.66
O4 SGN B . -15.79 10.51 -19.78
O5 SGN B . -13.47 10.98 -22.70
O6 SGN B . -12.39 8.69 -21.82
S1 SGN B . -15.76 15.75 -22.47
O1S SGN B . -16.92 15.01 -22.90
O2S SGN B . -15.20 16.70 -23.42
O3S SGN B . -15.87 16.36 -21.15
S2 SGN B . -12.19 7.41 -22.59
O4S SGN B . -12.96 6.42 -21.86
O5S SGN B . -12.71 7.73 -23.90
O6S SGN B . -10.75 7.21 -22.55
H1 SGN B . -13.44 12.59 -23.99
H2 SGN B . -15.51 12.93 -23.06
H3 SGN B . -14.43 12.90 -20.20
H4 SGN B . -15.83 10.74 -21.91
H5 SGN B . -13.06 10.93 -20.63
H61 SGN B . -14.46 8.65 -22.16
H62 SGN B . -13.97 8.57 -20.44
HN21 SGN B . -13.54 14.86 -22.01
HO3 SGN B . -16.76 12.89 -19.82
C1 IDS B . -17.19 10.12 -19.86
C2 IDS B . -17.33 8.57 -19.83
C3 IDS B . -17.12 8.00 -18.39
C4 IDS B . -17.95 8.77 -17.32
C5 IDS B . -17.77 10.29 -17.53
C6 IDS B . -18.65 11.05 -16.56
O2 IDS B . -18.62 8.13 -20.30
O3 IDS B . -15.73 8.08 -18.01
O4 IDS B . -19.35 8.39 -17.35
O5 IDS B . -18.05 10.70 -18.87
O6A IDS B . -18.71 10.64 -15.37
O6B IDS B . -19.31 12.04 -17.00
S IDS B . -18.78 7.83 -21.77
O1S IDS B . -20.20 7.62 -21.91
O2S IDS B . -17.97 6.63 -21.97
O3S IDS B . -18.29 8.99 -22.49
H1 IDS B . -17.70 10.52 -20.75
H2 IDS B . -16.54 8.13 -20.47
H3 IDS B . -17.41 6.94 -18.38
H4 IDS B . -17.53 8.57 -16.32
H5 IDS B . -16.71 10.57 -17.33
HO3 IDS B . -15.20 7.55 -18.58
C1 SGN B . -19.65 7.18 -16.60
C2 SGN B . -20.56 6.22 -17.41
C3 SGN B . -22.07 6.55 -17.35
C4 SGN B . -22.45 6.77 -15.85
C5 SGN B . -21.57 7.93 -15.30
C6 SGN B . -22.01 8.28 -13.86
N2 SGN B . -20.16 6.23 -18.81
O3 SGN B . -22.72 5.42 -17.94
O4 SGN B . -23.85 7.10 -15.65
O5 SGN B . -20.19 7.49 -15.29
O6 SGN B . -21.22 9.40 -13.38
S1 SGN B . -20.41 4.84 -19.90
O1S SGN B . -21.40 5.32 -20.84
O2S SGN B . -19.12 4.68 -20.56
O3S SGN B . -20.84 3.73 -19.06
S2 SGN B . -21.67 10.02 -12.08
O4S SGN B . -20.59 10.89 -11.67
O5S SGN B . -22.87 10.74 -12.43
O6S SGN B . -21.88 8.90 -11.20
H1 SGN B . -18.74 6.61 -16.39
H2 SGN B . -20.42 5.20 -17.00
H3 SGN B . -22.28 7.47 -17.93
H4 SGN B . -22.16 5.89 -15.26
H5 SGN B . -21.68 8.83 -15.93
H61 SGN B . -21.91 7.37 -13.24
H62 SGN B . -23.08 8.58 -13.86
HN21 SGN B . -19.84 7.10 -19.20
HO3 SGN B . -23.66 5.55 -18.02
C1 IDS B . -24.76 5.97 -15.57
C2 IDS B . -25.97 6.31 -14.66
C3 IDS B . -26.93 7.28 -15.38
C4 IDS B . -27.32 6.68 -16.76
C5 IDS B . -26.03 6.42 -17.56
C6 IDS B . -26.38 5.83 -18.90
O2 IDS B . -26.62 5.06 -14.35
O3 IDS B . -26.31 8.56 -15.60
O4 IDS B . -28.02 5.45 -16.59
O5 IDS B . -25.19 5.48 -16.86
O6A IDS B . -26.89 6.59 -19.78
O6B IDS B . -26.16 4.60 -19.09
S IDS B . -27.29 4.90 -13.00
O1S IDS B . -27.98 3.63 -13.11
O2S IDS B . -26.19 4.88 -12.05
O3S IDS B . -28.18 6.03 -12.85
H1 IDS B . -24.26 5.11 -15.08
H2 IDS B . -25.57 6.77 -13.74
H3 IDS B . -27.86 7.44 -14.81
H4 IDS B . -27.97 7.38 -17.29
H5 IDS B . -25.47 7.36 -17.74
HO3 IDS B . -26.08 9.00 -14.79
CA CA C . 2.36 -6.18 -16.01
CA CA D . -11.87 -3.78 1.48
ZN ZN E . -6.08 -9.18 -8.29
ZN ZN F . 1.24 -1.25 1.53
N PRO A 1 -3.82 3.00 26.68
CA PRO A 1 -4.81 1.94 26.70
C PRO A 1 -6.14 2.45 26.20
N GLN A 2 -7.14 1.56 26.02
CA GLN A 2 -8.41 1.99 25.42
C GLN A 2 -9.50 1.01 25.75
N GLU A 3 -10.78 1.30 25.40
CA GLU A 3 -11.85 0.36 25.70
C GLU A 3 -11.54 -0.99 25.08
N ALA A 4 -10.89 -1.00 23.89
CA ALA A 4 -10.47 -2.27 23.29
C ALA A 4 -9.84 -3.20 24.31
N GLY A 5 -9.02 -2.69 25.26
CA GLY A 5 -8.43 -3.57 26.26
C GLY A 5 -9.46 -4.47 26.91
N GLY A 6 -10.66 -3.95 27.24
CA GLY A 6 -11.70 -4.78 27.87
C GLY A 6 -12.71 -5.30 26.87
N MET A 7 -12.27 -5.78 25.68
CA MET A 7 -13.21 -6.33 24.70
C MET A 7 -13.31 -7.83 24.85
N SER A 8 -14.34 -8.45 24.23
CA SER A 8 -14.53 -9.89 24.35
C SER A 8 -13.43 -10.64 23.62
N GLU A 9 -13.25 -11.93 23.97
CA GLU A 9 -12.29 -12.78 23.27
C GLU A 9 -12.47 -12.77 21.76
N LEU A 10 -13.69 -12.52 21.24
CA LEU A 10 -13.89 -12.59 19.79
C LEU A 10 -13.15 -11.45 19.13
N GLN A 11 -13.35 -10.20 19.59
CA GLN A 11 -12.61 -9.06 19.01
C GLN A 11 -11.12 -9.31 19.18
N TRP A 12 -10.68 -9.60 20.42
CA TRP A 12 -9.24 -9.80 20.64
C TRP A 12 -8.71 -10.86 19.70
N GLU A 13 -9.46 -11.97 19.48
CA GLU A 13 -8.98 -13.00 18.56
C GLU A 13 -8.85 -12.41 17.18
N GLN A 14 -9.85 -11.64 16.71
CA GLN A 14 -9.73 -11.03 15.37
C GLN A 14 -8.45 -10.24 15.29
N ALA A 15 -8.06 -9.49 16.34
CA ALA A 15 -6.84 -8.68 16.24
C ALA A 15 -5.68 -9.54 15.79
N GLN A 16 -5.47 -10.70 16.45
CA GLN A 16 -4.37 -11.60 16.03
C GLN A 16 -4.63 -12.12 14.64
N ASP A 17 -5.85 -12.59 14.35
CA ASP A 17 -6.11 -13.17 13.03
C ASP A 17 -5.86 -12.15 11.94
N TYR A 18 -6.15 -10.84 12.17
CA TYR A 18 -5.93 -9.85 11.13
C TYR A 18 -4.44 -9.75 10.87
N LEU A 19 -3.59 -9.79 11.92
CA LEU A 19 -2.15 -9.77 11.67
C LEU A 19 -1.79 -10.94 10.77
N LYS A 20 -2.43 -12.12 10.96
CA LYS A 20 -2.11 -13.28 10.11
C LYS A 20 -2.25 -12.93 8.64
N ARG A 21 -3.30 -12.17 8.24
CA ARG A 21 -3.50 -11.88 6.81
C ARG A 21 -2.57 -10.77 6.37
N PHE A 22 -2.31 -9.74 7.22
CA PHE A 22 -1.42 -8.66 6.78
C PHE A 22 -0.06 -9.17 6.36
N TYR A 23 0.38 -10.41 6.70
CA TYR A 23 1.61 -10.95 6.13
C TYR A 23 1.26 -12.07 5.16
N LEU A 24 0.83 -13.28 5.58
CA LEU A 24 0.44 -14.31 4.60
C LEU A 24 -0.63 -15.16 5.25
N TYR A 25 -0.28 -16.19 6.07
CA TYR A 25 -1.31 -17.02 6.68
C TYR A 25 -0.67 -17.86 7.78
N ASP A 26 -0.22 -17.23 8.88
CA ASP A 26 0.48 -17.98 9.94
C ASP A 26 -0.46 -18.30 11.08
N SER A 27 -1.33 -19.32 10.92
CA SER A 27 -2.19 -19.72 12.03
C SER A 27 -1.39 -20.23 13.20
N GLU A 28 -0.32 -21.02 12.97
CA GLU A 28 0.49 -21.53 14.09
C GLU A 28 0.84 -20.46 15.09
N THR A 29 1.02 -19.19 14.68
CA THR A 29 1.33 -18.16 15.68
C THR A 29 0.39 -18.22 16.86
N LYS A 30 -0.90 -18.57 16.64
CA LYS A 30 -1.88 -18.68 17.72
C LYS A 30 -1.24 -19.04 19.06
N ASN A 31 -0.95 -18.06 19.94
CA ASN A 31 -0.48 -18.37 21.29
C ASN A 31 -0.22 -17.10 22.05
N ALA A 32 -0.65 -16.97 23.32
CA ALA A 32 -0.42 -15.71 24.04
C ALA A 32 1.07 -15.42 24.10
N ASN A 33 1.95 -16.41 24.28
CA ASN A 33 3.39 -16.12 24.36
C ASN A 33 3.88 -15.61 23.02
N SER A 34 3.81 -16.44 21.95
CA SER A 34 4.33 -16.00 20.65
C SER A 34 3.71 -14.70 20.23
N LEU A 35 2.39 -14.54 20.47
CA LEU A 35 1.71 -13.29 20.13
C LEU A 35 2.56 -12.12 20.58
N GLU A 36 3.08 -12.13 21.83
CA GLU A 36 3.80 -10.94 22.32
C GLU A 36 5.01 -10.65 21.46
N ALA A 37 5.84 -11.67 21.15
CA ALA A 37 7.01 -11.42 20.32
C ALA A 37 6.57 -10.88 18.97
N LYS A 38 5.56 -11.51 18.33
CA LYS A 38 5.09 -11.04 17.02
C LYS A 38 4.60 -9.60 17.13
N LEU A 39 3.71 -9.27 18.09
CA LEU A 39 3.31 -7.87 18.27
C LEU A 39 4.55 -7.01 18.20
N LYS A 40 5.58 -7.31 19.02
CA LYS A 40 6.76 -6.45 19.05
C LYS A 40 7.23 -6.17 17.63
N GLU A 41 7.24 -7.18 16.72
CA GLU A 41 7.65 -6.93 15.33
C GLU A 41 6.68 -5.97 14.68
N MET A 42 5.36 -6.12 14.90
CA MET A 42 4.39 -5.24 14.24
C MET A 42 4.48 -3.82 14.77
N GLN A 43 5.29 -3.50 15.81
CA GLN A 43 5.32 -2.11 16.31
C GLN A 43 6.40 -1.39 15.55
N LYS A 44 7.66 -1.89 15.57
CA LYS A 44 8.72 -1.28 14.77
C LYS A 44 8.32 -1.21 13.31
N PHE A 45 7.54 -2.21 12.80
CA PHE A 45 7.12 -2.13 11.41
C PHE A 45 6.31 -0.87 11.20
N PHE A 46 5.35 -0.57 12.11
CA PHE A 46 4.49 0.59 11.94
C PHE A 46 5.16 1.86 12.42
N GLY A 47 6.12 1.81 13.37
CA GLY A 47 6.72 3.03 13.91
C GLY A 47 6.10 3.42 15.23
N LEU A 48 4.78 3.17 15.43
CA LEU A 48 4.13 3.52 16.70
C LEU A 48 5.02 3.19 17.89
N PRO A 49 5.13 4.00 18.97
CA PRO A 49 6.03 3.66 20.07
C PRO A 49 5.44 2.78 21.16
N ILE A 50 4.10 2.66 21.30
CA ILE A 50 3.55 1.84 22.38
C ILE A 50 3.87 0.40 22.01
N THR A 51 4.73 -0.35 22.77
CA THR A 51 5.05 -1.73 22.40
C THR A 51 4.61 -2.75 23.44
N GLY A 52 4.57 -4.06 23.05
CA GLY A 52 4.14 -5.09 23.98
C GLY A 52 2.67 -5.04 24.28
N MET A 53 1.85 -4.22 23.58
CA MET A 53 0.44 -4.09 23.94
C MET A 53 -0.38 -3.79 22.70
N LEU A 54 -1.72 -3.92 22.75
CA LEU A 54 -2.55 -3.44 21.66
C LEU A 54 -3.89 -2.99 22.19
N ASN A 55 -4.49 -1.90 21.65
CA ASN A 55 -5.79 -1.41 22.12
C ASN A 55 -6.03 0.02 21.67
N SER A 56 -5.05 0.95 21.81
CA SER A 56 -5.27 2.32 21.33
C SER A 56 -4.90 2.42 19.87
N ARG A 57 -3.64 2.77 19.55
CA ARG A 57 -3.26 3.00 18.15
C ARG A 57 -3.07 1.69 17.43
N VAL A 58 -2.65 0.62 18.14
CA VAL A 58 -2.26 -0.61 17.47
C VAL A 58 -3.48 -1.34 16.95
N ILE A 59 -4.59 -1.41 17.73
CA ILE A 59 -5.79 -2.06 17.19
C ILE A 59 -6.45 -1.11 16.23
N GLU A 60 -6.29 0.24 16.40
CA GLU A 60 -6.91 1.18 15.47
C GLU A 60 -6.46 0.87 14.07
N ILE A 61 -5.16 0.60 13.82
CA ILE A 61 -4.72 0.35 12.44
C ILE A 61 -5.37 -0.89 11.89
N MET A 62 -5.74 -1.88 12.74
CA MET A 62 -6.34 -3.10 12.21
C MET A 62 -7.69 -2.77 11.63
N GLN A 63 -8.57 -2.08 12.40
CA GLN A 63 -9.86 -1.68 11.83
C GLN A 63 -9.70 -0.63 10.75
N LYS A 64 -8.73 0.30 10.86
CA LYS A 64 -8.72 1.45 9.94
C LYS A 64 -8.10 0.99 8.63
N PRO A 65 -8.72 1.07 7.43
CA PRO A 65 -8.09 0.50 6.25
C PRO A 65 -6.89 1.33 5.83
N ARG A 66 -6.02 0.76 4.95
CA ARG A 66 -4.74 1.39 4.63
C ARG A 66 -4.03 0.78 3.44
N CYS A 67 -4.02 -0.57 3.27
CA CYS A 67 -3.35 -1.18 2.12
C CYS A 67 -3.81 -2.62 2.06
N GLY A 68 -3.66 -3.32 0.90
CA GLY A 68 -4.11 -4.71 0.83
C GLY A 68 -2.99 -5.55 0.28
N VAL A 69 -1.72 -5.17 0.55
CA VAL A 69 -0.58 -5.87 -0.03
C VAL A 69 0.10 -6.53 1.13
N PRO A 70 0.56 -7.81 1.13
CA PRO A 70 1.27 -8.30 2.28
C PRO A 70 2.58 -7.57 2.38
N ASP A 71 3.33 -7.75 3.49
CA ASP A 71 4.59 -7.04 3.68
C ASP A 71 5.68 -8.03 4.01
N VAL A 72 5.76 -9.12 3.22
CA VAL A 72 6.80 -10.13 3.43
C VAL A 72 7.21 -10.64 2.07
N ALA A 73 8.45 -11.16 1.92
CA ALA A 73 8.92 -11.61 0.61
C ALA A 73 9.95 -12.69 0.79
N GLU A 74 10.34 -13.40 -0.28
CA GLU A 74 11.19 -14.58 -0.10
C GLU A 74 11.88 -14.86 -1.42
N TYR A 75 12.87 -14.01 -1.80
CA TYR A 75 13.58 -14.19 -3.07
C TYR A 75 12.66 -13.97 -4.25
N SER A 76 13.23 -13.78 -5.47
CA SER A 76 12.42 -13.52 -6.66
C SER A 76 12.48 -14.72 -7.60
N LEU A 77 11.58 -14.79 -8.62
CA LEU A 77 11.67 -15.86 -9.62
C LEU A 77 11.99 -15.19 -10.95
N PHE A 78 11.01 -14.78 -11.78
CA PHE A 78 11.34 -14.14 -13.06
C PHE A 78 12.13 -12.86 -12.86
N PRO A 79 11.65 -11.77 -12.22
CA PRO A 79 12.44 -10.54 -12.20
C PRO A 79 13.66 -10.66 -11.32
N ASN A 80 14.48 -9.59 -11.30
CA ASN A 80 15.64 -9.55 -10.42
C ASN A 80 15.49 -8.35 -9.50
N SER A 81 16.12 -8.37 -8.30
CA SER A 81 16.02 -7.24 -7.36
C SER A 81 14.60 -7.02 -6.88
N PRO A 82 14.33 -6.48 -5.66
CA PRO A 82 12.96 -6.22 -5.26
C PRO A 82 12.34 -5.05 -6.00
N LYS A 83 13.11 -4.05 -6.49
CA LYS A 83 12.51 -2.88 -7.14
C LYS A 83 12.66 -2.99 -8.64
N TRP A 84 11.98 -2.14 -9.45
CA TRP A 84 12.05 -2.28 -10.91
C TRP A 84 13.48 -2.35 -11.42
N THR A 85 13.89 -3.43 -12.13
CA THR A 85 15.20 -3.47 -12.76
C THR A 85 15.15 -2.97 -14.19
N SER A 86 13.98 -2.67 -14.79
CA SER A 86 13.93 -2.30 -16.20
C SER A 86 14.40 -0.88 -16.42
N LYS A 87 14.77 -0.51 -17.67
CA LYS A 87 15.16 0.87 -17.96
C LYS A 87 13.94 1.74 -17.83
N VAL A 88 12.75 1.32 -18.32
CA VAL A 88 11.54 2.16 -18.24
C VAL A 88 10.38 1.40 -17.66
N VAL A 89 9.35 2.12 -17.17
CA VAL A 89 8.12 1.48 -16.71
C VAL A 89 6.97 2.10 -17.48
N THR A 90 5.90 1.33 -17.78
CA THR A 90 4.73 1.87 -18.49
C THR A 90 3.53 1.58 -17.62
N TYR A 91 2.40 2.30 -17.80
CA TYR A 91 1.25 2.10 -16.93
C TYR A 91 -0.05 2.46 -17.63
N ARG A 92 -1.10 1.61 -17.62
CA ARG A 92 -2.34 1.95 -18.34
C ARG A 92 -3.55 1.55 -17.52
N ILE A 93 -4.67 2.31 -17.64
CA ILE A 93 -5.82 2.05 -16.78
C ILE A 93 -6.64 1.00 -17.49
N VAL A 94 -7.14 -0.03 -16.77
CA VAL A 94 -7.97 -1.06 -17.40
C VAL A 94 -9.39 -0.54 -17.44
N SER A 95 -9.91 -0.09 -16.28
CA SER A 95 -11.30 0.34 -16.20
C SER A 95 -11.39 1.53 -15.27
N TYR A 96 -12.58 2.17 -15.21
CA TYR A 96 -12.76 3.32 -14.32
C TYR A 96 -13.98 3.10 -13.48
N THR A 97 -14.06 3.73 -12.28
CA THR A 97 -15.19 3.49 -11.38
C THR A 97 -16.19 4.60 -11.56
N ARG A 98 -17.51 4.33 -11.38
CA ARG A 98 -18.49 5.43 -11.44
C ARG A 98 -18.11 6.53 -10.49
N ASP A 99 -17.44 6.21 -9.35
CA ASP A 99 -17.08 7.24 -8.37
C ASP A 99 -16.35 8.41 -9.00
N LEU A 100 -15.56 8.20 -10.08
CA LEU A 100 -14.72 9.25 -10.65
C LEU A 100 -14.67 9.07 -12.14
N PRO A 101 -14.66 10.10 -13.02
CA PRO A 101 -14.61 9.82 -14.44
C PRO A 101 -13.25 9.27 -14.82
N HIS A 102 -13.09 8.78 -16.07
CA HIS A 102 -11.85 8.11 -16.46
C HIS A 102 -10.72 9.12 -16.46
N ILE A 103 -10.96 10.32 -17.05
CA ILE A 103 -9.95 11.38 -17.01
C ILE A 103 -9.39 11.56 -15.62
N THR A 104 -10.25 11.50 -14.59
CA THR A 104 -9.79 11.78 -13.23
C THR A 104 -9.03 10.57 -12.76
N VAL A 105 -9.58 9.34 -12.83
CA VAL A 105 -8.79 8.19 -12.37
C VAL A 105 -7.44 8.24 -13.03
N ASP A 106 -7.40 8.33 -14.38
CA ASP A 106 -6.14 8.33 -15.10
C ASP A 106 -5.17 9.33 -14.55
N ARG A 107 -5.56 10.62 -14.45
CA ARG A 107 -4.58 11.62 -14.02
C ARG A 107 -4.12 11.32 -12.62
N LEU A 108 -4.98 10.85 -11.67
CA LEU A 108 -4.47 10.59 -10.33
C LEU A 108 -3.37 9.56 -10.40
N VAL A 109 -3.50 8.49 -11.23
CA VAL A 109 -2.45 7.47 -11.25
C VAL A 109 -1.17 8.15 -11.67
N SER A 110 -1.22 8.97 -12.74
CA SER A 110 -0.02 9.67 -13.20
C SER A 110 0.48 10.64 -12.15
N LYS A 111 -0.44 11.34 -11.45
CA LYS A 111 -0.03 12.42 -10.55
C LYS A 111 0.76 11.86 -9.38
N ALA A 112 0.54 10.57 -8.99
CA ALA A 112 1.39 9.93 -7.97
C ALA A 112 2.55 9.22 -8.64
N LEU A 113 2.26 8.31 -9.60
CA LEU A 113 3.31 7.58 -10.30
C LEU A 113 4.40 8.52 -10.77
N ASN A 114 4.05 9.59 -11.51
CA ASN A 114 5.07 10.51 -12.02
C ASN A 114 5.89 10.98 -10.85
N MET A 115 5.22 11.45 -9.78
CA MET A 115 5.94 11.88 -8.57
C MET A 115 7.02 10.87 -8.24
N TRP A 116 6.69 9.57 -8.09
CA TRP A 116 7.75 8.61 -7.81
C TRP A 116 8.84 8.78 -8.84
N GLY A 117 8.51 8.64 -10.15
CA GLY A 117 9.54 8.69 -11.17
C GLY A 117 10.45 9.89 -11.05
N LYS A 118 9.88 11.06 -10.68
CA LYS A 118 10.71 12.27 -10.58
C LYS A 118 11.69 12.21 -9.42
N GLU A 119 11.51 11.35 -8.40
CA GLU A 119 12.44 11.26 -7.28
C GLU A 119 13.48 10.16 -7.47
N ILE A 120 13.62 9.56 -8.67
CA ILE A 120 14.55 8.43 -8.85
C ILE A 120 15.13 8.53 -10.25
N PRO A 121 16.34 8.03 -10.60
CA PRO A 121 16.81 8.20 -11.97
C PRO A 121 16.05 7.33 -12.95
N LEU A 122 15.21 6.35 -12.51
CA LEU A 122 14.42 5.59 -13.47
C LEU A 122 13.64 6.51 -14.39
N HIS A 123 13.20 5.95 -15.54
CA HIS A 123 12.49 6.74 -16.56
C HIS A 123 11.06 6.25 -16.63
N PHE A 124 10.09 7.05 -17.15
CA PHE A 124 8.71 6.59 -17.29
C PHE A 124 8.19 6.99 -18.65
N ARG A 125 7.21 6.25 -19.22
CA ARG A 125 6.80 6.45 -20.61
C ARG A 125 5.29 6.59 -20.65
N LYS A 126 4.73 7.41 -21.58
CA LYS A 126 3.29 7.68 -21.56
C LYS A 126 2.59 6.69 -22.44
N VAL A 127 1.41 6.17 -22.02
CA VAL A 127 0.72 5.14 -22.80
C VAL A 127 -0.25 5.70 -23.83
N VAL A 128 -0.29 5.12 -25.05
CA VAL A 128 -1.16 5.63 -26.11
C VAL A 128 -1.53 4.55 -27.14
N TRP A 129 -0.58 3.70 -27.60
CA TRP A 129 -0.88 2.68 -28.61
C TRP A 129 -0.36 1.36 -28.07
N GLY A 130 -1.23 0.47 -27.51
CA GLY A 130 -0.77 -0.84 -27.03
C GLY A 130 -1.01 -1.00 -25.55
N THR A 131 -0.59 -2.16 -24.97
CA THR A 131 -0.78 -2.42 -23.55
C THR A 131 0.43 -1.93 -22.78
N ALA A 132 0.38 -2.01 -21.42
CA ALA A 132 1.48 -1.51 -20.58
C ALA A 132 1.89 -2.55 -19.57
N ASP A 133 2.94 -2.25 -18.75
CA ASP A 133 3.34 -3.18 -17.71
C ASP A 133 2.38 -3.05 -16.55
N ILE A 134 2.20 -1.84 -15.98
CA ILE A 134 1.37 -1.73 -14.78
C ILE A 134 -0.08 -1.56 -15.19
N MET A 135 -0.95 -2.55 -14.96
CA MET A 135 -2.38 -2.38 -15.22
C MET A 135 -3.01 -1.70 -14.02
N ILE A 136 -3.92 -0.70 -14.17
CA ILE A 136 -4.57 -0.07 -13.01
C ILE A 136 -6.05 -0.36 -13.15
N GLY A 137 -6.67 -1.22 -12.30
CA GLY A 137 -8.07 -1.55 -12.50
C GLY A 137 -8.85 -1.58 -11.21
N PHE A 138 -10.18 -1.79 -11.32
CA PHE A 138 -11.04 -1.87 -10.14
C PHE A 138 -11.51 -3.29 -10.05
N ALA A 139 -11.36 -3.98 -8.89
CA ALA A 139 -11.79 -5.37 -8.85
C ALA A 139 -11.89 -5.88 -7.43
N ARG A 140 -12.47 -7.09 -7.24
CA ARG A 140 -12.55 -7.71 -5.93
C ARG A 140 -11.55 -8.84 -5.89
N GLY A 141 -11.03 -9.22 -4.71
CA GLY A 141 -10.16 -10.39 -4.60
C GLY A 141 -10.66 -11.59 -5.35
N ALA A 142 -12.01 -11.76 -5.53
CA ALA A 142 -12.52 -12.86 -6.34
C ALA A 142 -12.58 -12.51 -7.82
N HIS A 143 -11.79 -11.55 -8.34
CA HIS A 143 -11.77 -11.31 -9.78
C HIS A 143 -11.06 -12.47 -10.43
N GLY A 144 -9.92 -12.91 -9.83
CA GLY A 144 -9.19 -14.05 -10.37
C GLY A 144 -7.77 -14.03 -9.86
N ASP A 145 -7.57 -14.11 -8.52
CA ASP A 145 -6.21 -14.00 -7.97
C ASP A 145 -6.20 -14.36 -6.49
N SER A 146 -5.03 -14.38 -5.84
CA SER A 146 -4.96 -14.70 -4.41
C SER A 146 -5.53 -13.57 -3.59
N TYR A 147 -5.59 -13.74 -2.24
CA TYR A 147 -5.96 -12.65 -1.33
C TYR A 147 -7.46 -12.45 -1.40
N PRO A 148 -8.30 -12.65 -0.37
CA PRO A 148 -9.74 -12.56 -0.57
C PRO A 148 -10.19 -11.12 -0.59
N PHE A 149 -11.46 -10.89 -0.99
CA PHE A 149 -11.99 -9.53 -1.04
C PHE A 149 -12.10 -8.92 0.33
N ASP A 150 -12.47 -9.69 1.38
CA ASP A 150 -12.69 -9.09 2.70
C ASP A 150 -14.01 -8.33 2.68
N GLY A 151 -14.17 -7.29 1.82
CA GLY A 151 -15.41 -6.53 1.74
C GLY A 151 -15.10 -5.09 2.06
N PRO A 152 -16.01 -4.23 2.59
CA PRO A 152 -15.59 -2.88 2.94
C PRO A 152 -14.76 -2.94 4.19
N GLY A 153 -14.12 -1.81 4.61
CA GLY A 153 -13.27 -1.83 5.80
C GLY A 153 -11.92 -2.44 5.48
N ASN A 154 -11.28 -3.10 6.48
CA ASN A 154 -9.95 -3.71 6.33
C ASN A 154 -9.60 -4.12 4.91
N THR A 155 -8.31 -4.01 4.50
CA THR A 155 -7.90 -4.38 3.14
C THR A 155 -8.35 -3.27 2.22
N LEU A 156 -7.41 -2.49 1.62
CA LEU A 156 -7.78 -1.30 0.85
C LEU A 156 -7.45 -1.48 -0.63
N ALA A 157 -6.22 -1.88 -0.99
CA ALA A 157 -5.88 -2.11 -2.39
C ALA A 157 -4.77 -3.12 -2.49
N HIS A 158 -4.93 -4.23 -3.25
CA HIS A 158 -3.82 -5.17 -3.41
C HIS A 158 -3.04 -4.76 -4.64
N ALA A 159 -1.70 -4.89 -4.63
CA ALA A 159 -0.87 -4.50 -5.77
C ALA A 159 0.16 -5.60 -5.92
N PHE A 160 1.01 -5.58 -6.98
CA PHE A 160 1.99 -6.64 -7.17
C PHE A 160 3.39 -6.07 -7.24
N ALA A 161 4.42 -6.96 -7.18
CA ALA A 161 5.81 -6.51 -7.15
C ALA A 161 6.28 -6.34 -8.58
N PRO A 162 7.32 -5.56 -8.95
CA PRO A 162 7.66 -5.37 -10.35
C PRO A 162 8.05 -6.69 -11.00
N GLY A 163 7.08 -7.37 -11.66
CA GLY A 163 7.36 -8.62 -12.36
C GLY A 163 7.38 -8.35 -13.84
N THR A 164 8.41 -8.79 -14.59
CA THR A 164 8.43 -8.59 -16.03
C THR A 164 7.29 -9.43 -16.56
N GLY A 165 6.14 -8.84 -16.96
CA GLY A 165 5.02 -9.62 -17.49
C GLY A 165 3.74 -9.22 -16.80
N LEU A 166 2.89 -10.18 -16.34
CA LEU A 166 1.59 -9.84 -15.75
C LEU A 166 1.86 -9.14 -14.43
N GLY A 167 2.89 -9.57 -13.65
CA GLY A 167 3.17 -8.91 -12.37
C GLY A 167 3.45 -7.43 -12.51
N GLY A 168 3.67 -6.73 -11.37
CA GLY A 168 3.84 -5.28 -11.39
C GLY A 168 2.53 -4.52 -11.34
N ASP A 169 1.35 -5.15 -11.58
CA ASP A 169 0.11 -4.39 -11.67
C ASP A 169 -0.36 -3.80 -10.37
N ALA A 170 -1.31 -2.84 -10.43
CA ALA A 170 -1.94 -2.27 -9.24
C ALA A 170 -3.43 -2.50 -9.34
N HIS A 171 -4.15 -2.87 -8.25
CA HIS A 171 -5.62 -2.98 -8.30
C HIS A 171 -6.20 -2.14 -7.20
N PHE A 172 -7.53 -1.86 -7.22
CA PHE A 172 -8.17 -1.06 -6.18
C PHE A 172 -9.39 -1.80 -5.69
N ASP A 173 -9.58 -1.98 -4.37
CA ASP A 173 -10.77 -2.68 -3.88
C ASP A 173 -11.98 -1.86 -4.30
N GLU A 174 -12.72 -2.27 -5.35
CA GLU A 174 -13.89 -1.50 -5.76
C GLU A 174 -14.85 -1.30 -4.61
N ASP A 175 -14.93 -2.26 -3.65
CA ASP A 175 -15.84 -2.10 -2.52
C ASP A 175 -15.55 -0.82 -1.76
N GLU A 176 -14.25 -0.41 -1.70
CA GLU A 176 -13.89 0.78 -0.93
C GLU A 176 -14.35 2.03 -1.64
N ARG A 177 -14.30 3.19 -0.93
CA ARG A 177 -14.88 4.43 -1.45
C ARG A 177 -13.73 5.25 -1.99
N TRP A 178 -13.77 5.68 -3.27
CA TRP A 178 -12.65 6.44 -3.84
C TRP A 178 -13.17 7.75 -4.37
N THR A 179 -12.49 8.90 -4.17
CA THR A 179 -13.04 10.17 -4.66
C THR A 179 -12.00 11.26 -4.44
N ASP A 180 -11.98 12.40 -5.19
CA ASP A 180 -10.95 13.42 -4.96
C ASP A 180 -11.58 14.75 -4.58
N GLY A 181 -12.41 15.38 -5.44
CA GLY A 181 -13.01 16.66 -5.07
C GLY A 181 -13.90 16.49 -3.87
N SER A 182 -14.71 15.39 -3.79
CA SER A 182 -15.61 15.21 -2.65
C SER A 182 -14.82 15.02 -1.37
N SER A 183 -13.56 14.51 -1.40
CA SER A 183 -12.77 14.38 -0.18
C SER A 183 -13.58 13.78 0.94
N LEU A 184 -13.97 12.50 0.80
CA LEU A 184 -14.88 11.85 1.77
C LEU A 184 -14.26 10.54 2.23
N GLY A 185 -14.03 9.56 1.33
CA GLY A 185 -13.48 8.27 1.75
C GLY A 185 -11.98 8.29 1.58
N ILE A 186 -11.45 7.69 0.49
CA ILE A 186 -10.00 7.53 0.35
C ILE A 186 -9.57 8.29 -0.89
N ASN A 187 -8.65 9.28 -0.78
CA ASN A 187 -8.28 10.02 -1.99
C ASN A 187 -7.58 9.08 -2.94
N PHE A 188 -8.03 8.99 -4.22
CA PHE A 188 -7.40 8.07 -5.16
C PHE A 188 -5.94 8.44 -5.30
N LEU A 189 -5.61 9.75 -5.25
CA LEU A 189 -4.21 10.18 -5.39
C LEU A 189 -3.37 9.71 -4.23
N TYR A 190 -3.82 10.00 -2.99
CA TYR A 190 -3.01 9.64 -1.83
C TYR A 190 -2.75 8.15 -1.85
N ALA A 191 -3.80 7.34 -2.10
CA ALA A 191 -3.61 5.90 -2.17
C ALA A 191 -2.83 5.51 -3.39
N ALA A 192 -2.99 6.21 -4.54
CA ALA A 192 -2.21 5.84 -5.72
C ALA A 192 -0.75 5.85 -5.33
N THR A 193 -0.24 6.91 -4.66
CA THR A 193 1.16 6.89 -4.24
C THR A 193 1.46 5.58 -3.54
N HIS A 194 0.53 5.13 -2.66
CA HIS A 194 0.75 3.88 -1.93
C HIS A 194 0.79 2.71 -2.89
N ALA A 195 -0.32 2.44 -3.61
CA ALA A 195 -0.39 1.25 -4.46
C ALA A 195 0.72 1.25 -5.50
N LEU A 196 0.93 2.38 -6.20
CA LEU A 196 1.95 2.44 -7.23
C LEU A 196 3.32 2.31 -6.59
N GLY A 197 3.57 2.90 -5.40
CA GLY A 197 4.87 2.74 -4.78
C GLY A 197 5.20 1.28 -4.60
N HIS A 198 4.22 0.41 -4.22
CA HIS A 198 4.53 -1.01 -4.09
C HIS A 198 4.91 -1.62 -5.42
N SER A 199 4.40 -1.13 -6.58
CA SER A 199 4.92 -1.60 -7.87
C SER A 199 6.39 -1.26 -8.04
N LEU A 200 7.03 -0.44 -7.18
CA LEU A 200 8.45 -0.15 -7.29
C LEU A 200 9.18 -0.86 -6.16
N GLY A 201 8.60 -1.92 -5.54
CA GLY A 201 9.23 -2.54 -4.38
C GLY A 201 9.50 -1.54 -3.28
N MET A 202 8.70 -0.44 -3.15
CA MET A 202 8.90 0.47 -2.03
C MET A 202 8.41 -0.23 -0.80
N GLY A 203 9.22 -0.35 0.28
CA GLY A 203 8.75 -1.01 1.50
C GLY A 203 8.07 -0.02 2.40
N HIS A 204 7.26 -0.51 3.37
CA HIS A 204 6.64 0.40 4.34
C HIS A 204 7.70 1.14 5.11
N SER A 205 7.33 2.29 5.74
CA SER A 205 8.30 3.09 6.51
C SER A 205 7.73 3.33 7.89
N SER A 206 8.60 3.74 8.85
CA SER A 206 8.17 3.94 10.23
C SER A 206 8.08 5.42 10.57
N ASP A 207 8.10 6.34 9.59
CA ASP A 207 8.16 7.77 9.92
C ASP A 207 6.74 8.26 10.06
N PRO A 208 6.34 9.14 11.01
CA PRO A 208 4.95 9.54 11.09
C PRO A 208 4.52 10.34 9.88
N ASN A 209 5.48 10.93 9.11
CA ASN A 209 5.11 11.65 7.88
C ASN A 209 5.50 10.81 6.68
N ALA A 210 5.32 9.47 6.72
CA ALA A 210 5.70 8.65 5.57
C ALA A 210 4.59 8.58 4.55
N VAL A 211 4.93 8.33 3.27
CA VAL A 211 3.93 8.16 2.21
C VAL A 211 3.53 6.70 2.13
N MET A 212 4.43 5.74 2.50
CA MET A 212 4.07 4.33 2.58
C MET A 212 3.72 4.02 4.02
N TYR A 213 3.17 5.00 4.79
CA TYR A 213 2.94 4.77 6.21
C TYR A 213 1.76 3.85 6.28
N PRO A 214 1.72 2.75 7.07
CA PRO A 214 0.53 1.91 7.04
C PRO A 214 -0.57 2.49 7.90
N THR A 215 -0.35 3.56 8.71
CA THR A 215 -1.45 4.10 9.52
C THR A 215 -2.28 5.08 8.71
N TYR A 216 -1.70 5.75 7.68
CA TYR A 216 -2.42 6.77 6.93
C TYR A 216 -2.66 8.01 7.77
N GLY A 217 -2.81 9.19 7.11
CA GLY A 217 -3.00 10.44 7.84
C GLY A 217 -4.47 10.64 8.09
N ASN A 218 -4.98 11.89 7.99
CA ASN A 218 -6.39 12.12 8.31
C ASN A 218 -7.26 11.49 7.26
N GLY A 219 -7.06 11.77 5.95
CA GLY A 219 -7.94 11.17 4.94
C GLY A 219 -7.62 11.62 3.53
N ASP A 220 -7.87 12.91 3.22
CA ASP A 220 -7.73 13.40 1.85
C ASP A 220 -6.73 14.55 1.84
N PRO A 221 -5.39 14.34 1.91
CA PRO A 221 -4.49 15.47 2.05
C PRO A 221 -4.55 16.40 0.86
N GLN A 222 -4.65 17.74 1.10
CA GLN A 222 -4.68 18.71 0.00
C GLN A 222 -3.27 18.97 -0.51
N ASN A 223 -2.22 19.00 0.35
CA ASN A 223 -0.86 19.25 -0.14
C ASN A 223 -0.06 17.99 0.05
N PHE A 224 -0.59 16.84 -0.45
CA PHE A 224 0.11 15.57 -0.25
C PHE A 224 1.44 15.63 -0.94
N LYS A 225 2.53 15.07 -0.35
CA LYS A 225 3.82 15.03 -1.02
C LYS A 225 4.55 13.73 -0.70
N LEU A 226 5.61 13.39 -1.46
CA LEU A 226 6.43 12.23 -1.12
C LEU A 226 7.14 12.53 0.18
N SER A 227 7.69 11.50 0.88
CA SER A 227 8.34 11.73 2.17
C SER A 227 9.84 11.64 2.07
N GLN A 228 10.57 12.17 3.08
CA GLN A 228 12.02 12.16 3.02
C GLN A 228 12.53 10.76 3.26
N ASP A 229 12.08 10.11 4.38
CA ASP A 229 12.60 8.79 4.72
C ASP A 229 12.21 7.76 3.68
N ASP A 230 11.04 7.92 3.02
CA ASP A 230 10.68 6.96 1.98
C ASP A 230 11.58 7.18 0.79
N ILE A 231 11.74 8.44 0.33
CA ILE A 231 12.57 8.67 -0.87
C ILE A 231 13.93 8.06 -0.63
N LYS A 232 14.60 8.38 0.50
CA LYS A 232 15.96 7.90 0.67
C LYS A 232 15.99 6.39 0.61
N GLY A 233 14.95 5.70 1.13
CA GLY A 233 14.95 4.24 1.09
C GLY A 233 15.06 3.74 -0.33
N ILE A 234 14.36 4.38 -1.29
CA ILE A 234 14.42 3.92 -2.69
C ILE A 234 15.71 4.35 -3.34
N GLN A 235 16.16 5.61 -3.18
CA GLN A 235 17.37 6.03 -3.90
C GLN A 235 18.57 5.21 -3.48
N LYS A 236 18.59 4.62 -2.26
CA LYS A 236 19.76 3.82 -1.86
C LYS A 236 19.98 2.69 -2.84
N LEU A 237 18.91 2.10 -3.44
CA LEU A 237 19.09 1.04 -4.43
C LEU A 237 19.50 1.65 -5.74
N TYR A 238 18.83 2.74 -6.19
CA TYR A 238 19.16 3.34 -7.48
C TYR A 238 20.30 4.34 -7.38
N GLY A 239 21.13 4.33 -6.31
CA GLY A 239 22.23 5.29 -6.26
C GLY A 239 21.66 6.66 -5.97
N LYS A 240 21.50 7.54 -7.00
CA LYS A 240 21.09 8.92 -6.72
C LYS A 240 20.71 9.63 -8.00
N ARG A 241 20.38 10.94 -7.94
CA ARG A 241 20.13 11.74 -9.15
C ARG A 241 18.72 11.49 -9.62
N SER A 242 17.96 12.52 -10.07
CA SER A 242 16.56 12.35 -10.39
C SER A 242 15.96 13.65 -10.88
N ASN A 243 16.11 14.74 -10.07
CA ASN A 243 15.72 16.08 -10.50
C ASN A 243 14.21 16.23 -10.43
N SER A 244 13.66 16.60 -9.25
CA SER A 244 12.19 16.75 -9.11
C SER A 244 11.78 18.18 -8.87
N ARG A 245 10.46 18.47 -9.04
CA ARG A 245 9.94 19.82 -8.81
C ARG A 245 8.42 19.77 -8.89
N LYS A 246 7.70 19.31 -7.82
CA LYS A 246 6.23 19.25 -7.88
C LYS A 246 5.69 20.58 -7.41
N LYS A 247 4.39 20.87 -7.64
CA LYS A 247 3.84 22.19 -7.34
C LYS A 247 3.64 22.30 -5.85
C1 SGN B . 4.01 12.42 -17.11
C2 SGN B . 3.01 11.44 -17.73
C3 SGN B . 2.07 12.18 -18.72
C4 SGN B . 1.49 13.51 -18.14
C5 SGN B . 2.65 14.33 -17.52
C6 SGN B . 2.14 15.61 -16.82
N2 SGN B . 3.70 10.34 -18.40
O3 SGN B . 1.04 11.26 -19.12
O4 SGN B . 0.84 14.31 -19.17
O5 SGN B . 3.32 13.53 -16.53
O6 SGN B . 3.20 16.47 -16.36
S1 SGN B . 5.33 10.52 -19.13
O1S SGN B . 6.17 10.94 -18.04
O2S SGN B . 5.63 9.23 -19.70
O3S SGN B . 5.16 11.61 -20.08
S2 SGN B . 4.16 15.98 -15.31
O4S SGN B . 5.16 15.23 -16.05
O5S SGN B . 3.39 15.21 -14.37
O6S SGN B . 4.68 17.23 -14.74
H1 SGN B . 4.58 11.93 -16.30
H2 SGN B . 2.41 11.03 -16.90
H3 SGN B . 2.65 12.44 -19.62
H4 SGN B . 0.79 13.28 -17.33
H5 SGN B . 3.37 14.64 -18.31
H61 SGN B . 1.46 15.36 -15.99
H62 SGN B . 1.58 16.21 -17.55
HN21 SGN B . 3.21 9.47 -18.51
HO3 SGN B . 0.49 11.00 -18.40
C1 IDS B . -0.52 13.92 -19.50
C2 IDS B . -1.60 14.46 -18.54
C3 IDS B . -1.94 15.95 -18.88
C4 IDS B . -2.13 16.20 -20.40
C5 IDS B . -0.92 15.59 -21.16
C6 IDS B . -1.14 15.78 -22.64
O2 IDS B . -2.79 13.65 -18.56
O3 IDS B . -0.84 16.74 -18.38
O4 IDS B . -3.38 15.69 -20.95
O5 IDS B . -0.82 14.19 -20.87
O6A IDS B . -0.73 16.85 -23.17
O6B IDS B . -1.75 14.88 -23.27
S IDS B . -2.77 12.21 -18.06
O1S IDS B . -1.68 12.11 -17.11
O2S IDS B . -2.58 11.41 -19.25
O3S IDS B . -4.07 12.01 -17.46
H1 IDS B . -0.58 12.83 -19.50
H2 IDS B . -1.25 14.47 -17.50
H3 IDS B . -2.85 16.24 -18.31
H4 IDS B . -2.06 17.29 -20.62
H5 IDS B . 0.02 16.09 -20.87
HO3 IDS B . -0.98 17.68 -18.47
C1 SGN B . -4.53 16.54 -20.70
C2 SGN B . -5.65 15.77 -19.97
C3 SGN B . -6.51 14.91 -20.93
C4 SGN B . -7.04 15.86 -22.04
C5 SGN B . -5.77 16.33 -22.81
C6 SGN B . -6.12 17.19 -24.07
N2 SGN B . -5.07 14.86 -19.00
O3 SGN B . -7.51 14.32 -20.11
O4 SGN B . -8.10 15.28 -22.86
O5 SGN B . -5.00 17.17 -21.90
O6 SGN B . -5.96 18.60 -23.84
S1 SGN B . -5.65 14.71 -17.33
O1S SGN B . -6.56 15.81 -17.09
O2S SGN B . -4.41 14.72 -16.56
O3S SGN B . -6.25 13.40 -17.36
S2 SGN B . -4.59 19.21 -24.00
O4S SGN B . -3.61 18.17 -23.73
O5S SGN B . -4.58 19.66 -25.38
O6S SGN B . -4.57 20.29 -23.04
H1 SGN B . -4.27 17.37 -20.02
H2 SGN B . -6.33 16.47 -19.46
H3 SGN B . -5.87 14.11 -21.35
H4 SGN B . -7.43 16.78 -21.61
H5 SGN B . -5.16 15.47 -23.15
H61 SGN B . -7.18 17.05 -24.31
H62 SGN B . -5.54 16.89 -24.96
HN21 SGN B . -4.34 14.25 -19.34
HO3 SGN B . -7.99 13.64 -20.57
C1 IDS B . -9.39 15.15 -22.20
C2 IDS B . -10.58 15.43 -23.17
C3 IDS B . -10.92 14.18 -24.01
C4 IDS B . -11.06 12.91 -23.11
C5 IDS B . -9.75 12.77 -22.31
C6 IDS B . -9.79 11.54 -21.43
O2 IDS B . -11.77 15.80 -22.44
O3 IDS B . -9.89 13.91 -24.99
O4 IDS B . -12.20 13.02 -22.20
O5 IDS B . -9.59 13.93 -21.48
O6A IDS B . -10.38 10.50 -21.85
O6B IDS B . -9.22 11.61 -20.30
S IDS B . -11.97 17.24 -21.99
O1S IDS B . -10.68 17.88 -21.90
O2S IDS B . -12.80 17.79 -23.04
O3S IDS B . -12.64 17.09 -20.72
H1 IDS B . -9.48 15.90 -21.40
H2 IDS B . -10.33 16.25 -23.86
H3 IDS B . -11.88 14.34 -24.55
H4 IDS B . -11.13 12.03 -23.76
H5 IDS B . -8.88 12.67 -22.98
HO3 IDS B . -9.78 14.63 -25.61
C1 SGN B . -13.41 12.42 -22.70
C2 SGN B . -14.73 13.10 -22.19
C3 SGN B . -15.19 12.62 -20.80
C4 SGN B . -15.17 11.06 -20.79
C5 SGN B . -13.70 10.64 -21.07
C6 SGN B . -13.55 9.10 -20.91
N2 SGN B . -14.52 14.54 -22.16
O3 SGN B . -16.47 13.22 -20.48
O4 SGN B . -15.72 10.57 -19.53
O5 SGN B . -13.39 10.99 -22.43
O6 SGN B . -14.43 8.37 -21.77
S1 SGN B . -15.89 15.68 -22.35
O1S SGN B . -16.31 15.92 -20.99
O2S SGN B . -16.87 14.97 -23.13
O3S SGN B . -15.31 16.87 -22.94
S2 SGN B . -13.86 7.81 -23.05
O4S SGN B . -13.25 6.57 -22.64
O5S SGN B . -15.05 7.64 -23.87
O6S SGN B . -12.92 8.79 -23.57
H1 SGN B . -13.43 12.54 -23.79
H2 SGN B . -15.53 12.86 -22.92
H3 SGN B . -14.46 13.00 -20.06
H4 SGN B . -15.71 10.63 -21.65
H5 SGN B . -12.99 11.12 -20.38
H61 SGN B . -13.89 8.86 -19.88
H62 SGN B . -12.50 8.75 -21.00
HN21 SGN B . -13.61 14.89 -21.96
HO3 SGN B . -16.85 12.88 -19.66
C1 IDS B . -17.12 10.17 -19.59
C2 IDS B . -17.26 8.62 -19.57
C3 IDS B . -17.10 8.04 -18.13
C4 IDS B . -17.93 8.81 -17.07
C5 IDS B . -17.67 10.33 -17.26
C6 IDS B . -18.52 11.11 -16.28
O2 IDS B . -18.55 8.20 -20.08
O3 IDS B . -15.72 8.05 -17.72
O4 IDS B . -19.34 8.50 -17.13
O5 IDS B . -17.96 10.77 -18.59
O6A IDS B . -19.15 12.11 -16.70
O6B IDS B . -18.57 10.72 -15.08
S IDS B . -18.64 7.88 -21.55
O1S IDS B . -17.90 6.64 -21.70
O2S IDS B . -18.05 9.00 -22.25
O3S IDS B . -20.07 7.75 -21.77
H1 IDS B . -17.62 10.58 -20.48
H2 IDS B . -16.47 8.17 -20.19
H3 IDS B . -17.43 6.99 -18.15
H4 IDS B . -17.53 8.57 -16.06
H5 IDS B . -16.60 10.54 -17.08
HO3 IDS B . -15.20 7.48 -18.27
C1 SGN B . -19.70 7.28 -16.42
C2 SGN B . -20.68 6.42 -17.27
C3 SGN B . -22.16 6.89 -17.16
C4 SGN B . -22.48 7.05 -15.65
C5 SGN B . -21.52 8.14 -15.08
C6 SGN B . -21.96 8.50 -13.64
N2 SGN B . -20.29 6.43 -18.67
O3 SGN B . -23.02 5.98 -17.83
O4 SGN B . -23.86 7.37 -15.33
O5 SGN B . -20.19 7.58 -15.10
O6 SGN B . -22.34 7.32 -12.91
S1 SGN B . -20.57 5.03 -19.75
O1S SGN B . -19.25 4.77 -20.29
O2S SGN B . -21.14 3.99 -18.93
O3S SGN B . -21.44 5.58 -20.77
S2 SGN B . -22.94 7.50 -11.53
O4S SGN B . -23.33 6.16 -11.16
O5S SGN B . -21.86 8.05 -10.74
O6S SGN B . -24.06 8.40 -11.72
H1 SGN B . -18.82 6.64 -16.26
H2 SGN B . -20.64 5.38 -16.89
H3 SGN B . -22.26 7.86 -17.67
H4 SGN B . -22.18 6.13 -15.11
H5 SGN B . -21.53 9.07 -15.68
H61 SGN B . -22.82 9.18 -13.70
H62 SGN B . -21.14 9.04 -13.13
HN21 SGN B . -19.93 7.29 -19.05
HO3 SGN B . -23.02 5.11 -17.46
C1 IDS B . -24.76 6.23 -15.29
C2 IDS B . -25.94 6.53 -14.33
C3 IDS B . -26.95 7.51 -14.99
C4 IDS B . -27.35 6.96 -16.38
C5 IDS B . -26.07 6.76 -17.23
C6 IDS B . -26.42 6.22 -18.60
O2 IDS B . -26.52 5.24 -13.99
O3 IDS B . -26.32 8.80 -15.10
O4 IDS B . -28.02 5.70 -16.23
O5 IDS B . -25.22 5.80 -16.58
O6A IDS B . -25.60 5.44 -19.17
O6B IDS B . -27.50 6.57 -19.14
S IDS B . -27.42 5.08 -12.79
O1S IDS B . -27.45 3.65 -12.59
O2S IDS B . -26.76 5.81 -11.72
O3S IDS B . -28.70 5.64 -13.20
H1 IDS B . -24.25 5.35 -14.84
H2 IDS B . -25.51 7.00 -13.42
H3 IDS B . -27.83 7.62 -14.34
H4 IDS B . -28.05 7.66 -16.85
H5 IDS B . -25.56 7.71 -17.38
HO3 IDS B . -26.88 9.45 -15.50
CA CA C . 1.98 -6.42 -15.70
CA CA D . -11.94 -3.39 1.92
ZN ZN E . -5.96 -9.12 -8.10
ZN ZN F . 1.31 -0.98 1.76
N PRO A 1 -6.83 8.48 23.66
CA PRO A 1 -7.65 8.02 24.76
C PRO A 1 -7.67 6.52 24.83
N GLN A 2 -8.31 5.93 25.86
CA GLN A 2 -8.27 4.48 26.07
C GLN A 2 -9.61 3.88 25.68
N GLU A 3 -9.86 3.69 24.36
CA GLU A 3 -11.13 3.10 23.93
C GLU A 3 -11.23 1.65 24.34
N ALA A 4 -10.11 0.88 24.32
CA ALA A 4 -10.19 -0.54 24.68
C ALA A 4 -10.91 -0.78 25.99
N GLY A 5 -10.83 0.14 26.97
CA GLY A 5 -11.53 -0.07 28.24
C GLY A 5 -12.99 -0.37 28.00
N GLY A 6 -13.65 0.34 27.07
CA GLY A 6 -15.06 0.10 26.78
C GLY A 6 -15.26 -0.75 25.55
N MET A 7 -14.33 -1.67 25.19
CA MET A 7 -14.52 -2.56 24.05
C MET A 7 -14.84 -3.96 24.54
N SER A 8 -15.32 -4.85 23.64
CA SER A 8 -15.63 -6.22 24.02
C SER A 8 -14.51 -7.15 23.63
N GLU A 9 -14.56 -8.43 24.08
CA GLU A 9 -13.58 -9.42 23.63
C GLU A 9 -13.62 -9.53 22.12
N LEU A 10 -14.81 -9.45 21.49
CA LEU A 10 -14.88 -9.50 20.02
C LEU A 10 -13.88 -8.56 19.40
N GLN A 11 -13.76 -7.30 19.88
CA GLN A 11 -12.84 -6.37 19.23
C GLN A 11 -11.42 -6.85 19.43
N TRP A 12 -11.02 -7.22 20.66
CA TRP A 12 -9.65 -7.67 20.89
C TRP A 12 -9.37 -8.90 20.04
N GLU A 13 -10.36 -9.80 19.88
CA GLU A 13 -10.16 -11.00 19.08
C GLU A 13 -10.08 -10.63 17.61
N GLN A 14 -10.93 -9.70 17.12
CA GLN A 14 -10.85 -9.26 15.72
C GLN A 14 -9.44 -8.82 15.44
N ALA A 15 -8.83 -7.98 16.30
CA ALA A 15 -7.44 -7.57 16.08
C ALA A 15 -6.59 -8.78 15.79
N GLN A 16 -6.66 -9.85 16.61
CA GLN A 16 -5.81 -11.01 16.37
C GLN A 16 -6.12 -11.63 15.02
N ASP A 17 -7.40 -11.91 14.71
CA ASP A 17 -7.72 -12.52 13.41
C ASP A 17 -7.28 -11.63 12.28
N TYR A 18 -7.37 -10.28 12.42
CA TYR A 18 -6.97 -9.40 11.32
C TYR A 18 -5.48 -9.53 11.09
N LEU A 19 -4.68 -9.86 12.12
CA LEU A 19 -3.25 -10.04 11.88
C LEU A 19 -3.07 -11.31 11.06
N LYS A 20 -3.86 -12.38 11.32
CA LYS A 20 -3.70 -13.61 10.54
C LYS A 20 -3.79 -13.31 9.06
N ARG A 21 -4.72 -12.43 8.61
CA ARG A 21 -4.91 -12.21 7.18
C ARG A 21 -3.80 -11.32 6.66
N PHE A 22 -3.38 -10.28 7.42
CA PHE A 22 -2.34 -9.39 6.90
C PHE A 22 -1.17 -10.24 6.45
N TYR A 23 -0.74 -11.26 7.23
CA TYR A 23 0.39 -12.08 6.83
C TYR A 23 -0.07 -13.43 6.31
N LEU A 24 -0.97 -13.43 5.30
CA LEU A 24 -1.45 -14.69 4.70
C LEU A 24 -2.20 -15.53 5.72
N TYR A 25 -1.50 -16.23 6.64
CA TYR A 25 -2.14 -17.13 7.61
C TYR A 25 -1.04 -17.64 8.51
N ASP A 26 -0.70 -16.89 9.58
CA ASP A 26 0.36 -17.34 10.50
C ASP A 26 -0.24 -18.33 11.47
N SER A 27 -0.26 -19.64 11.12
CA SER A 27 -0.67 -20.66 12.09
C SER A 27 0.43 -20.87 13.12
N GLU A 28 1.71 -20.95 12.71
CA GLU A 28 2.79 -21.16 13.67
C GLU A 28 2.74 -20.14 14.79
N THR A 29 2.40 -18.85 14.52
CA THR A 29 2.38 -17.84 15.58
C THR A 29 0.96 -17.63 16.07
N LYS A 30 0.12 -18.70 16.11
CA LYS A 30 -1.25 -18.59 16.63
C LYS A 30 -1.21 -19.17 18.02
N ASN A 31 -0.94 -18.36 19.07
CA ASN A 31 -0.97 -18.90 20.43
C ASN A 31 -0.91 -17.79 21.45
N ALA A 32 -1.30 -18.04 22.73
CA ALA A 32 -1.33 -16.97 23.73
C ALA A 32 0.04 -16.37 23.91
N ASN A 33 1.07 -17.21 24.15
CA ASN A 33 2.42 -16.67 24.36
C ASN A 33 2.95 -16.13 23.04
N SER A 34 2.69 -16.84 21.92
CA SER A 34 3.23 -16.46 20.62
C SER A 34 2.74 -15.10 20.19
N LEU A 35 1.47 -14.71 20.47
CA LEU A 35 1.01 -13.41 19.98
C LEU A 35 1.97 -12.33 20.43
N GLU A 36 2.61 -12.46 21.62
CA GLU A 36 3.47 -11.40 22.10
C GLU A 36 4.63 -11.25 21.14
N ALA A 37 5.33 -12.35 20.79
CA ALA A 37 6.41 -12.27 19.80
C ALA A 37 5.88 -11.84 18.46
N LYS A 38 4.65 -12.28 18.09
CA LYS A 38 4.11 -11.96 16.76
C LYS A 38 3.89 -10.47 16.63
N LEU A 39 3.15 -9.84 17.58
CA LEU A 39 2.81 -8.44 17.40
C LEU A 39 4.11 -7.67 17.47
N LYS A 40 5.01 -7.97 18.43
CA LYS A 40 6.36 -7.40 18.42
C LYS A 40 6.86 -7.16 17.01
N GLU A 41 6.80 -8.18 16.11
CA GLU A 41 7.35 -8.00 14.76
C GLU A 41 6.54 -6.98 13.99
N MET A 42 5.19 -7.04 14.07
CA MET A 42 4.36 -6.05 13.38
C MET A 42 4.88 -4.68 13.75
N GLN A 43 5.11 -4.45 15.05
CA GLN A 43 5.42 -3.10 15.51
C GLN A 43 6.61 -2.54 14.77
N LYS A 44 7.68 -3.33 14.55
CA LYS A 44 8.84 -2.82 13.83
C LYS A 44 8.45 -2.51 12.40
N PHE A 45 7.70 -3.41 11.72
CA PHE A 45 7.25 -3.11 10.36
C PHE A 45 6.59 -1.76 10.31
N PHE A 46 5.81 -1.40 11.36
CA PHE A 46 5.13 -0.11 11.38
C PHE A 46 6.04 1.00 11.83
N GLY A 47 6.92 0.79 12.83
CA GLY A 47 7.76 1.87 13.36
C GLY A 47 7.32 2.26 14.75
N LEU A 48 5.99 2.30 15.01
CA LEU A 48 5.46 2.76 16.30
C LEU A 48 6.26 2.21 17.48
N PRO A 49 6.56 2.97 18.58
CA PRO A 49 7.38 2.42 19.66
C PRO A 49 6.60 1.68 20.73
N ILE A 50 5.26 1.85 20.87
CA ILE A 50 4.54 1.17 21.95
C ILE A 50 4.44 -0.30 21.58
N THR A 51 5.26 -1.22 22.18
CA THR A 51 5.24 -2.63 21.77
C THR A 51 4.68 -3.58 22.81
N GLY A 52 4.37 -4.83 22.40
CA GLY A 52 3.80 -5.80 23.33
C GLY A 52 2.47 -5.32 23.86
N MET A 53 1.73 -4.45 23.13
CA MET A 53 0.49 -3.88 23.65
C MET A 53 -0.44 -3.57 22.50
N LEU A 54 -1.77 -3.47 22.74
CA LEU A 54 -2.65 -2.96 21.70
C LEU A 54 -3.91 -2.38 22.31
N ASN A 55 -4.41 -1.23 21.81
CA ASN A 55 -5.55 -0.55 22.44
C ASN A 55 -5.72 0.87 21.90
N SER A 56 -4.63 1.66 21.77
CA SER A 56 -4.74 3.04 21.29
C SER A 56 -4.43 3.08 19.81
N ARG A 57 -3.21 3.44 19.36
CA ARG A 57 -2.95 3.54 17.92
C ARG A 57 -2.92 2.15 17.32
N VAL A 58 -2.35 1.14 18.02
CA VAL A 58 -2.20 -0.18 17.40
C VAL A 58 -3.56 -0.74 17.06
N ILE A 59 -4.60 -0.63 17.91
CA ILE A 59 -5.90 -1.19 17.52
C ILE A 59 -6.45 -0.31 16.40
N GLU A 60 -6.29 1.04 16.50
CA GLU A 60 -6.90 1.93 15.51
C GLU A 60 -6.44 1.55 14.11
N ILE A 61 -5.13 1.30 13.93
CA ILE A 61 -4.60 1.00 12.59
C ILE A 61 -4.95 -0.40 12.15
N MET A 62 -5.13 -1.37 13.09
CA MET A 62 -5.50 -2.71 12.68
C MET A 62 -6.89 -2.63 12.09
N GLN A 63 -7.86 -2.02 12.81
CA GLN A 63 -9.21 -1.90 12.27
C GLN A 63 -9.24 -1.01 11.05
N LYS A 64 -8.51 0.13 11.02
CA LYS A 64 -8.64 1.04 9.88
C LYS A 64 -8.03 0.44 8.64
N PRO A 65 -8.53 0.72 7.40
CA PRO A 65 -7.89 0.18 6.22
C PRO A 65 -6.58 0.87 5.94
N ARG A 66 -5.74 0.34 5.03
CA ARG A 66 -4.44 0.94 4.73
C ARG A 66 -3.84 0.39 3.44
N CYS A 67 -3.66 -0.93 3.32
CA CYS A 67 -3.10 -1.49 2.09
C CYS A 67 -3.48 -2.95 2.07
N GLY A 68 -3.42 -3.63 0.91
CA GLY A 68 -3.90 -5.01 0.84
C GLY A 68 -2.80 -5.88 0.32
N VAL A 69 -1.53 -5.50 0.58
CA VAL A 69 -0.39 -6.25 0.06
C VAL A 69 0.12 -7.00 1.26
N PRO A 70 0.37 -8.33 1.28
CA PRO A 70 0.84 -8.94 2.51
C PRO A 70 2.24 -8.43 2.80
N ASP A 71 2.69 -8.52 4.07
CA ASP A 71 4.01 -8.01 4.44
C ASP A 71 4.96 -9.16 4.63
N VAL A 72 4.84 -10.22 3.80
CA VAL A 72 5.69 -11.39 3.93
C VAL A 72 5.83 -12.00 2.55
N ALA A 73 6.93 -12.72 2.26
CA ALA A 73 7.10 -13.31 0.94
C ALA A 73 8.03 -14.48 1.02
N GLU A 74 8.05 -15.38 0.02
CA GLU A 74 8.89 -16.57 0.12
C GLU A 74 9.05 -17.19 -1.25
N TYR A 75 9.82 -18.29 -1.36
CA TYR A 75 9.94 -18.98 -2.64
C TYR A 75 10.66 -18.11 -3.65
N SER A 76 10.91 -18.66 -4.86
CA SER A 76 11.66 -17.91 -5.87
C SER A 76 10.96 -16.60 -6.20
N LEU A 77 11.47 -15.45 -5.71
CA LEU A 77 10.86 -14.16 -6.07
C LEU A 77 11.91 -13.07 -6.06
N PHE A 78 13.00 -13.24 -6.86
CA PHE A 78 14.07 -12.25 -6.92
C PHE A 78 14.23 -11.81 -8.36
N PRO A 79 13.32 -10.98 -8.93
CA PRO A 79 13.44 -10.62 -10.34
C PRO A 79 14.57 -9.64 -10.56
N ASN A 80 14.78 -9.20 -11.82
CA ASN A 80 15.87 -8.26 -12.12
C ASN A 80 15.80 -7.08 -11.17
N SER A 81 16.64 -7.05 -10.12
CA SER A 81 16.63 -5.95 -9.15
C SER A 81 15.36 -5.96 -8.34
N PRO A 82 15.31 -5.55 -7.04
CA PRO A 82 14.02 -5.45 -6.37
C PRO A 82 13.28 -4.19 -6.74
N LYS A 83 13.70 -3.40 -7.77
CA LYS A 83 12.97 -2.19 -8.15
C LYS A 83 12.74 -2.22 -9.65
N TRP A 84 12.07 -1.18 -10.20
CA TRP A 84 12.02 -1.03 -11.66
C TRP A 84 13.41 -0.69 -12.19
N THR A 85 14.16 -1.67 -12.74
CA THR A 85 15.43 -1.36 -13.41
C THR A 85 15.27 -1.24 -14.91
N SER A 86 14.05 -1.32 -15.50
CA SER A 86 13.94 -1.28 -16.96
C SER A 86 14.41 0.05 -17.50
N LYS A 87 14.73 0.14 -18.82
CA LYS A 87 15.12 1.43 -19.38
C LYS A 87 13.92 2.34 -19.25
N VAL A 88 12.70 1.90 -19.65
CA VAL A 88 11.50 2.72 -19.50
C VAL A 88 10.41 1.90 -18.87
N VAL A 89 9.40 2.52 -18.21
CA VAL A 89 8.24 1.77 -17.73
C VAL A 89 6.99 2.53 -18.11
N THR A 90 5.86 1.82 -18.38
CA THR A 90 4.66 2.51 -18.86
C THR A 90 3.46 1.92 -18.15
N TYR A 91 2.29 2.62 -18.12
CA TYR A 91 1.18 2.18 -17.27
C TYR A 91 -0.15 2.58 -17.89
N ARG A 92 -1.22 1.76 -17.80
CA ARG A 92 -2.51 2.13 -18.42
C ARG A 92 -3.65 1.73 -17.51
N ILE A 93 -4.86 2.33 -17.70
CA ILE A 93 -5.97 2.03 -16.79
C ILE A 93 -6.82 0.95 -17.43
N VAL A 94 -7.34 -0.04 -16.64
CA VAL A 94 -8.16 -1.10 -17.21
C VAL A 94 -9.59 -0.62 -17.23
N SER A 95 -10.12 -0.20 -16.05
CA SER A 95 -11.53 0.17 -15.94
C SER A 95 -11.63 1.33 -14.98
N TYR A 96 -12.84 1.85 -14.70
CA TYR A 96 -12.96 2.99 -13.80
C TYR A 96 -14.13 2.77 -12.87
N THR A 97 -14.18 3.55 -11.77
CA THR A 97 -15.20 3.35 -10.74
C THR A 97 -16.19 4.48 -10.89
N ARG A 98 -17.51 4.23 -10.74
CA ARG A 98 -18.48 5.30 -10.98
C ARG A 98 -18.24 6.50 -10.09
N ASP A 99 -17.56 6.34 -8.93
CA ASP A 99 -17.26 7.50 -8.10
C ASP A 99 -16.51 8.56 -8.88
N LEU A 100 -15.50 8.16 -9.70
CA LEU A 100 -14.63 9.11 -10.38
C LEU A 100 -14.69 8.86 -11.88
N PRO A 101 -14.67 9.85 -12.80
CA PRO A 101 -14.65 9.50 -14.21
C PRO A 101 -13.32 8.91 -14.61
N HIS A 102 -13.27 8.25 -15.79
CA HIS A 102 -12.06 7.53 -16.22
C HIS A 102 -10.88 8.47 -16.22
N ILE A 103 -11.03 9.68 -16.82
CA ILE A 103 -9.91 10.61 -16.89
C ILE A 103 -9.35 10.90 -15.51
N THR A 104 -10.25 11.10 -14.51
CA THR A 104 -9.78 11.54 -13.21
C THR A 104 -9.00 10.41 -12.57
N VAL A 105 -9.45 9.14 -12.71
CA VAL A 105 -8.63 8.03 -12.21
C VAL A 105 -7.29 8.14 -12.89
N ASP A 106 -7.28 8.24 -14.25
CA ASP A 106 -6.01 8.18 -14.97
C ASP A 106 -5.03 9.21 -14.46
N ARG A 107 -5.42 10.49 -14.39
CA ARG A 107 -4.47 11.51 -13.94
C ARG A 107 -4.06 11.28 -12.51
N LEU A 108 -4.96 10.84 -11.60
CA LEU A 108 -4.55 10.62 -10.20
C LEU A 108 -3.47 9.58 -10.15
N VAL A 109 -3.49 8.53 -11.00
CA VAL A 109 -2.38 7.56 -10.95
C VAL A 109 -1.15 8.27 -11.40
N SER A 110 -1.21 9.01 -12.54
CA SER A 110 -0.01 9.67 -13.04
C SER A 110 0.52 10.64 -12.03
N LYS A 111 -0.38 11.38 -11.34
CA LYS A 111 0.07 12.43 -10.43
C LYS A 111 0.81 11.81 -9.27
N ALA A 112 0.47 10.57 -8.83
CA ALA A 112 1.24 9.92 -7.77
C ALA A 112 2.44 9.20 -8.35
N LEU A 113 2.20 8.28 -9.32
CA LEU A 113 3.28 7.58 -10.01
C LEU A 113 4.38 8.55 -10.39
N ASN A 114 4.03 9.65 -11.09
CA ASN A 114 5.05 10.57 -11.58
C ASN A 114 5.86 11.11 -10.44
N MET A 115 5.23 11.51 -9.31
CA MET A 115 6.03 11.97 -8.18
C MET A 115 7.02 10.90 -7.81
N TRP A 116 6.62 9.60 -7.71
CA TRP A 116 7.63 8.59 -7.43
C TRP A 116 8.74 8.65 -8.45
N GLY A 117 8.42 8.66 -9.77
CA GLY A 117 9.47 8.68 -10.79
C GLY A 117 10.38 9.86 -10.62
N LYS A 118 9.84 11.02 -10.18
CA LYS A 118 10.67 12.20 -9.99
C LYS A 118 11.72 11.99 -8.91
N GLU A 119 11.62 10.94 -8.05
CA GLU A 119 12.63 10.72 -7.03
C GLU A 119 13.81 9.91 -7.53
N ILE A 120 13.92 9.61 -8.84
CA ILE A 120 14.94 8.67 -9.32
C ILE A 120 15.27 8.98 -10.76
N PRO A 121 16.43 8.59 -11.34
CA PRO A 121 16.70 8.94 -12.73
C PRO A 121 15.96 8.07 -13.73
N LEU A 122 14.97 7.24 -13.33
CA LEU A 122 14.22 6.47 -14.31
C LEU A 122 13.49 7.35 -15.30
N HIS A 123 12.99 6.74 -16.40
CA HIS A 123 12.29 7.47 -17.45
C HIS A 123 10.93 6.83 -17.58
N PHE A 124 9.79 7.55 -17.47
CA PHE A 124 8.46 6.94 -17.65
C PHE A 124 7.86 7.42 -18.95
N ARG A 125 7.00 6.61 -19.62
CA ARG A 125 6.45 6.97 -20.93
C ARG A 125 4.97 7.25 -20.79
N LYS A 126 4.37 8.03 -21.72
CA LYS A 126 2.93 8.27 -21.69
C LYS A 126 2.31 7.21 -22.59
N VAL A 127 1.24 6.48 -22.15
CA VAL A 127 0.62 5.45 -22.98
C VAL A 127 -0.48 6.01 -23.85
N VAL A 128 -0.41 5.80 -25.17
CA VAL A 128 -1.52 6.15 -26.07
C VAL A 128 -1.89 5.08 -27.09
N TRP A 129 -1.05 4.08 -27.46
CA TRP A 129 -1.41 3.12 -28.50
C TRP A 129 -0.79 1.79 -28.09
N GLY A 130 -1.58 0.75 -27.76
CA GLY A 130 -1.00 -0.56 -27.39
C GLY A 130 -1.15 -0.83 -25.91
N THR A 131 -0.61 -1.98 -25.43
CA THR A 131 -0.75 -2.35 -24.02
C THR A 131 0.37 -1.74 -23.22
N ALA A 132 0.33 -1.86 -21.87
CA ALA A 132 1.37 -1.26 -21.02
C ALA A 132 1.93 -2.28 -20.04
N ASP A 133 2.92 -1.90 -19.20
CA ASP A 133 3.56 -2.87 -18.31
C ASP A 133 2.71 -2.99 -17.07
N ILE A 134 2.40 -1.85 -16.41
CA ILE A 134 1.54 -1.89 -15.22
C ILE A 134 0.14 -1.70 -15.75
N MET A 135 -0.87 -2.33 -15.10
CA MET A 135 -2.26 -2.08 -15.45
C MET A 135 -2.95 -1.63 -14.19
N ILE A 136 -3.80 -0.57 -14.22
CA ILE A 136 -4.43 -0.07 -13.00
C ILE A 136 -5.90 -0.45 -13.12
N GLY A 137 -6.41 -1.45 -12.36
CA GLY A 137 -7.81 -1.84 -12.52
C GLY A 137 -8.51 -1.88 -11.18
N PHE A 138 -9.84 -2.16 -11.21
CA PHE A 138 -10.61 -2.29 -9.97
C PHE A 138 -11.28 -3.63 -9.99
N ALA A 139 -11.16 -4.47 -8.92
CA ALA A 139 -11.88 -5.73 -8.90
C ALA A 139 -11.77 -6.37 -7.55
N ARG A 140 -12.57 -7.43 -7.27
CA ARG A 140 -12.46 -8.15 -6.01
C ARG A 140 -11.62 -9.39 -6.24
N GLY A 141 -11.34 -10.21 -5.21
CA GLY A 141 -10.48 -11.37 -5.38
C GLY A 141 -11.05 -12.32 -6.42
N ALA A 142 -12.40 -12.34 -6.60
CA ALA A 142 -12.98 -13.18 -7.63
C ALA A 142 -12.34 -12.95 -8.99
N HIS A 143 -11.74 -11.76 -9.26
CA HIS A 143 -11.09 -11.56 -10.56
C HIS A 143 -10.20 -12.74 -10.89
N GLY A 144 -9.42 -13.21 -9.89
CA GLY A 144 -8.54 -14.35 -10.10
C GLY A 144 -7.30 -14.18 -9.26
N ASP A 145 -7.43 -14.22 -7.91
CA ASP A 145 -6.28 -14.07 -7.02
C ASP A 145 -6.54 -14.88 -5.77
N SER A 146 -5.47 -15.27 -5.03
CA SER A 146 -5.64 -16.09 -3.85
C SER A 146 -6.00 -15.24 -2.66
N TYR A 147 -6.50 -15.86 -1.57
CA TYR A 147 -6.88 -15.13 -0.35
C TYR A 147 -8.13 -14.32 -0.57
N PRO A 148 -9.11 -14.20 0.37
CA PRO A 148 -10.27 -13.36 0.09
C PRO A 148 -9.85 -11.93 0.24
N PHE A 149 -10.52 -11.01 -0.49
CA PHE A 149 -10.19 -9.58 -0.39
C PHE A 149 -10.97 -9.00 0.76
N ASP A 150 -12.14 -9.57 1.16
CA ASP A 150 -12.95 -9.04 2.28
C ASP A 150 -13.92 -7.98 1.82
N GLY A 151 -13.86 -7.51 0.55
CA GLY A 151 -14.78 -6.45 0.11
C GLY A 151 -14.63 -5.26 1.04
N PRO A 152 -15.64 -4.80 1.82
CA PRO A 152 -15.42 -3.61 2.63
C PRO A 152 -14.57 -3.95 3.83
N GLY A 153 -14.11 -2.93 4.60
CA GLY A 153 -13.31 -3.23 5.78
C GLY A 153 -11.85 -3.47 5.42
N ASN A 154 -11.10 -4.10 6.36
CA ASN A 154 -9.66 -4.35 6.19
C ASN A 154 -9.24 -4.70 4.77
N THR A 155 -7.92 -4.61 4.45
CA THR A 155 -7.44 -4.99 3.12
C THR A 155 -7.92 -3.93 2.15
N LEU A 156 -7.14 -2.84 1.98
CA LEU A 156 -7.57 -1.73 1.12
C LEU A 156 -7.29 -1.99 -0.34
N ALA A 157 -6.03 -2.28 -0.73
CA ALA A 157 -5.72 -2.46 -2.14
C ALA A 157 -4.51 -3.35 -2.33
N HIS A 158 -4.61 -4.52 -3.01
CA HIS A 158 -3.41 -5.31 -3.26
C HIS A 158 -2.68 -4.70 -4.45
N ALA A 159 -1.34 -4.88 -4.50
CA ALA A 159 -0.54 -4.37 -5.60
C ALA A 159 0.56 -5.39 -5.84
N PHE A 160 1.08 -5.54 -7.07
CA PHE A 160 2.05 -6.62 -7.31
C PHE A 160 3.45 -6.08 -7.24
N ALA A 161 4.44 -6.93 -6.85
CA ALA A 161 5.82 -6.48 -6.69
C ALA A 161 6.47 -6.30 -8.04
N PRO A 162 7.55 -5.50 -8.21
CA PRO A 162 8.16 -5.35 -9.54
C PRO A 162 8.79 -6.64 -9.97
N GLY A 163 8.02 -7.56 -10.62
CA GLY A 163 8.58 -8.86 -11.01
C GLY A 163 7.96 -9.41 -12.26
N THR A 164 8.64 -9.35 -13.43
CA THR A 164 8.08 -9.87 -14.68
C THR A 164 7.02 -8.92 -15.16
N GLY A 165 6.75 -8.83 -16.49
CA GLY A 165 5.71 -7.92 -16.96
C GLY A 165 4.41 -8.11 -16.22
N LEU A 166 4.07 -9.36 -15.86
CA LEU A 166 2.83 -9.61 -15.13
C LEU A 166 2.93 -8.84 -13.83
N GLY A 167 4.00 -9.06 -13.03
CA GLY A 167 4.13 -8.34 -11.77
C GLY A 167 4.31 -6.87 -12.01
N GLY A 168 4.27 -6.05 -10.94
CA GLY A 168 4.21 -4.60 -11.10
C GLY A 168 2.78 -4.14 -11.17
N ASP A 169 1.79 -4.94 -11.64
CA ASP A 169 0.44 -4.42 -11.79
C ASP A 169 -0.08 -3.80 -10.50
N ALA A 170 -1.01 -2.81 -10.59
CA ALA A 170 -1.61 -2.25 -9.37
C ALA A 170 -3.08 -2.56 -9.42
N HIS A 171 -3.74 -2.82 -8.28
CA HIS A 171 -5.19 -3.07 -8.29
C HIS A 171 -5.82 -2.27 -7.17
N PHE A 172 -7.17 -2.14 -7.17
CA PHE A 172 -7.86 -1.34 -6.16
C PHE A 172 -9.10 -2.10 -5.74
N ASP A 173 -9.34 -2.32 -4.42
CA ASP A 173 -10.55 -3.03 -4.00
C ASP A 173 -11.74 -2.25 -4.52
N GLU A 174 -12.44 -2.71 -5.58
CA GLU A 174 -13.57 -1.94 -6.11
C GLU A 174 -14.53 -1.69 -4.97
N ASP A 175 -14.76 -2.70 -4.11
CA ASP A 175 -15.71 -2.55 -3.02
C ASP A 175 -15.38 -1.34 -2.15
N GLU A 176 -14.06 -1.07 -1.90
CA GLU A 176 -13.70 0.06 -1.04
C GLU A 176 -14.13 1.36 -1.65
N ARG A 177 -14.20 2.43 -0.83
CA ARG A 177 -14.64 3.73 -1.31
C ARG A 177 -13.48 4.41 -2.01
N TRP A 178 -13.74 5.19 -3.08
CA TRP A 178 -12.66 5.87 -3.80
C TRP A 178 -13.18 7.20 -4.27
N THR A 179 -12.43 8.32 -4.11
CA THR A 179 -12.93 9.63 -4.53
C THR A 179 -11.82 10.65 -4.34
N ASP A 180 -11.96 11.91 -4.80
CA ASP A 180 -10.89 12.90 -4.62
C ASP A 180 -11.50 14.24 -4.28
N GLY A 181 -12.37 14.82 -5.14
CA GLY A 181 -13.03 16.07 -4.77
C GLY A 181 -13.87 15.91 -3.52
N SER A 182 -14.53 14.74 -3.32
CA SER A 182 -15.37 14.57 -2.13
C SER A 182 -14.51 14.34 -0.90
N SER A 183 -13.32 13.69 -1.02
CA SER A 183 -12.48 13.43 0.14
C SER A 183 -13.29 12.82 1.27
N LEU A 184 -14.23 11.90 0.93
CA LEU A 184 -15.12 11.29 1.91
C LEU A 184 -14.49 9.98 2.36
N GLY A 185 -14.12 9.08 1.42
CA GLY A 185 -13.58 7.78 1.77
C GLY A 185 -12.07 7.80 1.70
N ILE A 186 -11.46 7.16 0.65
CA ILE A 186 -10.01 7.03 0.61
C ILE A 186 -9.52 7.92 -0.52
N ASN A 187 -8.63 8.92 -0.25
CA ASN A 187 -8.20 9.80 -1.32
C ASN A 187 -7.42 8.98 -2.33
N PHE A 188 -7.80 9.02 -3.62
CA PHE A 188 -7.06 8.25 -4.62
C PHE A 188 -5.62 8.70 -4.61
N LEU A 189 -5.37 10.03 -4.55
CA LEU A 189 -4.00 10.53 -4.64
C LEU A 189 -3.16 9.85 -3.59
N TYR A 190 -3.67 9.80 -2.33
CA TYR A 190 -2.87 9.29 -1.23
C TYR A 190 -2.65 7.80 -1.39
N ALA A 191 -3.74 7.02 -1.62
CA ALA A 191 -3.57 5.58 -1.77
C ALA A 191 -2.72 5.28 -2.96
N ALA A 192 -2.96 5.95 -4.11
CA ALA A 192 -2.16 5.69 -5.32
C ALA A 192 -0.68 5.75 -4.96
N THR A 193 -0.23 6.73 -4.16
CA THR A 193 1.20 6.79 -3.83
C THR A 193 1.57 5.52 -3.10
N HIS A 194 0.70 5.02 -2.19
CA HIS A 194 0.99 3.77 -1.48
C HIS A 194 1.00 2.61 -2.47
N ALA A 195 -0.08 2.45 -3.28
CA ALA A 195 -0.20 1.31 -4.19
C ALA A 195 0.91 1.30 -5.22
N LEU A 196 1.13 2.44 -5.90
CA LEU A 196 2.17 2.50 -6.92
C LEU A 196 3.50 2.31 -6.23
N GLY A 197 3.74 2.91 -5.03
CA GLY A 197 5.00 2.69 -4.33
C GLY A 197 5.33 1.22 -4.24
N HIS A 198 4.35 0.36 -3.88
CA HIS A 198 4.62 -1.08 -3.83
C HIS A 198 5.08 -1.60 -5.18
N SER A 199 4.47 -1.16 -6.29
CA SER A 199 4.93 -1.65 -7.59
C SER A 199 6.35 -1.25 -7.91
N LEU A 200 7.02 -0.37 -7.11
CA LEU A 200 8.45 -0.08 -7.31
C LEU A 200 9.31 -0.87 -6.34
N GLY A 201 8.75 -1.78 -5.50
CA GLY A 201 9.58 -2.49 -4.52
C GLY A 201 9.81 -1.68 -3.27
N MET A 202 9.39 -0.40 -3.18
CA MET A 202 9.60 0.34 -1.94
C MET A 202 8.96 -0.45 -0.82
N GLY A 203 9.67 -0.67 0.31
CA GLY A 203 9.05 -1.35 1.44
C GLY A 203 8.39 -0.32 2.33
N HIS A 204 7.55 -0.75 3.31
CA HIS A 204 6.93 0.23 4.19
C HIS A 204 8.00 0.96 4.96
N SER A 205 7.66 2.12 5.58
CA SER A 205 8.66 2.92 6.29
C SER A 205 8.26 3.12 7.72
N SER A 206 9.21 3.58 8.58
CA SER A 206 8.93 3.77 10.00
C SER A 206 8.68 5.23 10.35
N ASP A 207 8.64 6.18 9.38
CA ASP A 207 8.59 7.59 9.74
C ASP A 207 7.14 7.97 9.97
N PRO A 208 6.73 8.79 10.98
CA PRO A 208 5.31 9.03 11.18
C PRO A 208 4.70 9.79 10.02
N ASN A 209 5.50 10.50 9.19
CA ASN A 209 4.96 11.24 8.04
C ASN A 209 5.48 10.58 6.79
N ALA A 210 5.40 9.23 6.68
CA ALA A 210 5.87 8.55 5.48
C ALA A 210 4.79 8.55 4.42
N VAL A 211 5.16 8.30 3.14
CA VAL A 211 4.16 8.17 2.07
C VAL A 211 3.63 6.75 2.07
N MET A 212 4.50 5.72 2.28
CA MET A 212 4.02 4.35 2.40
C MET A 212 3.80 4.07 3.88
N TYR A 213 3.18 4.99 4.66
CA TYR A 213 3.04 4.74 6.08
C TYR A 213 1.88 3.78 6.19
N PRO A 214 1.92 2.65 6.94
CA PRO A 214 0.75 1.79 7.02
C PRO A 214 -0.32 2.41 7.88
N THR A 215 -0.05 3.46 8.68
CA THR A 215 -1.13 4.06 9.46
C THR A 215 -1.96 4.95 8.58
N TYR A 216 -1.47 5.37 7.39
CA TYR A 216 -2.22 6.29 6.52
C TYR A 216 -2.28 7.64 7.18
N GLY A 217 -1.52 8.65 6.68
CA GLY A 217 -1.57 10.00 7.26
C GLY A 217 -2.99 10.36 7.60
N ASN A 218 -3.30 10.64 8.89
CA ASN A 218 -4.67 10.96 9.26
C ASN A 218 -5.14 12.15 8.45
N GLY A 219 -4.29 13.19 8.28
CA GLY A 219 -4.65 14.35 7.46
C GLY A 219 -3.80 14.34 6.21
N ASP A 220 -4.41 14.33 4.99
CA ASP A 220 -3.64 14.37 3.75
C ASP A 220 -3.91 15.73 3.11
N PRO A 221 -3.09 16.81 3.25
CA PRO A 221 -3.51 18.09 2.72
C PRO A 221 -3.47 18.08 1.21
N GLN A 222 -3.94 19.17 0.55
CA GLN A 222 -3.95 19.18 -0.92
C GLN A 222 -2.52 19.20 -1.41
N ASN A 223 -1.60 19.91 -0.72
CA ASN A 223 -0.20 19.93 -1.13
C ASN A 223 0.51 18.60 -0.90
N PHE A 224 -0.11 17.62 -0.19
CA PHE A 224 0.52 16.32 0.08
C PHE A 224 1.47 15.85 -0.99
N LYS A 225 2.61 15.21 -0.60
CA LYS A 225 3.59 14.80 -1.60
C LYS A 225 4.49 13.71 -1.07
N LEU A 226 5.52 13.27 -1.85
CA LEU A 226 6.46 12.27 -1.37
C LEU A 226 7.05 12.68 -0.02
N SER A 227 7.54 11.70 0.76
CA SER A 227 8.03 11.96 2.12
C SER A 227 9.53 11.93 2.16
N GLN A 228 10.15 12.50 3.22
CA GLN A 228 11.61 12.56 3.28
C GLN A 228 12.17 11.16 3.34
N ASP A 229 11.67 10.31 4.26
CA ASP A 229 12.28 8.99 4.46
C ASP A 229 12.03 8.10 3.27
N ASP A 230 10.87 8.21 2.59
CA ASP A 230 10.66 7.46 1.36
C ASP A 230 11.65 7.91 0.29
N ILE A 231 11.89 9.23 0.15
CA ILE A 231 12.77 9.69 -0.92
C ILE A 231 14.15 9.12 -0.68
N LYS A 232 14.71 9.27 0.54
CA LYS A 232 16.05 8.71 0.77
C LYS A 232 16.00 7.21 0.61
N GLY A 233 14.91 6.54 1.05
CA GLY A 233 14.89 5.08 1.01
C GLY A 233 15.02 4.60 -0.41
N ILE A 234 14.26 5.18 -1.36
CA ILE A 234 14.37 4.73 -2.75
C ILE A 234 15.72 5.16 -3.29
N GLN A 235 16.18 6.40 -3.02
CA GLN A 235 17.43 6.86 -3.61
C GLN A 235 18.61 6.09 -3.07
N LYS A 236 18.54 5.48 -1.86
CA LYS A 236 19.72 4.78 -1.32
C LYS A 236 20.04 3.61 -2.22
N LEU A 237 19.03 2.95 -2.83
CA LEU A 237 19.28 1.75 -3.63
C LEU A 237 19.56 2.15 -5.06
N TYR A 238 18.78 3.09 -5.65
CA TYR A 238 19.08 3.58 -6.99
C TYR A 238 20.42 4.29 -7.00
N GLY A 239 20.82 4.97 -5.90
CA GLY A 239 22.10 5.66 -5.86
C GLY A 239 22.01 6.98 -6.61
N LYS A 240 21.15 7.91 -6.14
CA LYS A 240 21.02 9.21 -6.83
C LYS A 240 20.34 10.19 -5.90
N ARG A 241 19.63 11.26 -6.36
CA ARG A 241 18.89 12.12 -5.44
C ARG A 241 17.66 12.68 -6.17
N SER A 242 17.01 13.76 -5.69
CA SER A 242 15.82 14.30 -6.33
C SER A 242 15.88 15.82 -6.33
N ASN A 243 14.81 16.54 -6.72
CA ASN A 243 14.85 18.01 -6.73
C ASN A 243 13.66 18.53 -5.95
N SER A 244 13.37 19.86 -5.97
CA SER A 244 12.28 20.40 -5.15
C SER A 244 10.93 19.90 -5.64
N ARG A 245 9.82 20.29 -4.97
CA ARG A 245 8.48 19.85 -5.39
C ARG A 245 7.51 21.01 -5.42
N LYS A 246 6.30 20.80 -5.99
CA LYS A 246 5.32 21.86 -6.15
C LYS A 246 3.94 21.28 -5.95
N LYS A 247 2.85 22.09 -6.09
CA LYS A 247 1.49 21.54 -6.05
C LYS A 247 1.14 21.11 -4.65
C1 SGN B . 3.57 12.46 -17.07
C2 SGN B . 2.70 11.43 -17.83
C3 SGN B . 1.77 12.14 -18.85
C4 SGN B . 1.04 13.37 -18.24
C5 SGN B . 2.08 14.25 -17.49
C6 SGN B . 1.44 15.45 -16.75
N2 SGN B . 3.56 10.47 -18.51
O3 SGN B . 0.88 11.15 -19.38
O4 SGN B . 0.39 14.14 -19.29
O5 SGN B . 2.74 13.47 -16.48
O6 SGN B . 2.24 15.93 -15.65
S1 SGN B . 5.15 10.91 -19.18
O1S SGN B . 6.05 10.52 -18.11
O2S SGN B . 5.32 10.07 -20.35
O3S SGN B . 5.10 12.34 -19.39
S2 SGN B . 3.64 16.42 -15.88
O4S SGN B . 3.82 17.40 -14.84
O5S SGN B . 3.65 16.98 -17.22
O6S SGN B . 4.47 15.23 -15.73
H1 SGN B . 4.17 11.96 -16.29
H2 SGN B . 2.07 10.94 -17.08
H3 SGN B . 2.39 12.51 -19.68
H4 SGN B . 0.32 13.02 -17.47
H5 SGN B . 2.83 14.65 -18.20
H61 SGN B . 0.49 15.14 -16.29
H62 SGN B . 1.23 16.27 -17.46
HN21 SGN B . 3.21 9.53 -18.62
HO3 SGN B . 0.31 10.78 -18.72
C1 IDS B . -0.96 13.71 -19.61
C2 IDS B . -2.03 14.50 -18.78
C3 IDS B . -2.26 15.92 -19.36
C4 IDS B . -2.51 15.90 -20.90
C5 IDS B . -1.38 15.07 -21.55
C6 IDS B . -1.67 14.98 -23.03
O2 IDS B . -3.27 13.77 -18.76
O3 IDS B . -1.11 16.76 -19.12
O4 IDS B . -3.84 15.42 -21.24
O5 IDS B . -1.30 13.75 -21.02
O6A IDS B . -1.19 15.86 -23.80
O6B IDS B . -2.35 14.00 -23.45
S IDS B . -3.48 12.77 -17.64
O1S IDS B . -3.40 13.59 -16.44
O2S IDS B . -2.44 11.78 -17.74
O3S IDS B . -4.81 12.25 -17.90
H1 IDS B . -1.07 12.64 -19.43
H2 IDS B . -1.65 14.61 -17.76
H3 IDS B . -3.12 16.37 -18.86
H4 IDS B . -2.38 16.92 -21.30
H5 IDS B . -0.40 15.56 -21.42
HO3 IDS B . -0.96 16.92 -18.20
C1 SGN B . -4.89 16.43 -21.13
C2 SGN B . -6.11 15.94 -20.32
C3 SGN B . -7.06 15.02 -21.12
C4 SGN B . -7.44 15.73 -22.45
C5 SGN B . -6.11 16.01 -23.20
C6 SGN B . -6.37 16.67 -24.58
N2 SGN B . -5.66 15.27 -19.12
O3 SGN B . -8.17 14.80 -20.24
O4 SGN B . -8.43 15.07 -23.28
O5 SGN B . -5.31 16.93 -22.41
O6 SGN B . -5.38 17.65 -24.94
S1 SGN B . -6.34 15.63 -17.51
O1S SGN B . -7.63 16.26 -17.76
O2S SGN B . -5.35 16.54 -16.95
O3S SGN B . -6.34 14.36 -16.84
S2 SGN B . -3.92 17.27 -25.08
O4S SGN B . -3.88 15.82 -25.21
O5S SGN B . -3.50 17.98 -26.26
O6S SGN B . -3.32 17.77 -23.86
H1 SGN B . -4.53 17.32 -20.59
H2 SGN B . -6.70 16.84 -20.03
H3 SGN B . -6.55 14.07 -21.33
H4 SGN B . -7.85 16.73 -22.20
H5 SGN B . -5.53 15.09 -23.35
H61 SGN B . -7.31 17.25 -24.56
H62 SGN B . -6.47 15.90 -25.36
HN21 SGN B . -4.98 14.53 -19.21
HO3 SGN B . -8.75 14.13 -20.57
C1 IDS B . -9.78 14.98 -22.72
C2 IDS B . -10.91 15.04 -23.79
C3 IDS B . -11.21 13.66 -24.44
C4 IDS B . -11.29 12.54 -23.36
C5 IDS B . -9.95 12.60 -22.59
C6 IDS B . -9.85 11.42 -21.66
O2 IDS B . -12.16 15.53 -23.23
O3 IDS B . -10.17 13.39 -25.40
O4 IDS B . -12.42 12.72 -22.47
O5 IDS B . -9.91 13.83 -21.86
O6A IDS B . -8.83 10.69 -21.70
O6B IDS B . -10.82 11.20 -20.88
S IDS B . -12.28 16.96 -22.75
O1S IDS B . -13.53 17.41 -23.35
O2S IDS B . -12.34 16.82 -21.31
O3S IDS B . -11.13 17.69 -23.23
H1 IDS B . -9.94 15.84 -22.06
H2 IDS B . -10.62 15.73 -24.59
H3 IDS B . -12.17 13.74 -24.98
H4 IDS B . -11.31 11.55 -23.87
H5 IDS B . -9.09 12.54 -23.28
HO3 IDS B . -10.31 12.59 -25.88
C1 SGN B . -13.62 11.99 -22.86
C2 SGN B . -14.95 12.72 -22.52
C3 SGN B . -15.43 12.48 -21.06
C4 SGN B . -15.39 10.97 -20.76
C5 SGN B . -13.92 10.52 -20.95
C6 SGN B . -13.74 9.04 -20.51
N2 SGN B . -14.80 14.16 -22.74
O3 SGN B . -16.77 13.01 -20.91
O4 SGN B . -15.98 10.73 -19.43
O5 SGN B . -13.58 10.64 -22.35
O6 SGN B . -12.44 8.50 -20.79
S1 SGN B . -16.22 15.22 -22.98
O1S SGN B . -16.35 15.88 -21.70
O2S SGN B . -17.32 14.34 -23.31
O3S SGN B . -15.79 16.15 -24.00
S2 SGN B . -12.06 8.11 -22.18
O4S SGN B . -11.33 6.87 -21.99
O5S SGN B . -13.29 7.94 -22.94
O6S SGN B . -11.23 9.21 -22.66
H1 SGN B . -13.63 11.91 -23.97
H2 SGN B . -15.74 12.33 -23.17
H3 SGN B . -14.76 13.01 -20.37
H4 SGN B . -15.94 10.42 -21.54
H5 SGN B . -13.24 11.13 -20.33
H61 SGN B . -14.51 8.39 -20.94
H62 SGN B . -13.86 9.01 -19.42
HN21 SGN B . -13.90 14.57 -22.67
HO3 SGN B . -17.09 12.92 -20.02
C1 IDS B . -17.34 10.19 -19.43
C2 IDS B . -17.29 8.67 -19.11
C3 IDS B . -17.00 8.46 -17.60
C4 IDS B . -17.99 9.26 -16.70
C5 IDS B . -18.00 10.73 -17.18
C6 IDS B . -19.05 11.47 -16.39
O2 IDS B . -18.52 8.00 -19.47
O3 IDS B . -15.62 8.81 -17.34
O4 IDS B . -19.33 8.69 -16.72
O5 IDS B . -18.29 10.84 -18.58
O6A IDS B . -20.06 11.92 -16.99
O6B IDS B . -18.86 11.61 -15.14
S IDS B . -18.61 7.40 -20.85
O1S IDS B . -18.16 8.42 -21.78
O2S IDS B . -20.02 7.07 -20.97
O3S IDS B . -17.73 6.24 -20.79
H1 IDS B . -17.85 10.36 -20.39
H2 IDS B . -16.46 8.19 -19.64
H3 IDS B . -17.06 7.39 -17.39
H4 IDS B . -17.61 9.26 -15.66
H5 IDS B . -17.05 11.25 -17.00
HO3 IDS B . -15.42 9.70 -17.61
C1 SGN B . -19.50 7.55 -15.82
C2 SGN B . -20.41 6.48 -16.46
C3 SGN B . -21.92 6.84 -16.36
C4 SGN B . -22.24 7.13 -14.87
C5 SGN B . -21.36 8.33 -14.43
C6 SGN B . -21.68 8.70 -12.96
N2 SGN B . -20.09 6.28 -17.87
O3 SGN B . -22.73 5.80 -16.92
O4 SGN B . -23.64 7.37 -14.58
O5 SGN B . -19.96 7.94 -14.50
O6 SGN B . -20.68 9.60 -12.46
S1 SGN B . -20.58 4.82 -18.76
O1S SGN B . -19.45 4.53 -19.63
O2S SGN B . -20.91 3.83 -17.75
O3S SGN B . -21.72 5.29 -19.53
S2 SGN B . -20.90 10.15 -11.08
O4S SGN B . -21.93 11.15 -11.25
O5S SGN B . -21.30 9.02 -10.24
O6S SGN B . -19.60 10.70 -10.72
H1 SGN B . -18.54 7.05 -15.63
H2 SGN B . -20.26 5.52 -15.92
H3 SGN B . -22.13 7.74 -16.96
H4 SGN B . -21.89 6.28 -14.27
H5 SGN B . -21.52 9.20 -15.07
H61 SGN B . -21.70 7.79 -12.33
H62 SGN B . -22.68 9.16 -12.92
HN21 SGN B . -19.65 7.02 -18.36
HO3 SGN B . -22.63 4.97 -16.46
C1 IDS B . -24.48 6.19 -14.49
C2 IDS B . -25.71 6.43 -13.58
C3 IDS B . -26.77 7.31 -14.30
C4 IDS B . -27.09 6.69 -15.68
C5 IDS B . -25.77 6.53 -16.49
C6 IDS B . -26.04 5.92 -17.84
O2 IDS B . -26.27 5.14 -13.27
O3 IDS B . -26.23 8.64 -14.45
O4 IDS B . -27.70 5.41 -15.51
O5 IDS B . -24.89 5.67 -15.76
O6A IDS B . -25.13 5.21 -18.35
O6B IDS B . -27.15 6.13 -18.41
S IDS B . -26.95 4.91 -11.93
O1S IDS B . -27.84 3.80 -12.20
O2S IDS B . -25.85 4.58 -11.04
O3S IDS B . -27.62 6.15 -11.60
H1 IDS B . -23.94 5.37 -13.99
H2 IDS B . -25.35 6.92 -12.66
H3 IDS B . -27.69 7.36 -13.71
H4 IDS B . -27.80 7.33 -16.21
H5 IDS B . -25.30 7.52 -16.66
HO3 IDS B . -26.85 9.24 -14.87
CA CA C . 2.65 -5.40 -14.70
CA CA D . -11.40 -3.84 1.71
ZN ZN E . -5.23 -9.24 -8.27
ZN ZN F . 1.34 -1.36 1.87
N PRO A 1 -7.33 8.67 23.87
CA PRO A 1 -8.38 8.22 24.75
C PRO A 1 -8.43 6.71 24.82
N GLN A 2 -9.24 6.14 25.75
CA GLN A 2 -9.37 4.68 25.90
C GLN A 2 -10.67 4.27 25.24
N GLU A 3 -10.70 4.07 23.90
CA GLU A 3 -11.85 3.43 23.26
C GLU A 3 -11.84 1.97 23.67
N ALA A 4 -10.65 1.33 23.71
CA ALA A 4 -10.54 -0.07 24.10
C ALA A 4 -11.47 -0.49 25.20
N GLY A 5 -11.63 0.32 26.27
CA GLY A 5 -12.53 -0.07 27.35
C GLY A 5 -13.87 -0.52 26.82
N GLY A 6 -14.47 0.26 25.90
CA GLY A 6 -15.77 -0.12 25.33
C GLY A 6 -15.67 -1.20 24.27
N MET A 7 -14.51 -1.39 23.61
CA MET A 7 -14.44 -2.38 22.52
C MET A 7 -14.81 -3.76 23.01
N SER A 8 -15.22 -4.67 22.09
CA SER A 8 -15.65 -6.02 22.48
C SER A 8 -14.54 -7.02 22.24
N GLU A 9 -14.71 -8.28 22.68
CA GLU A 9 -13.72 -9.32 22.40
C GLU A 9 -13.57 -9.44 20.90
N LEU A 10 -14.68 -9.39 20.14
CA LEU A 10 -14.60 -9.55 18.69
C LEU A 10 -13.55 -8.65 18.09
N GLN A 11 -13.38 -7.41 18.61
CA GLN A 11 -12.40 -6.48 18.03
C GLN A 11 -11.00 -7.00 18.29
N TRP A 12 -10.68 -7.35 19.56
CA TRP A 12 -9.35 -7.86 19.87
C TRP A 12 -9.10 -9.11 19.06
N GLU A 13 -10.06 -10.06 19.04
CA GLU A 13 -9.87 -11.31 18.31
C GLU A 13 -9.71 -11.02 16.84
N GLN A 14 -10.55 -10.14 16.24
CA GLN A 14 -10.41 -9.84 14.82
C GLN A 14 -8.98 -9.46 14.54
N ALA A 15 -8.43 -8.45 15.26
CA ALA A 15 -7.03 -8.10 15.04
C ALA A 15 -6.13 -9.31 15.04
N GLN A 16 -6.24 -10.21 16.05
CA GLN A 16 -5.37 -11.38 16.05
C GLN A 16 -5.41 -12.02 14.68
N ASP A 17 -6.63 -12.17 14.11
CA ASP A 17 -6.74 -12.76 12.78
C ASP A 17 -6.22 -11.83 11.71
N TYR A 18 -6.59 -10.51 11.69
CA TYR A 18 -6.15 -9.66 10.60
C TYR A 18 -4.65 -9.61 10.50
N LEU A 19 -3.90 -9.64 11.62
CA LEU A 19 -2.44 -9.63 11.50
C LEU A 19 -2.05 -10.84 10.69
N LYS A 20 -2.66 -12.01 10.99
CA LYS A 20 -2.34 -13.23 10.26
C LYS A 20 -2.27 -12.97 8.76
N ARG A 21 -3.16 -12.12 8.20
CA ARG A 21 -3.13 -11.84 6.76
C ARG A 21 -2.25 -10.65 6.41
N PHE A 22 -2.05 -9.66 7.31
CA PHE A 22 -1.14 -8.57 7.00
C PHE A 22 0.23 -9.12 6.61
N TYR A 23 0.63 -10.34 7.03
CA TYR A 23 1.90 -10.92 6.58
C TYR A 23 1.65 -12.06 5.60
N LEU A 24 0.87 -13.11 5.91
CA LEU A 24 0.60 -14.18 4.93
C LEU A 24 -0.68 -14.91 5.32
N TYR A 25 -0.65 -16.02 6.09
CA TYR A 25 -1.88 -16.71 6.48
C TYR A 25 -1.53 -17.82 7.48
N ASP A 26 -1.25 -17.48 8.76
CA ASP A 26 -0.91 -18.50 9.76
C ASP A 26 -2.12 -18.80 10.63
N SER A 27 -2.87 -19.88 10.35
CA SER A 27 -3.86 -20.34 11.33
C SER A 27 -3.19 -20.83 12.60
N GLU A 28 -1.98 -21.41 12.52
CA GLU A 28 -1.39 -22.03 13.70
C GLU A 28 -1.11 -20.99 14.78
N THR A 29 -0.55 -19.83 14.38
CA THR A 29 -0.20 -18.76 15.33
C THR A 29 -1.31 -18.46 16.30
N LYS A 30 -2.60 -18.45 15.88
CA LYS A 30 -3.70 -18.05 16.77
C LYS A 30 -3.43 -18.51 18.21
N ASN A 31 -2.94 -17.62 19.11
CA ASN A 31 -2.74 -18.02 20.51
C ASN A 31 -2.23 -16.85 21.31
N ALA A 32 -2.61 -16.68 22.59
CA ALA A 32 -2.13 -15.54 23.35
C ALA A 32 -0.62 -15.57 23.51
N ASN A 33 -0.01 -16.77 23.68
CA ASN A 33 1.44 -16.83 23.90
C ASN A 33 2.17 -16.35 22.67
N SER A 34 1.87 -16.88 21.46
CA SER A 34 2.57 -16.40 20.27
C SER A 34 2.14 -15.00 19.93
N LEU A 35 0.86 -14.64 20.17
CA LEU A 35 0.38 -13.29 19.81
C LEU A 35 1.36 -12.24 20.27
N GLU A 36 1.71 -12.18 21.58
CA GLU A 36 2.62 -11.13 22.05
C GLU A 36 3.85 -11.05 21.18
N ALA A 37 4.45 -12.19 20.76
CA ALA A 37 5.63 -12.11 19.90
C ALA A 37 5.25 -11.62 18.53
N LYS A 38 4.11 -12.09 17.98
CA LYS A 38 3.73 -11.68 16.63
C LYS A 38 3.52 -10.18 16.61
N LEU A 39 2.90 -9.61 17.65
CA LEU A 39 2.67 -8.16 17.65
C LEU A 39 4.00 -7.45 17.68
N LYS A 40 4.98 -7.91 18.51
CA LYS A 40 6.30 -7.26 18.50
C LYS A 40 6.73 -6.93 17.08
N GLU A 41 6.59 -7.88 16.12
CA GLU A 41 7.08 -7.61 14.75
C GLU A 41 6.29 -6.49 14.12
N MET A 42 4.95 -6.46 14.32
CA MET A 42 4.12 -5.41 13.74
C MET A 42 4.64 -4.04 14.14
N GLN A 43 5.11 -3.92 15.39
CA GLN A 43 5.47 -2.60 15.92
C GLN A 43 6.69 -2.08 15.22
N LYS A 44 7.71 -2.93 14.99
CA LYS A 44 8.87 -2.49 14.21
C LYS A 44 8.42 -2.11 12.83
N PHE A 45 7.60 -2.99 12.20
CA PHE A 45 7.17 -2.72 10.83
C PHE A 45 6.50 -1.36 10.72
N PHE A 46 5.64 -0.99 11.70
CA PHE A 46 4.98 0.32 11.65
C PHE A 46 5.87 1.42 12.19
N GLY A 47 6.76 1.15 13.18
CA GLY A 47 7.59 2.21 13.77
C GLY A 47 7.12 2.58 15.16
N LEU A 48 5.78 2.60 15.40
CA LEU A 48 5.23 3.06 16.68
C LEU A 48 6.02 2.63 17.91
N PRO A 49 6.15 3.44 19.00
CA PRO A 49 6.88 2.99 20.19
C PRO A 49 6.06 2.16 21.16
N ILE A 50 4.72 2.34 21.27
CA ILE A 50 3.96 1.58 22.29
C ILE A 50 4.12 0.13 21.92
N THR A 51 4.87 -0.70 22.69
CA THR A 51 5.14 -2.07 22.26
C THR A 51 4.46 -3.11 23.11
N GLY A 52 4.25 -4.34 22.57
CA GLY A 52 3.49 -5.35 23.29
C GLY A 52 2.07 -4.91 23.59
N MET A 53 1.50 -3.91 22.88
CA MET A 53 0.13 -3.46 23.15
C MET A 53 -0.74 -3.68 21.92
N LEU A 54 -2.06 -3.81 22.11
CA LEU A 54 -2.99 -3.95 20.99
C LEU A 54 -4.30 -3.33 21.40
N ASN A 55 -4.46 -2.00 21.28
CA ASN A 55 -5.71 -1.39 21.76
C ASN A 55 -5.74 0.10 21.53
N SER A 56 -4.68 0.84 21.91
CA SER A 56 -4.64 2.28 21.64
C SER A 56 -4.52 2.51 20.15
N ARG A 57 -3.46 3.18 19.63
CA ARG A 57 -3.40 3.43 18.18
C ARG A 57 -3.22 2.14 17.38
N VAL A 58 -2.87 1.00 18.01
CA VAL A 58 -2.54 -0.19 17.22
C VAL A 58 -3.83 -0.74 16.64
N ILE A 59 -4.89 -0.97 17.47
CA ILE A 59 -6.17 -1.43 16.92
C ILE A 59 -6.64 -0.48 15.86
N GLU A 60 -6.61 0.85 16.11
CA GLU A 60 -7.13 1.81 15.13
C GLU A 60 -6.71 1.44 13.73
N ILE A 61 -5.45 0.98 13.52
CA ILE A 61 -4.97 0.76 12.16
C ILE A 61 -5.50 -0.57 11.64
N MET A 62 -5.63 -1.59 12.51
CA MET A 62 -6.06 -2.91 12.07
C MET A 62 -7.46 -2.78 11.55
N GLN A 63 -8.35 -2.10 12.30
CA GLN A 63 -9.72 -1.89 11.85
C GLN A 63 -9.77 -0.90 10.71
N LYS A 64 -8.97 0.19 10.73
CA LYS A 64 -9.06 1.19 9.65
C LYS A 64 -8.45 0.60 8.40
N PRO A 65 -8.87 0.99 7.16
CA PRO A 65 -8.19 0.49 5.98
C PRO A 65 -6.82 1.13 5.85
N ARG A 66 -5.93 0.54 5.02
CA ARG A 66 -4.56 1.05 4.86
C ARG A 66 -3.91 0.55 3.59
N CYS A 67 -3.87 -0.79 3.37
CA CYS A 67 -3.18 -1.35 2.22
C CYS A 67 -3.52 -2.82 2.16
N GLY A 68 -3.33 -3.52 1.03
CA GLY A 68 -3.72 -4.93 0.95
C GLY A 68 -2.59 -5.78 0.44
N VAL A 69 -1.33 -5.40 0.76
CA VAL A 69 -0.17 -6.10 0.20
C VAL A 69 0.53 -6.72 1.38
N PRO A 70 1.03 -7.99 1.41
CA PRO A 70 1.73 -8.44 2.61
C PRO A 70 2.99 -7.64 2.77
N ASP A 71 3.66 -7.79 3.94
CA ASP A 71 4.85 -6.99 4.23
C ASP A 71 6.01 -7.90 4.55
N VAL A 72 6.19 -8.97 3.74
CA VAL A 72 7.24 -9.94 4.00
C VAL A 72 7.68 -10.55 2.69
N ALA A 73 8.89 -11.17 2.68
CA ALA A 73 9.40 -11.76 1.45
C ALA A 73 10.45 -12.80 1.80
N GLU A 74 10.91 -13.62 0.85
CA GLU A 74 11.95 -14.60 1.18
C GLU A 74 12.75 -14.93 -0.06
N TYR A 75 14.04 -15.28 0.10
CA TYR A 75 14.86 -15.64 -1.06
C TYR A 75 14.29 -16.88 -1.71
N SER A 76 14.70 -17.19 -2.96
CA SER A 76 14.20 -18.37 -3.67
C SER A 76 12.73 -18.20 -3.99
N LEU A 77 12.21 -18.92 -5.01
CA LEU A 77 10.79 -18.79 -5.37
C LEU A 77 10.40 -17.36 -5.73
N PHE A 78 11.35 -16.47 -6.07
CA PHE A 78 11.02 -15.07 -6.37
C PHE A 78 12.08 -14.50 -7.28
N PRO A 79 11.85 -13.46 -8.12
CA PRO A 79 12.90 -12.95 -8.99
C PRO A 79 13.93 -12.18 -8.19
N ASN A 80 14.96 -11.62 -8.87
CA ASN A 80 15.97 -10.82 -8.19
C ASN A 80 15.60 -9.36 -8.32
N SER A 81 16.28 -8.45 -7.58
CA SER A 81 16.06 -7.01 -7.76
C SER A 81 14.60 -6.67 -7.56
N PRO A 82 14.06 -6.39 -6.34
CA PRO A 82 12.63 -6.15 -6.24
C PRO A 82 12.23 -4.82 -6.84
N LYS A 83 13.15 -3.94 -7.33
CA LYS A 83 12.73 -2.64 -7.86
C LYS A 83 12.94 -2.62 -9.36
N TRP A 84 12.18 -1.79 -10.13
CA TRP A 84 12.33 -1.79 -11.58
C TRP A 84 13.77 -1.52 -11.98
N THR A 85 14.39 -2.39 -12.82
CA THR A 85 15.72 -2.09 -13.36
C THR A 85 15.63 -1.58 -14.80
N SER A 86 14.43 -1.51 -15.44
CA SER A 86 14.36 -1.07 -16.83
C SER A 86 14.69 0.39 -16.94
N LYS A 87 14.94 0.93 -18.15
CA LYS A 87 15.20 2.37 -18.30
C LYS A 87 13.90 3.13 -18.16
N VAL A 88 12.73 2.52 -18.46
CA VAL A 88 11.44 3.23 -18.35
C VAL A 88 10.36 2.28 -17.90
N VAL A 89 9.23 2.82 -17.40
CA VAL A 89 8.09 1.98 -17.02
C VAL A 89 6.86 2.55 -17.68
N THR A 90 5.82 1.71 -17.95
CA THR A 90 4.62 2.15 -18.66
C THR A 90 3.42 1.73 -17.84
N TYR A 91 2.26 2.43 -17.91
CA TYR A 91 1.13 2.11 -17.03
C TYR A 91 -0.20 2.38 -17.70
N ARG A 92 -1.20 1.46 -17.66
CA ARG A 92 -2.47 1.69 -18.36
C ARG A 92 -3.62 1.25 -17.49
N ILE A 93 -4.83 1.86 -17.63
CA ILE A 93 -5.94 1.54 -16.72
C ILE A 93 -6.78 0.46 -17.37
N VAL A 94 -7.23 -0.57 -16.61
CA VAL A 94 -8.00 -1.65 -17.19
C VAL A 94 -9.45 -1.25 -17.21
N SER A 95 -10.01 -0.82 -16.05
CA SER A 95 -11.43 -0.53 -15.94
C SER A 95 -11.61 0.72 -15.12
N TYR A 96 -12.86 1.04 -14.69
CA TYR A 96 -13.05 2.24 -13.89
C TYR A 96 -14.25 2.10 -13.00
N THR A 97 -14.32 2.91 -11.91
CA THR A 97 -15.42 2.83 -10.96
C THR A 97 -16.35 3.99 -11.28
N ARG A 98 -17.66 3.90 -11.01
CA ARG A 98 -18.53 5.02 -11.35
C ARG A 98 -18.10 6.26 -10.58
N ASP A 99 -17.53 6.12 -9.36
CA ASP A 99 -17.16 7.30 -8.58
C ASP A 99 -16.34 8.32 -9.34
N LEU A 100 -15.43 7.93 -10.27
CA LEU A 100 -14.61 8.89 -11.02
C LEU A 100 -14.56 8.45 -12.46
N PRO A 101 -14.45 9.29 -13.53
CA PRO A 101 -14.39 8.73 -14.87
C PRO A 101 -13.10 7.99 -15.13
N HIS A 102 -13.00 7.34 -16.32
CA HIS A 102 -11.83 6.52 -16.63
C HIS A 102 -10.62 7.42 -16.74
N ILE A 103 -10.74 8.49 -17.56
CA ILE A 103 -9.64 9.45 -17.69
C ILE A 103 -9.17 9.95 -16.34
N THR A 104 -10.08 10.25 -15.39
CA THR A 104 -9.64 10.84 -14.11
C THR A 104 -8.87 9.78 -13.35
N VAL A 105 -9.36 8.53 -13.28
CA VAL A 105 -8.55 7.51 -12.60
C VAL A 105 -7.18 7.58 -13.20
N ASP A 106 -7.08 7.56 -14.55
CA ASP A 106 -5.77 7.57 -15.21
C ASP A 106 -4.98 8.77 -14.76
N ARG A 107 -5.63 9.94 -14.61
CA ARG A 107 -4.87 11.14 -14.30
C ARG A 107 -4.38 11.13 -12.87
N LEU A 108 -5.12 10.56 -11.88
CA LEU A 108 -4.56 10.51 -10.53
C LEU A 108 -3.37 9.57 -10.52
N VAL A 109 -3.44 8.38 -11.15
CA VAL A 109 -2.29 7.47 -11.04
C VAL A 109 -1.10 8.18 -11.61
N SER A 110 -1.25 8.83 -12.79
CA SER A 110 -0.11 9.51 -13.38
C SER A 110 0.36 10.56 -12.42
N LYS A 111 -0.57 11.32 -11.79
CA LYS A 111 -0.18 12.38 -10.87
C LYS A 111 0.64 11.83 -9.72
N ALA A 112 0.35 10.60 -9.22
CA ALA A 112 1.14 10.02 -8.12
C ALA A 112 2.40 9.39 -8.68
N LEU A 113 2.21 8.38 -9.58
CA LEU A 113 3.33 7.69 -10.21
C LEU A 113 4.38 8.68 -10.67
N ASN A 114 3.93 9.83 -11.23
CA ASN A 114 4.89 10.82 -11.73
C ASN A 114 5.77 11.32 -10.61
N MET A 115 5.23 11.72 -9.43
CA MET A 115 6.12 12.15 -8.36
C MET A 115 7.13 11.06 -8.08
N TRP A 116 6.73 9.77 -7.96
CA TRP A 116 7.74 8.73 -7.73
C TRP A 116 8.85 8.92 -8.73
N GLY A 117 8.54 8.91 -10.05
CA GLY A 117 9.58 9.06 -11.06
C GLY A 117 10.41 10.31 -10.91
N LYS A 118 9.78 11.44 -10.52
CA LYS A 118 10.53 12.70 -10.42
C LYS A 118 11.64 12.63 -9.38
N GLU A 119 11.58 11.71 -8.40
CA GLU A 119 12.58 11.70 -7.32
C GLU A 119 13.70 10.71 -7.59
N ILE A 120 13.96 10.30 -8.86
CA ILE A 120 14.91 9.21 -9.12
C ILE A 120 15.38 9.30 -10.56
N PRO A 121 16.52 8.70 -11.01
CA PRO A 121 16.87 8.83 -12.42
C PRO A 121 15.92 8.12 -13.35
N LEU A 122 15.04 7.20 -12.85
CA LEU A 122 14.08 6.53 -13.76
C LEU A 122 13.30 7.51 -14.61
N HIS A 123 12.66 6.97 -15.68
CA HIS A 123 11.85 7.77 -16.61
C HIS A 123 10.46 7.18 -16.66
N PHE A 124 9.44 7.89 -17.20
CA PHE A 124 8.12 7.29 -17.39
C PHE A 124 7.57 7.70 -18.75
N ARG A 125 6.71 6.85 -19.36
CA ARG A 125 6.22 7.09 -20.72
C ARG A 125 4.72 7.03 -20.70
N LYS A 126 4.00 7.85 -21.51
CA LYS A 126 2.54 7.86 -21.47
C LYS A 126 2.04 6.80 -22.43
N VAL A 127 0.91 6.13 -22.13
CA VAL A 127 0.44 5.00 -22.94
C VAL A 127 -0.50 5.42 -24.06
N VAL A 128 -0.16 5.13 -25.33
CA VAL A 128 -1.10 5.43 -26.43
C VAL A 128 -1.16 4.38 -27.54
N TRP A 129 -0.47 3.20 -27.46
CA TRP A 129 -0.60 2.22 -28.53
C TRP A 129 -0.04 0.89 -28.01
N GLY A 130 -0.90 -0.07 -27.60
CA GLY A 130 -0.40 -1.34 -27.07
C GLY A 130 -0.67 -1.44 -25.59
N THR A 131 -0.28 -2.59 -24.96
CA THR A 131 -0.50 -2.78 -23.52
C THR A 131 0.68 -2.21 -22.75
N ALA A 132 0.59 -2.21 -21.40
CA ALA A 132 1.63 -1.60 -20.57
C ALA A 132 2.05 -2.53 -19.46
N ASP A 133 3.08 -2.15 -18.66
CA ASP A 133 3.54 -3.01 -17.59
C ASP A 133 2.66 -2.88 -16.37
N ILE A 134 2.42 -1.63 -15.89
CA ILE A 134 1.72 -1.45 -14.62
C ILE A 134 0.24 -1.36 -14.94
N MET A 135 -0.48 -2.50 -15.10
CA MET A 135 -1.90 -2.42 -15.40
C MET A 135 -2.59 -1.94 -14.14
N ILE A 136 -3.61 -1.05 -14.20
CA ILE A 136 -4.27 -0.56 -12.99
C ILE A 136 -5.73 -0.97 -13.10
N GLY A 137 -6.27 -1.86 -12.24
CA GLY A 137 -7.65 -2.32 -12.40
C GLY A 137 -8.50 -2.17 -11.17
N PHE A 138 -9.83 -2.39 -11.33
CA PHE A 138 -10.77 -2.34 -10.20
C PHE A 138 -11.26 -3.75 -10.00
N ALA A 139 -10.90 -4.41 -8.88
CA ALA A 139 -11.35 -5.78 -8.71
C ALA A 139 -11.26 -6.19 -7.25
N ARG A 140 -11.70 -7.41 -6.92
CA ARG A 140 -11.69 -7.88 -5.52
C ARG A 140 -11.17 -9.29 -5.50
N GLY A 141 -10.58 -9.77 -4.38
CA GLY A 141 -10.07 -11.13 -4.28
C GLY A 141 -10.69 -12.17 -5.19
N ALA A 142 -12.03 -12.20 -5.34
CA ALA A 142 -12.67 -13.15 -6.27
C ALA A 142 -12.66 -12.70 -7.72
N HIS A 143 -11.66 -11.91 -8.19
CA HIS A 143 -11.52 -11.69 -9.63
C HIS A 143 -10.65 -12.78 -10.23
N GLY A 144 -10.11 -13.72 -9.43
CA GLY A 144 -9.17 -14.72 -9.94
C GLY A 144 -7.78 -14.45 -9.42
N ASP A 145 -7.57 -14.40 -8.08
CA ASP A 145 -6.22 -14.19 -7.54
C ASP A 145 -6.18 -14.49 -6.05
N SER A 146 -4.97 -14.51 -5.44
CA SER A 146 -4.87 -14.80 -4.01
C SER A 146 -5.44 -13.68 -3.17
N TYR A 147 -5.58 -13.91 -1.84
CA TYR A 147 -6.10 -12.90 -0.91
C TYR A 147 -7.60 -12.82 -1.05
N PRO A 148 -8.46 -12.89 0.01
CA PRO A 148 -9.89 -12.90 -0.23
C PRO A 148 -10.44 -11.50 -0.42
N PHE A 149 -11.71 -11.41 -0.87
CA PHE A 149 -12.33 -10.11 -1.09
C PHE A 149 -12.48 -9.31 0.17
N ASP A 150 -12.85 -9.93 1.32
CA ASP A 150 -13.06 -9.17 2.56
C ASP A 150 -13.96 -7.95 2.47
N GLY A 151 -14.66 -7.66 1.35
CA GLY A 151 -15.64 -6.58 1.35
C GLY A 151 -15.03 -5.24 1.72
N PRO A 152 -15.83 -4.26 2.21
CA PRO A 152 -15.25 -2.96 2.51
C PRO A 152 -14.53 -3.07 3.83
N GLY A 153 -13.85 -2.00 4.29
CA GLY A 153 -13.10 -2.10 5.54
C GLY A 153 -11.83 -2.87 5.32
N ASN A 154 -11.30 -3.54 6.38
CA ASN A 154 -9.98 -4.17 6.35
C ASN A 154 -9.50 -4.59 4.96
N THR A 155 -8.19 -4.38 4.66
CA THR A 155 -7.68 -4.65 3.32
C THR A 155 -8.16 -3.54 2.42
N LEU A 156 -7.24 -2.75 1.81
CA LEU A 156 -7.63 -1.62 0.97
C LEU A 156 -7.28 -1.89 -0.47
N ALA A 157 -6.03 -2.25 -0.81
CA ALA A 157 -5.71 -2.57 -2.20
C ALA A 157 -4.53 -3.50 -2.29
N HIS A 158 -4.65 -4.66 -2.99
CA HIS A 158 -3.48 -5.49 -3.20
C HIS A 158 -2.75 -4.95 -4.41
N ALA A 159 -1.42 -5.15 -4.48
CA ALA A 159 -0.64 -4.72 -5.63
C ALA A 159 0.39 -5.80 -5.86
N PHE A 160 1.24 -5.70 -6.91
CA PHE A 160 2.26 -6.73 -7.13
C PHE A 160 3.61 -6.08 -7.30
N ALA A 161 4.71 -6.86 -7.37
CA ALA A 161 6.07 -6.32 -7.40
C ALA A 161 6.63 -6.57 -8.78
N PRO A 162 7.71 -5.90 -9.28
CA PRO A 162 8.15 -6.15 -10.65
C PRO A 162 8.71 -7.55 -10.74
N GLY A 163 7.94 -8.53 -11.32
CA GLY A 163 8.44 -9.89 -11.39
C GLY A 163 7.92 -10.62 -12.59
N THR A 164 8.79 -11.34 -13.36
CA THR A 164 8.33 -12.09 -14.54
C THR A 164 7.88 -11.15 -15.64
N GLY A 165 6.77 -10.40 -15.46
CA GLY A 165 6.32 -9.47 -16.49
C GLY A 165 4.84 -9.18 -16.28
N LEU A 166 4.02 -10.24 -16.22
CA LEU A 166 2.59 -10.05 -15.90
C LEU A 166 2.52 -9.33 -14.57
N GLY A 167 3.30 -9.77 -13.57
CA GLY A 167 3.29 -9.09 -12.27
C GLY A 167 3.71 -7.65 -12.36
N GLY A 168 3.97 -7.00 -11.21
CA GLY A 168 4.18 -5.55 -11.21
C GLY A 168 2.93 -4.76 -11.50
N ASP A 169 1.72 -5.37 -11.62
CA ASP A 169 0.51 -4.58 -11.86
C ASP A 169 -0.04 -4.08 -10.55
N ALA A 170 -0.89 -3.00 -10.57
CA ALA A 170 -1.53 -2.52 -9.36
C ALA A 170 -3.00 -2.86 -9.44
N HIS A 171 -3.71 -3.03 -8.31
CA HIS A 171 -5.16 -3.27 -8.32
C HIS A 171 -5.80 -2.42 -7.24
N PHE A 172 -7.13 -2.24 -7.27
CA PHE A 172 -7.82 -1.43 -6.25
C PHE A 172 -9.04 -2.21 -5.79
N ASP A 173 -9.25 -2.42 -4.46
CA ASP A 173 -10.43 -3.15 -4.00
C ASP A 173 -11.64 -2.40 -4.51
N GLU A 174 -12.34 -2.88 -5.56
CA GLU A 174 -13.50 -2.15 -6.07
C GLU A 174 -14.53 -1.97 -4.96
N ASP A 175 -14.63 -2.92 -4.01
CA ASP A 175 -15.62 -2.79 -2.95
C ASP A 175 -15.36 -1.54 -2.13
N GLU A 176 -14.08 -1.10 -1.99
CA GLU A 176 -13.78 0.06 -1.15
C GLU A 176 -14.29 1.35 -1.77
N ARG A 177 -14.50 2.38 -0.94
CA ARG A 177 -14.92 3.69 -1.42
C ARG A 177 -13.72 4.48 -1.93
N TRP A 178 -13.85 5.19 -3.08
CA TRP A 178 -12.74 6.02 -3.59
C TRP A 178 -13.30 7.30 -4.16
N THR A 179 -12.54 8.42 -4.16
CA THR A 179 -13.06 9.70 -4.64
C THR A 179 -11.97 10.75 -4.53
N ASP A 180 -12.16 11.99 -5.04
CA ASP A 180 -11.14 13.04 -4.87
C ASP A 180 -11.79 14.34 -4.44
N GLY A 181 -12.71 14.92 -5.24
CA GLY A 181 -13.35 16.18 -4.83
C GLY A 181 -14.08 16.01 -3.52
N SER A 182 -14.83 14.89 -3.34
CA SER A 182 -15.57 14.71 -2.09
C SER A 182 -14.63 14.63 -0.90
N SER A 183 -13.44 14.00 -1.06
CA SER A 183 -12.50 13.88 0.06
C SER A 183 -13.16 13.22 1.26
N LEU A 184 -14.14 12.32 1.03
CA LEU A 184 -14.85 11.65 2.12
C LEU A 184 -14.13 10.33 2.39
N GLY A 185 -13.88 9.54 1.32
CA GLY A 185 -13.39 8.18 1.49
C GLY A 185 -11.89 8.10 1.42
N ILE A 186 -11.34 7.23 0.54
CA ILE A 186 -9.89 7.05 0.47
C ILE A 186 -9.46 7.90 -0.70
N ASN A 187 -8.73 9.02 -0.52
CA ASN A 187 -8.36 9.81 -1.70
C ASN A 187 -7.69 8.90 -2.70
N PHE A 188 -8.07 9.01 -3.99
CA PHE A 188 -7.50 8.09 -4.98
C PHE A 188 -6.03 8.43 -5.13
N LEU A 189 -5.68 9.74 -5.15
CA LEU A 189 -4.27 10.13 -5.27
C LEU A 189 -3.46 9.64 -4.08
N TYR A 190 -3.90 9.96 -2.85
CA TYR A 190 -3.13 9.58 -1.66
C TYR A 190 -2.82 8.10 -1.70
N ALA A 191 -3.83 7.24 -1.96
CA ALA A 191 -3.57 5.81 -2.01
C ALA A 191 -2.75 5.46 -3.22
N ALA A 192 -3.00 6.08 -4.40
CA ALA A 192 -2.25 5.71 -5.60
C ALA A 192 -0.77 5.71 -5.27
N THR A 193 -0.21 6.84 -4.82
CA THR A 193 1.20 6.86 -4.41
C THR A 193 1.57 5.61 -3.64
N HIS A 194 0.76 5.23 -2.64
CA HIS A 194 1.09 4.04 -1.84
C HIS A 194 1.05 2.82 -2.73
N ALA A 195 -0.12 2.51 -3.35
CA ALA A 195 -0.25 1.31 -4.17
C ALA A 195 0.82 1.24 -5.23
N LEU A 196 0.97 2.31 -6.03
CA LEU A 196 1.97 2.34 -7.10
C LEU A 196 3.35 2.17 -6.50
N GLY A 197 3.63 2.77 -5.32
CA GLY A 197 4.94 2.59 -4.70
C GLY A 197 5.32 1.13 -4.66
N HIS A 198 4.40 0.21 -4.33
CA HIS A 198 4.76 -1.21 -4.28
C HIS A 198 5.09 -1.74 -5.65
N SER A 199 4.48 -1.20 -6.73
CA SER A 199 4.88 -1.61 -8.07
C SER A 199 6.34 -1.27 -8.33
N LEU A 200 7.01 -0.44 -7.50
CA LEU A 200 8.42 -0.12 -7.69
C LEU A 200 9.27 -0.90 -6.70
N GLY A 201 8.74 -1.97 -6.05
CA GLY A 201 9.52 -2.65 -5.01
C GLY A 201 9.63 -1.89 -3.71
N MET A 202 9.05 -0.68 -3.57
CA MET A 202 9.27 0.07 -2.34
C MET A 202 8.60 -0.64 -1.18
N GLY A 203 9.28 -0.76 -0.01
CA GLY A 203 8.64 -1.32 1.18
C GLY A 203 8.17 -0.20 2.08
N HIS A 204 7.42 -0.50 3.17
CA HIS A 204 6.90 0.59 3.99
C HIS A 204 8.02 1.17 4.81
N SER A 205 7.81 2.35 5.46
CA SER A 205 8.86 2.96 6.28
C SER A 205 8.36 3.15 7.70
N SER A 206 9.25 3.52 8.65
CA SER A 206 8.84 3.75 10.03
C SER A 206 8.63 5.21 10.36
N ASP A 207 8.71 6.14 9.38
CA ASP A 207 8.74 7.57 9.72
C ASP A 207 7.31 8.05 9.88
N PRO A 208 6.93 8.93 10.84
CA PRO A 208 5.52 9.31 10.97
C PRO A 208 5.03 10.14 9.81
N ASN A 209 5.92 10.67 8.93
CA ASN A 209 5.48 11.43 7.77
C ASN A 209 5.86 10.68 6.52
N ALA A 210 5.80 9.33 6.51
CA ALA A 210 6.19 8.58 5.31
C ALA A 210 5.07 8.55 4.31
N VAL A 211 5.37 8.31 3.00
CA VAL A 211 4.30 8.21 2.00
C VAL A 211 3.67 6.84 2.08
N MET A 212 4.47 5.77 2.39
CA MET A 212 3.91 4.42 2.56
C MET A 212 3.63 4.15 4.02
N TYR A 213 3.26 5.16 4.84
CA TYR A 213 3.14 4.90 6.27
C TYR A 213 1.95 3.96 6.43
N PRO A 214 2.01 2.78 7.10
CA PRO A 214 0.81 1.95 7.19
C PRO A 214 -0.16 2.55 8.18
N THR A 215 0.26 3.52 9.03
CA THR A 215 -0.66 4.14 9.98
C THR A 215 -1.43 5.22 9.25
N TYR A 216 -2.25 4.86 8.24
CA TYR A 216 -2.96 5.89 7.48
C TYR A 216 -4.01 6.47 8.40
N GLY A 217 -3.91 7.74 8.83
CA GLY A 217 -4.94 8.31 9.70
C GLY A 217 -6.24 8.40 8.94
N ASN A 218 -6.44 9.44 8.11
CA ASN A 218 -7.71 9.58 7.39
C ASN A 218 -7.66 10.78 6.45
N GLY A 219 -7.43 12.01 6.97
CA GLY A 219 -7.38 13.18 6.09
C GLY A 219 -5.97 13.36 5.57
N ASP A 220 -5.80 13.85 4.32
CA ASP A 220 -4.47 14.15 3.79
C ASP A 220 -4.51 15.52 3.14
N PRO A 221 -3.47 16.39 3.16
CA PRO A 221 -3.63 17.72 2.55
C PRO A 221 -3.61 17.62 1.04
N GLN A 222 -4.02 18.71 0.35
CA GLN A 222 -4.01 18.69 -1.12
C GLN A 222 -2.58 18.75 -1.64
N ASN A 223 -1.66 19.45 -0.95
CA ASN A 223 -0.25 19.43 -1.38
C ASN A 223 0.50 18.25 -0.81
N PHE A 224 -0.17 17.10 -0.54
CA PHE A 224 0.54 15.90 -0.12
C PHE A 224 1.46 15.48 -1.25
N LYS A 225 2.62 14.84 -0.94
CA LYS A 225 3.57 14.47 -1.99
C LYS A 225 4.50 13.40 -1.45
N LEU A 226 5.54 12.97 -2.21
CA LEU A 226 6.51 12.01 -1.67
C LEU A 226 7.09 12.48 -0.36
N SER A 227 7.72 11.55 0.41
CA SER A 227 8.23 11.88 1.75
C SER A 227 9.73 11.85 1.76
N GLN A 228 10.37 12.35 2.84
CA GLN A 228 11.83 12.41 2.89
C GLN A 228 12.37 11.00 3.06
N ASP A 229 11.85 10.22 4.05
CA ASP A 229 12.40 8.89 4.31
C ASP A 229 12.21 7.99 3.11
N ASP A 230 11.05 8.09 2.42
CA ASP A 230 10.86 7.29 1.22
C ASP A 230 11.85 7.69 0.14
N ILE A 231 12.03 9.00 -0.11
CA ILE A 231 12.91 9.41 -1.20
C ILE A 231 14.28 8.83 -0.97
N LYS A 232 14.92 9.12 0.19
CA LYS A 232 16.26 8.57 0.41
C LYS A 232 16.24 7.06 0.28
N GLY A 233 15.18 6.38 0.75
CA GLY A 233 15.16 4.93 0.70
C GLY A 233 15.31 4.45 -0.72
N ILE A 234 14.53 4.97 -1.68
CA ILE A 234 14.65 4.52 -3.06
C ILE A 234 15.94 5.01 -3.67
N GLN A 235 16.35 6.26 -3.37
CA GLN A 235 17.60 6.77 -3.93
C GLN A 235 18.79 5.99 -3.42
N LYS A 236 18.74 5.34 -2.22
CA LYS A 236 19.90 4.59 -1.75
C LYS A 236 20.15 3.40 -2.65
N LEU A 237 19.10 2.80 -3.25
CA LEU A 237 19.27 1.60 -4.08
C LEU A 237 19.54 2.00 -5.51
N TYR A 238 18.79 2.99 -6.05
CA TYR A 238 19.01 3.41 -7.45
C TYR A 238 20.32 4.14 -7.60
N GLY A 239 20.81 4.86 -6.56
CA GLY A 239 22.04 5.63 -6.69
C GLY A 239 21.81 7.13 -6.61
N LYS A 240 20.55 7.64 -6.61
CA LYS A 240 20.29 9.06 -6.37
C LYS A 240 20.48 9.89 -7.62
N ARG A 241 19.72 11.01 -7.77
CA ARG A 241 19.86 11.88 -8.94
C ARG A 241 19.80 13.31 -8.48
N SER A 242 18.62 13.86 -8.14
CA SER A 242 18.52 15.29 -7.82
C SER A 242 17.11 15.65 -7.43
N ASN A 243 16.84 16.94 -7.12
CA ASN A 243 15.48 17.37 -6.79
C ASN A 243 15.34 18.87 -6.91
N SER A 244 14.10 19.40 -6.97
CA SER A 244 13.90 20.85 -7.06
C SER A 244 12.58 21.23 -6.43
N ARG A 245 11.42 20.94 -7.08
CA ARG A 245 10.13 21.24 -6.47
C ARG A 245 9.01 20.59 -7.26
N LYS A 246 7.80 20.43 -6.69
CA LYS A 246 6.71 19.83 -7.45
C LYS A 246 5.38 20.23 -6.82
N LYS A 247 4.41 20.78 -7.60
CA LYS A 247 3.16 21.30 -7.03
C LYS A 247 2.17 20.19 -6.79
C1 SGN B . 3.37 12.41 -17.52
C2 SGN B . 2.60 12.46 -18.86
C3 SGN B . 1.75 13.76 -18.87
C4 SGN B . 0.84 13.86 -17.60
C5 SGN B . 1.75 13.69 -16.35
C6 SGN B . 0.96 13.67 -15.01
N2 SGN B . 3.52 12.41 -19.99
O3 SGN B . 1.03 13.80 -20.11
O4 SGN B . 0.12 15.14 -17.46
O5 SGN B . 2.47 12.44 -16.42
O6 SGN B . 0.75 15.00 -14.49
S1 SGN B . 4.85 11.23 -20.16
O1S SGN B . 4.44 10.04 -19.43
O2S SGN B . 5.03 11.09 -21.59
O3S SGN B . 5.96 11.91 -19.53
S2 SGN B . 1.84 15.63 -13.66
O4S SGN B . 1.45 15.35 -12.29
O5S SGN B . 1.74 17.04 -14.01
O6S SGN B . 3.09 15.02 -14.05
H1 SGN B . 3.96 11.49 -17.43
H2 SGN B . 1.96 11.57 -18.92
H3 SGN B . 2.42 14.63 -18.87
H4 SGN B . 0.16 13.00 -17.62
H5 SGN B . 2.49 14.51 -16.33
H61 SGN B . 1.45 13.05 -14.24
H62 SGN B . -0.03 13.23 -15.19
HN21 SGN B . 3.36 13.06 -20.74
HO3 SGN B . 0.43 13.07 -20.22
C1 IDS B . -1.06 15.29 -18.28
C2 IDS B . -2.29 14.52 -17.71
C3 IDS B . -2.86 15.27 -16.48
C4 IDS B . -3.14 16.77 -16.73
C5 IDS B . -1.86 17.38 -17.34
C6 IDS B . -2.18 18.81 -17.73
O2 IDS B . -3.35 14.41 -18.70
O3 IDS B . -2.03 15.06 -15.32
O4 IDS B . -4.28 17.02 -17.63
O5 IDS B . -1.42 16.67 -18.51
O6A IDS B . -2.13 19.69 -16.83
O6B IDS B . -2.48 19.06 -18.92
S IDS B . -3.25 13.38 -19.80
O1S IDS B . -4.63 13.23 -20.24
O2S IDS B . -2.71 12.17 -19.20
O3S IDS B . -2.39 13.97 -20.82
H1 IDS B . -0.84 14.95 -19.29
H2 IDS B . -2.04 13.52 -17.35
H3 IDS B . -3.80 14.79 -16.21
H4 IDS B . -3.28 17.19 -15.72
H5 IDS B . -1.02 17.42 -16.62
HO3 IDS B . -1.16 15.43 -15.41
C1 SGN B . -5.37 17.82 -17.07
C2 SGN B . -6.48 16.96 -16.39
C3 SGN B . -7.92 17.08 -16.97
C4 SGN B . -8.25 18.54 -17.30
C5 SGN B . -7.17 19.00 -18.34
C6 SGN B . -7.37 20.47 -18.79
N2 SGN B . -6.18 15.55 -16.38
O3 SGN B . -8.80 16.51 -15.99
O4 SGN B . -9.58 18.73 -17.87
O5 SGN B . -5.79 18.92 -17.91
O6 SGN B . -6.57 21.42 -18.06
S1 SGN B . -6.28 14.52 -17.86
O1S SGN B . -5.45 13.36 -17.59
O2S SGN B . -5.89 15.39 -18.95
O3S SGN B . -7.68 14.20 -17.90
S2 SGN B . -6.85 21.74 -16.61
O4S SGN B . -6.27 20.62 -15.88
O5S SGN B . -6.13 22.98 -16.40
O6S SGN B . -8.28 21.85 -16.50
H1 SGN B . -4.95 18.49 -16.32
H2 SGN B . -6.58 17.33 -15.34
H3 SGN B . -8.05 16.54 -17.93
H4 SGN B . -8.18 19.15 -16.39
H5 SGN B . -7.28 18.35 -19.22
H61 SGN B . -8.43 20.77 -18.82
H62 SGN B . -6.98 20.56 -19.82
HN21 SGN B . -5.99 15.14 -15.49
HO3 SGN B . -8.67 15.58 -15.84
C1 IDS B . -10.68 18.22 -17.05
C2 IDS B . -12.04 18.94 -17.31
C3 IDS B . -12.73 18.47 -18.62
C4 IDS B . -12.77 16.91 -18.73
C5 IDS B . -11.32 16.43 -18.52
C6 IDS B . -11.35 14.94 -18.59
O2 IDS B . -12.95 18.67 -16.23
O3 IDS B . -11.99 19.03 -19.73
O4 IDS B . -13.64 16.30 -17.72
O5 IDS B . -10.87 16.80 -17.21
O6A IDS B . -11.65 14.33 -17.53
O6B IDS B . -11.10 14.39 -19.70
S IDS B . -12.95 19.56 -15.00
O1S IDS B . -11.58 19.95 -14.73
O2S IDS B . -13.79 20.68 -15.40
O3S IDS B . -13.54 18.73 -13.98
H1 IDS B . -10.43 18.38 -16.01
H2 IDS B . -11.88 20.03 -17.41
H3 IDS B . -13.76 18.87 -18.64
H4 IDS B . -13.06 16.60 -19.74
H5 IDS B . -10.63 16.81 -19.30
HO3 IDS B . -12.39 18.83 -20.57
C1 SGN B . -15.00 16.05 -18.16
C2 SGN B . -16.02 16.25 -17.01
C3 SGN B . -16.27 14.97 -16.16
C4 SGN B . -16.57 13.76 -17.09
C5 SGN B . -15.27 13.63 -17.97
C6 SGN B . -15.31 12.33 -18.82
N2 SGN B . -15.57 17.33 -16.14
O3 SGN B . -17.29 15.22 -15.17
O4 SGN B . -16.91 12.54 -16.35
O5 SGN B . -15.15 14.78 -18.84
O6 SGN B . -16.39 12.26 -19.76
S1 SGN B . -16.68 18.20 -15.04
O1S SGN B . -16.20 19.56 -15.06
O2S SGN B . -16.42 17.56 -13.76
O3S SGN B . -18.01 17.96 -15.56
S2 SGN B . -16.43 13.20 -20.94
O4S SGN B . -17.14 12.43 -21.95
O5S SGN B . -17.16 14.35 -20.46
O6S SGN B . -15.05 13.48 -21.29
H1 SGN B . -15.26 16.83 -18.91
H2 SGN B . -17.00 16.52 -17.46
H3 SGN B . -15.37 14.75 -15.57
H4 SGN B . -17.38 14.00 -17.80
H5 SGN B . -14.38 13.55 -17.34
H61 SGN B . -15.44 11.48 -18.15
H62 SGN B . -14.33 12.19 -19.34
HN21 SGN B . -14.59 17.52 -16.11
HO3 SGN B . -18.10 15.55 -15.55
C1 IDS B . -18.31 12.44 -15.94
C2 IDS B . -19.14 11.42 -16.78
C3 IDS B . -18.88 9.94 -16.40
C4 IDS B . -18.89 9.73 -14.87
C5 IDS B . -18.06 10.82 -14.17
C6 IDS B . -18.13 10.61 -12.69
O2 IDS B . -20.56 11.61 -16.61
O3 IDS B . -17.63 9.47 -16.93
O4 IDS B . -20.25 9.76 -14.34
O5 IDS B . -18.48 12.15 -14.54
O6A IDS B . -18.83 11.39 -11.99
O6B IDS B . -17.48 9.65 -12.20
S IDS B . -21.29 12.75 -17.28
O1S IDS B . -20.75 12.85 -18.61
O2S IDS B . -21.07 13.91 -16.45
O3S IDS B . -22.68 12.30 -17.26
H1 IDS B . -18.80 13.40 -16.03
H2 IDS B . -18.88 11.55 -17.84
H3 IDS B . -19.66 9.29 -16.84
H4 IDS B . -18.37 8.79 -14.63
H5 IDS B . -17.02 10.70 -14.49
HO3 IDS B . -17.58 9.51 -17.88
C1 SGN B . -20.81 8.46 -14.03
C2 SGN B . -22.26 8.34 -14.60
C3 SGN B . -23.37 8.78 -13.62
C4 SGN B . -23.06 8.23 -12.20
C5 SGN B . -21.67 8.81 -11.79
C6 SGN B . -21.35 8.50 -10.30
N2 SGN B . -22.35 9.15 -15.81
O3 SGN B . -24.63 8.38 -14.13
O4 SGN B . -24.07 8.57 -11.22
O5 SGN B . -20.69 8.16 -12.63
O6 SGN B . -22.33 9.07 -9.42
S1 SGN B . -23.27 8.66 -17.26
O1S SGN B . -24.61 9.10 -16.93
O2S SGN B . -22.68 9.41 -18.34
O3S SGN B . -23.16 7.21 -17.30
S2 SGN B . -22.09 8.95 -7.94
O4S SGN B . -21.47 7.65 -7.71
O5S SGN B . -21.23 10.07 -7.63
O6S SGN B . -23.42 9.06 -7.36
H1 SGN B . -20.26 7.65 -14.55
H2 SGN B . -22.44 7.28 -14.83
H3 SGN B . -23.39 9.89 -13.57
H4 SGN B . -22.91 7.14 -12.27
H5 SGN B . -21.63 9.90 -11.91
H61 SGN B . -20.34 8.90 -10.06
H62 SGN B . -21.35 7.41 -10.15
HN21 SGN B . -21.92 10.07 -15.79
HO3 SGN B . -24.74 7.43 -14.17
C1 IDS B . -25.09 7.55 -11.04
C2 IDS B . -25.91 7.77 -9.73
C3 IDS B . -26.90 8.95 -9.90
C4 IDS B . -27.76 8.71 -11.17
C5 IDS B . -26.83 8.54 -12.38
C6 IDS B . -27.63 8.30 -13.64
O2 IDS B . -26.60 6.53 -9.48
O3 IDS B . -26.13 10.16 -10.02
O4 IDS B . -28.56 7.53 -11.01
O5 IDS B . -25.96 7.39 -12.17
O6A IDS B . -28.56 9.10 -13.91
O6B IDS B . -27.33 7.31 -14.36
S IDS B . -26.83 6.11 -8.05
O1S IDS B . -27.53 7.21 -7.41
O2S IDS B . -27.65 4.92 -8.18
O3S IDS B . -25.51 5.86 -7.53
H1 IDS B . -24.59 6.58 -10.88
H2 IDS B . -25.18 7.99 -8.93
H3 IDS B . -27.55 9.04 -9.02
H4 IDS B . -28.44 9.56 -11.31
H5 IDS B . -26.23 9.46 -12.53
HO3 IDS B . -26.68 10.94 -10.12
CA CA C . 2.98 -6.17 -15.75
CA CA D . -11.67 -4.00 1.79
ZN ZN E . -5.70 -9.41 -7.97
ZN ZN F . 1.47 -1.05 1.42
N PRO A 1 -1.75 1.92 30.50
CA PRO A 1 -2.91 1.07 30.64
C PRO A 1 -3.40 0.62 29.28
N GLN A 2 -4.50 -0.16 29.23
CA GLN A 2 -5.03 -0.59 27.94
C GLN A 2 -6.50 -0.94 28.07
N GLU A 3 -7.28 -0.79 26.97
CA GLU A 3 -8.71 -1.14 26.99
C GLU A 3 -8.89 -2.50 26.36
N ALA A 4 -8.38 -2.75 25.13
CA ALA A 4 -8.55 -4.04 24.47
C ALA A 4 -8.32 -5.19 25.42
N GLY A 5 -7.29 -5.12 26.30
CA GLY A 5 -7.08 -6.20 27.25
C GLY A 5 -8.37 -6.56 27.94
N GLY A 6 -9.08 -5.56 28.51
CA GLY A 6 -10.36 -5.84 29.16
C GLY A 6 -11.50 -6.06 28.20
N MET A 7 -11.47 -5.51 26.96
CA MET A 7 -12.60 -5.68 26.04
C MET A 7 -12.86 -7.14 25.79
N SER A 8 -14.04 -7.48 25.21
CA SER A 8 -14.37 -8.88 24.94
C SER A 8 -13.22 -9.61 24.30
N GLU A 9 -13.10 -10.94 24.54
CA GLU A 9 -12.05 -11.71 23.89
C GLU A 9 -12.22 -11.63 22.40
N LEU A 10 -13.49 -11.63 21.90
CA LEU A 10 -13.73 -11.52 20.47
C LEU A 10 -12.99 -10.33 19.90
N GLN A 11 -12.99 -9.18 20.59
CA GLN A 11 -12.36 -7.97 20.03
C GLN A 11 -10.88 -8.23 19.85
N TRP A 12 -10.22 -8.77 20.90
CA TRP A 12 -8.78 -9.07 20.79
C TRP A 12 -8.55 -10.05 19.67
N GLU A 13 -9.41 -11.08 19.51
CA GLU A 13 -9.18 -12.09 18.48
C GLU A 13 -9.20 -11.48 17.09
N GLN A 14 -10.12 -10.56 16.75
CA GLN A 14 -10.09 -10.00 15.39
C GLN A 14 -8.71 -9.42 15.12
N ALA A 15 -8.16 -8.60 16.04
CA ALA A 15 -6.83 -8.05 15.81
C ALA A 15 -5.88 -9.17 15.45
N GLN A 16 -5.91 -10.28 16.22
CA GLN A 16 -4.99 -11.38 15.94
C GLN A 16 -5.20 -11.88 14.53
N ASP A 17 -6.46 -12.24 14.16
CA ASP A 17 -6.68 -12.80 12.84
C ASP A 17 -6.28 -11.83 11.76
N TYR A 18 -6.48 -10.51 11.96
CA TYR A 18 -6.10 -9.55 10.93
C TYR A 18 -4.60 -9.61 10.72
N LEU A 19 -3.81 -9.89 11.79
CA LEU A 19 -2.36 -10.01 11.60
C LEU A 19 -2.10 -11.29 10.84
N LYS A 20 -2.84 -12.39 11.08
CA LYS A 20 -2.60 -13.63 10.32
C LYS A 20 -2.60 -13.36 8.83
N ARG A 21 -3.51 -12.51 8.32
CA ARG A 21 -3.58 -12.29 6.88
C ARG A 21 -2.44 -11.39 6.46
N PHE A 22 -2.09 -10.33 7.24
CA PHE A 22 -1.04 -9.44 6.79
C PHE A 22 0.27 -10.17 6.57
N TYR A 23 0.48 -11.44 7.03
CA TYR A 23 1.72 -12.16 6.73
C TYR A 23 1.36 -13.50 6.12
N LEU A 24 0.47 -13.51 5.11
CA LEU A 24 0.03 -14.78 4.51
C LEU A 24 -0.75 -15.58 5.54
N TYR A 25 -0.09 -16.30 6.48
CA TYR A 25 -0.78 -17.19 7.42
C TYR A 25 0.26 -17.75 8.36
N ASP A 26 0.59 -17.05 9.46
CA ASP A 26 1.62 -17.56 10.37
C ASP A 26 0.99 -18.49 11.37
N SER A 27 0.68 -19.74 10.97
CA SER A 27 0.13 -20.70 11.94
C SER A 27 1.15 -21.00 13.01
N GLU A 28 2.46 -21.04 12.68
CA GLU A 28 3.47 -21.47 13.66
C GLU A 28 3.49 -20.58 14.89
N THR A 29 3.13 -19.29 14.80
CA THR A 29 3.04 -18.45 16.00
C THR A 29 1.93 -18.83 16.96
N LYS A 30 1.16 -19.94 16.79
CA LYS A 30 0.08 -20.23 17.73
C LYS A 30 0.61 -20.52 19.12
N ASN A 31 0.71 -19.49 20.01
CA ASN A 31 1.09 -19.73 21.41
C ASN A 31 0.89 -18.46 22.20
N ALA A 32 0.40 -18.55 23.47
CA ALA A 32 0.07 -17.33 24.23
C ALA A 32 1.24 -16.38 24.30
N ASN A 33 2.45 -16.89 24.64
CA ASN A 33 3.59 -15.99 24.82
C ASN A 33 4.04 -15.50 23.46
N SER A 34 4.11 -16.41 22.46
CA SER A 34 4.55 -16.01 21.12
C SER A 34 3.72 -14.87 20.59
N LEU A 35 2.43 -14.74 20.99
CA LEU A 35 1.63 -13.60 20.50
C LEU A 35 2.36 -12.31 20.80
N GLU A 36 2.89 -12.16 22.04
CA GLU A 36 3.50 -10.90 22.41
C GLU A 36 4.71 -10.65 21.54
N ALA A 37 5.58 -11.67 21.35
CA ALA A 37 6.73 -11.50 20.47
C ALA A 37 6.28 -11.15 19.06
N LYS A 38 5.21 -11.81 18.55
CA LYS A 38 4.78 -11.56 17.19
C LYS A 38 4.34 -10.12 17.06
N LEU A 39 3.48 -9.64 17.99
CA LEU A 39 3.07 -8.24 17.93
C LEU A 39 4.32 -7.39 17.96
N LYS A 40 5.37 -7.76 18.74
CA LYS A 40 6.58 -6.94 18.76
C LYS A 40 7.06 -6.66 17.34
N GLU A 41 7.12 -7.66 16.44
CA GLU A 41 7.64 -7.41 15.09
C GLU A 41 6.75 -6.47 14.33
N MET A 42 5.40 -6.65 14.43
CA MET A 42 4.48 -5.75 13.74
C MET A 42 4.86 -4.32 14.02
N GLN A 43 5.12 -4.02 15.30
CA GLN A 43 5.28 -2.62 15.72
C GLN A 43 6.36 -1.93 14.91
N LYS A 44 7.44 -2.65 14.53
CA LYS A 44 8.47 -2.00 13.72
C LYS A 44 7.95 -1.83 12.32
N PHE A 45 7.32 -2.88 11.72
CA PHE A 45 6.77 -2.74 10.37
C PHE A 45 5.91 -1.50 10.29
N PHE A 46 5.07 -1.23 11.32
CA PHE A 46 4.19 -0.06 11.27
C PHE A 46 4.96 1.17 11.69
N GLY A 47 5.53 1.18 12.91
CA GLY A 47 6.26 2.34 13.42
C GLY A 47 5.72 2.76 14.75
N LEU A 48 4.38 2.65 14.94
CA LEU A 48 3.73 3.01 16.21
C LEU A 48 4.61 2.79 17.43
N PRO A 49 4.65 3.68 18.46
CA PRO A 49 5.57 3.47 19.58
C PRO A 49 5.02 2.58 20.68
N ILE A 50 3.71 2.31 20.78
CA ILE A 50 3.21 1.48 21.90
C ILE A 50 3.75 0.10 21.63
N THR A 51 4.78 -0.40 22.35
CA THR A 51 5.31 -1.74 22.07
C THR A 51 4.66 -2.80 22.93
N GLY A 52 4.58 -4.06 22.44
CA GLY A 52 4.01 -5.15 23.23
C GLY A 52 2.62 -4.88 23.77
N MET A 53 1.81 -4.01 23.11
CA MET A 53 0.46 -3.72 23.60
C MET A 53 -0.43 -3.47 22.42
N LEU A 54 -1.77 -3.44 22.61
CA LEU A 54 -2.66 -3.09 21.49
C LEU A 54 -3.93 -2.49 22.04
N ASN A 55 -4.45 -1.35 21.51
CA ASN A 55 -5.64 -0.73 22.08
C ASN A 55 -6.00 0.56 21.36
N SER A 56 -5.08 1.55 21.25
CA SER A 56 -5.38 2.78 20.53
C SER A 56 -4.79 2.70 19.14
N ARG A 57 -3.53 3.12 18.88
CA ARG A 57 -3.05 3.13 17.50
C ARG A 57 -3.15 1.76 16.88
N VAL A 58 -2.94 0.67 17.65
CA VAL A 58 -2.85 -0.64 17.02
C VAL A 58 -4.24 -1.03 16.55
N ILE A 59 -5.26 -1.02 17.45
CA ILE A 59 -6.60 -1.37 16.98
C ILE A 59 -7.00 -0.41 15.89
N GLU A 60 -6.67 0.90 16.01
CA GLU A 60 -7.02 1.84 14.94
C GLU A 60 -6.59 1.27 13.62
N ILE A 61 -5.35 0.76 13.43
CA ILE A 61 -4.97 0.26 12.10
C ILE A 61 -5.73 -0.99 11.75
N MET A 62 -6.12 -1.84 12.72
CA MET A 62 -6.84 -3.07 12.38
C MET A 62 -8.13 -2.67 11.73
N GLN A 63 -8.98 -1.89 12.44
CA GLN A 63 -10.27 -1.50 11.86
C GLN A 63 -10.09 -0.57 10.68
N LYS A 64 -9.12 0.38 10.72
CA LYS A 64 -9.01 1.35 9.62
C LYS A 64 -8.42 0.64 8.41
N PRO A 65 -8.71 1.05 7.15
CA PRO A 65 -8.10 0.38 6.02
C PRO A 65 -6.62 0.68 5.97
N ARG A 66 -5.85 -0.05 5.13
CA ARG A 66 -4.38 0.12 5.10
C ARG A 66 -3.82 -0.23 3.74
N CYS A 67 -3.89 -1.52 3.32
CA CYS A 67 -3.22 -1.96 2.10
C CYS A 67 -3.72 -3.35 1.82
N GLY A 68 -3.78 -3.83 0.56
CA GLY A 68 -4.40 -5.12 0.28
C GLY A 68 -3.38 -6.20 0.05
N VAL A 69 -2.09 -5.96 0.40
CA VAL A 69 -1.03 -6.92 0.09
C VAL A 69 -0.38 -7.28 1.40
N PRO A 70 0.23 -8.47 1.60
CA PRO A 70 0.78 -8.82 2.90
C PRO A 70 2.14 -8.17 3.08
N ASP A 71 2.80 -8.41 4.23
CA ASP A 71 4.12 -7.84 4.50
C ASP A 71 5.23 -8.74 3.98
N VAL A 72 4.96 -10.02 3.59
CA VAL A 72 6.02 -10.90 3.09
C VAL A 72 5.52 -11.63 1.87
N ALA A 73 6.42 -12.18 1.02
CA ALA A 73 5.97 -12.80 -0.24
C ALA A 73 7.01 -13.77 -0.76
N GLU A 74 6.66 -14.62 -1.76
CA GLU A 74 7.61 -15.64 -2.23
C GLU A 74 7.19 -16.18 -3.58
N TYR A 75 7.97 -17.13 -4.16
CA TYR A 75 7.54 -17.81 -5.38
C TYR A 75 7.52 -16.84 -6.55
N SER A 76 8.68 -16.62 -7.23
CA SER A 76 8.71 -15.69 -8.36
C SER A 76 9.92 -16.00 -9.23
N LEU A 77 10.02 -15.55 -10.51
CA LEU A 77 11.26 -15.77 -11.27
C LEU A 77 12.42 -14.97 -10.69
N PHE A 78 12.27 -14.05 -9.72
CA PHE A 78 13.41 -13.29 -9.22
C PHE A 78 13.95 -12.46 -10.35
N PRO A 79 13.26 -11.40 -10.87
CA PRO A 79 13.79 -10.68 -12.02
C PRO A 79 14.98 -9.86 -11.61
N ASN A 80 15.63 -9.19 -12.58
CA ASN A 80 16.81 -8.39 -12.26
C ASN A 80 16.45 -7.33 -11.23
N SER A 81 16.82 -7.52 -9.93
CA SER A 81 16.60 -6.51 -8.89
C SER A 81 15.16 -6.53 -8.43
N PRO A 82 14.80 -6.31 -7.13
CA PRO A 82 13.38 -6.32 -6.75
C PRO A 82 12.65 -5.06 -7.18
N LYS A 83 13.32 -3.90 -7.35
CA LYS A 83 12.60 -2.67 -7.73
C LYS A 83 12.66 -2.54 -9.24
N TRP A 84 11.87 -1.61 -9.84
CA TRP A 84 11.82 -1.51 -11.30
C TRP A 84 13.18 -1.18 -11.89
N THR A 85 14.04 -2.15 -12.26
CA THR A 85 15.31 -1.78 -12.91
C THR A 85 15.13 -1.35 -14.35
N SER A 86 14.02 -1.71 -15.03
CA SER A 86 13.93 -1.50 -16.48
C SER A 86 14.35 -0.12 -16.93
N LYS A 87 14.82 0.05 -18.19
CA LYS A 87 15.16 1.40 -18.65
C LYS A 87 13.94 2.28 -18.58
N VAL A 88 12.73 1.73 -18.82
CA VAL A 88 11.51 2.55 -18.74
C VAL A 88 10.37 1.65 -18.36
N VAL A 89 9.29 2.20 -17.76
CA VAL A 89 8.11 1.40 -17.47
C VAL A 89 6.91 2.19 -17.90
N THR A 90 5.80 1.52 -18.29
CA THR A 90 4.66 2.23 -18.88
C THR A 90 3.41 1.75 -18.19
N TYR A 91 2.33 2.56 -18.14
CA TYR A 91 1.19 2.25 -17.27
C TYR A 91 -0.13 2.57 -17.94
N ARG A 92 -1.18 1.72 -17.81
CA ARG A 92 -2.44 1.91 -18.54
C ARG A 92 -3.58 1.64 -17.59
N ILE A 93 -4.76 2.28 -17.78
CA ILE A 93 -5.87 2.06 -16.87
C ILE A 93 -6.73 0.96 -17.46
N VAL A 94 -7.24 -0.01 -16.66
CA VAL A 94 -8.06 -1.07 -17.23
C VAL A 94 -9.48 -0.55 -17.33
N SER A 95 -10.05 -0.05 -16.21
CA SER A 95 -11.43 0.41 -16.21
C SER A 95 -11.57 1.54 -15.22
N TYR A 96 -12.78 2.14 -15.05
CA TYR A 96 -12.92 3.28 -14.15
C TYR A 96 -14.12 3.06 -13.25
N THR A 97 -14.14 3.69 -12.06
CA THR A 97 -15.25 3.52 -11.12
C THR A 97 -16.21 4.66 -11.30
N ARG A 98 -17.52 4.48 -11.02
CA ARG A 98 -18.47 5.57 -11.22
C ARG A 98 -18.17 6.74 -10.30
N ASP A 99 -17.56 6.52 -9.11
CA ASP A 99 -17.23 7.68 -8.26
C ASP A 99 -16.36 8.71 -8.95
N LEU A 100 -15.52 8.33 -9.95
CA LEU A 100 -14.59 9.29 -10.56
C LEU A 100 -14.56 9.06 -12.06
N PRO A 101 -14.54 10.07 -12.97
CA PRO A 101 -14.50 9.75 -14.39
C PRO A 101 -13.15 9.21 -14.78
N HIS A 102 -12.97 8.80 -16.06
CA HIS A 102 -11.75 8.10 -16.45
C HIS A 102 -10.62 9.10 -16.45
N ILE A 103 -10.79 10.25 -17.16
CA ILE A 103 -9.81 11.34 -17.09
C ILE A 103 -9.24 11.49 -15.70
N THR A 104 -10.09 11.49 -14.66
CA THR A 104 -9.61 11.78 -13.32
C THR A 104 -8.84 10.58 -12.83
N VAL A 105 -9.42 9.37 -12.77
CA VAL A 105 -8.64 8.23 -12.26
C VAL A 105 -7.28 8.26 -12.92
N ASP A 106 -7.25 8.34 -14.26
CA ASP A 106 -5.98 8.26 -14.98
C ASP A 106 -5.00 9.28 -14.44
N ARG A 107 -5.40 10.55 -14.29
CA ARG A 107 -4.42 11.56 -13.90
C ARG A 107 -3.93 11.31 -12.49
N LEU A 108 -4.79 10.88 -11.54
CA LEU A 108 -4.29 10.65 -10.19
C LEU A 108 -3.20 9.60 -10.24
N VAL A 109 -3.30 8.55 -11.08
CA VAL A 109 -2.23 7.54 -11.09
C VAL A 109 -0.98 8.24 -11.55
N SER A 110 -1.05 8.99 -12.69
CA SER A 110 0.15 9.63 -13.21
C SER A 110 0.71 10.61 -12.19
N LYS A 111 -0.17 11.28 -11.41
CA LYS A 111 0.29 12.33 -10.50
C LYS A 111 1.02 11.74 -9.31
N ALA A 112 0.62 10.54 -8.82
CA ALA A 112 1.40 9.87 -7.76
C ALA A 112 2.58 9.17 -8.40
N LEU A 113 2.29 8.26 -9.37
CA LEU A 113 3.34 7.53 -10.08
C LEU A 113 4.47 8.44 -10.47
N ASN A 114 4.18 9.58 -11.13
CA ASN A 114 5.24 10.47 -11.59
C ASN A 114 6.00 10.95 -10.39
N MET A 115 5.30 11.28 -9.28
CA MET A 115 6.01 11.75 -8.08
C MET A 115 7.04 10.72 -7.69
N TRP A 116 6.72 9.41 -7.62
CA TRP A 116 7.79 8.45 -7.37
C TRP A 116 8.87 8.63 -8.42
N GLY A 117 8.48 8.66 -9.72
CA GLY A 117 9.48 8.67 -10.79
C GLY A 117 10.48 9.80 -10.72
N LYS A 118 10.07 11.04 -10.36
CA LYS A 118 11.03 12.14 -10.35
C LYS A 118 12.09 11.99 -9.28
N GLU A 119 11.95 11.07 -8.29
CA GLU A 119 12.97 10.94 -7.26
C GLU A 119 14.12 10.05 -7.69
N ILE A 120 14.20 9.62 -8.97
CA ILE A 120 15.15 8.56 -9.33
C ILE A 120 15.54 8.71 -10.79
N PRO A 121 16.70 8.21 -11.27
CA PRO A 121 17.05 8.37 -12.68
C PRO A 121 16.17 7.55 -13.57
N LEU A 122 15.32 6.61 -13.07
CA LEU A 122 14.43 5.87 -13.96
C LEU A 122 13.65 6.81 -14.85
N HIS A 123 13.14 6.27 -15.97
CA HIS A 123 12.38 7.06 -16.94
C HIS A 123 10.98 6.50 -16.98
N PHE A 124 9.96 7.26 -17.46
CA PHE A 124 8.59 6.73 -17.54
C PHE A 124 8.03 7.05 -18.91
N ARG A 125 7.15 6.21 -19.50
CA ARG A 125 6.64 6.46 -20.86
C ARG A 125 5.16 6.79 -20.77
N LYS A 126 4.59 7.54 -21.74
CA LYS A 126 3.17 7.86 -21.73
C LYS A 126 2.50 6.87 -22.66
N VAL A 127 1.40 6.18 -22.23
CA VAL A 127 0.78 5.14 -23.06
C VAL A 127 -0.33 5.66 -23.93
N VAL A 128 -0.62 4.97 -25.06
CA VAL A 128 -1.58 5.48 -26.03
C VAL A 128 -1.92 4.40 -27.04
N TRP A 129 -0.90 3.80 -27.68
CA TRP A 129 -1.11 2.75 -28.67
C TRP A 129 -0.58 1.47 -28.06
N GLY A 130 -1.43 0.52 -27.60
CA GLY A 130 -0.94 -0.78 -27.12
C GLY A 130 -1.15 -0.98 -25.63
N THR A 131 -0.78 -2.19 -25.13
CA THR A 131 -0.90 -2.52 -23.70
C THR A 131 0.30 -1.99 -22.95
N ALA A 132 0.33 -2.18 -21.61
CA ALA A 132 1.43 -1.65 -20.80
C ALA A 132 1.85 -2.62 -19.72
N ASP A 133 2.89 -2.27 -18.94
CA ASP A 133 3.39 -3.16 -17.90
C ASP A 133 2.46 -3.11 -16.71
N ILE A 134 2.06 -1.89 -16.28
CA ILE A 134 1.27 -1.73 -15.06
C ILE A 134 -0.16 -1.57 -15.51
N MET A 135 -1.12 -2.35 -14.95
CA MET A 135 -2.50 -2.27 -15.37
C MET A 135 -3.27 -1.78 -14.16
N ILE A 136 -3.90 -0.57 -14.21
CA ILE A 136 -4.52 -0.01 -13.02
C ILE A 136 -5.99 -0.34 -13.11
N GLY A 137 -6.51 -1.34 -12.37
CA GLY A 137 -7.92 -1.70 -12.50
C GLY A 137 -8.68 -1.56 -11.21
N PHE A 138 -10.03 -1.66 -11.28
CA PHE A 138 -10.85 -1.68 -10.08
C PHE A 138 -11.28 -3.12 -9.92
N ALA A 139 -10.99 -3.77 -8.77
CA ALA A 139 -11.36 -5.17 -8.65
C ALA A 139 -11.26 -5.60 -7.21
N ARG A 140 -12.12 -6.55 -6.77
CA ARG A 140 -12.06 -7.05 -5.40
C ARG A 140 -11.29 -8.36 -5.41
N GLY A 141 -10.83 -8.88 -4.26
CA GLY A 141 -10.09 -10.13 -4.24
C GLY A 141 -10.68 -11.27 -5.04
N ALA A 142 -12.02 -11.40 -5.15
CA ALA A 142 -12.59 -12.48 -5.95
C ALA A 142 -12.44 -12.26 -7.44
N HIS A 143 -11.92 -11.11 -7.92
CA HIS A 143 -11.75 -10.92 -9.36
C HIS A 143 -10.97 -12.07 -9.96
N GLY A 144 -10.02 -12.67 -9.19
CA GLY A 144 -9.28 -13.83 -9.67
C GLY A 144 -7.83 -13.75 -9.22
N ASP A 145 -7.56 -13.83 -7.89
CA ASP A 145 -6.19 -13.73 -7.41
C ASP A 145 -6.08 -14.19 -5.97
N SER A 146 -4.86 -14.24 -5.39
CA SER A 146 -4.73 -14.64 -4.00
C SER A 146 -5.34 -13.60 -3.08
N TYR A 147 -5.53 -13.95 -1.78
CA TYR A 147 -5.96 -12.98 -0.78
C TYR A 147 -7.46 -12.76 -0.91
N PRO A 148 -8.33 -12.87 0.12
CA PRO A 148 -9.76 -12.72 -0.11
C PRO A 148 -10.12 -11.27 -0.24
N PHE A 149 -11.41 -10.98 -0.54
CA PHE A 149 -11.85 -9.59 -0.69
C PHE A 149 -12.11 -8.95 0.64
N ASP A 150 -12.84 -9.61 1.57
CA ASP A 150 -13.28 -8.96 2.80
C ASP A 150 -14.48 -8.08 2.46
N GLY A 151 -14.32 -7.10 1.51
CA GLY A 151 -15.43 -6.25 1.11
C GLY A 151 -15.12 -4.86 1.62
N PRO A 152 -15.96 -4.13 2.39
CA PRO A 152 -15.52 -2.82 2.88
C PRO A 152 -14.59 -3.04 4.05
N GLY A 153 -13.99 -1.96 4.61
CA GLY A 153 -13.11 -2.12 5.76
C GLY A 153 -11.76 -2.68 5.37
N ASN A 154 -11.13 -3.50 6.25
CA ASN A 154 -9.80 -4.06 6.00
C ASN A 154 -9.54 -4.43 4.55
N THR A 155 -8.27 -4.48 4.09
CA THR A 155 -7.97 -4.84 2.69
C THR A 155 -8.32 -3.65 1.82
N LEU A 156 -7.32 -2.82 1.42
CA LEU A 156 -7.61 -1.57 0.69
C LEU A 156 -7.27 -1.69 -0.79
N ALA A 157 -5.98 -1.91 -1.15
CA ALA A 157 -5.61 -2.00 -2.56
C ALA A 157 -4.46 -2.98 -2.71
N HIS A 158 -4.59 -4.06 -3.51
CA HIS A 158 -3.51 -5.04 -3.62
C HIS A 158 -2.71 -4.75 -4.88
N ALA A 159 -1.38 -4.51 -4.79
CA ALA A 159 -0.56 -4.27 -5.97
C ALA A 159 0.65 -5.17 -5.95
N PHE A 160 1.36 -5.40 -7.08
CA PHE A 160 2.47 -6.35 -7.10
C PHE A 160 3.65 -5.76 -7.83
N ALA A 161 4.85 -6.40 -7.77
CA ALA A 161 6.05 -5.89 -8.46
C ALA A 161 6.23 -6.65 -9.77
N PRO A 162 6.96 -6.14 -10.80
CA PRO A 162 7.02 -6.81 -12.10
C PRO A 162 7.77 -8.11 -12.06
N GLY A 163 7.14 -9.17 -11.49
CA GLY A 163 7.71 -10.51 -11.62
C GLY A 163 7.34 -10.96 -13.01
N THR A 164 8.33 -11.14 -13.93
CA THR A 164 8.03 -11.71 -15.25
C THR A 164 7.16 -10.83 -16.11
N GLY A 165 6.91 -9.54 -15.79
CA GLY A 165 6.00 -8.74 -16.62
C GLY A 165 4.57 -8.94 -16.18
N LEU A 166 4.09 -10.19 -16.01
CA LEU A 166 2.71 -10.40 -15.56
C LEU A 166 2.47 -9.57 -14.33
N GLY A 167 3.32 -9.71 -13.29
CA GLY A 167 3.11 -8.93 -12.07
C GLY A 167 3.37 -7.47 -12.35
N GLY A 168 3.66 -6.66 -11.31
CA GLY A 168 3.81 -5.25 -11.56
C GLY A 168 2.47 -4.63 -11.81
N ASP A 169 1.33 -5.18 -11.34
CA ASP A 169 0.03 -4.56 -11.59
C ASP A 169 -0.48 -3.91 -10.34
N ALA A 170 -1.50 -3.02 -10.44
CA ALA A 170 -2.00 -2.32 -9.26
C ALA A 170 -3.52 -2.37 -9.26
N HIS A 171 -4.17 -2.99 -8.25
CA HIS A 171 -5.63 -3.05 -8.25
C HIS A 171 -6.15 -2.23 -7.10
N PHE A 172 -7.47 -1.90 -7.09
CA PHE A 172 -8.05 -1.06 -6.04
C PHE A 172 -9.32 -1.75 -5.59
N ASP A 173 -9.50 -2.04 -4.27
CA ASP A 173 -10.71 -2.75 -3.83
C ASP A 173 -11.90 -1.92 -4.27
N GLU A 174 -12.64 -2.32 -5.32
CA GLU A 174 -13.76 -1.50 -5.79
C GLU A 174 -14.73 -1.30 -4.65
N ASP A 175 -14.95 -2.35 -3.80
CA ASP A 175 -15.86 -2.20 -2.67
C ASP A 175 -15.53 -0.95 -1.86
N GLU A 176 -14.23 -0.65 -1.65
CA GLU A 176 -13.87 0.52 -0.85
C GLU A 176 -14.33 1.79 -1.52
N ARG A 177 -14.39 2.91 -0.75
CA ARG A 177 -14.86 4.17 -1.29
C ARG A 177 -13.67 4.86 -1.93
N TRP A 178 -13.87 5.61 -3.04
CA TRP A 178 -12.76 6.27 -3.72
C TRP A 178 -13.20 7.63 -4.21
N THR A 179 -12.38 8.70 -4.07
CA THR A 179 -12.80 10.00 -4.57
C THR A 179 -11.61 10.93 -4.57
N ASP A 180 -11.77 12.26 -4.77
CA ASP A 180 -10.64 13.18 -4.64
C ASP A 180 -11.13 14.57 -4.26
N GLY A 181 -11.92 15.25 -5.13
CA GLY A 181 -12.45 16.56 -4.74
C GLY A 181 -13.39 16.47 -3.57
N SER A 182 -14.08 15.31 -3.37
CA SER A 182 -15.04 15.22 -2.26
C SER A 182 -14.32 14.98 -0.94
N SER A 183 -13.12 14.35 -0.92
CA SER A 183 -12.41 14.14 0.33
C SER A 183 -13.32 13.58 1.40
N LEU A 184 -13.80 12.33 1.16
CA LEU A 184 -14.71 11.66 2.09
C LEU A 184 -14.11 10.31 2.39
N GLY A 185 -14.06 9.39 1.41
CA GLY A 185 -13.50 8.07 1.64
C GLY A 185 -11.99 8.13 1.57
N ILE A 186 -11.36 7.52 0.52
CA ILE A 186 -9.91 7.42 0.47
C ILE A 186 -9.47 8.24 -0.73
N ASN A 187 -8.56 9.24 -0.60
CA ASN A 187 -8.18 9.98 -1.79
C ASN A 187 -7.53 9.00 -2.74
N PHE A 188 -7.86 9.03 -4.05
CA PHE A 188 -7.25 8.08 -4.97
C PHE A 188 -5.78 8.40 -5.07
N LEU A 189 -5.44 9.71 -5.13
CA LEU A 189 -4.04 10.13 -5.24
C LEU A 189 -3.21 9.69 -4.07
N TYR A 190 -3.75 9.71 -2.83
CA TYR A 190 -2.91 9.41 -1.68
C TYR A 190 -2.66 7.92 -1.71
N ALA A 191 -3.74 7.10 -1.80
CA ALA A 191 -3.57 5.65 -1.90
C ALA A 191 -2.69 5.32 -3.09
N ALA A 192 -2.83 6.00 -4.24
CA ALA A 192 -2.03 5.66 -5.41
C ALA A 192 -0.56 5.67 -5.05
N THR A 193 -0.04 6.71 -4.37
CA THR A 193 1.37 6.70 -4.00
C THR A 193 1.70 5.44 -3.24
N HIS A 194 0.86 5.08 -2.24
CA HIS A 194 1.12 3.87 -1.45
C HIS A 194 1.06 2.64 -2.34
N ALA A 195 0.04 2.52 -3.21
CA ALA A 195 -0.13 1.30 -4.01
C ALA A 195 0.92 1.19 -5.08
N LEU A 196 1.05 2.21 -5.96
CA LEU A 196 2.08 2.15 -7.01
C LEU A 196 3.42 1.99 -6.34
N GLY A 197 3.67 2.72 -5.23
CA GLY A 197 4.94 2.59 -4.54
C GLY A 197 5.27 1.13 -4.28
N HIS A 198 4.34 0.30 -3.77
CA HIS A 198 4.65 -1.11 -3.56
C HIS A 198 5.08 -1.75 -4.87
N SER A 199 4.40 -1.44 -6.00
CA SER A 199 4.83 -2.01 -7.27
C SER A 199 6.27 -1.68 -7.57
N LEU A 200 6.87 -0.65 -6.95
CA LEU A 200 8.30 -0.37 -7.14
C LEU A 200 9.13 -1.17 -6.16
N GLY A 201 8.67 -2.33 -5.64
CA GLY A 201 9.43 -3.04 -4.62
C GLY A 201 9.81 -2.17 -3.45
N MET A 202 9.02 -1.10 -3.14
CA MET A 202 9.32 -0.29 -1.95
C MET A 202 8.61 -0.92 -0.77
N GLY A 203 9.09 -0.65 0.47
CA GLY A 203 8.51 -1.25 1.67
C GLY A 203 7.87 -0.19 2.53
N HIS A 204 7.21 -0.62 3.64
CA HIS A 204 6.56 0.36 4.51
C HIS A 204 7.64 1.09 5.28
N SER A 205 7.31 2.22 5.95
CA SER A 205 8.31 2.95 6.74
C SER A 205 7.77 3.19 8.13
N SER A 206 8.64 3.65 9.08
CA SER A 206 8.20 3.91 10.45
C SER A 206 7.96 5.38 10.74
N ASP A 207 8.22 6.32 9.81
CA ASP A 207 8.14 7.73 10.17
C ASP A 207 6.69 8.13 10.31
N PRO A 208 6.22 8.99 11.25
CA PRO A 208 4.80 9.29 11.30
C PRO A 208 4.30 10.04 10.10
N ASN A 209 5.17 10.66 9.26
CA ASN A 209 4.69 11.38 8.08
C ASN A 209 4.97 10.59 6.81
N ALA A 210 5.24 9.26 6.85
CA ALA A 210 5.70 8.60 5.62
C ALA A 210 4.64 8.58 4.55
N VAL A 211 5.04 8.42 3.26
CA VAL A 211 4.05 8.32 2.19
C VAL A 211 3.42 6.94 2.23
N MET A 212 4.17 5.89 2.63
CA MET A 212 3.60 4.54 2.72
C MET A 212 3.20 4.31 4.17
N TYR A 213 2.87 5.36 4.97
CA TYR A 213 2.69 5.15 6.40
C TYR A 213 1.42 4.36 6.56
N PRO A 214 1.38 3.14 7.14
CA PRO A 214 0.12 2.42 7.20
C PRO A 214 -0.82 2.94 8.26
N THR A 215 -0.38 3.83 9.20
CA THR A 215 -1.33 4.36 10.19
C THR A 215 -2.09 5.47 9.51
N TYR A 216 -2.82 5.19 8.41
CA TYR A 216 -3.45 6.28 7.65
C TYR A 216 -4.63 6.76 8.46
N GLY A 217 -4.68 8.05 8.85
CA GLY A 217 -5.82 8.52 9.64
C GLY A 217 -5.74 10.01 9.91
N ASN A 218 -4.72 10.45 10.69
CA ASN A 218 -4.62 11.86 11.06
C ASN A 218 -3.62 12.54 10.16
N GLY A 219 -3.51 13.89 10.20
CA GLY A 219 -2.55 14.57 9.32
C GLY A 219 -3.02 14.47 7.89
N ASP A 220 -3.94 15.36 7.46
CA ASP A 220 -4.46 15.32 6.09
C ASP A 220 -3.96 16.55 5.36
N PRO A 221 -2.76 16.60 4.72
CA PRO A 221 -2.33 17.84 4.09
C PRO A 221 -3.21 18.23 2.92
N GLN A 222 -2.95 19.40 2.29
CA GLN A 222 -3.86 19.90 1.25
C GLN A 222 -3.47 19.30 -0.08
N ASN A 223 -2.24 19.58 -0.59
CA ASN A 223 -1.78 18.96 -1.84
C ASN A 223 -1.13 17.62 -1.57
N PHE A 224 -0.46 17.42 -0.41
CA PHE A 224 0.22 16.16 -0.11
C PHE A 224 1.49 16.06 -0.93
N LYS A 225 2.59 15.51 -0.36
CA LYS A 225 3.78 15.23 -1.14
C LYS A 225 4.56 14.09 -0.52
N LEU A 226 5.53 13.52 -1.26
CA LEU A 226 6.36 12.44 -0.71
C LEU A 226 7.04 12.86 0.58
N SER A 227 7.54 11.88 1.38
CA SER A 227 8.20 12.19 2.65
C SER A 227 9.68 11.99 2.54
N GLN A 228 10.46 12.40 3.58
CA GLN A 228 11.92 12.30 3.49
C GLN A 228 12.32 10.86 3.67
N ASP A 229 11.90 10.19 4.77
CA ASP A 229 12.25 8.79 4.97
C ASP A 229 11.87 7.95 3.77
N ASP A 230 10.76 8.28 3.09
CA ASP A 230 10.36 7.49 1.93
C ASP A 230 11.31 7.76 0.77
N ILE A 231 11.67 9.05 0.54
CA ILE A 231 12.55 9.37 -0.59
C ILE A 231 13.92 8.77 -0.34
N LYS A 232 14.47 8.83 0.90
CA LYS A 232 15.80 8.25 1.12
C LYS A 232 15.75 6.77 0.83
N GLY A 233 14.66 6.08 1.24
CA GLY A 233 14.65 4.64 1.08
C GLY A 233 14.82 4.25 -0.37
N ILE A 234 14.10 4.91 -1.31
CA ILE A 234 14.25 4.52 -2.72
C ILE A 234 15.58 5.00 -3.23
N GLN A 235 16.02 6.25 -2.93
CA GLN A 235 17.27 6.74 -3.51
C GLN A 235 18.44 5.88 -3.06
N LYS A 236 18.38 5.21 -1.87
CA LYS A 236 19.54 4.45 -1.42
C LYS A 236 19.84 3.34 -2.41
N LEU A 237 18.80 2.73 -3.03
CA LEU A 237 19.06 1.63 -3.97
C LEU A 237 19.50 2.20 -5.29
N TYR A 238 18.76 3.20 -5.83
CA TYR A 238 19.10 3.74 -7.14
C TYR A 238 20.24 4.75 -7.08
N GLY A 239 20.71 5.17 -5.88
CA GLY A 239 21.83 6.11 -5.81
C GLY A 239 21.47 7.45 -6.38
N LYS A 240 20.71 8.30 -5.63
CA LYS A 240 20.36 9.63 -6.15
C LYS A 240 19.88 10.53 -5.02
N ARG A 241 19.06 11.58 -5.23
CA ARG A 241 18.61 12.42 -4.14
C ARG A 241 17.17 12.86 -4.40
N SER A 242 16.93 13.81 -5.33
CA SER A 242 15.57 14.27 -5.60
C SER A 242 15.57 15.26 -6.75
N ASN A 243 14.40 15.58 -7.35
CA ASN A 243 14.37 16.58 -8.41
C ASN A 243 13.01 17.24 -8.39
N SER A 244 12.64 17.86 -7.24
CA SER A 244 11.31 18.46 -7.13
C SER A 244 11.20 19.70 -7.97
N ARG A 245 10.11 19.85 -8.76
CA ARG A 245 9.88 21.07 -9.54
C ARG A 245 8.44 21.06 -10.03
N LYS A 246 7.47 20.90 -9.12
CA LYS A 246 6.06 20.85 -9.52
C LYS A 246 5.49 22.25 -9.49
N LYS A 247 4.19 22.41 -9.83
CA LYS A 247 3.58 23.75 -9.85
C LYS A 247 3.29 24.19 -8.44
C1 SGN B . 4.12 11.94 -17.46
C2 SGN B . 3.58 11.50 -18.84
C3 SGN B . 2.70 12.64 -19.42
C4 SGN B . 1.61 13.03 -18.40
C5 SGN B . 2.32 13.46 -17.08
C6 SGN B . 1.30 13.89 -15.99
N2 SGN B . 4.68 11.19 -19.73
O3 SGN B . 2.13 12.23 -20.67
O4 SGN B . 0.80 14.08 -18.98
O5 SGN B . 3.06 12.34 -16.57
O6 SGN B . 1.88 13.86 -14.66
S1 SGN B . 5.85 9.88 -19.39
O1S SGN B . 6.79 10.51 -18.49
O2S SGN B . 5.08 8.85 -18.72
O3S SGN B . 6.42 9.56 -20.68
S2 SGN B . 3.07 14.73 -14.36
O4S SGN B . 3.06 14.81 -12.91
O5S SGN B . 2.80 16.00 -15.01
O6S SGN B . 4.21 14.01 -14.90
H1 SGN B . 4.69 11.13 -16.98
H2 SGN B . 2.96 10.60 -18.70
H3 SGN B . 3.36 13.51 -19.60
H4 SGN B . 1.03 12.14 -18.10
H5 SGN B . 3.00 14.31 -17.27
H61 SGN B . 0.47 13.18 -15.96
H62 SGN B . 0.89 14.89 -16.21
HN21 SGN B . 4.79 11.72 -20.57
HO3 SGN B . 1.66 12.93 -21.10
C1 IDS B . -0.45 13.61 -19.57
C2 IDS B . -1.62 14.04 -18.64
C3 IDS B . -1.91 15.56 -18.83
C4 IDS B . -2.04 15.98 -20.32
C5 IDS B . -0.80 15.45 -21.08
C6 IDS B . -0.97 15.76 -22.54
O2 IDS B . -2.77 13.22 -18.85
O3 IDS B . -0.85 16.35 -18.27
O4 IDS B . -3.28 15.56 -20.93
O5 IDS B . -0.66 14.03 -20.93
O6A IDS B . -1.67 14.99 -23.25
O6B IDS B . -0.41 16.80 -23.00
S IDS B . -2.74 11.73 -18.52
O1S IDS B . -1.55 11.49 -17.74
O2S IDS B . -2.73 11.10 -19.83
O3S IDS B . -3.96 11.50 -17.78
H1 IDS B . -0.45 12.53 -19.72
H2 IDS B . -1.33 13.90 -17.59
H3 IDS B . -2.84 15.83 -18.29
H4 IDS B . -1.95 17.08 -20.40
H5 IDS B . 0.13 15.93 -20.72
HO3 IDS B . -0.75 16.25 -17.33
C1 SGN B . -4.43 16.38 -20.59
C2 SGN B . -5.55 15.56 -19.89
C3 SGN B . -6.51 14.87 -20.91
C4 SGN B . -7.02 15.97 -21.88
C5 SGN B . -5.74 16.43 -22.64
C6 SGN B . -6.09 17.40 -23.79
N2 SGN B . -4.97 14.53 -19.08
O3 SGN B . -7.57 14.27 -20.15
O4 SGN B . -8.11 15.57 -22.75
O5 SGN B . -4.90 17.16 -21.71
O6 SGN B . -4.95 18.12 -24.29
S1 SGN B . -5.39 14.26 -17.37
O1S SGN B . -6.26 15.36 -16.98
O2S SGN B . -4.10 14.19 -16.71
O3S SGN B . -6.03 12.96 -17.40
S2 SGN B . -3.91 17.44 -25.16
O4S SGN B . -4.09 18.07 -26.46
O5S SGN B . -2.65 17.80 -24.53
O6S SGN B . -4.17 16.02 -25.16
H1 SGN B . -4.15 17.16 -19.85
H2 SGN B . -6.16 16.24 -19.27
H3 SGN B . -6.00 14.09 -21.48
H4 SGN B . -7.33 16.86 -21.32
H5 SGN B . -5.18 15.58 -23.05
H61 SGN B . -6.76 18.18 -23.40
H62 SGN B . -6.61 16.88 -24.61
HN21 SGN B . -4.33 13.89 -19.52
HO3 SGN B . -7.26 13.51 -19.65
C1 IDS B . -9.41 15.48 -22.08
C2 IDS B . -10.58 15.74 -23.06
C3 IDS B . -10.87 14.49 -23.94
C4 IDS B . -11.01 13.22 -23.05
C5 IDS B . -9.70 13.10 -22.22
C6 IDS B . -9.69 11.86 -21.37
O2 IDS B . -11.81 16.09 -22.38
O3 IDS B . -9.80 14.35 -24.88
O4 IDS B . -12.15 13.33 -22.15
O5 IDS B . -9.62 14.24 -21.37
O6A IDS B . -10.44 10.90 -21.66
O6B IDS B . -8.88 11.83 -20.39
S IDS B . -11.89 17.35 -21.55
O1S IDS B . -10.82 18.23 -22.00
O2S IDS B . -13.21 17.87 -21.85
O3S IDS B . -11.74 16.89 -20.18
H1 IDS B . -9.48 16.24 -21.30
H2 IDS B . -10.31 16.56 -23.74
H3 IDS B . -11.81 14.67 -24.49
H4 IDS B . -11.06 12.32 -23.69
H5 IDS B . -8.82 13.03 -22.88
HO3 IDS B . -9.93 13.63 -25.49
C1 SGN B . -13.36 12.74 -22.69
C2 SGN B . -14.67 13.39 -22.14
C3 SGN B . -15.14 12.81 -20.78
C4 SGN B . -15.09 11.26 -20.83
C5 SGN B . -13.61 10.90 -21.12
C6 SGN B . -13.39 9.37 -21.05
N2 SGN B . -14.50 14.83 -22.01
O3 SGN B . -16.44 13.31 -20.42
O4 SGN B . -15.64 10.71 -19.60
O5 SGN B . -13.32 11.30 -22.48
O6 SGN B . -14.19 8.72 -22.04
S1 SGN B . -15.89 15.96 -22.09
O1S SGN B . -15.47 16.96 -23.05
O2S SGN B . -15.93 16.52 -20.75
O3S SGN B . -17.04 15.16 -22.45
S2 SGN B . -13.91 7.25 -22.27
O4S SGN B . -13.77 6.65 -20.96
O5S SGN B . -15.08 6.80 -23.00
O6S SGN B . -12.70 7.26 -23.07
H1 SGN B . -13.39 12.91 -23.77
H2 SGN B . -15.47 13.17 -22.86
H3 SGN B . -14.47 13.17 -19.99
H4 SGN B . -15.63 10.89 -21.72
H5 SGN B . -12.93 11.38 -20.40
H61 SGN B . -13.63 9.01 -20.04
H62 SGN B . -12.32 9.17 -21.24
HN21 SGN B . -13.59 15.18 -21.82
HO3 SGN B . -17.11 13.09 -21.05
C1 IDS B . -17.04 10.31 -19.68
C2 IDS B . -17.15 8.75 -19.68
C3 IDS B . -16.94 8.18 -18.25
C4 IDS B . -17.80 8.92 -17.17
C5 IDS B . -17.61 10.44 -17.34
C6 IDS B . -18.51 11.17 -16.37
O2 IDS B . -18.43 8.31 -20.16
O3 IDS B . -15.56 8.30 -17.86
O4 IDS B . -19.20 8.53 -17.25
O5 IDS B . -17.90 10.87 -18.67
O6A IDS B . -18.57 10.76 -15.18
O6B IDS B . -19.16 12.16 -16.79
S IDS B . -18.56 8.01 -21.64
O1S IDS B . -19.98 7.79 -21.82
O2S IDS B . -17.74 6.83 -21.85
O3S IDS B . -18.06 9.18 -22.34
H1 IDS B . -17.54 10.71 -20.58
H2 IDS B . -16.36 8.34 -20.32
H3 IDS B . -17.19 7.10 -18.26
H4 IDS B . -17.41 8.68 -16.17
H5 IDS B . -16.56 10.71 -17.15
HO3 IDS B . -15.01 7.80 -18.45
C1 SGN B . -19.51 7.30 -16.56
C2 SGN B . -20.42 6.36 -17.41
C3 SGN B . -21.91 6.72 -17.34
C4 SGN B . -22.30 6.86 -15.84
C5 SGN B . -21.40 7.98 -15.23
C6 SGN B . -21.81 8.26 -13.75
N2 SGN B . -20.01 6.38 -18.80
O3 SGN B . -22.60 5.65 -18.01
O4 SGN B . -23.71 7.13 -15.57
O5 SGN B . -20.04 7.54 -15.24
O6 SGN B . -20.84 9.15 -13.17
S1 SGN B . -20.28 5.00 -19.91
O1S SGN B . -19.01 4.84 -20.58
O2S SGN B . -20.70 3.89 -19.07
O3S SGN B . -21.28 5.50 -20.82
S2 SGN B . -21.09 9.58 -11.75
O4S SGN B . -21.19 8.36 -10.98
O5S SGN B . -19.92 10.37 -11.43
O6S SGN B . -22.32 10.36 -11.80
H1 SGN B . -18.59 6.71 -16.36
H2 SGN B . -20.30 5.33 -17.02
H3 SGN B . -22.08 7.67 -17.86
H4 SGN B . -22.00 5.94 -15.30
H5 SGN B . -21.50 8.92 -15.79
H61 SGN B . -21.81 7.30 -13.20
H62 SGN B . -22.82 8.69 -13.72
HN21 SGN B . -19.66 7.24 -19.17
HO3 SGN B . -23.52 5.82 -18.12
C1 IDS B . -24.59 5.99 -15.67
C2 IDS B . -25.79 6.14 -14.70
C3 IDS B . -26.78 7.19 -15.24
C4 IDS B . -27.18 6.82 -16.68
C5 IDS B . -25.91 6.71 -17.55
C6 IDS B . -26.25 6.33 -18.97
O2 IDS B . -26.39 4.82 -14.60
O3 IDS B . -26.14 8.48 -15.22
O4 IDS B . -27.86 5.56 -16.69
O5 IDS B . -25.03 5.71 -17.00
O6A IDS B . -27.10 7.03 -19.58
O6B IDS B . -25.69 5.34 -19.48
S IDS B . -27.17 4.43 -13.37
O1S IDS B . -28.31 5.32 -13.31
O2S IDS B . -27.52 3.04 -13.63
O3S IDS B . -26.23 4.59 -12.27
H1 IDS B . -24.07 5.08 -15.31
H2 IDS B . -25.40 6.46 -13.72
H3 IDS B . -27.69 7.25 -14.61
H4 IDS B . -27.87 7.57 -17.09
H5 IDS B . -25.38 7.69 -17.58
HO3 IDS B . -26.69 9.19 -15.51
CA CA C . 1.97 -6.50 -15.66
CA CA D . -11.88 -3.46 1.88
ZN ZN E . -5.64 -9.16 -8.15
ZN ZN F . 1.15 -1.12 2.08
N PRO A 1 -7.50 5.01 26.65
CA PRO A 1 -8.64 4.38 27.30
C PRO A 1 -8.25 3.04 27.88
N GLN A 2 -9.20 2.38 28.59
CA GLN A 2 -8.95 1.05 29.16
C GLN A 2 -10.21 0.21 29.13
N GLU A 3 -11.05 0.36 28.07
CA GLU A 3 -12.26 -0.46 27.95
C GLU A 3 -11.91 -1.70 27.14
N ALA A 4 -11.20 -1.53 25.99
CA ALA A 4 -10.77 -2.68 25.19
C ALA A 4 -10.23 -3.79 26.07
N GLY A 5 -9.51 -3.45 27.16
CA GLY A 5 -9.02 -4.46 28.10
C GLY A 5 -10.06 -5.54 28.38
N GLY A 6 -11.28 -5.14 28.80
CA GLY A 6 -12.31 -6.13 29.14
C GLY A 6 -13.32 -6.25 28.02
N MET A 7 -12.86 -6.48 26.76
CA MET A 7 -13.78 -6.62 25.63
C MET A 7 -13.86 -8.08 25.26
N SER A 8 -14.94 -8.52 24.55
CA SER A 8 -15.11 -9.95 24.27
C SER A 8 -13.90 -10.56 23.60
N GLU A 9 -13.73 -11.89 23.70
CA GLU A 9 -12.60 -12.56 23.06
C GLU A 9 -12.71 -12.40 21.57
N LEU A 10 -13.92 -12.58 20.97
CA LEU A 10 -14.06 -12.41 19.52
C LEU A 10 -13.37 -11.15 19.05
N GLN A 11 -13.67 -9.99 19.66
CA GLN A 11 -13.09 -8.75 19.16
C GLN A 11 -11.58 -8.86 19.22
N TRP A 12 -11.00 -9.37 20.33
CA TRP A 12 -9.55 -9.53 20.38
C TRP A 12 -9.09 -10.44 19.27
N GLU A 13 -9.77 -11.59 19.01
CA GLU A 13 -9.31 -12.47 17.94
C GLU A 13 -9.20 -11.71 16.65
N GLN A 14 -10.18 -10.82 16.32
CA GLN A 14 -10.08 -10.10 15.05
C GLN A 14 -8.74 -9.41 14.97
N ALA A 15 -8.22 -8.84 16.08
CA ALA A 15 -6.93 -8.17 16.00
C ALA A 15 -5.89 -9.14 15.48
N GLN A 16 -5.75 -10.34 16.12
CA GLN A 16 -4.75 -11.29 15.64
C GLN A 16 -5.08 -11.71 14.22
N ASP A 17 -6.36 -11.99 13.88
CA ASP A 17 -6.68 -12.44 12.53
C ASP A 17 -6.31 -11.37 11.52
N TYR A 18 -6.40 -10.06 11.88
CA TYR A 18 -6.01 -9.03 10.92
C TYR A 18 -4.50 -9.07 10.76
N LEU A 19 -3.73 -9.36 11.84
CA LEU A 19 -2.28 -9.42 11.67
C LEU A 19 -1.91 -10.63 10.85
N LYS A 20 -2.41 -11.84 11.18
CA LYS A 20 -1.98 -13.02 10.43
C LYS A 20 -2.26 -12.82 8.95
N ARG A 21 -3.41 -12.22 8.57
CA ARG A 21 -3.71 -12.11 7.13
C ARG A 21 -2.76 -11.12 6.50
N PHE A 22 -2.39 -10.00 7.17
CA PHE A 22 -1.44 -9.08 6.55
C PHE A 22 -0.26 -9.87 6.04
N TYR A 23 0.19 -10.93 6.75
CA TYR A 23 1.32 -11.73 6.26
C TYR A 23 0.84 -13.04 5.67
N LEU A 24 0.06 -13.01 4.57
CA LEU A 24 -0.33 -14.24 3.88
C LEU A 24 -1.09 -15.16 4.83
N TYR A 25 -1.43 -16.41 4.42
CA TYR A 25 -2.17 -17.31 5.30
C TYR A 25 -1.14 -18.16 6.03
N ASP A 26 -0.52 -17.63 7.12
CA ASP A 26 0.46 -18.39 7.88
C ASP A 26 -0.16 -18.84 9.20
N SER A 27 -0.96 -19.92 9.18
CA SER A 27 -1.43 -20.51 10.44
C SER A 27 -0.32 -21.22 11.18
N GLU A 28 0.86 -21.47 10.59
CA GLU A 28 1.93 -22.13 11.34
C GLU A 28 2.15 -21.43 12.67
N THR A 29 2.11 -20.08 12.66
CA THR A 29 2.37 -19.31 13.88
C THR A 29 1.41 -19.63 15.01
N LYS A 30 0.21 -20.18 14.72
CA LYS A 30 -0.78 -20.49 15.77
C LYS A 30 -0.17 -20.80 17.13
N ASN A 31 -0.36 -19.94 18.17
CA ASN A 31 0.07 -20.30 19.52
C ASN A 31 -0.17 -19.12 20.45
N ALA A 32 -0.56 -19.37 21.72
CA ALA A 32 -0.88 -18.26 22.63
C ALA A 32 0.34 -17.45 22.98
N ASN A 33 1.51 -18.11 23.17
CA ASN A 33 2.72 -17.38 23.57
C ASN A 33 3.41 -16.76 22.36
N SER A 34 3.30 -17.37 21.16
CA SER A 34 3.97 -16.83 19.98
C SER A 34 3.38 -15.48 19.64
N LEU A 35 2.03 -15.32 19.69
CA LEU A 35 1.43 -14.05 19.29
C LEU A 35 2.13 -12.91 20.00
N GLU A 36 2.53 -13.08 21.28
CA GLU A 36 3.13 -11.95 21.99
C GLU A 36 4.42 -11.55 21.32
N ALA A 37 5.31 -12.53 21.03
CA ALA A 37 6.54 -12.20 20.32
C ALA A 37 6.23 -11.69 18.94
N LYS A 38 5.25 -12.27 18.22
CA LYS A 38 5.04 -11.89 16.82
C LYS A 38 4.52 -10.46 16.80
N LEU A 39 3.44 -10.15 17.57
CA LEU A 39 2.97 -8.77 17.70
C LEU A 39 4.16 -7.83 17.70
N LYS A 40 5.18 -8.06 18.55
CA LYS A 40 6.32 -7.16 18.61
C LYS A 40 6.78 -6.75 17.21
N GLU A 41 6.92 -7.71 16.27
CA GLU A 41 7.41 -7.36 14.93
C GLU A 41 6.46 -6.39 14.27
N MET A 42 5.13 -6.59 14.39
CA MET A 42 4.18 -5.64 13.82
C MET A 42 4.44 -4.25 14.33
N GLN A 43 4.83 -4.13 15.61
CA GLN A 43 4.93 -2.81 16.22
C GLN A 43 6.06 -2.06 15.53
N LYS A 44 7.19 -2.74 15.23
CA LYS A 44 8.28 -2.07 14.51
C LYS A 44 7.77 -1.67 13.14
N PHE A 45 6.98 -2.56 12.48
CA PHE A 45 6.50 -2.26 11.14
C PHE A 45 5.88 -0.88 11.08
N PHE A 46 5.10 -0.49 12.12
CA PHE A 46 4.50 0.83 12.15
C PHE A 46 5.48 1.85 12.69
N GLY A 47 6.27 1.55 13.76
CA GLY A 47 7.19 2.54 14.32
C GLY A 47 6.73 2.94 15.70
N LEU A 48 5.41 3.07 15.92
CA LEU A 48 4.86 3.45 17.22
C LEU A 48 5.65 2.92 18.40
N PRO A 49 5.83 3.62 19.56
CA PRO A 49 6.66 3.08 20.62
C PRO A 49 5.99 2.05 21.51
N ILE A 50 4.67 2.12 21.77
CA ILE A 50 4.04 1.13 22.67
C ILE A 50 4.23 -0.25 22.08
N THR A 51 4.94 -1.21 22.75
CA THR A 51 5.14 -2.54 22.17
C THR A 51 4.73 -3.66 23.10
N GLY A 52 4.56 -4.90 22.58
CA GLY A 52 4.10 -6.01 23.41
C GLY A 52 2.62 -5.94 23.70
N MET A 53 1.88 -4.87 23.33
CA MET A 53 0.49 -4.71 23.75
C MET A 53 -0.31 -4.06 22.65
N LEU A 54 -1.66 -4.19 22.67
CA LEU A 54 -2.49 -3.49 21.69
C LEU A 54 -3.85 -3.21 22.28
N ASN A 55 -4.53 -2.11 21.89
CA ASN A 55 -5.84 -1.77 22.45
C ASN A 55 -6.14 -0.29 22.27
N SER A 56 -5.18 0.63 22.49
CA SER A 56 -5.43 2.05 22.27
C SER A 56 -5.12 2.40 20.82
N ARG A 57 -3.99 3.06 20.50
CA ARG A 57 -3.72 3.42 19.10
C ARG A 57 -3.55 2.16 18.27
N VAL A 58 -2.86 1.14 18.81
CA VAL A 58 -2.46 0.00 17.98
C VAL A 58 -3.68 -0.66 17.37
N ILE A 59 -4.73 -0.99 18.15
CA ILE A 59 -5.90 -1.65 17.57
C ILE A 59 -6.53 -0.68 16.60
N GLU A 60 -6.48 0.65 16.91
CA GLU A 60 -7.08 1.63 16.02
C GLU A 60 -6.49 1.48 14.63
N ILE A 61 -5.20 1.08 14.49
CA ILE A 61 -4.57 1.00 13.17
C ILE A 61 -5.20 -0.12 12.37
N MET A 62 -5.60 -1.24 13.03
CA MET A 62 -6.06 -2.41 12.28
C MET A 62 -7.41 -2.08 11.71
N GLN A 63 -8.35 -1.59 12.55
CA GLN A 63 -9.67 -1.21 12.04
C GLN A 63 -9.53 -0.17 10.94
N LYS A 64 -8.61 0.83 11.06
CA LYS A 64 -8.52 1.80 9.96
C LYS A 64 -8.07 1.04 8.73
N PRO A 65 -8.52 1.36 7.50
CA PRO A 65 -7.95 0.72 6.33
C PRO A 65 -6.60 1.37 6.05
N ARG A 66 -5.85 0.84 5.06
CA ARG A 66 -4.51 1.37 4.77
C ARG A 66 -3.90 0.79 3.51
N CYS A 67 -3.95 -0.54 3.31
CA CYS A 67 -3.30 -1.15 2.16
C CYS A 67 -3.69 -2.60 2.14
N GLY A 68 -3.56 -3.30 1.00
CA GLY A 68 -3.94 -4.72 0.95
C GLY A 68 -2.80 -5.50 0.36
N VAL A 69 -1.55 -5.04 0.57
CA VAL A 69 -0.40 -5.67 -0.06
C VAL A 69 0.27 -6.42 1.05
N PRO A 70 0.62 -7.73 0.98
CA PRO A 70 1.23 -8.34 2.14
C PRO A 70 2.60 -7.74 2.29
N ASP A 71 3.17 -7.75 3.53
CA ASP A 71 4.43 -7.08 3.77
C ASP A 71 5.48 -8.09 4.12
N VAL A 72 5.55 -9.19 3.32
CA VAL A 72 6.54 -10.23 3.57
C VAL A 72 6.96 -10.77 2.22
N ALA A 73 8.15 -11.41 2.13
CA ALA A 73 8.64 -11.89 0.85
C ALA A 73 9.60 -13.03 1.10
N GLU A 74 10.07 -13.73 0.05
CA GLU A 74 10.87 -14.94 0.29
C GLU A 74 11.75 -15.13 -0.93
N TYR A 75 13.09 -14.99 -0.84
CA TYR A 75 13.93 -15.10 -2.04
C TYR A 75 13.58 -16.40 -2.73
N SER A 76 13.47 -16.42 -4.08
CA SER A 76 13.01 -17.62 -4.78
C SER A 76 12.86 -17.27 -6.24
N LEU A 77 13.96 -17.35 -7.04
CA LEU A 77 13.86 -17.03 -8.46
C LEU A 77 13.32 -15.62 -8.58
N PHE A 78 13.86 -14.68 -7.76
CA PHE A 78 13.30 -13.32 -7.71
C PHE A 78 13.61 -12.63 -9.02
N PRO A 79 12.85 -11.59 -9.45
CA PRO A 79 13.09 -11.00 -10.77
C PRO A 79 14.31 -10.11 -10.77
N ASN A 80 14.63 -9.50 -11.94
CA ASN A 80 15.81 -8.66 -12.03
C ASN A 80 15.72 -7.56 -10.99
N SER A 81 16.55 -7.59 -9.93
CA SER A 81 16.67 -6.46 -9.00
C SER A 81 15.45 -6.28 -8.13
N PRO A 82 15.53 -5.75 -6.88
CA PRO A 82 14.33 -5.59 -6.08
C PRO A 82 13.44 -4.46 -6.57
N LYS A 83 13.93 -3.45 -7.32
CA LYS A 83 13.06 -2.36 -7.80
C LYS A 83 13.11 -2.29 -9.30
N TRP A 84 12.22 -1.47 -9.93
CA TRP A 84 12.23 -1.34 -11.39
C TRP A 84 13.63 -1.05 -11.89
N THR A 85 14.37 -2.02 -12.49
CA THR A 85 15.60 -1.67 -13.19
C THR A 85 15.40 -1.79 -14.69
N SER A 86 14.14 -1.72 -15.21
CA SER A 86 13.97 -1.78 -16.65
C SER A 86 14.50 -0.49 -17.23
N LYS A 87 14.87 -0.46 -18.54
CA LYS A 87 15.30 0.80 -19.13
C LYS A 87 14.11 1.75 -19.09
N VAL A 88 12.87 1.26 -19.38
CA VAL A 88 11.69 2.12 -19.27
C VAL A 88 10.53 1.34 -18.71
N VAL A 89 9.48 2.01 -18.16
CA VAL A 89 8.31 1.31 -17.66
C VAL A 89 7.05 2.00 -18.18
N THR A 90 5.92 1.28 -18.28
CA THR A 90 4.68 1.83 -18.84
C THR A 90 3.53 1.49 -17.92
N TYR A 91 2.37 2.19 -18.05
CA TYR A 91 1.24 1.94 -17.16
C TYR A 91 -0.08 2.28 -17.84
N ARG A 92 -1.14 1.43 -17.78
CA ARG A 92 -2.40 1.74 -18.46
C ARG A 92 -3.57 1.41 -17.57
N ILE A 93 -4.71 2.13 -17.69
CA ILE A 93 -5.83 1.90 -16.80
C ILE A 93 -6.69 0.83 -17.43
N VAL A 94 -7.21 -0.16 -16.66
CA VAL A 94 -8.06 -1.20 -17.24
C VAL A 94 -9.45 -0.62 -17.34
N SER A 95 -9.98 -0.11 -16.20
CA SER A 95 -11.36 0.38 -16.16
C SER A 95 -11.45 1.48 -15.14
N TYR A 96 -12.66 2.03 -14.88
CA TYR A 96 -12.77 3.13 -13.94
C TYR A 96 -13.99 2.96 -13.08
N THR A 97 -14.03 3.64 -11.91
CA THR A 97 -15.11 3.45 -10.95
C THR A 97 -16.14 4.53 -11.16
N ARG A 98 -17.44 4.24 -10.94
CA ARG A 98 -18.46 5.27 -11.14
C ARG A 98 -18.25 6.48 -10.26
N ASP A 99 -17.57 6.34 -9.09
CA ASP A 99 -17.32 7.50 -8.24
C ASP A 99 -16.53 8.57 -8.95
N LEU A 100 -15.66 8.21 -9.93
CA LEU A 100 -14.74 9.19 -10.53
C LEU A 100 -14.76 9.01 -12.03
N PRO A 101 -14.72 10.05 -12.90
CA PRO A 101 -14.71 9.76 -14.32
C PRO A 101 -13.36 9.20 -14.72
N HIS A 102 -13.30 8.45 -15.84
CA HIS A 102 -12.07 7.81 -16.30
C HIS A 102 -10.94 8.81 -16.33
N ILE A 103 -11.19 9.98 -16.97
CA ILE A 103 -10.20 11.07 -17.00
C ILE A 103 -9.59 11.32 -15.64
N THR A 104 -10.39 11.38 -14.57
CA THR A 104 -9.85 11.73 -13.25
C THR A 104 -9.05 10.59 -12.70
N VAL A 105 -9.49 9.32 -12.82
CA VAL A 105 -8.63 8.23 -12.34
C VAL A 105 -7.34 8.34 -13.11
N ASP A 106 -7.40 8.32 -14.45
CA ASP A 106 -6.19 8.28 -15.27
C ASP A 106 -5.17 9.30 -14.81
N ARG A 107 -5.56 10.58 -14.62
CA ARG A 107 -4.57 11.58 -14.25
C ARG A 107 -4.13 11.38 -12.81
N LEU A 108 -4.99 10.94 -11.87
CA LEU A 108 -4.53 10.70 -10.49
C LEU A 108 -3.49 9.60 -10.49
N VAL A 109 -3.62 8.55 -11.34
CA VAL A 109 -2.58 7.52 -11.34
C VAL A 109 -1.30 8.19 -11.75
N SER A 110 -1.33 9.00 -12.84
CA SER A 110 -0.08 9.57 -13.35
C SER A 110 0.45 10.61 -12.39
N LYS A 111 -0.42 11.37 -11.71
CA LYS A 111 0.02 12.43 -10.80
C LYS A 111 0.75 11.82 -9.62
N ALA A 112 0.39 10.60 -9.17
CA ALA A 112 1.15 9.94 -8.11
C ALA A 112 2.34 9.19 -8.68
N LEU A 113 2.10 8.30 -9.68
CA LEU A 113 3.18 7.57 -10.33
C LEU A 113 4.31 8.52 -10.66
N ASN A 114 4.03 9.61 -11.41
CA ASN A 114 5.10 10.52 -11.81
C ASN A 114 5.81 11.04 -10.59
N MET A 115 5.07 11.37 -9.51
CA MET A 115 5.71 11.94 -8.33
C MET A 115 6.74 10.97 -7.78
N TRP A 116 6.60 9.64 -7.98
CA TRP A 116 7.74 8.75 -7.75
C TRP A 116 8.78 8.95 -8.83
N GLY A 117 8.42 8.83 -10.13
CA GLY A 117 9.42 8.80 -11.18
C GLY A 117 10.36 9.98 -11.13
N LYS A 118 9.81 11.22 -11.09
CA LYS A 118 10.67 12.40 -11.01
C LYS A 118 11.64 12.29 -9.86
N GLU A 119 11.28 11.61 -8.74
CA GLU A 119 12.20 11.46 -7.61
C GLU A 119 13.34 10.48 -7.87
N ILE A 120 13.57 9.95 -9.09
CA ILE A 120 14.65 9.00 -9.33
C ILE A 120 15.14 9.11 -10.76
N PRO A 121 16.34 8.65 -11.18
CA PRO A 121 16.75 8.87 -12.57
C PRO A 121 16.05 7.94 -13.55
N LEU A 122 15.10 7.06 -13.13
CA LEU A 122 14.40 6.22 -14.11
C LEU A 122 13.66 7.03 -15.14
N HIS A 123 13.24 6.35 -16.23
CA HIS A 123 12.55 6.98 -17.36
C HIS A 123 11.19 6.33 -17.46
N PHE A 124 10.04 7.08 -17.35
CA PHE A 124 8.72 6.46 -17.50
C PHE A 124 8.16 6.85 -18.86
N ARG A 125 7.26 6.03 -19.45
CA ARG A 125 6.78 6.26 -20.83
C ARG A 125 5.27 6.27 -20.80
N LYS A 126 4.60 7.05 -21.67
CA LYS A 126 3.15 7.14 -21.63
C LYS A 126 2.56 6.14 -22.59
N VAL A 127 1.28 5.76 -22.41
CA VAL A 127 0.68 4.68 -23.19
C VAL A 127 -0.21 5.22 -24.29
N VAL A 128 0.10 4.95 -25.57
CA VAL A 128 -0.80 5.34 -26.67
C VAL A 128 -0.93 4.26 -27.74
N TRP A 129 -0.45 3.00 -27.54
CA TRP A 129 -0.58 2.00 -28.61
C TRP A 129 -0.08 0.67 -28.06
N GLY A 130 -0.98 -0.32 -27.74
CA GLY A 130 -0.53 -1.60 -27.24
C GLY A 130 -0.91 -1.77 -25.79
N THR A 131 -0.32 -2.77 -25.09
CA THR A 131 -0.62 -3.00 -23.67
C THR A 131 0.51 -2.40 -22.86
N ALA A 132 0.41 -2.44 -21.51
CA ALA A 132 1.43 -1.82 -20.66
C ALA A 132 1.84 -2.76 -19.57
N ASP A 133 2.90 -2.41 -18.80
CA ASP A 133 3.35 -3.30 -17.73
C ASP A 133 2.40 -3.16 -16.57
N ILE A 134 2.27 -1.96 -15.94
CA ILE A 134 1.46 -1.87 -14.73
C ILE A 134 0.03 -1.59 -15.16
N MET A 135 -0.89 -2.57 -15.03
CA MET A 135 -2.28 -2.30 -15.35
C MET A 135 -2.94 -1.71 -14.12
N ILE A 136 -3.85 -0.70 -14.23
CA ILE A 136 -4.48 -0.10 -13.05
C ILE A 136 -5.96 -0.44 -13.14
N GLY A 137 -6.50 -1.42 -12.38
CA GLY A 137 -7.91 -1.77 -12.52
C GLY A 137 -8.64 -1.65 -11.20
N PHE A 138 -9.99 -1.68 -11.25
CA PHE A 138 -10.78 -1.75 -10.03
C PHE A 138 -11.29 -3.16 -9.95
N ALA A 139 -11.17 -3.85 -8.80
CA ALA A 139 -11.67 -5.22 -8.76
C ALA A 139 -11.76 -5.70 -7.33
N ARG A 140 -12.48 -6.81 -7.08
CA ARG A 140 -12.56 -7.37 -5.72
C ARG A 140 -11.69 -8.61 -5.70
N GLY A 141 -11.19 -9.04 -4.52
CA GLY A 141 -10.39 -10.26 -4.43
C GLY A 141 -10.95 -11.44 -5.18
N ALA A 142 -12.29 -11.54 -5.41
CA ALA A 142 -12.81 -12.65 -6.23
C ALA A 142 -12.80 -12.31 -7.71
N HIS A 143 -11.97 -11.36 -8.19
CA HIS A 143 -11.92 -11.11 -9.64
C HIS A 143 -11.22 -12.29 -10.28
N GLY A 144 -10.10 -12.75 -9.68
CA GLY A 144 -9.37 -13.89 -10.24
C GLY A 144 -7.96 -13.91 -9.69
N ASP A 145 -7.80 -14.02 -8.35
CA ASP A 145 -6.46 -13.95 -7.76
C ASP A 145 -6.50 -14.39 -6.31
N SER A 146 -5.32 -14.57 -5.67
CA SER A 146 -5.31 -15.00 -4.27
C SER A 146 -5.82 -13.90 -3.37
N TYR A 147 -6.00 -14.20 -2.06
CA TYR A 147 -6.34 -13.19 -1.06
C TYR A 147 -7.82 -12.90 -1.14
N PRO A 148 -8.66 -13.00 -0.07
CA PRO A 148 -10.09 -12.80 -0.28
C PRO A 148 -10.41 -11.33 -0.37
N PHE A 149 -11.66 -11.00 -0.76
CA PHE A 149 -12.05 -9.60 -0.90
C PHE A 149 -12.15 -8.90 0.44
N ASP A 150 -12.62 -9.56 1.52
CA ASP A 150 -12.84 -8.86 2.78
C ASP A 150 -14.10 -8.03 2.68
N GLY A 151 -14.16 -7.05 1.73
CA GLY A 151 -15.33 -6.20 1.58
C GLY A 151 -14.96 -4.80 2.04
N PRO A 152 -15.82 -3.97 2.66
CA PRO A 152 -15.37 -2.65 3.05
C PRO A 152 -14.52 -2.79 4.29
N GLY A 153 -13.86 -1.69 4.74
CA GLY A 153 -13.00 -1.79 5.91
C GLY A 153 -11.69 -2.45 5.56
N ASN A 154 -11.06 -3.17 6.52
CA ASN A 154 -9.71 -3.71 6.36
C ASN A 154 -9.35 -4.14 4.95
N THR A 155 -8.05 -4.11 4.59
CA THR A 155 -7.64 -4.49 3.23
C THR A 155 -8.15 -3.42 2.28
N LEU A 156 -7.29 -2.46 1.88
CA LEU A 156 -7.72 -1.33 1.05
C LEU A 156 -7.42 -1.57 -0.41
N ALA A 157 -6.17 -1.89 -0.79
CA ALA A 157 -5.86 -2.12 -2.20
C ALA A 157 -4.71 -3.10 -2.33
N HIS A 158 -4.87 -4.22 -3.09
CA HIS A 158 -3.75 -5.12 -3.28
C HIS A 158 -2.98 -4.67 -4.49
N ALA A 159 -1.64 -4.89 -4.49
CA ALA A 159 -0.80 -4.52 -5.62
C ALA A 159 0.19 -5.66 -5.77
N PHE A 160 1.04 -5.69 -6.81
CA PHE A 160 1.98 -6.80 -6.94
C PHE A 160 3.40 -6.29 -6.95
N ALA A 161 4.39 -7.16 -6.61
CA ALA A 161 5.78 -6.74 -6.54
C ALA A 161 6.33 -6.65 -7.95
N PRO A 162 7.39 -5.85 -8.26
CA PRO A 162 7.84 -5.76 -9.64
C PRO A 162 8.45 -7.05 -10.13
N GLY A 163 7.61 -7.99 -10.64
CA GLY A 163 8.12 -9.27 -11.10
C GLY A 163 7.43 -9.72 -12.35
N THR A 164 8.11 -9.74 -13.52
CA THR A 164 7.48 -10.21 -14.76
C THR A 164 6.34 -9.29 -15.15
N GLY A 165 5.77 -9.46 -16.36
CA GLY A 165 4.63 -8.64 -16.73
C GLY A 165 3.48 -8.85 -15.77
N LEU A 166 3.28 -10.10 -15.26
CA LEU A 166 2.15 -10.35 -14.38
C LEU A 166 2.33 -9.49 -13.14
N GLY A 167 3.50 -9.57 -12.47
CA GLY A 167 3.69 -8.79 -11.25
C GLY A 167 3.88 -7.34 -11.59
N GLY A 168 3.98 -6.45 -10.57
CA GLY A 168 3.99 -5.01 -10.81
C GLY A 168 2.59 -4.43 -10.86
N ASP A 169 1.54 -5.13 -11.35
CA ASP A 169 0.26 -4.47 -11.56
C ASP A 169 -0.31 -3.88 -10.27
N ALA A 170 -1.22 -2.89 -10.39
CA ALA A 170 -1.83 -2.27 -9.21
C ALA A 170 -3.33 -2.47 -9.29
N HIS A 171 -4.04 -2.83 -8.20
CA HIS A 171 -5.50 -2.95 -8.24
C HIS A 171 -6.10 -2.09 -7.15
N PHE A 172 -7.44 -1.86 -7.17
CA PHE A 172 -8.09 -1.06 -6.14
C PHE A 172 -9.31 -1.82 -5.67
N ASP A 173 -9.48 -2.06 -4.34
CA ASP A 173 -10.66 -2.79 -3.85
C ASP A 173 -11.86 -2.01 -4.32
N GLU A 174 -12.62 -2.48 -5.34
CA GLU A 174 -13.76 -1.69 -5.82
C GLU A 174 -14.74 -1.50 -4.68
N ASP A 175 -14.85 -2.48 -3.76
CA ASP A 175 -15.76 -2.32 -2.61
C ASP A 175 -15.45 -1.02 -1.88
N GLU A 176 -14.16 -0.65 -1.74
CA GLU A 176 -13.81 0.55 -0.97
C GLU A 176 -14.24 1.82 -1.67
N ARG A 177 -14.27 2.94 -0.91
CA ARG A 177 -14.66 4.23 -1.48
C ARG A 177 -13.47 4.82 -2.21
N TRP A 178 -13.72 5.70 -3.21
CA TRP A 178 -12.62 6.25 -4.00
C TRP A 178 -13.03 7.59 -4.56
N THR A 179 -12.37 8.72 -4.20
CA THR A 179 -12.84 10.01 -4.67
C THR A 179 -11.72 11.02 -4.54
N ASP A 180 -11.79 12.26 -5.10
CA ASP A 180 -10.70 13.22 -4.94
C ASP A 180 -11.26 14.58 -4.58
N GLY A 181 -12.07 15.22 -5.47
CA GLY A 181 -12.63 16.51 -5.11
C GLY A 181 -13.51 16.41 -3.88
N SER A 182 -14.29 15.32 -3.73
CA SER A 182 -15.18 15.19 -2.58
C SER A 182 -14.40 15.03 -1.29
N SER A 183 -13.17 14.44 -1.32
CA SER A 183 -12.38 14.29 -0.09
C SER A 183 -13.26 13.73 1.01
N LEU A 184 -13.74 12.47 0.83
CA LEU A 184 -14.74 11.89 1.73
C LEU A 184 -14.23 10.55 2.22
N GLY A 185 -14.02 9.56 1.31
CA GLY A 185 -13.50 8.27 1.73
C GLY A 185 -12.00 8.27 1.58
N ILE A 186 -11.44 7.60 0.53
CA ILE A 186 -9.98 7.49 0.41
C ILE A 186 -9.54 8.33 -0.76
N ASN A 187 -8.60 9.29 -0.59
CA ASN A 187 -8.14 10.07 -1.73
C ASN A 187 -7.41 9.16 -2.68
N PHE A 188 -7.74 9.14 -3.99
CA PHE A 188 -6.98 8.30 -4.91
C PHE A 188 -5.56 8.81 -4.95
N LEU A 189 -5.32 10.13 -4.78
CA LEU A 189 -3.93 10.63 -4.81
C LEU A 189 -3.14 9.89 -3.75
N TYR A 190 -3.59 9.97 -2.48
CA TYR A 190 -2.85 9.34 -1.38
C TYR A 190 -2.65 7.87 -1.65
N ALA A 191 -3.75 7.13 -1.93
CA ALA A 191 -3.61 5.68 -2.11
C ALA A 191 -2.78 5.37 -3.33
N ALA A 192 -2.98 6.07 -4.46
CA ALA A 192 -2.19 5.77 -5.65
C ALA A 192 -0.72 5.84 -5.32
N THR A 193 -0.25 6.89 -4.62
CA THR A 193 1.16 6.92 -4.24
C THR A 193 1.48 5.66 -3.46
N HIS A 194 0.55 5.23 -2.58
CA HIS A 194 0.76 4.01 -1.81
C HIS A 194 0.84 2.81 -2.75
N ALA A 195 -0.25 2.47 -3.48
CA ALA A 195 -0.26 1.31 -4.37
C ALA A 195 0.89 1.32 -5.36
N LEU A 196 1.09 2.43 -6.09
CA LEU A 196 2.14 2.46 -7.11
C LEU A 196 3.48 2.29 -6.43
N GLY A 197 3.75 2.95 -5.28
CA GLY A 197 5.04 2.78 -4.63
C GLY A 197 5.33 1.32 -4.38
N HIS A 198 4.35 0.51 -3.93
CA HIS A 198 4.62 -0.92 -3.74
C HIS A 198 5.02 -1.57 -5.04
N SER A 199 4.43 -1.17 -6.18
CA SER A 199 4.90 -1.75 -7.44
C SER A 199 6.34 -1.41 -7.73
N LEU A 200 6.98 -0.43 -7.06
CA LEU A 200 8.40 -0.18 -7.26
C LEU A 200 9.23 -1.06 -6.34
N GLY A 201 8.64 -1.86 -5.42
CA GLY A 201 9.42 -2.52 -4.39
C GLY A 201 9.51 -1.67 -3.14
N MET A 202 8.81 -0.52 -3.02
CA MET A 202 8.93 0.27 -1.79
C MET A 202 8.33 -0.49 -0.62
N GLY A 203 9.10 -0.71 0.47
CA GLY A 203 8.54 -1.32 1.67
C GLY A 203 8.00 -0.24 2.56
N HIS A 204 7.18 -0.58 3.58
CA HIS A 204 6.62 0.46 4.44
C HIS A 204 7.70 1.16 5.22
N SER A 205 7.39 2.36 5.77
CA SER A 205 8.38 3.12 6.53
C SER A 205 7.83 3.45 7.89
N SER A 206 8.70 3.84 8.85
CA SER A 206 8.27 4.13 10.21
C SER A 206 7.99 5.60 10.47
N ASP A 207 8.45 6.55 9.62
CA ASP A 207 8.25 7.96 9.94
C ASP A 207 6.78 8.32 10.01
N PRO A 208 6.30 9.23 10.90
CA PRO A 208 4.87 9.54 10.92
C PRO A 208 4.43 10.34 9.71
N ASN A 209 5.35 10.99 8.97
CA ASN A 209 4.98 11.73 7.76
C ASN A 209 5.32 10.92 6.54
N ALA A 210 5.42 9.56 6.60
CA ALA A 210 5.89 8.82 5.44
C ALA A 210 4.80 8.73 4.38
N VAL A 211 5.17 8.42 3.11
CA VAL A 211 4.19 8.23 2.06
C VAL A 211 3.69 6.79 2.08
N MET A 212 4.53 5.82 2.50
CA MET A 212 4.10 4.42 2.63
C MET A 212 3.74 4.19 4.09
N TYR A 213 3.20 5.21 4.80
CA TYR A 213 2.99 5.06 6.24
C TYR A 213 1.80 4.15 6.41
N PRO A 214 1.82 3.04 7.19
CA PRO A 214 0.62 2.22 7.28
C PRO A 214 -0.40 2.87 8.19
N THR A 215 -0.05 3.86 9.04
CA THR A 215 -1.04 4.50 9.90
C THR A 215 -1.70 5.61 9.12
N TYR A 216 -2.51 5.28 8.09
CA TYR A 216 -3.12 6.35 7.29
C TYR A 216 -4.04 7.13 8.19
N GLY A 217 -3.83 8.45 8.40
CA GLY A 217 -4.69 9.21 9.29
C GLY A 217 -4.18 10.63 9.44
N ASN A 218 -4.07 11.18 10.66
CA ASN A 218 -3.49 12.52 10.86
C ASN A 218 -4.41 13.61 10.35
N GLY A 219 -4.66 13.72 9.02
CA GLY A 219 -5.55 14.77 8.55
C GLY A 219 -5.73 14.73 7.04
N ASP A 220 -6.34 15.79 6.45
CA ASP A 220 -6.52 15.85 4.99
C ASP A 220 -5.55 16.88 4.46
N PRO A 221 -4.43 16.56 3.77
CA PRO A 221 -3.49 17.60 3.37
C PRO A 221 -4.02 18.36 2.18
N GLN A 222 -3.41 19.50 1.81
CA GLN A 222 -3.96 20.30 0.71
C GLN A 222 -3.61 19.63 -0.61
N ASN A 223 -2.29 19.43 -0.89
CA ASN A 223 -1.84 18.84 -2.16
C ASN A 223 -1.08 17.56 -1.90
N PHE A 224 -0.10 17.55 -0.96
CA PHE A 224 0.57 16.31 -0.55
C PHE A 224 1.57 15.87 -1.57
N LYS A 225 2.67 15.19 -1.13
CA LYS A 225 3.78 14.91 -2.03
C LYS A 225 4.73 13.88 -1.43
N LEU A 226 5.70 13.36 -2.22
CA LEU A 226 6.61 12.30 -1.74
C LEU A 226 7.25 12.68 -0.41
N SER A 227 7.55 11.72 0.50
CA SER A 227 8.01 12.08 1.84
C SER A 227 9.51 11.96 1.98
N GLN A 228 10.18 12.93 2.64
CA GLN A 228 11.62 12.85 2.88
C GLN A 228 12.16 11.46 3.11
N ASP A 229 11.62 10.66 4.06
CA ASP A 229 12.21 9.35 4.35
C ASP A 229 12.03 8.43 3.16
N ASP A 230 10.84 8.43 2.50
CA ASP A 230 10.68 7.59 1.33
C ASP A 230 11.62 8.03 0.22
N ILE A 231 11.87 9.35 0.06
CA ILE A 231 12.73 9.80 -1.03
C ILE A 231 14.11 9.24 -0.78
N LYS A 232 14.68 9.40 0.43
CA LYS A 232 16.02 8.91 0.66
C LYS A 232 16.03 7.40 0.66
N GLY A 233 14.93 6.74 1.11
CA GLY A 233 14.90 5.28 1.07
C GLY A 233 15.03 4.79 -0.36
N ILE A 234 14.29 5.39 -1.32
CA ILE A 234 14.36 4.92 -2.70
C ILE A 234 15.68 5.30 -3.33
N GLN A 235 16.20 6.53 -3.13
CA GLN A 235 17.44 6.91 -3.81
C GLN A 235 18.57 5.99 -3.38
N LYS A 236 18.58 5.48 -2.13
CA LYS A 236 19.73 4.68 -1.69
C LYS A 236 19.81 3.39 -2.49
N LEU A 237 18.68 2.82 -2.98
CA LEU A 237 18.73 1.56 -3.73
C LEU A 237 18.98 1.84 -5.20
N TYR A 238 18.52 2.98 -5.77
CA TYR A 238 18.88 3.31 -7.15
C TYR A 238 20.31 3.79 -7.19
N GLY A 239 20.60 4.95 -6.57
CA GLY A 239 21.94 5.50 -6.66
C GLY A 239 21.93 6.95 -6.22
N LYS A 240 23.07 7.67 -6.39
CA LYS A 240 23.13 9.04 -5.88
C LYS A 240 22.43 9.97 -6.83
N ARG A 241 21.08 10.03 -6.85
CA ARG A 241 20.39 10.86 -7.84
C ARG A 241 18.92 10.98 -7.48
N SER A 242 18.33 12.21 -7.43
CA SER A 242 16.92 12.38 -7.03
C SER A 242 16.53 13.85 -7.13
N ASN A 243 15.25 14.21 -6.90
CA ASN A 243 14.81 15.61 -6.94
C ASN A 243 13.99 15.91 -5.71
N SER A 244 13.67 17.20 -5.46
CA SER A 244 12.92 17.60 -4.28
C SER A 244 11.73 18.43 -4.70
N ARG A 245 10.64 17.77 -5.14
CA ARG A 245 9.40 18.46 -5.53
C ARG A 245 9.48 18.85 -7.00
N LYS A 246 10.43 19.73 -7.38
CA LYS A 246 10.51 20.14 -8.80
C LYS A 246 9.22 20.82 -9.21
N LYS A 247 9.02 21.12 -10.52
CA LYS A 247 7.73 21.64 -10.95
C LYS A 247 6.61 20.74 -10.49
C1 SGN B . 4.55 11.07 -16.78
C2 SGN B . 4.12 10.64 -18.21
C3 SGN B . 3.43 11.83 -18.91
C4 SGN B . 2.26 12.31 -18.00
C5 SGN B . 2.93 12.82 -16.70
C6 SGN B . 1.92 13.56 -15.78
N2 SGN B . 5.29 10.21 -18.97
O3 SGN B . 3.03 11.44 -20.24
O4 SGN B . 1.42 13.34 -18.59
O5 SGN B . 3.50 11.68 -16.02
O6 SGN B . 2.55 13.84 -14.52
S1 SGN B . 6.71 11.28 -19.25
O1S SGN B . 7.80 10.38 -19.59
O2S SGN B . 6.29 12.11 -20.35
O3S SGN B . 6.84 12.04 -18.01
S2 SGN B . 1.81 14.76 -13.59
O4S SGN B . 1.95 16.07 -14.21
O5S SGN B . 2.51 14.63 -12.34
O6S SGN B . 0.43 14.27 -13.56
H1 SGN B . 4.97 10.21 -16.23
H2 SGN B . 3.41 9.81 -18.13
H3 SGN B . 4.16 12.65 -19.02
H4 SGN B . 1.65 11.43 -17.73
H5 SGN B . 3.73 13.54 -16.89
H61 SGN B . 1.02 12.97 -15.63
H62 SGN B . 1.64 14.51 -16.28
HN21 SGN B . 5.30 9.29 -19.38
HO3 SGN B . 2.73 12.17 -20.78
C1 IDS B . 0.27 12.84 -19.33
C2 IDS B . -0.92 12.38 -18.43
C3 IDS B . -1.69 13.61 -17.89
C4 IDS B . -2.08 14.57 -19.04
C5 IDS B . -0.75 14.99 -19.72
C6 IDS B . -1.04 15.97 -20.83
O2 IDS B . -1.85 11.59 -19.19
O3 IDS B . -0.86 14.27 -16.91
O4 IDS B . -2.89 13.92 -20.06
O5 IDS B . -0.15 13.82 -20.31
O6A IDS B . -1.18 15.54 -22.00
O6B IDS B . -1.13 17.19 -20.52
S IDS B . -1.64 10.10 -19.31
O1S IDS B . -2.07 9.80 -20.66
O2S IDS B . -2.50 9.56 -18.28
O3S IDS B . -0.23 9.85 -19.06
H1 IDS B . 0.57 11.99 -19.97
H2 IDS B . -0.61 11.81 -17.54
H3 IDS B . -2.58 13.23 -17.37
H4 IDS B . -2.57 15.45 -18.59
H5 IDS B . -0.05 15.46 -19.01
HO3 IDS B . -1.29 14.99 -16.48
C1 SGN B . -4.02 14.70 -20.55
C2 SGN B . -5.20 14.53 -19.54
C3 SGN B . -6.49 14.03 -20.24
C4 SGN B . -6.79 14.91 -21.46
C5 SGN B . -5.60 14.73 -22.43
C6 SGN B . -5.42 15.90 -23.43
N2 SGN B . -4.93 13.65 -18.41
O3 SGN B . -7.52 14.04 -19.25
O4 SGN B . -8.03 14.62 -22.18
O5 SGN B . -4.40 14.17 -21.84
O6 SGN B . -4.89 17.15 -22.92
S1 SGN B . -5.00 11.85 -18.53
O1S SGN B . -4.28 11.36 -17.37
O2S SGN B . -4.45 11.55 -19.84
O3S SGN B . -6.42 11.58 -18.47
S2 SGN B . -5.74 18.16 -22.19
O4S SGN B . -5.42 17.92 -20.79
O5S SGN B . -5.27 19.43 -22.69
O6S SGN B . -7.12 17.88 -22.55
H1 SGN B . -3.75 15.75 -20.73
H2 SGN B . -5.39 15.55 -19.13
H3 SGN B . -6.39 12.99 -20.60
H4 SGN B . -6.85 15.94 -21.10
H5 SGN B . -5.87 13.86 -23.06
H61 SGN B . -6.34 16.08 -24.00
H62 SGN B . -4.66 15.58 -24.15
HN21 SGN B . -4.76 14.06 -17.52
HO3 SGN B . -7.64 14.89 -18.84
C1 IDS B . -9.24 14.67 -21.39
C2 IDS B . -10.44 15.14 -22.27
C3 IDS B . -10.95 14.01 -23.20
C4 IDS B . -11.16 12.68 -22.40
C5 IDS B . -9.82 12.36 -21.69
C6 IDS B . -9.87 11.03 -20.98
O2 IDS B . -11.54 15.62 -21.47
O3 IDS B . -9.97 13.83 -24.24
O4 IDS B . -12.26 12.81 -21.44
O5 IDS B . -9.51 13.40 -20.75
O6A IDS B . -8.96 10.78 -20.14
O6B IDS B . -10.80 10.22 -21.24
S IDS B . -11.37 16.86 -20.62
O1S IDS B . -11.33 16.35 -19.26
O2S IDS B . -10.15 17.54 -21.03
O3S IDS B . -12.56 17.64 -20.91
H1 IDS B . -9.13 15.41 -20.59
H2 IDS B . -10.11 15.96 -22.92
H3 IDS B . -11.89 14.35 -23.66
H4 IDS B . -11.35 11.86 -23.12
H5 IDS B . -9.02 12.26 -22.43
HO3 IDS B . -10.24 13.19 -24.89
C1 SGN B . -13.55 12.44 -21.99
C2 SGN B . -14.76 13.16 -21.34
C3 SGN B . -15.29 12.46 -20.06
C4 SGN B . -15.43 10.93 -20.32
C5 SGN B . -14.01 10.44 -20.71
C6 SGN B . -13.97 8.90 -20.87
N2 SGN B . -14.42 14.54 -21.02
O3 SGN B . -16.51 13.06 -19.59
O4 SGN B . -16.01 10.27 -19.16
O5 SGN B . -13.68 11.00 -22.00
O6 SGN B . -14.86 8.50 -21.93
S1 SGN B . -15.68 15.81 -20.91
O1S SGN B . -15.03 17.04 -21.30
O2S SGN B . -16.01 15.80 -19.50
O3S SGN B . -16.78 15.35 -21.75
S2 SGN B . -14.92 7.03 -22.24
O4S SGN B . -13.56 6.65 -22.56
O5S SGN B . -15.44 6.41 -21.03
O6S SGN B . -15.83 6.96 -23.37
H1 SGN B . -13.57 12.75 -23.05
H2 SGN B . -15.59 13.14 -22.05
H3 SGN B . -14.57 12.62 -19.24
H4 SGN B . -16.05 10.75 -21.22
H5 SGN B . -13.26 10.72 -19.95
H61 SGN B . -14.30 8.42 -19.93
H62 SGN B . -12.94 8.60 -21.10
HN21 SGN B . -13.47 14.77 -20.80
HO3 SGN B . -17.21 13.03 -20.24
C1 IDS B . -17.46 10.13 -19.18
C2 IDS B . -17.83 8.63 -19.40
C3 IDS B . -17.57 7.81 -18.11
C4 IDS B . -18.17 8.48 -16.84
C5 IDS B . -17.80 9.97 -16.80
C6 IDS B . -18.51 10.62 -15.65
O2 IDS B . -19.22 8.49 -19.75
O3 IDS B . -16.15 7.59 -17.96
O4 IDS B . -19.62 8.33 -16.80
O5 IDS B . -18.14 10.64 -18.02
O6A IDS B . -18.41 10.10 -14.50
O6B IDS B . -19.19 11.66 -15.87
S IDS B . -19.57 8.44 -21.22
O1S IDS B . -19.04 7.17 -21.68
O2S IDS B . -18.94 9.60 -21.82
O3S IDS B . -21.01 8.51 -21.21
H1 IDS B . -17.93 10.74 -19.96
H2 IDS B . -17.19 8.20 -20.20
H3 IDS B . -17.99 6.81 -18.22
H4 IDS B . -17.71 8.03 -15.94
H5 IDS B . -16.72 10.08 -16.66
HO3 IDS B . -15.68 8.41 -17.98
C1 SGN B . -20.07 7.09 -16.18
C2 SGN B . -21.18 6.41 -17.04
C3 SGN B . -22.60 6.99 -16.79
C4 SGN B . -22.84 7.02 -15.25
C5 SGN B . -21.75 7.95 -14.64
C6 SGN B . -22.03 8.19 -13.14
N2 SGN B . -20.88 6.57 -18.45
O3 SGN B . -23.57 6.23 -17.51
O4 SGN B . -24.17 7.41 -14.84
O5 SGN B . -20.46 7.31 -14.81
O6 SGN B . -20.99 9.01 -12.58
S1 SGN B . -21.35 5.35 -19.67
O1S SGN B . -21.98 4.26 -18.94
O2S SGN B . -22.23 6.10 -20.55
O3S SGN B . -20.11 5.04 -20.33
S2 SGN B . -21.19 9.49 -11.17
O4S SGN B . -21.51 8.30 -10.40
O5S SGN B . -19.92 10.08 -10.82
O6S SGN B . -22.28 10.45 -11.26
H1 SGN B . -19.26 6.35 -16.13
H2 SGN B . -21.20 5.34 -16.78
H3 SGN B . -22.65 8.01 -17.19
H4 SGN B . -22.61 6.02 -14.83
H5 SGN B . -21.75 8.94 -15.14
H61 SGN B . -22.07 7.22 -12.62
H62 SGN B . -23.00 8.69 -13.03
HN21 SGN B . -20.48 7.43 -18.75
HO3 SGN B . -23.61 5.31 -17.24
C1 IDS B . -25.19 6.38 -14.97
C2 IDS B . -26.35 6.63 -13.96
C3 IDS B . -27.18 7.86 -14.41
C4 IDS B . -27.61 7.71 -15.89
C5 IDS B . -26.38 7.42 -16.78
C6 IDS B . -26.84 7.18 -18.20
O2 IDS B . -27.25 5.51 -13.87
O3 IDS B . -26.49 9.09 -14.15
O4 IDS B . -28.52 6.61 -16.02
O5 IDS B . -25.70 6.24 -16.30
O6A IDS B . -27.26 8.18 -18.86
O6B IDS B . -26.79 6.02 -18.67
S IDS B . -26.95 4.32 -13.00
O1S IDS B . -25.84 3.62 -13.63
O2S IDS B . -26.63 4.87 -11.70
O3S IDS B . -28.18 3.55 -13.03
H1 IDS B . -24.77 5.41 -14.70
H2 IDS B . -25.93 6.87 -12.96
H3 IDS B . -28.10 7.91 -13.79
H4 IDS B . -28.14 8.61 -16.22
H5 IDS B . -25.69 8.27 -16.80
HO3 IDS B . -25.66 9.15 -14.59
CA CA C . 2.95 -5.62 -14.73
CA CA D . -11.73 -3.20 1.92
ZN ZN E . -5.97 -9.10 -8.00
ZN ZN F . 1.13 -0.78 1.86
N PRO A 1 -7.31 8.82 21.77
CA PRO A 1 -8.28 8.58 22.83
C PRO A 1 -8.33 7.12 23.18
N GLN A 2 -8.97 6.76 24.32
CA GLN A 2 -9.12 5.34 24.67
C GLN A 2 -10.41 4.84 24.05
N GLU A 3 -10.36 4.31 22.81
CA GLU A 3 -11.51 3.60 22.27
C GLU A 3 -11.60 2.25 22.97
N ALA A 4 -10.46 1.56 23.20
CA ALA A 4 -10.48 0.25 23.85
C ALA A 4 -11.46 0.17 24.99
N GLY A 5 -11.58 1.22 25.83
CA GLY A 5 -12.51 1.16 26.95
C GLY A 5 -13.88 0.69 26.52
N GLY A 6 -14.43 1.24 25.41
CA GLY A 6 -15.75 0.83 24.95
C GLY A 6 -15.69 -0.08 23.74
N MET A 7 -14.64 -0.92 23.58
CA MET A 7 -14.60 -1.86 22.45
C MET A 7 -15.21 -3.17 22.85
N SER A 8 -15.56 -4.01 21.83
CA SER A 8 -16.14 -5.32 22.09
C SER A 8 -15.09 -6.37 21.85
N GLU A 9 -15.40 -7.65 22.20
CA GLU A 9 -14.48 -8.74 21.88
C GLU A 9 -14.18 -8.72 20.38
N LEU A 10 -15.17 -8.37 19.52
CA LEU A 10 -14.93 -8.42 18.09
C LEU A 10 -13.70 -7.61 17.71
N GLN A 11 -13.59 -6.33 18.11
CA GLN A 11 -12.43 -5.53 17.69
C GLN A 11 -11.17 -6.23 18.17
N TRP A 12 -11.08 -6.57 19.46
CA TRP A 12 -9.84 -7.17 19.97
C TRP A 12 -9.48 -8.38 19.15
N GLU A 13 -10.46 -9.24 18.78
CA GLU A 13 -10.15 -10.40 17.96
C GLU A 13 -9.75 -9.95 16.57
N GLN A 14 -10.47 -9.01 15.94
CA GLN A 14 -10.11 -8.58 14.59
C GLN A 14 -8.66 -8.19 14.57
N ALA A 15 -8.13 -7.50 15.61
CA ALA A 15 -6.71 -7.16 15.61
C ALA A 15 -5.87 -8.38 15.40
N GLN A 16 -6.04 -9.45 16.22
CA GLN A 16 -5.24 -10.65 16.04
C GLN A 16 -5.40 -11.13 14.61
N ASP A 17 -6.66 -11.28 14.15
CA ASP A 17 -6.88 -11.82 12.81
C ASP A 17 -6.29 -10.93 11.74
N TYR A 18 -6.31 -9.59 11.94
CA TYR A 18 -5.86 -8.70 10.87
C TYR A 18 -4.37 -8.77 10.72
N LEU A 19 -3.62 -8.83 11.86
CA LEU A 19 -2.18 -9.01 11.75
C LEU A 19 -1.97 -10.36 11.11
N LYS A 20 -2.76 -11.41 11.50
CA LYS A 20 -2.47 -12.75 11.01
C LYS A 20 -2.32 -12.74 9.50
N ARG A 21 -3.19 -12.01 8.76
CA ARG A 21 -3.13 -12.08 7.30
C ARG A 21 -1.96 -11.28 6.76
N PHE A 22 -1.54 -10.17 7.42
CA PHE A 22 -0.41 -9.41 6.88
C PHE A 22 0.79 -10.32 6.72
N TYR A 23 1.13 -11.12 7.76
CA TYR A 23 2.30 -11.99 7.68
C TYR A 23 1.94 -13.37 7.14
N LEU A 24 0.97 -13.48 6.21
CA LEU A 24 0.56 -14.77 5.67
C LEU A 24 -0.22 -15.58 6.69
N TYR A 25 -1.06 -16.54 6.22
CA TYR A 25 -1.85 -17.35 7.14
C TYR A 25 -0.91 -18.41 7.64
N ASP A 26 -0.15 -18.14 8.74
CA ASP A 26 0.77 -19.13 9.30
C ASP A 26 0.15 -19.65 10.57
N SER A 27 -0.57 -20.80 10.54
CA SER A 27 -1.06 -21.39 11.78
C SER A 27 0.09 -21.76 12.69
N GLU A 28 1.36 -21.83 12.21
CA GLU A 28 2.48 -22.12 13.13
C GLU A 28 2.47 -21.16 14.30
N THR A 29 2.11 -19.86 14.13
CA THR A 29 2.11 -18.92 15.25
C THR A 29 0.78 -18.92 15.98
N LYS A 30 -0.03 -20.00 15.93
CA LYS A 30 -1.36 -19.97 16.55
C LYS A 30 -1.20 -20.25 18.02
N ASN A 31 -1.16 -19.22 18.90
CA ASN A 31 -1.01 -19.47 20.34
C ASN A 31 -1.38 -18.23 21.12
N ALA A 32 -1.76 -18.38 22.42
CA ALA A 32 -2.21 -17.21 23.18
C ALA A 32 -1.05 -16.31 23.54
N ASN A 33 0.04 -16.84 24.12
CA ASN A 33 1.17 -15.98 24.48
C ASN A 33 1.87 -15.50 23.23
N SER A 34 1.89 -16.31 22.14
CA SER A 34 2.49 -15.83 20.90
C SER A 34 1.86 -14.52 20.48
N LEU A 35 0.59 -14.22 20.83
CA LEU A 35 0.04 -12.89 20.56
C LEU A 35 1.09 -11.86 20.90
N GLU A 36 1.67 -11.91 22.12
CA GLU A 36 2.54 -10.84 22.56
C GLU A 36 3.72 -10.69 21.61
N ALA A 37 4.43 -11.80 21.30
CA ALA A 37 5.57 -11.69 20.38
C ALA A 37 5.10 -11.26 19.01
N LYS A 38 3.96 -11.81 18.53
CA LYS A 38 3.50 -11.48 17.18
C LYS A 38 3.21 -10.00 17.08
N LEU A 39 2.62 -9.37 18.11
CA LEU A 39 2.47 -7.92 18.05
C LEU A 39 3.85 -7.31 18.09
N LYS A 40 4.75 -7.84 18.96
CA LYS A 40 6.05 -7.21 19.14
C LYS A 40 6.71 -6.96 17.80
N GLU A 41 6.53 -7.85 16.79
CA GLU A 41 7.16 -7.64 15.48
C GLU A 41 6.50 -6.56 14.65
N MET A 42 5.16 -6.36 14.73
CA MET A 42 4.54 -5.30 13.93
C MET A 42 5.03 -3.94 14.40
N GLN A 43 5.38 -3.82 15.70
CA GLN A 43 5.75 -2.53 16.26
C GLN A 43 6.94 -1.97 15.50
N LYS A 44 7.91 -2.82 15.14
CA LYS A 44 9.02 -2.35 14.31
C LYS A 44 8.49 -2.04 12.93
N PHE A 45 7.65 -2.92 12.34
CA PHE A 45 7.15 -2.67 10.99
C PHE A 45 6.47 -1.32 10.92
N PHE A 46 5.70 -0.93 11.97
CA PHE A 46 5.03 0.37 11.99
C PHE A 46 5.95 1.45 12.51
N GLY A 47 6.88 1.17 13.45
CA GLY A 47 7.76 2.20 13.99
C GLY A 47 7.39 2.60 15.40
N LEU A 48 6.08 2.74 15.71
CA LEU A 48 5.66 3.20 17.05
C LEU A 48 6.52 2.67 18.18
N PRO A 49 6.92 3.45 19.22
CA PRO A 49 7.77 2.90 20.27
C PRO A 49 7.03 2.05 21.28
N ILE A 50 5.81 2.43 21.74
CA ILE A 50 5.10 1.65 22.76
C ILE A 50 5.05 0.19 22.38
N THR A 51 5.90 -0.71 22.96
CA THR A 51 5.89 -2.12 22.55
C THR A 51 4.86 -2.94 23.30
N GLY A 52 4.46 -4.10 22.72
CA GLY A 52 3.57 -5.01 23.43
C GLY A 52 2.25 -4.39 23.83
N MET A 53 1.75 -3.36 23.11
CA MET A 53 0.46 -2.73 23.46
C MET A 53 -0.57 -3.05 22.42
N LEU A 54 -1.88 -2.90 22.76
CA LEU A 54 -2.94 -3.11 21.78
C LEU A 54 -4.21 -2.46 22.28
N ASN A 55 -4.40 -1.14 22.05
CA ASN A 55 -5.55 -0.47 22.66
C ASN A 55 -5.71 0.98 22.24
N SER A 56 -4.63 1.81 22.18
CA SER A 56 -4.78 3.21 21.82
C SER A 56 -4.46 3.41 20.36
N ARG A 57 -3.26 3.87 19.97
CA ARG A 57 -2.97 4.08 18.54
C ARG A 57 -2.81 2.77 17.81
N VAL A 58 -2.32 1.70 18.50
CA VAL A 58 -2.04 0.45 17.82
C VAL A 58 -3.34 -0.10 17.27
N ILE A 59 -4.40 -0.19 18.12
CA ILE A 59 -5.63 -0.85 17.69
C ILE A 59 -6.29 0.01 16.62
N GLU A 60 -6.24 1.35 16.73
CA GLU A 60 -6.87 2.22 15.72
C GLU A 60 -6.41 1.88 14.32
N ILE A 61 -5.17 1.38 14.16
CA ILE A 61 -4.67 1.07 12.82
C ILE A 61 -5.27 -0.21 12.31
N MET A 62 -5.53 -1.20 13.19
CA MET A 62 -5.96 -2.49 12.71
C MET A 62 -7.31 -2.31 12.07
N GLN A 63 -8.25 -1.66 12.78
CA GLN A 63 -9.57 -1.40 12.20
C GLN A 63 -9.43 -0.63 10.91
N LYS A 64 -8.50 0.35 10.81
CA LYS A 64 -8.38 1.10 9.56
C LYS A 64 -7.89 0.17 8.47
N PRO A 65 -8.29 0.32 7.18
CA PRO A 65 -7.71 -0.54 6.14
C PRO A 65 -6.33 -0.03 5.84
N ARG A 66 -5.49 -0.76 5.04
CA ARG A 66 -4.07 -0.41 4.96
C ARG A 66 -3.48 -0.74 3.59
N CYS A 67 -3.48 -2.03 3.17
CA CYS A 67 -2.88 -2.42 1.89
C CYS A 67 -3.25 -3.87 1.68
N GLY A 68 -3.21 -4.44 0.44
CA GLY A 68 -3.64 -5.82 0.25
C GLY A 68 -2.50 -6.67 -0.22
N VAL A 69 -1.27 -6.36 0.22
CA VAL A 69 -0.08 -7.10 -0.22
C VAL A 69 0.50 -7.65 1.06
N PRO A 70 1.09 -8.87 1.11
CA PRO A 70 1.55 -9.37 2.38
C PRO A 70 2.81 -8.62 2.76
N ASP A 71 3.11 -8.50 4.08
CA ASP A 71 4.35 -7.85 4.47
C ASP A 71 5.53 -8.76 4.17
N VAL A 72 5.36 -10.10 4.11
CA VAL A 72 6.47 -11.00 3.80
C VAL A 72 6.08 -11.93 2.66
N ALA A 73 7.04 -12.45 1.86
CA ALA A 73 6.68 -13.29 0.73
C ALA A 73 7.84 -14.21 0.36
N GLU A 74 7.60 -15.27 -0.45
CA GLU A 74 8.66 -16.27 -0.69
C GLU A 74 8.29 -17.15 -1.87
N TYR A 75 9.16 -18.10 -2.28
CA TYR A 75 8.79 -19.03 -3.35
C TYR A 75 8.48 -18.28 -4.63
N SER A 76 9.51 -17.71 -5.30
CA SER A 76 9.29 -17.12 -6.62
C SER A 76 10.61 -16.94 -7.35
N LEU A 77 10.60 -16.85 -8.70
CA LEU A 77 11.83 -16.58 -9.44
C LEU A 77 12.04 -15.08 -9.36
N PHE A 78 12.67 -14.60 -8.26
CA PHE A 78 12.88 -13.16 -8.10
C PHE A 78 13.42 -12.59 -9.40
N PRO A 79 12.90 -11.48 -9.98
CA PRO A 79 13.37 -11.04 -11.29
C PRO A 79 14.60 -10.17 -11.15
N ASN A 80 15.12 -9.64 -12.30
CA ASN A 80 16.25 -8.71 -12.28
C ASN A 80 16.14 -7.71 -11.15
N SER A 81 16.75 -7.99 -9.96
CA SER A 81 16.76 -7.02 -8.87
C SER A 81 15.37 -6.88 -8.27
N PRO A 82 15.16 -6.49 -6.99
CA PRO A 82 13.79 -6.40 -6.48
C PRO A 82 13.06 -5.18 -7.00
N LYS A 83 13.75 -4.09 -7.43
CA LYS A 83 13.04 -2.89 -7.90
C LYS A 83 13.10 -2.86 -9.42
N TRP A 84 12.29 -2.01 -10.09
CA TRP A 84 12.34 -1.97 -11.56
C TRP A 84 13.78 -1.80 -12.01
N THR A 85 14.27 -2.61 -12.97
CA THR A 85 15.60 -2.38 -13.56
C THR A 85 15.43 -2.02 -15.03
N SER A 86 14.22 -1.64 -15.49
CA SER A 86 14.03 -1.31 -16.90
C SER A 86 14.46 0.12 -17.13
N LYS A 87 14.81 0.51 -18.37
CA LYS A 87 15.17 1.90 -18.63
C LYS A 87 13.96 2.79 -18.47
N VAL A 88 12.71 2.25 -18.61
CA VAL A 88 11.51 3.08 -18.43
C VAL A 88 10.39 2.26 -17.87
N VAL A 89 9.35 2.90 -17.30
CA VAL A 89 8.17 2.18 -16.82
C VAL A 89 6.96 2.78 -17.53
N THR A 90 5.90 2.00 -17.78
CA THR A 90 4.71 2.48 -18.48
C THR A 90 3.50 2.13 -17.65
N TYR A 91 2.32 2.75 -17.90
CA TYR A 91 1.16 2.48 -17.06
C TYR A 91 -0.13 2.76 -17.78
N ARG A 92 -1.17 1.88 -17.72
CA ARG A 92 -2.41 2.14 -18.45
C ARG A 92 -3.60 1.74 -17.61
N ILE A 93 -4.77 2.41 -17.77
CA ILE A 93 -5.92 2.10 -16.92
C ILE A 93 -6.73 1.01 -17.60
N VAL A 94 -7.23 0.00 -16.84
CA VAL A 94 -8.06 -1.05 -17.45
C VAL A 94 -9.49 -0.58 -17.43
N SER A 95 -10.02 -0.17 -16.25
CA SER A 95 -11.44 0.18 -16.13
C SER A 95 -11.59 1.44 -15.30
N TYR A 96 -12.81 2.03 -15.27
CA TYR A 96 -13.02 3.27 -14.53
C TYR A 96 -13.87 2.96 -13.32
N THR A 97 -13.80 3.81 -12.27
CA THR A 97 -14.60 3.56 -11.08
C THR A 97 -15.94 4.21 -11.34
N ARG A 98 -17.01 3.70 -10.71
CA ARG A 98 -18.30 4.39 -10.79
C ARG A 98 -18.21 5.70 -10.04
N ASP A 99 -17.49 5.78 -8.90
CA ASP A 99 -17.46 7.01 -8.10
C ASP A 99 -16.77 8.17 -8.78
N LEU A 100 -15.83 7.94 -9.73
CA LEU A 100 -15.00 9.01 -10.27
C LEU A 100 -14.96 8.88 -11.78
N PRO A 101 -14.79 9.94 -12.61
CA PRO A 101 -14.75 9.71 -14.04
C PRO A 101 -13.44 9.06 -14.42
N HIS A 102 -13.38 8.44 -15.63
CA HIS A 102 -12.19 7.68 -16.04
C HIS A 102 -10.99 8.60 -16.04
N ILE A 103 -11.19 9.82 -16.58
CA ILE A 103 -10.09 10.77 -16.67
C ILE A 103 -9.45 11.07 -15.34
N THR A 104 -10.29 11.18 -14.27
CA THR A 104 -9.75 11.56 -12.97
C THR A 104 -8.93 10.39 -12.51
N VAL A 105 -9.49 9.16 -12.47
CA VAL A 105 -8.69 7.99 -12.11
C VAL A 105 -7.35 8.09 -12.81
N ASP A 106 -7.34 8.29 -14.14
CA ASP A 106 -6.08 8.29 -14.86
C ASP A 106 -5.17 9.38 -14.33
N ARG A 107 -5.71 10.59 -14.08
CA ARG A 107 -4.83 11.68 -13.65
C ARG A 107 -4.30 11.39 -12.26
N LEU A 108 -5.06 10.74 -11.34
CA LEU A 108 -4.51 10.47 -10.02
C LEU A 108 -3.34 9.53 -10.16
N VAL A 109 -3.46 8.42 -10.92
CA VAL A 109 -2.34 7.47 -10.94
C VAL A 109 -1.13 8.21 -11.44
N SER A 110 -1.27 9.00 -12.54
CA SER A 110 -0.12 9.72 -13.05
C SER A 110 0.37 10.67 -11.99
N LYS A 111 -0.54 11.39 -11.29
CA LYS A 111 -0.11 12.39 -10.32
C LYS A 111 0.66 11.77 -9.17
N ALA A 112 0.51 10.44 -8.87
CA ALA A 112 1.35 9.77 -7.87
C ALA A 112 2.52 9.10 -8.56
N LEU A 113 2.24 8.14 -9.46
CA LEU A 113 3.29 7.46 -10.23
C LEU A 113 4.32 8.44 -10.75
N ASN A 114 3.89 9.56 -11.37
CA ASN A 114 4.85 10.56 -11.85
C ASN A 114 5.63 11.07 -10.68
N MET A 115 4.96 11.39 -9.55
CA MET A 115 5.67 11.93 -8.40
C MET A 115 6.80 10.96 -8.07
N TRP A 116 6.50 9.65 -7.92
CA TRP A 116 7.57 8.68 -7.66
C TRP A 116 8.70 8.90 -8.63
N GLY A 117 8.42 8.82 -9.96
CA GLY A 117 9.51 8.98 -10.94
C GLY A 117 10.29 10.25 -10.75
N LYS A 118 9.63 11.35 -10.33
CA LYS A 118 10.33 12.63 -10.19
C LYS A 118 11.38 12.60 -9.10
N GLU A 119 11.38 11.64 -8.14
CA GLU A 119 12.44 11.59 -7.13
C GLU A 119 13.55 10.62 -7.50
N ILE A 120 13.68 10.15 -8.77
CA ILE A 120 14.66 9.12 -9.06
C ILE A 120 15.14 9.21 -10.49
N PRO A 121 16.36 8.72 -10.88
CA PRO A 121 16.77 8.82 -12.27
C PRO A 121 15.93 7.98 -13.20
N LEU A 122 15.05 7.06 -12.73
CA LEU A 122 14.17 6.35 -13.67
C LEU A 122 13.44 7.32 -14.57
N HIS A 123 12.95 6.82 -15.71
CA HIS A 123 12.20 7.62 -16.66
C HIS A 123 10.78 7.08 -16.69
N PHE A 124 9.76 7.86 -17.11
CA PHE A 124 8.41 7.33 -17.24
C PHE A 124 7.82 7.79 -18.56
N ARG A 125 6.86 7.03 -19.14
CA ARG A 125 6.40 7.28 -20.51
C ARG A 125 4.90 7.20 -20.53
N LYS A 126 4.19 8.05 -21.32
CA LYS A 126 2.72 8.02 -21.30
C LYS A 126 2.24 7.05 -22.34
N VAL A 127 1.02 6.49 -22.15
CA VAL A 127 0.53 5.43 -23.02
C VAL A 127 -0.42 5.95 -24.07
N VAL A 128 -0.14 5.74 -25.37
CA VAL A 128 -1.10 6.13 -26.42
C VAL A 128 -1.21 5.11 -27.53
N TRP A 129 -0.69 3.87 -27.41
CA TRP A 129 -0.77 2.90 -28.52
C TRP A 129 -0.15 1.60 -28.05
N GLY A 130 -0.95 0.57 -27.70
CA GLY A 130 -0.41 -0.70 -27.22
C GLY A 130 -0.63 -0.85 -25.74
N THR A 131 -0.18 -2.00 -25.16
CA THR A 131 -0.38 -2.26 -23.74
C THR A 131 0.74 -1.65 -22.94
N ALA A 132 0.72 -1.81 -21.60
CA ALA A 132 1.74 -1.20 -20.73
C ALA A 132 2.28 -2.22 -19.76
N ASP A 133 3.39 -1.87 -19.05
CA ASP A 133 3.90 -2.77 -18.03
C ASP A 133 2.90 -2.80 -16.90
N ILE A 134 2.51 -1.61 -16.36
CA ILE A 134 1.62 -1.60 -15.20
C ILE A 134 0.21 -1.46 -15.73
N MET A 135 -0.76 -2.28 -15.27
CA MET A 135 -2.16 -2.10 -15.65
C MET A 135 -2.88 -1.67 -14.39
N ILE A 136 -3.79 -0.67 -14.42
CA ILE A 136 -4.45 -0.20 -13.20
C ILE A 136 -5.90 -0.58 -13.34
N GLY A 137 -6.40 -1.62 -12.64
CA GLY A 137 -7.79 -2.05 -12.85
C GLY A 137 -8.56 -2.03 -11.56
N PHE A 138 -9.91 -2.05 -11.68
CA PHE A 138 -10.77 -2.19 -10.50
C PHE A 138 -11.31 -3.58 -10.53
N ALA A 139 -11.33 -4.27 -9.37
CA ALA A 139 -11.81 -5.65 -9.39
C ALA A 139 -11.95 -6.16 -7.97
N ARG A 140 -12.61 -7.31 -7.80
CA ARG A 140 -12.72 -7.92 -6.48
C ARG A 140 -11.82 -9.15 -6.46
N GLY A 141 -11.51 -9.72 -5.27
CA GLY A 141 -10.65 -10.90 -5.23
C GLY A 141 -11.14 -12.00 -6.14
N ALA A 142 -12.47 -12.12 -6.39
CA ALA A 142 -12.97 -13.15 -7.31
C ALA A 142 -12.85 -12.76 -8.77
N HIS A 143 -12.08 -11.72 -9.15
CA HIS A 143 -11.91 -11.42 -10.58
C HIS A 143 -11.12 -12.55 -11.17
N GLY A 144 -10.02 -12.97 -10.50
CA GLY A 144 -9.22 -14.08 -10.99
C GLY A 144 -7.84 -14.09 -10.37
N ASP A 145 -7.72 -14.09 -9.01
CA ASP A 145 -6.40 -14.13 -8.39
C ASP A 145 -6.51 -14.40 -6.91
N SER A 146 -5.37 -14.51 -6.18
CA SER A 146 -5.42 -14.74 -4.74
C SER A 146 -5.96 -13.52 -4.01
N TYR A 147 -5.99 -13.53 -2.65
CA TYR A 147 -6.46 -12.37 -1.89
C TYR A 147 -7.96 -12.22 -2.08
N PRO A 148 -8.88 -12.58 -1.14
CA PRO A 148 -10.30 -12.49 -1.43
C PRO A 148 -10.80 -11.08 -1.25
N PHE A 149 -12.07 -10.80 -1.65
CA PHE A 149 -12.64 -9.47 -1.48
C PHE A 149 -12.69 -9.03 -0.03
N ASP A 150 -12.93 -9.94 0.94
CA ASP A 150 -13.05 -9.54 2.35
C ASP A 150 -13.89 -8.30 2.61
N GLY A 151 -14.81 -7.88 1.70
CA GLY A 151 -15.68 -6.76 2.02
C GLY A 151 -14.93 -5.45 2.18
N PRO A 152 -15.61 -4.36 2.61
CA PRO A 152 -14.89 -3.11 2.83
C PRO A 152 -14.10 -3.28 4.12
N GLY A 153 -13.34 -2.25 4.57
CA GLY A 153 -12.53 -2.44 5.76
C GLY A 153 -11.40 -3.42 5.48
N ASN A 154 -10.78 -3.97 6.54
CA ASN A 154 -9.60 -4.83 6.43
C ASN A 154 -9.19 -5.22 5.02
N THR A 155 -8.01 -4.81 4.53
CA THR A 155 -7.53 -5.16 3.18
C THR A 155 -7.96 -4.04 2.28
N LEU A 156 -7.00 -3.28 1.70
CA LEU A 156 -7.33 -2.10 0.89
C LEU A 156 -7.09 -2.34 -0.58
N ALA A 157 -5.88 -2.77 -1.00
CA ALA A 157 -5.60 -2.92 -2.43
C ALA A 157 -4.42 -3.84 -2.68
N HIS A 158 -4.60 -4.99 -3.38
CA HIS A 158 -3.46 -5.86 -3.65
C HIS A 158 -2.70 -5.35 -4.86
N ALA A 159 -1.44 -4.87 -4.71
CA ALA A 159 -0.60 -4.56 -5.87
C ALA A 159 0.29 -5.74 -6.17
N PHE A 160 1.12 -5.70 -7.24
CA PHE A 160 2.07 -6.79 -7.51
C PHE A 160 3.47 -6.21 -7.63
N ALA A 161 4.53 -7.07 -7.63
CA ALA A 161 5.92 -6.59 -7.64
C ALA A 161 6.44 -6.48 -9.05
N PRO A 162 7.47 -5.65 -9.40
CA PRO A 162 7.89 -5.54 -10.79
C PRO A 162 8.56 -6.80 -11.27
N GLY A 163 7.79 -7.77 -11.82
CA GLY A 163 8.39 -9.01 -12.30
C GLY A 163 7.62 -9.56 -13.49
N THR A 164 8.28 -9.85 -14.63
CA THR A 164 7.56 -10.41 -15.79
C THR A 164 6.62 -9.36 -16.36
N GLY A 165 6.21 -9.47 -17.64
CA GLY A 165 5.33 -8.45 -18.21
C GLY A 165 4.00 -8.41 -17.49
N LEU A 166 3.40 -9.57 -17.15
CA LEU A 166 2.09 -9.58 -16.51
C LEU A 166 2.23 -9.04 -15.10
N GLY A 167 3.19 -9.55 -14.29
CA GLY A 167 3.35 -9.02 -12.95
C GLY A 167 3.79 -7.58 -12.98
N GLY A 168 3.84 -6.91 -11.80
CA GLY A 168 4.06 -5.47 -11.77
C GLY A 168 2.76 -4.69 -11.88
N ASP A 169 1.56 -5.31 -12.06
CA ASP A 169 0.34 -4.51 -12.16
C ASP A 169 -0.13 -4.01 -10.81
N ALA A 170 -1.01 -2.97 -10.81
CA ALA A 170 -1.61 -2.48 -9.57
C ALA A 170 -3.11 -2.72 -9.63
N HIS A 171 -3.80 -3.05 -8.51
CA HIS A 171 -5.25 -3.21 -8.53
C HIS A 171 -5.84 -2.44 -7.37
N PHE A 172 -7.17 -2.29 -7.30
CA PHE A 172 -7.81 -1.58 -6.19
C PHE A 172 -9.05 -2.36 -5.78
N ASP A 173 -9.27 -2.63 -4.47
CA ASP A 173 -10.45 -3.39 -4.04
C ASP A 173 -11.66 -2.57 -4.40
N GLU A 174 -12.47 -2.94 -5.42
CA GLU A 174 -13.62 -2.10 -5.78
C GLU A 174 -14.57 -2.01 -4.60
N ASP A 175 -14.67 -3.05 -3.75
CA ASP A 175 -15.58 -2.97 -2.59
C ASP A 175 -15.22 -1.78 -1.71
N GLU A 176 -13.92 -1.39 -1.62
CA GLU A 176 -13.54 -0.27 -0.75
C GLU A 176 -14.09 1.04 -1.27
N ARG A 177 -13.99 2.12 -0.44
CA ARG A 177 -14.59 3.41 -0.77
C ARG A 177 -13.54 4.23 -1.45
N TRP A 178 -13.79 4.77 -2.67
CA TRP A 178 -12.77 5.55 -3.39
C TRP A 178 -13.37 6.84 -3.88
N THR A 179 -12.66 7.98 -3.75
CA THR A 179 -13.23 9.27 -4.16
C THR A 179 -12.15 10.32 -4.13
N ASP A 180 -12.46 11.62 -4.30
CA ASP A 180 -11.41 12.64 -4.27
C ASP A 180 -12.00 13.98 -3.88
N GLY A 181 -13.00 14.52 -4.64
CA GLY A 181 -13.66 15.74 -4.20
C GLY A 181 -14.34 15.51 -2.86
N SER A 182 -15.06 14.38 -2.69
CA SER A 182 -15.74 14.13 -1.43
C SER A 182 -14.75 13.98 -0.29
N SER A 183 -13.55 13.41 -0.54
CA SER A 183 -12.55 13.24 0.52
C SER A 183 -13.21 12.67 1.76
N LEU A 184 -13.83 11.48 1.60
CA LEU A 184 -14.64 10.88 2.65
C LEU A 184 -14.03 9.56 3.09
N GLY A 185 -13.84 8.58 2.17
CA GLY A 185 -13.27 7.30 2.56
C GLY A 185 -11.78 7.34 2.32
N ILE A 186 -11.27 6.68 1.26
CA ILE A 186 -9.82 6.64 1.02
C ILE A 186 -9.54 7.53 -0.15
N ASN A 187 -8.73 8.63 0.00
CA ASN A 187 -8.44 9.44 -1.18
C ASN A 187 -7.77 8.54 -2.18
N PHE A 188 -8.08 8.77 -3.47
CA PHE A 188 -7.55 7.89 -4.52
C PHE A 188 -6.09 8.19 -4.70
N LEU A 189 -5.73 9.50 -4.75
CA LEU A 189 -4.34 9.89 -4.98
C LEU A 189 -3.45 9.42 -3.86
N TYR A 190 -3.85 9.68 -2.61
CA TYR A 190 -3.02 9.29 -1.47
C TYR A 190 -2.73 7.80 -1.54
N ALA A 191 -3.78 6.97 -1.74
CA ALA A 191 -3.55 5.54 -1.86
C ALA A 191 -2.73 5.24 -3.09
N ALA A 192 -2.98 5.90 -4.24
CA ALA A 192 -2.22 5.59 -5.44
C ALA A 192 -0.75 5.64 -5.14
N THR A 193 -0.26 6.66 -4.38
CA THR A 193 1.17 6.69 -4.06
C THR A 193 1.51 5.39 -3.35
N HIS A 194 0.69 4.99 -2.36
CA HIS A 194 0.98 3.78 -1.60
C HIS A 194 0.99 2.58 -2.54
N ALA A 195 -0.09 2.36 -3.32
CA ALA A 195 -0.19 1.16 -4.15
C ALA A 195 0.84 1.13 -5.26
N LEU A 196 0.91 2.19 -6.09
CA LEU A 196 1.87 2.19 -7.20
C LEU A 196 3.26 2.03 -6.64
N GLY A 197 3.57 2.63 -5.47
CA GLY A 197 4.89 2.46 -4.90
C GLY A 197 5.31 1.01 -4.81
N HIS A 198 4.39 0.06 -4.51
CA HIS A 198 4.77 -1.35 -4.41
C HIS A 198 5.14 -1.92 -5.76
N SER A 199 4.54 -1.42 -6.88
CA SER A 199 5.02 -1.87 -8.18
C SER A 199 6.42 -1.39 -8.46
N LEU A 200 7.07 -0.59 -7.58
CA LEU A 200 8.49 -0.27 -7.75
C LEU A 200 9.33 -1.14 -6.85
N GLY A 201 8.77 -2.13 -6.11
CA GLY A 201 9.55 -2.89 -5.14
C GLY A 201 9.75 -2.15 -3.84
N MET A 202 8.96 -1.10 -3.51
CA MET A 202 9.17 -0.35 -2.27
C MET A 202 8.58 -1.08 -1.08
N GLY A 203 9.30 -1.12 0.08
CA GLY A 203 8.73 -1.69 1.30
C GLY A 203 8.27 -0.57 2.21
N HIS A 204 7.48 -0.87 3.28
CA HIS A 204 6.89 0.19 4.07
C HIS A 204 7.95 0.86 4.93
N SER A 205 7.67 2.07 5.48
CA SER A 205 8.68 2.81 6.25
C SER A 205 8.22 2.98 7.69
N SER A 206 9.12 3.40 8.59
CA SER A 206 8.80 3.53 10.02
C SER A 206 8.66 4.97 10.46
N ASP A 207 8.43 5.94 9.55
CA ASP A 207 8.49 7.36 9.94
C ASP A 207 7.07 7.85 10.18
N PRO A 208 6.74 8.71 11.18
CA PRO A 208 5.35 9.06 11.39
C PRO A 208 4.76 9.80 10.22
N ASN A 209 5.59 10.47 9.37
CA ASN A 209 5.07 11.20 8.22
C ASN A 209 5.50 10.49 6.96
N ALA A 210 5.42 9.14 6.92
CA ALA A 210 5.78 8.42 5.68
C ALA A 210 4.61 8.37 4.74
N VAL A 211 4.88 8.06 3.44
CA VAL A 211 3.82 7.96 2.44
C VAL A 211 3.34 6.52 2.34
N MET A 212 4.23 5.51 2.56
CA MET A 212 3.79 4.12 2.68
C MET A 212 3.49 3.82 4.13
N TYR A 213 3.09 4.82 4.97
CA TYR A 213 3.03 4.55 6.40
C TYR A 213 1.87 3.62 6.58
N PRO A 214 1.96 2.46 7.29
CA PRO A 214 0.79 1.61 7.41
C PRO A 214 -0.22 2.21 8.37
N THR A 215 0.11 3.29 9.11
CA THR A 215 -0.86 3.88 10.00
C THR A 215 -1.83 4.74 9.20
N TYR A 216 -1.41 5.24 8.01
CA TYR A 216 -2.27 6.12 7.21
C TYR A 216 -2.41 7.46 7.92
N GLY A 217 -2.55 8.58 7.17
CA GLY A 217 -2.65 9.88 7.81
C GLY A 217 -4.05 10.06 8.33
N ASN A 218 -4.26 10.93 9.36
CA ASN A 218 -5.62 11.12 9.87
C ASN A 218 -6.48 11.71 8.77
N GLY A 219 -6.19 12.95 8.30
CA GLY A 219 -7.05 13.56 7.29
C GLY A 219 -6.59 13.15 5.91
N ASP A 220 -7.49 13.17 4.90
CA ASP A 220 -7.01 12.92 3.54
C ASP A 220 -6.15 14.09 3.18
N PRO A 221 -4.98 13.97 2.49
CA PRO A 221 -4.23 15.16 2.17
C PRO A 221 -4.92 15.88 1.04
N GLN A 222 -4.67 17.20 0.88
CA GLN A 222 -5.34 17.96 -0.17
C GLN A 222 -4.57 17.72 -1.46
N ASN A 223 -3.24 17.96 -1.45
CA ASN A 223 -2.39 17.69 -2.61
C ASN A 223 -1.49 16.47 -2.44
N PHE A 224 -1.02 16.14 -1.21
CA PHE A 224 -0.16 14.96 -0.98
C PHE A 224 1.27 15.26 -1.38
N LYS A 225 2.26 14.71 -0.65
CA LYS A 225 3.67 14.89 -0.98
C LYS A 225 4.40 13.59 -0.75
N LEU A 226 5.55 13.33 -1.42
CA LEU A 226 6.37 12.16 -1.05
C LEU A 226 7.02 12.47 0.28
N SER A 227 7.60 11.47 0.98
CA SER A 227 8.15 11.68 2.32
C SER A 227 9.65 11.53 2.35
N GLN A 228 10.36 12.25 3.25
CA GLN A 228 11.81 12.15 3.31
C GLN A 228 12.26 10.72 3.53
N ASP A 229 11.82 10.06 4.61
CA ASP A 229 12.34 8.72 4.91
C ASP A 229 11.99 7.77 3.79
N ASP A 230 10.76 7.90 3.23
CA ASP A 230 10.38 7.05 2.10
C ASP A 230 11.32 7.29 0.94
N ILE A 231 11.65 8.55 0.61
CA ILE A 231 12.47 8.81 -0.58
C ILE A 231 13.84 8.24 -0.39
N LYS A 232 14.54 8.56 0.72
CA LYS A 232 15.91 8.04 0.86
C LYS A 232 15.92 6.54 0.71
N GLY A 233 14.84 5.83 1.16
CA GLY A 233 14.80 4.38 0.98
C GLY A 233 15.06 3.99 -0.45
N ILE A 234 14.45 4.67 -1.44
CA ILE A 234 14.68 4.31 -2.85
C ILE A 234 15.99 4.86 -3.35
N GLN A 235 16.42 6.07 -2.95
CA GLN A 235 17.69 6.58 -3.49
C GLN A 235 18.84 5.74 -2.99
N LYS A 236 18.75 5.08 -1.81
CA LYS A 236 19.90 4.30 -1.32
C LYS A 236 20.09 3.09 -2.22
N LEU A 237 19.03 2.52 -2.83
CA LEU A 237 19.18 1.35 -3.69
C LEU A 237 19.56 1.80 -5.08
N TYR A 238 18.84 2.79 -5.66
CA TYR A 238 19.23 3.32 -6.97
C TYR A 238 20.54 4.08 -6.86
N GLY A 239 20.95 4.53 -5.65
CA GLY A 239 22.19 5.29 -5.53
C GLY A 239 22.08 6.64 -6.18
N LYS A 240 20.87 7.28 -6.24
CA LYS A 240 20.75 8.61 -6.83
C LYS A 240 19.31 9.08 -6.75
N ARG A 241 19.06 10.42 -6.86
CA ARG A 241 17.71 10.95 -6.70
C ARG A 241 17.47 12.07 -7.69
N SER A 242 16.27 12.70 -7.67
CA SER A 242 15.99 13.81 -8.58
C SER A 242 15.09 14.81 -7.87
N ASN A 243 14.88 16.04 -8.43
CA ASN A 243 14.07 17.02 -7.72
C ASN A 243 12.61 16.74 -7.97
N SER A 244 11.70 17.27 -7.12
CA SER A 244 10.27 17.03 -7.31
C SER A 244 9.47 18.12 -6.64
N ARG A 245 8.22 18.39 -7.04
CA ARG A 245 7.51 19.57 -6.53
C ARG A 245 6.02 19.43 -6.69
N LYS A 246 5.21 20.40 -6.19
CA LYS A 246 3.76 20.27 -6.24
C LYS A 246 3.08 21.53 -6.73
N LYS A 247 1.72 21.50 -6.87
CA LYS A 247 1.01 22.61 -7.51
C LYS A 247 -0.41 22.69 -7.04
C1 SGN B . 3.24 12.87 -17.67
C2 SGN B . 2.70 12.38 -19.03
C3 SGN B . 1.74 13.46 -19.59
C4 SGN B . 0.64 13.78 -18.54
C5 SGN B . 1.35 14.23 -17.23
C6 SGN B . 0.35 14.53 -16.08
N2 SGN B . 3.82 12.14 -19.94
O3 SGN B . 1.19 13.02 -20.84
O4 SGN B . -0.23 14.81 -19.10
O5 SGN B . 2.18 13.15 -16.76
O6 SGN B . 0.99 14.55 -14.79
S1 SGN B . 5.07 10.90 -19.60
O1S SGN B . 6.05 11.63 -18.83
O2S SGN B . 4.41 9.88 -18.82
O3S SGN B . 5.57 10.53 -20.91
S2 SGN B . 2.11 15.52 -14.54
O4S SGN B . 1.74 16.75 -15.21
O5S SGN B . 3.29 14.88 -15.08
O6S SGN B . 2.14 15.63 -13.09
H1 SGN B . 3.89 12.09 -17.21
H2 SGN B . 2.14 11.45 -18.88
H3 SGN B . 2.32 14.39 -19.78
H4 SGN B . 0.10 12.85 -18.28
H5 SGN B . 1.96 15.13 -17.41
H61 SGN B . -0.41 13.74 -16.03
H62 SGN B . -0.18 15.48 -16.27
HN21 SGN B . 3.88 12.67 -20.78
HO3 SGN B . 0.62 13.66 -21.25
C1 IDS B . -1.51 14.33 -19.61
C2 IDS B . -2.63 14.75 -18.60
C3 IDS B . -2.92 16.28 -18.76
C4 IDS B . -3.17 16.70 -20.24
C5 IDS B . -2.00 16.16 -21.10
C6 IDS B . -2.30 16.47 -22.55
O2 IDS B . -3.83 13.98 -18.82
O3 IDS B . -1.80 17.05 -18.30
O4 IDS B . -4.48 16.32 -20.76
O5 IDS B . -1.83 14.74 -20.94
O6A IDS B . -2.24 17.67 -22.93
O6B IDS B . -2.60 15.52 -23.32
S IDS B . -3.96 12.65 -18.11
O1S IDS B . -5.19 12.11 -18.64
O2S IDS B . -4.03 12.98 -16.70
O3S IDS B . -2.80 11.85 -18.45
H1 IDS B . -1.50 13.25 -19.78
H2 IDS B . -2.28 14.60 -17.58
H3 IDS B . -3.80 16.57 -18.16
H4 IDS B . -3.03 17.80 -20.33
H5 IDS B . -1.04 16.64 -20.84
HO3 IDS B . -1.64 16.98 -17.36
C1 SGN B . -5.56 17.22 -20.38
C2 SGN B . -6.63 16.59 -19.46
C3 SGN B . -7.83 15.95 -20.20
C4 SGN B . -8.37 16.85 -21.33
C5 SGN B . -7.14 17.12 -22.26
C6 SGN B . -7.52 17.95 -23.53
N2 SGN B . -6.05 15.55 -18.63
O3 SGN B . -8.82 15.65 -19.22
O4 SGN B . -9.50 16.28 -22.07
O5 SGN B . -6.15 17.87 -21.53
O6 SGN B . -7.41 19.36 -23.35
S1 SGN B . -6.48 15.29 -16.92
O1S SGN B . -6.49 13.85 -16.80
O2S SGN B . -7.74 15.98 -16.72
O3S SGN B . -5.38 15.88 -16.20
S2 SGN B . -6.04 20.03 -23.27
O4S SGN B . -5.05 19.01 -23.59
O5S SGN B . -6.12 21.08 -24.26
O6S SGN B . -5.97 20.51 -21.91
H1 SGN B . -5.17 18.09 -19.83
H2 SGN B . -7.03 17.39 -18.80
H3 SGN B . -7.53 14.99 -20.65
H4 SGN B . -8.68 17.82 -20.92
H5 SGN B . -6.72 16.16 -22.60
H61 SGN B . -8.57 17.76 -23.80
H62 SGN B . -6.92 17.65 -24.40
HN21 SGN B . -5.44 14.90 -19.09
HO3 SGN B . -9.13 16.40 -18.72
C1 IDS B . -10.69 15.99 -21.28
C2 IDS B . -12.02 16.32 -22.03
C3 IDS B . -12.44 15.20 -23.02
C4 IDS B . -12.38 13.81 -22.32
C5 IDS B . -10.93 13.67 -21.80
C6 IDS B . -10.73 12.25 -21.33
O2 IDS B . -13.10 16.45 -21.08
O3 IDS B . -11.59 15.18 -24.18
O4 IDS B . -13.36 13.71 -21.24
O5 IDS B . -10.68 14.64 -20.78
O6A IDS B . -11.61 11.73 -20.60
O6B IDS B . -9.71 11.62 -21.73
S IDS B . -13.45 17.83 -20.55
O1S IDS B . -14.24 17.54 -19.37
O2S IDS B . -12.20 18.51 -20.26
O3S IDS B . -14.21 18.43 -21.62
H1 IDS B . -10.72 16.66 -20.41
H2 IDS B . -11.91 17.25 -22.60
H3 IDS B . -13.48 15.38 -23.35
H4 IDS B . -12.52 13.02 -23.08
H5 IDS B . -10.20 13.83 -22.62
HO3 IDS B . -11.62 15.99 -24.67
C1 SGN B . -14.62 13.10 -21.63
C2 SGN B . -15.86 13.60 -20.83
C3 SGN B . -16.16 12.80 -19.53
C4 SGN B . -16.06 11.27 -19.81
C5 SGN B . -14.61 11.06 -20.33
C6 SGN B . -14.29 9.55 -20.48
N2 SGN B . -15.72 15.00 -20.51
O3 SGN B . -17.47 13.16 -19.05
O4 SGN B . -16.40 10.48 -18.64
O5 SGN B . -14.49 11.66 -21.64
O6 SGN B . -15.24 8.97 -21.38
S1 SGN B . -17.11 16.09 -20.30
O1S SGN B . -17.27 16.15 -18.86
O2S SGN B . -18.23 15.45 -20.98
O3S SGN B . -16.67 17.37 -20.83
S2 SGN B . -15.01 7.53 -21.76
O4S SGN B . -13.80 7.55 -22.56
O5S SGN B . -14.88 6.81 -20.51
O6S SGN B . -16.20 7.19 -22.53
H1 SGN B . -14.82 13.40 -22.67
H2 SGN B . -16.75 13.45 -21.46
H3 SGN B . -15.43 13.09 -18.76
H4 SGN B . -16.70 11.00 -20.67
H5 SGN B . -13.88 11.48 -19.62
H61 SGN B . -14.34 9.07 -19.50
H62 SGN B . -13.27 9.45 -20.87
HN21 SGN B . -14.79 15.35 -20.34
HO3 SGN B . -17.68 12.74 -18.22
C1 IDS B . -17.77 10.00 -18.57
C2 IDS B . -17.83 8.45 -18.74
C3 IDS B . -17.36 7.70 -17.45
C4 IDS B . -18.02 8.26 -16.16
C5 IDS B . -17.89 9.80 -16.18
C6 IDS B . -18.57 10.38 -14.95
O2 IDS B . -19.17 8.00 -19.04
O3 IDS B . -15.94 7.84 -17.31
O4 IDS B . -19.40 7.84 -16.00
O5 IDS B . -18.47 10.38 -17.36
O6A IDS B . -19.50 11.20 -15.11
O6B IDS B . -18.18 9.98 -13.82
S IDS B . -19.55 7.86 -20.50
O1S IDS B . -19.26 9.13 -21.12
O2S IDS B . -20.96 7.54 -20.46
O3S IDS B . -18.72 6.76 -20.98
H1 IDS B . -18.41 10.48 -19.32
H2 IDS B . -17.15 8.17 -19.56
H3 IDS B . -17.60 6.63 -17.54
H4 IDS B . -17.43 7.94 -15.29
H5 IDS B . -16.84 10.08 -16.18
HO3 IDS B . -15.48 7.44 -18.05
C1 SGN B . -19.55 6.55 -15.34
C2 SGN B . -20.53 5.63 -16.12
C3 SGN B . -22.02 5.88 -15.81
C4 SGN B . -22.20 5.94 -14.27
C5 SGN B . -21.29 7.09 -13.75
C6 SGN B . -21.61 7.36 -12.25
N2 SGN B . -20.33 5.82 -17.55
O3 SGN B . -22.71 4.78 -16.43
O4 SGN B . -23.56 6.13 -13.78
O5 SGN B . -19.91 6.69 -13.94
O6 SGN B . -21.84 6.13 -11.53
S1 SGN B . -20.54 4.50 -18.74
O1S SGN B . -19.32 4.55 -19.52
O2S SGN B . -20.75 3.29 -17.97
O3S SGN B . -21.66 4.95 -19.52
S2 SGN B . -22.31 6.20 -10.09
O4S SGN B . -23.31 7.25 -10.04
O5S SGN B . -22.86 4.88 -9.85
O6S SGN B . -21.12 6.49 -9.32
H1 SGN B . -18.60 5.99 -15.32
H2 SGN B . -20.31 4.59 -15.84
H3 SGN B . -22.34 6.83 -16.25
H4 SGN B . -21.76 5.03 -13.83
H5 SGN B . -21.48 8.03 -14.30
H61 SGN B . -22.54 7.97 -12.21
H62 SGN B . -20.80 7.95 -11.78
HN21 SGN B . -20.15 6.75 -17.87
HO3 SGN B . -23.66 4.85 -16.35
C1 IDS B . -24.36 4.91 -13.70
C2 IDS B . -25.42 5.05 -12.57
C3 IDS B . -26.60 5.95 -13.03
C4 IDS B . -27.13 5.45 -14.39
C5 IDS B . -25.97 5.43 -15.41
C6 IDS B . -26.49 4.93 -16.74
O2 IDS B . -25.89 3.71 -12.28
O3 IDS B . -26.15 7.32 -13.18
O4 IDS B . -27.66 4.13 -14.25
O5 IDS B . -24.94 4.52 -14.95
O6A IDS B . -27.21 5.71 -17.43
O6B IDS B . -26.19 3.76 -17.10
S IDS B . -26.45 3.39 -10.92
O1S IDS B . -25.33 2.80 -10.23
O2S IDS B . -26.91 4.63 -10.33
O3S IDS B . -27.51 2.45 -11.21
H1 IDS B . -23.73 4.07 -13.38
H2 IDS B . -24.91 5.46 -11.69
H3 IDS B . -27.43 5.93 -12.31
H4 IDS B . -27.94 6.11 -14.74
H5 IDS B . -25.56 6.43 -15.55
HO3 IDS B . -25.85 7.70 -12.37
CA CA C . 2.24 -6.09 -15.62
CA CA D . -11.48 -4.50 1.75
ZN ZN E . -6.16 -9.33 -8.55
ZN ZN F . 1.47 -1.46 1.31
N PRO A 1 -2.71 5.32 28.47
CA PRO A 1 -3.79 4.70 29.23
C PRO A 1 -4.12 3.36 28.65
N GLN A 2 -5.08 2.63 29.27
CA GLN A 2 -5.42 1.27 28.85
C GLN A 2 -6.85 1.27 28.35
N GLU A 3 -7.09 1.71 27.09
CA GLU A 3 -8.45 1.67 26.54
C GLU A 3 -8.89 0.25 26.25
N ALA A 4 -7.98 -0.72 26.03
CA ALA A 4 -8.41 -2.08 25.68
C ALA A 4 -9.26 -2.71 26.76
N GLY A 5 -9.12 -2.31 28.05
CA GLY A 5 -9.96 -2.91 29.08
C GLY A 5 -11.41 -2.74 28.71
N GLY A 6 -11.81 -1.53 28.25
CA GLY A 6 -13.20 -1.33 27.84
C GLY A 6 -13.56 -2.15 26.63
N MET A 7 -12.62 -2.35 25.68
CA MET A 7 -12.94 -3.09 24.45
C MET A 7 -13.50 -4.46 24.75
N SER A 8 -14.18 -5.09 23.74
CA SER A 8 -14.72 -6.44 23.90
C SER A 8 -13.72 -7.43 23.37
N GLU A 9 -13.95 -8.75 23.60
CA GLU A 9 -13.10 -9.76 22.97
C GLU A 9 -13.08 -9.52 21.48
N LEU A 10 -14.24 -9.23 20.84
CA LEU A 10 -14.25 -9.03 19.39
C LEU A 10 -13.14 -8.10 18.98
N GLN A 11 -12.96 -6.91 19.59
CA GLN A 11 -11.87 -6.03 19.18
C GLN A 11 -10.53 -6.66 19.48
N TRP A 12 -10.31 -7.21 20.69
CA TRP A 12 -9.00 -7.81 20.99
C TRP A 12 -8.68 -8.92 20.00
N GLU A 13 -9.69 -9.72 19.57
CA GLU A 13 -9.46 -10.77 18.59
C GLU A 13 -9.27 -10.14 17.22
N GLN A 14 -10.11 -9.15 16.83
CA GLN A 14 -9.95 -8.49 15.54
C GLN A 14 -8.50 -8.08 15.41
N ALA A 15 -7.90 -7.53 16.49
CA ALA A 15 -6.51 -7.09 16.39
C ALA A 15 -5.66 -8.21 15.84
N GLN A 16 -5.71 -9.43 16.43
CA GLN A 16 -4.92 -10.53 15.88
C GLN A 16 -5.41 -10.82 14.48
N ASP A 17 -6.73 -11.02 14.27
CA ASP A 17 -7.24 -11.33 12.93
C ASP A 17 -6.75 -10.34 11.89
N TYR A 18 -6.46 -9.07 12.28
CA TYR A 18 -5.93 -8.11 11.31
C TYR A 18 -4.46 -8.38 11.09
N LEU A 19 -3.64 -8.62 12.14
CA LEU A 19 -2.22 -8.88 11.91
C LEU A 19 -2.08 -10.14 11.10
N LYS A 20 -2.58 -11.29 11.60
CA LYS A 20 -2.42 -12.56 10.89
C LYS A 20 -2.73 -12.45 9.41
N ARG A 21 -3.68 -11.59 8.95
CA ARG A 21 -3.91 -11.42 7.50
C ARG A 21 -2.91 -10.43 6.94
N PHE A 22 -2.63 -9.31 7.65
CA PHE A 22 -1.69 -8.32 7.13
C PHE A 22 -0.40 -8.97 6.68
N TYR A 23 0.17 -9.95 7.43
CA TYR A 23 1.39 -10.60 6.96
C TYR A 23 1.03 -11.68 5.95
N LEU A 24 0.14 -12.65 6.28
CA LEU A 24 -0.23 -13.71 5.32
C LEU A 24 -1.63 -14.20 5.63
N TYR A 25 -1.87 -15.35 6.31
CA TYR A 25 -3.24 -15.80 6.60
C TYR A 25 -3.17 -17.01 7.52
N ASP A 26 -2.88 -16.81 8.83
CA ASP A 26 -2.74 -17.92 9.78
C ASP A 26 -3.74 -17.80 10.92
N SER A 27 -5.00 -18.27 10.73
CA SER A 27 -5.95 -18.35 11.86
C SER A 27 -5.42 -19.27 12.94
N GLU A 28 -4.66 -20.33 12.60
CA GLU A 28 -4.12 -21.21 13.65
C GLU A 28 -3.40 -20.42 14.73
N THR A 29 -2.86 -19.23 14.41
CA THR A 29 -2.19 -18.41 15.42
C THR A 29 -3.08 -18.02 16.58
N LYS A 30 -4.42 -17.88 16.42
CA LYS A 30 -5.27 -17.45 17.54
C LYS A 30 -4.83 -18.04 18.87
N ASN A 31 -4.09 -17.28 19.71
CA ASN A 31 -3.77 -17.78 21.05
C ASN A 31 -3.12 -16.67 21.85
N ALA A 32 -3.62 -16.31 23.06
CA ALA A 32 -3.02 -15.19 23.80
C ALA A 32 -1.53 -15.35 24.00
N ASN A 33 -1.01 -16.60 24.06
CA ASN A 33 0.42 -16.80 24.34
C ASN A 33 1.24 -16.43 23.12
N SER A 34 0.97 -17.06 21.96
CA SER A 34 1.73 -16.76 20.74
C SER A 34 1.49 -15.32 20.34
N LEU A 35 0.22 -14.85 20.44
CA LEU A 35 -0.12 -13.46 20.16
C LEU A 35 0.98 -12.52 20.60
N GLU A 36 1.52 -12.67 21.83
CA GLU A 36 2.53 -11.71 22.29
C GLU A 36 3.74 -11.75 21.36
N ALA A 37 4.25 -12.96 21.02
CA ALA A 37 5.41 -13.03 20.13
C ALA A 37 5.12 -12.40 18.79
N LYS A 38 4.00 -12.78 18.12
CA LYS A 38 3.69 -12.21 16.80
C LYS A 38 3.57 -10.70 16.86
N LEU A 39 2.91 -10.12 17.88
CA LEU A 39 2.87 -8.66 17.97
C LEU A 39 4.28 -8.11 17.98
N LYS A 40 5.26 -8.79 18.63
CA LYS A 40 6.61 -8.23 18.62
C LYS A 40 7.05 -8.01 17.18
N GLU A 41 6.94 -9.03 16.29
CA GLU A 41 7.45 -8.85 14.93
C GLU A 41 6.65 -7.77 14.24
N MET A 42 5.31 -7.72 14.47
CA MET A 42 4.49 -6.70 13.83
C MET A 42 5.07 -5.33 14.09
N GLN A 43 5.45 -5.03 15.35
CA GLN A 43 5.85 -3.66 15.66
C GLN A 43 6.99 -3.21 14.78
N LYS A 44 7.86 -4.14 14.30
CA LYS A 44 8.95 -3.73 13.44
C LYS A 44 8.35 -3.31 12.12
N PHE A 45 7.51 -4.19 11.54
CA PHE A 45 6.84 -3.87 10.27
C PHE A 45 6.22 -2.49 10.32
N PHE A 46 5.50 -2.12 11.41
CA PHE A 46 4.94 -0.77 11.48
C PHE A 46 6.01 0.25 11.76
N GLY A 47 6.85 0.04 12.80
CA GLY A 47 7.83 1.04 13.22
C GLY A 47 7.55 1.45 14.65
N LEU A 48 6.27 1.58 15.04
CA LEU A 48 5.90 2.04 16.38
C LEU A 48 6.82 1.48 17.46
N PRO A 49 7.23 2.22 18.53
CA PRO A 49 8.19 1.66 19.48
C PRO A 49 7.58 0.76 20.55
N ILE A 50 6.34 1.02 21.03
CA ILE A 50 5.76 0.23 22.12
C ILE A 50 5.69 -1.24 21.73
N THR A 51 6.16 -2.21 22.57
CA THR A 51 6.21 -3.62 22.19
C THR A 51 5.42 -4.50 23.13
N GLY A 52 4.89 -5.64 22.63
CA GLY A 52 4.07 -6.52 23.46
C GLY A 52 2.92 -5.78 24.09
N MET A 53 2.36 -4.74 23.42
CA MET A 53 1.29 -3.94 24.02
C MET A 53 0.37 -3.45 22.94
N LEU A 54 -0.98 -3.40 23.16
CA LEU A 54 -1.86 -2.73 22.18
C LEU A 54 -3.09 -2.20 22.87
N ASN A 55 -3.68 -1.10 22.35
CA ASN A 55 -4.80 -0.44 23.04
C ASN A 55 -5.14 0.91 22.43
N SER A 56 -4.16 1.78 22.09
CA SER A 56 -4.45 3.11 21.56
C SER A 56 -3.69 3.34 20.27
N ARG A 57 -2.40 3.76 20.29
CA ARG A 57 -1.69 3.98 19.04
C ARG A 57 -1.68 2.71 18.22
N VAL A 58 -1.52 1.53 18.85
CA VAL A 58 -1.49 0.29 18.07
C VAL A 58 -2.89 -0.05 17.62
N ILE A 59 -3.93 -0.01 18.50
CA ILE A 59 -5.26 -0.47 18.09
C ILE A 59 -5.73 0.40 16.95
N GLU A 60 -5.40 1.73 17.00
CA GLU A 60 -5.77 2.62 15.90
C GLU A 60 -5.38 2.06 14.56
N ILE A 61 -4.20 1.39 14.46
CA ILE A 61 -3.74 0.91 13.15
C ILE A 61 -4.67 -0.14 12.59
N MET A 62 -5.36 -0.92 13.47
CA MET A 62 -6.15 -2.05 12.97
C MET A 62 -7.42 -1.48 12.40
N GLN A 63 -8.20 -0.73 13.22
CA GLN A 63 -9.45 -0.17 12.72
C GLN A 63 -9.20 0.69 11.51
N LYS A 64 -8.06 1.43 11.46
CA LYS A 64 -7.79 2.30 10.30
C LYS A 64 -7.61 1.44 9.08
N PRO A 65 -7.88 1.91 7.83
CA PRO A 65 -7.70 1.05 6.68
C PRO A 65 -6.24 0.73 6.49
N ARG A 66 -5.91 -0.21 5.58
CA ARG A 66 -4.52 -0.64 5.42
C ARG A 66 -4.37 -1.21 4.01
N CYS A 67 -3.34 -0.82 3.22
CA CYS A 67 -3.09 -1.47 1.92
C CYS A 67 -3.30 -2.97 1.94
N GLY A 68 -3.39 -3.66 0.78
CA GLY A 68 -3.75 -5.07 0.79
C GLY A 68 -2.65 -5.94 0.25
N VAL A 69 -1.38 -5.59 0.54
CA VAL A 69 -0.23 -6.30 -0.01
C VAL A 69 0.46 -6.92 1.18
N PRO A 70 0.89 -8.21 1.21
CA PRO A 70 1.54 -8.70 2.42
C PRO A 70 2.87 -8.01 2.56
N ASP A 71 3.47 -8.01 3.77
CA ASP A 71 4.71 -7.26 4.00
C ASP A 71 5.85 -8.22 4.28
N VAL A 72 5.84 -9.41 3.63
CA VAL A 72 6.87 -10.40 3.91
C VAL A 72 7.11 -11.20 2.65
N ALA A 73 8.17 -12.03 2.60
CA ALA A 73 8.38 -12.90 1.45
C ALA A 73 9.26 -14.06 1.83
N GLU A 74 9.27 -15.17 1.05
CA GLU A 74 10.04 -16.35 1.44
C GLU A 74 10.13 -17.27 0.25
N TYR A 75 10.93 -18.36 0.33
CA TYR A 75 11.02 -19.30 -0.79
C TYR A 75 11.57 -18.62 -2.02
N SER A 76 11.89 -19.41 -3.08
CA SER A 76 12.44 -18.87 -4.32
C SER A 76 11.38 -18.92 -5.38
N LEU A 77 10.42 -17.96 -5.40
CA LEU A 77 9.39 -17.97 -6.44
C LEU A 77 9.15 -16.57 -6.95
N PHE A 78 10.22 -15.75 -7.07
CA PHE A 78 10.06 -14.35 -7.48
C PHE A 78 11.31 -13.93 -8.25
N PRO A 79 11.28 -12.95 -9.19
CA PRO A 79 12.49 -12.61 -9.93
C PRO A 79 13.49 -11.90 -9.06
N ASN A 80 14.69 -11.59 -9.62
CA ASN A 80 15.78 -11.00 -8.83
C ASN A 80 15.94 -9.55 -9.20
N SER A 81 15.04 -8.65 -8.72
CA SER A 81 15.21 -7.22 -8.98
C SER A 81 14.57 -6.44 -7.85
N PRO A 82 15.27 -5.62 -7.00
CA PRO A 82 14.55 -4.94 -5.94
C PRO A 82 13.63 -3.88 -6.51
N LYS A 83 13.96 -3.21 -7.64
CA LYS A 83 13.12 -2.12 -8.17
C LYS A 83 12.89 -2.34 -9.66
N TRP A 84 12.17 -1.43 -10.36
CA TRP A 84 12.10 -1.55 -11.82
C TRP A 84 13.48 -1.38 -12.41
N THR A 85 14.05 -2.44 -13.04
CA THR A 85 15.30 -2.28 -13.78
C THR A 85 15.08 -1.42 -15.01
N SER A 86 13.89 -1.50 -15.66
CA SER A 86 13.70 -0.81 -16.94
C SER A 86 14.06 0.65 -16.84
N LYS A 87 14.66 1.28 -17.89
CA LYS A 87 14.93 2.72 -17.81
C LYS A 87 13.63 3.49 -17.77
N VAL A 88 12.53 2.95 -18.35
CA VAL A 88 11.25 3.65 -18.38
C VAL A 88 10.17 2.67 -18.03
N VAL A 89 9.07 3.13 -17.38
CA VAL A 89 7.97 2.25 -17.03
C VAL A 89 6.73 2.86 -17.63
N THR A 90 5.71 2.05 -18.02
CA THR A 90 4.54 2.61 -18.70
C THR A 90 3.30 2.11 -18.00
N TYR A 91 2.15 2.85 -18.06
CA TYR A 91 0.99 2.51 -17.22
C TYR A 91 -0.30 2.70 -17.98
N ARG A 92 -1.27 1.75 -17.92
CA ARG A 92 -2.54 1.88 -18.65
C ARG A 92 -3.66 1.57 -17.70
N ILE A 93 -4.82 2.26 -17.79
CA ILE A 93 -5.93 1.95 -16.88
C ILE A 93 -6.71 0.81 -17.52
N VAL A 94 -7.15 -0.21 -16.76
CA VAL A 94 -7.89 -1.32 -17.36
C VAL A 94 -9.33 -0.88 -17.52
N SER A 95 -9.96 -0.42 -16.42
CA SER A 95 -11.38 -0.04 -16.46
C SER A 95 -11.60 1.10 -15.50
N TYR A 96 -12.84 1.61 -15.35
CA TYR A 96 -13.08 2.77 -14.47
C TYR A 96 -14.20 2.46 -13.52
N THR A 97 -14.26 3.16 -12.35
CA THR A 97 -15.30 2.90 -11.37
C THR A 97 -16.32 4.00 -11.49
N ARG A 98 -17.63 3.71 -11.27
CA ARG A 98 -18.65 4.76 -11.40
C ARG A 98 -18.44 5.90 -10.43
N ASP A 99 -17.67 5.73 -9.32
CA ASP A 99 -17.38 6.88 -8.45
C ASP A 99 -16.60 7.96 -9.18
N LEU A 100 -15.74 7.62 -10.18
CA LEU A 100 -14.85 8.60 -10.80
C LEU A 100 -14.75 8.33 -12.28
N PRO A 101 -14.81 9.30 -13.23
CA PRO A 101 -14.73 8.94 -14.63
C PRO A 101 -13.33 8.55 -15.02
N HIS A 102 -13.17 7.80 -16.15
CA HIS A 102 -11.84 7.33 -16.59
C HIS A 102 -10.85 8.48 -16.57
N ILE A 103 -11.19 9.62 -17.23
CA ILE A 103 -10.28 10.76 -17.25
C ILE A 103 -9.67 11.04 -15.90
N THR A 104 -10.49 11.00 -14.83
CA THR A 104 -10.00 11.41 -13.52
C THR A 104 -9.14 10.30 -12.99
N VAL A 105 -9.65 9.04 -12.93
CA VAL A 105 -8.82 7.95 -12.43
C VAL A 105 -7.45 8.08 -13.08
N ASP A 106 -7.43 8.14 -14.42
CA ASP A 106 -6.16 8.16 -15.14
C ASP A 106 -5.24 9.23 -14.61
N ARG A 107 -5.73 10.47 -14.39
CA ARG A 107 -4.82 11.54 -13.99
C ARG A 107 -4.38 11.37 -12.56
N LEU A 108 -5.21 10.80 -11.64
CA LEU A 108 -4.70 10.58 -10.29
C LEU A 108 -3.55 9.62 -10.37
N VAL A 109 -3.65 8.53 -11.15
CA VAL A 109 -2.58 7.52 -11.13
C VAL A 109 -1.31 8.20 -11.52
N SER A 110 -1.31 9.03 -12.60
CA SER A 110 -0.05 9.62 -13.04
C SER A 110 0.37 10.72 -12.11
N LYS A 111 -0.58 11.51 -11.57
CA LYS A 111 -0.23 12.56 -10.62
C LYS A 111 0.47 11.94 -9.42
N ALA A 112 0.12 10.68 -9.06
CA ALA A 112 0.83 9.96 -8.00
C ALA A 112 2.11 9.32 -8.50
N LEU A 113 2.03 8.46 -9.55
CA LEU A 113 3.23 7.80 -10.10
C LEU A 113 4.30 8.85 -10.32
N ASN A 114 3.94 9.98 -10.98
CA ASN A 114 4.91 11.06 -11.22
C ASN A 114 5.56 11.47 -9.93
N MET A 115 4.76 11.58 -8.84
CA MET A 115 5.28 12.05 -7.56
C MET A 115 6.40 11.13 -7.08
N TRP A 116 6.30 9.80 -7.33
CA TRP A 116 7.46 8.92 -7.10
C TRP A 116 8.59 9.20 -8.07
N GLY A 117 8.31 9.35 -9.39
CA GLY A 117 9.38 9.43 -10.38
C GLY A 117 10.39 10.53 -10.09
N LYS A 118 9.95 11.69 -9.57
CA LYS A 118 10.89 12.78 -9.30
C LYS A 118 11.90 12.39 -8.24
N GLU A 119 11.68 11.33 -7.44
CA GLU A 119 12.65 10.95 -6.42
C GLU A 119 13.75 10.06 -6.97
N ILE A 120 13.84 9.85 -8.30
CA ILE A 120 14.73 8.82 -8.84
C ILE A 120 15.07 9.15 -10.28
N PRO A 121 16.19 8.69 -10.89
CA PRO A 121 16.44 9.03 -12.28
C PRO A 121 15.53 8.33 -13.27
N LEU A 122 14.63 7.39 -12.87
CA LEU A 122 13.74 6.75 -13.85
C LEU A 122 12.92 7.78 -14.62
N HIS A 123 12.34 7.32 -15.76
CA HIS A 123 11.47 8.16 -16.58
C HIS A 123 10.12 7.49 -16.68
N PHE A 124 9.07 8.13 -17.27
CA PHE A 124 7.81 7.43 -17.52
C PHE A 124 7.33 7.75 -18.93
N ARG A 125 6.55 6.85 -19.58
CA ARG A 125 6.08 7.09 -20.95
C ARG A 125 4.58 7.27 -20.92
N LYS A 126 3.99 7.95 -21.92
CA LYS A 126 2.53 8.05 -22.00
C LYS A 126 2.10 6.88 -22.87
N VAL A 127 0.96 6.23 -22.54
CA VAL A 127 0.52 5.06 -23.30
C VAL A 127 -0.43 5.44 -24.42
N VAL A 128 -0.11 5.14 -25.70
CA VAL A 128 -1.06 5.40 -26.79
C VAL A 128 -1.11 4.29 -27.84
N TRP A 129 -0.49 3.11 -27.65
CA TRP A 129 -0.56 2.05 -28.67
C TRP A 129 0.06 0.78 -28.10
N GLY A 130 -0.76 -0.24 -27.73
CA GLY A 130 -0.19 -1.46 -27.15
C GLY A 130 -0.56 -1.55 -25.67
N THR A 131 -0.03 -2.58 -24.97
CA THR A 131 -0.36 -2.79 -23.55
C THR A 131 0.73 -2.15 -22.73
N ALA A 132 0.62 -2.14 -21.37
CA ALA A 132 1.60 -1.45 -20.54
C ALA A 132 2.01 -2.31 -19.36
N ASP A 133 2.94 -1.80 -18.51
CA ASP A 133 3.48 -2.61 -17.41
C ASP A 133 2.60 -2.46 -16.19
N ILE A 134 2.24 -1.22 -15.78
CA ILE A 134 1.53 -1.02 -14.52
C ILE A 134 0.08 -0.94 -14.88
N MET A 135 -0.58 -2.10 -15.13
CA MET A 135 -2.00 -2.06 -15.47
C MET A 135 -2.73 -1.61 -14.23
N ILE A 136 -3.68 -0.64 -14.30
CA ILE A 136 -4.36 -0.15 -13.10
C ILE A 136 -5.83 -0.52 -13.23
N GLY A 137 -6.40 -1.45 -12.44
CA GLY A 137 -7.79 -1.84 -12.65
C GLY A 137 -8.61 -1.82 -11.38
N PHE A 138 -9.95 -1.96 -11.52
CA PHE A 138 -10.84 -2.07 -10.37
C PHE A 138 -11.34 -3.49 -10.34
N ALA A 139 -11.22 -4.22 -9.22
CA ALA A 139 -11.68 -5.59 -9.24
C ALA A 139 -11.83 -6.15 -7.85
N ARG A 140 -12.54 -7.29 -7.70
CA ARG A 140 -12.63 -7.96 -6.40
C ARG A 140 -11.59 -9.05 -6.35
N GLY A 141 -11.23 -9.54 -5.14
CA GLY A 141 -10.27 -10.65 -5.05
C GLY A 141 -10.68 -11.82 -5.91
N ALA A 142 -12.01 -12.06 -6.11
CA ALA A 142 -12.45 -13.16 -6.97
C ALA A 142 -12.40 -12.81 -8.44
N HIS A 143 -11.70 -11.74 -8.89
CA HIS A 143 -11.59 -11.48 -10.32
C HIS A 143 -10.78 -12.62 -10.92
N GLY A 144 -9.66 -12.98 -10.27
CA GLY A 144 -8.84 -14.09 -10.75
C GLY A 144 -7.47 -14.09 -10.12
N ASP A 145 -7.35 -14.10 -8.77
CA ASP A 145 -6.03 -14.13 -8.15
C ASP A 145 -6.17 -14.39 -6.66
N SER A 146 -5.03 -14.47 -5.94
CA SER A 146 -5.06 -14.69 -4.50
C SER A 146 -5.62 -13.50 -3.75
N TYR A 147 -5.72 -13.55 -2.40
CA TYR A 147 -6.19 -12.40 -1.62
C TYR A 147 -7.69 -12.24 -1.84
N PRO A 148 -8.62 -12.55 -0.89
CA PRO A 148 -10.04 -12.50 -1.23
C PRO A 148 -10.58 -11.10 -1.14
N PHE A 149 -11.87 -10.90 -1.51
CA PHE A 149 -12.48 -9.58 -1.43
C PHE A 149 -12.59 -9.05 -0.02
N ASP A 150 -12.70 -9.89 1.03
CA ASP A 150 -12.81 -9.37 2.40
C ASP A 150 -13.75 -8.20 2.59
N GLY A 151 -14.73 -7.93 1.69
CA GLY A 151 -15.71 -6.88 1.95
C GLY A 151 -15.11 -5.49 2.06
N PRO A 152 -15.92 -4.46 2.40
CA PRO A 152 -15.34 -3.14 2.62
C PRO A 152 -14.59 -3.22 3.92
N GLY A 153 -13.92 -2.12 4.35
CA GLY A 153 -13.13 -2.20 5.58
C GLY A 153 -11.93 -3.08 5.35
N ASN A 154 -11.46 -3.81 6.40
CA ASN A 154 -10.17 -4.51 6.38
C ASN A 154 -9.62 -4.84 5.00
N THR A 155 -8.32 -4.57 4.74
CA THR A 155 -7.73 -4.80 3.42
C THR A 155 -8.26 -3.72 2.48
N LEU A 156 -7.35 -2.91 1.89
CA LEU A 156 -7.77 -1.78 1.05
C LEU A 156 -7.49 -2.11 -0.42
N ALA A 157 -6.24 -2.43 -0.83
CA ALA A 157 -5.98 -2.70 -2.24
C ALA A 157 -4.79 -3.60 -2.43
N HIS A 158 -4.91 -4.74 -3.15
CA HIS A 158 -3.73 -5.56 -3.42
C HIS A 158 -2.99 -4.97 -4.60
N ALA A 159 -1.66 -5.22 -4.68
CA ALA A 159 -0.87 -4.73 -5.81
C ALA A 159 0.28 -5.70 -5.97
N PHE A 160 1.04 -5.65 -7.08
CA PHE A 160 2.10 -6.64 -7.31
C PHE A 160 3.44 -5.97 -7.36
N ALA A 161 4.55 -6.76 -7.35
CA ALA A 161 5.90 -6.20 -7.26
C ALA A 161 6.47 -6.02 -8.65
N PRO A 162 7.46 -5.13 -8.93
CA PRO A 162 7.95 -4.96 -10.29
C PRO A 162 8.58 -6.26 -10.73
N GLY A 163 7.82 -7.11 -11.48
CA GLY A 163 8.35 -8.42 -11.85
C GLY A 163 7.82 -8.84 -13.20
N THR A 164 8.66 -8.98 -14.24
CA THR A 164 8.15 -9.43 -15.54
C THR A 164 7.17 -8.41 -16.08
N GLY A 165 6.64 -8.59 -17.30
CA GLY A 165 5.64 -7.66 -17.82
C GLY A 165 4.33 -7.86 -17.09
N LEU A 166 3.89 -9.12 -16.91
CA LEU A 166 2.59 -9.37 -16.28
C LEU A 166 2.66 -8.87 -14.86
N GLY A 167 3.62 -9.33 -14.04
CA GLY A 167 3.69 -8.84 -12.66
C GLY A 167 4.06 -7.37 -12.67
N GLY A 168 3.90 -6.68 -11.53
CA GLY A 168 4.03 -5.22 -11.50
C GLY A 168 2.71 -4.48 -11.61
N ASP A 169 1.54 -5.14 -11.85
CA ASP A 169 0.29 -4.39 -11.95
C ASP A 169 -0.18 -3.88 -10.61
N ALA A 170 -1.14 -2.91 -10.60
CA ALA A 170 -1.74 -2.45 -9.36
C ALA A 170 -3.24 -2.64 -9.46
N HIS A 171 -3.96 -3.02 -8.38
CA HIS A 171 -5.42 -3.19 -8.45
C HIS A 171 -6.07 -2.37 -7.36
N PHE A 172 -7.41 -2.19 -7.40
CA PHE A 172 -8.12 -1.41 -6.39
C PHE A 172 -9.32 -2.20 -5.92
N ASP A 173 -9.50 -2.46 -4.59
CA ASP A 173 -10.66 -3.20 -4.11
C ASP A 173 -11.90 -2.42 -4.53
N GLU A 174 -12.55 -2.79 -5.66
CA GLU A 174 -13.75 -2.07 -6.08
C GLU A 174 -14.76 -1.96 -4.96
N ASP A 175 -14.82 -2.94 -4.03
CA ASP A 175 -15.77 -2.86 -2.93
C ASP A 175 -15.54 -1.58 -2.14
N GLU A 176 -14.27 -1.19 -1.90
CA GLU A 176 -13.99 0.03 -1.13
C GLU A 176 -14.46 1.23 -1.92
N ARG A 177 -14.70 2.38 -1.25
CA ARG A 177 -15.13 3.58 -1.98
C ARG A 177 -13.90 4.29 -2.46
N TRP A 178 -14.03 5.10 -3.53
CA TRP A 178 -12.88 5.83 -4.06
C TRP A 178 -13.34 7.19 -4.51
N THR A 179 -12.56 8.28 -4.30
CA THR A 179 -13.03 9.59 -4.76
C THR A 179 -11.86 10.56 -4.79
N ASP A 180 -12.09 11.86 -5.10
CA ASP A 180 -10.99 12.82 -5.10
C ASP A 180 -11.51 14.20 -4.73
N GLY A 181 -12.40 14.81 -5.56
CA GLY A 181 -12.98 16.09 -5.17
C GLY A 181 -13.85 15.95 -3.95
N SER A 182 -14.66 14.87 -3.85
CA SER A 182 -15.58 14.75 -2.72
C SER A 182 -14.83 14.57 -1.41
N SER A 183 -13.67 13.89 -1.42
CA SER A 183 -12.89 13.71 -0.19
C SER A 183 -13.74 13.17 0.93
N LEU A 184 -14.01 11.84 0.95
CA LEU A 184 -14.86 11.22 1.97
C LEU A 184 -14.16 10.01 2.57
N GLY A 185 -13.93 8.93 1.79
CA GLY A 185 -13.34 7.72 2.36
C GLY A 185 -11.87 7.68 1.99
N ILE A 186 -11.51 7.03 0.86
CA ILE A 186 -10.10 6.87 0.51
C ILE A 186 -9.83 7.78 -0.65
N ASN A 187 -8.98 8.83 -0.48
CA ASN A 187 -8.68 9.70 -1.60
C ASN A 187 -7.92 8.83 -2.60
N PHE A 188 -8.31 8.81 -3.89
CA PHE A 188 -7.61 7.95 -4.84
C PHE A 188 -6.16 8.43 -4.92
N LEU A 189 -5.95 9.76 -4.93
CA LEU A 189 -4.58 10.31 -4.99
C LEU A 189 -3.67 9.66 -3.95
N TYR A 190 -4.19 9.50 -2.71
CA TYR A 190 -3.33 9.11 -1.59
C TYR A 190 -3.03 7.64 -1.70
N ALA A 191 -4.09 6.81 -1.82
CA ALA A 191 -3.88 5.38 -2.02
C ALA A 191 -3.06 5.16 -3.25
N ALA A 192 -3.20 5.99 -4.31
CA ALA A 192 -2.43 5.76 -5.53
C ALA A 192 -0.97 5.81 -5.17
N THR A 193 -0.42 6.92 -4.65
CA THR A 193 0.99 6.94 -4.27
C THR A 193 1.37 5.70 -3.50
N HIS A 194 0.50 5.24 -2.57
CA HIS A 194 0.86 4.06 -1.78
C HIS A 194 0.89 2.84 -2.71
N ALA A 195 -0.23 2.51 -3.38
CA ALA A 195 -0.29 1.35 -4.28
C ALA A 195 0.80 1.37 -5.32
N LEU A 196 0.98 2.51 -6.04
CA LEU A 196 2.03 2.58 -7.05
C LEU A 196 3.34 2.30 -6.36
N GLY A 197 3.60 2.87 -5.16
CA GLY A 197 4.85 2.60 -4.46
C GLY A 197 5.15 1.12 -4.43
N HIS A 198 4.16 0.26 -4.06
CA HIS A 198 4.40 -1.18 -4.10
C HIS A 198 4.84 -1.63 -5.48
N SER A 199 4.19 -1.12 -6.57
CA SER A 199 4.61 -1.54 -7.91
C SER A 199 6.01 -1.07 -8.26
N LEU A 200 6.69 -0.21 -7.47
CA LEU A 200 8.09 0.12 -7.72
C LEU A 200 9.02 -0.69 -6.85
N GLY A 201 8.52 -1.66 -6.03
CA GLY A 201 9.41 -2.41 -5.14
C GLY A 201 9.70 -1.66 -3.88
N MET A 202 8.98 -0.54 -3.57
CA MET A 202 9.21 0.13 -2.29
C MET A 202 8.56 -0.69 -1.20
N GLY A 203 9.30 -1.03 -0.12
CA GLY A 203 8.69 -1.69 1.04
C GLY A 203 8.24 -0.64 2.03
N HIS A 204 7.52 -1.02 3.10
CA HIS A 204 7.01 -0.01 4.02
C HIS A 204 8.14 0.66 4.78
N SER A 205 7.85 1.80 5.43
CA SER A 205 8.86 2.52 6.21
C SER A 205 8.46 2.56 7.67
N SER A 206 9.41 2.86 8.58
CA SER A 206 9.10 2.96 10.00
C SER A 206 8.85 4.39 10.43
N ASP A 207 8.70 5.37 9.50
CA ASP A 207 8.68 6.78 9.92
C ASP A 207 7.24 7.17 10.19
N PRO A 208 6.87 7.97 11.23
CA PRO A 208 5.46 8.25 11.45
C PRO A 208 4.89 9.13 10.36
N ASN A 209 5.74 9.87 9.60
CA ASN A 209 5.24 10.72 8.51
C ASN A 209 5.60 10.12 7.18
N ALA A 210 5.69 8.77 7.04
CA ALA A 210 6.01 8.17 5.74
C ALA A 210 4.80 8.21 4.84
N VAL A 211 5.00 8.05 3.50
CA VAL A 211 3.88 8.04 2.56
C VAL A 211 3.33 6.64 2.41
N MET A 212 4.18 5.59 2.52
CA MET A 212 3.68 4.21 2.57
C MET A 212 3.36 3.83 4.00
N TYR A 213 3.10 4.80 4.92
CA TYR A 213 3.01 4.40 6.33
C TYR A 213 1.75 3.58 6.47
N PRO A 214 1.73 2.37 7.09
CA PRO A 214 0.50 1.61 7.16
C PRO A 214 -0.50 2.18 8.13
N THR A 215 -0.23 3.30 8.83
CA THR A 215 -1.28 3.92 9.65
C THR A 215 -1.86 5.05 8.84
N TYR A 216 -2.19 4.81 7.55
CA TYR A 216 -2.69 5.89 6.70
C TYR A 216 -3.93 6.44 7.35
N GLY A 217 -3.97 7.74 7.71
CA GLY A 217 -5.12 8.25 8.43
C GLY A 217 -5.12 9.75 8.50
N ASN A 218 -5.27 10.38 9.70
CA ASN A 218 -5.31 11.84 9.76
C ASN A 218 -3.98 12.42 9.35
N GLY A 219 -3.89 13.77 9.19
CA GLY A 219 -2.62 14.36 8.78
C GLY A 219 -2.36 14.01 7.34
N ASP A 220 -3.36 14.24 6.46
CA ASP A 220 -3.22 13.92 5.03
C ASP A 220 -3.71 15.13 4.27
N PRO A 221 -2.93 16.22 4.05
CA PRO A 221 -3.51 17.42 3.47
C PRO A 221 -3.82 17.20 2.01
N GLN A 222 -4.57 18.11 1.37
CA GLN A 222 -4.91 17.92 -0.04
C GLN A 222 -3.64 17.89 -0.85
N ASN A 223 -2.70 18.83 -0.62
CA ASN A 223 -1.48 18.87 -1.44
C ASN A 223 -0.38 18.08 -0.76
N PHE A 224 -0.63 16.81 -0.35
CA PHE A 224 0.41 16.02 0.30
C PHE A 224 1.45 15.66 -0.73
N LYS A 225 2.63 15.15 -0.31
CA LYS A 225 3.66 14.81 -1.28
C LYS A 225 4.56 13.70 -0.75
N LEU A 226 5.52 13.21 -1.56
CA LEU A 226 6.41 12.13 -1.13
C LEU A 226 7.04 12.48 0.20
N SER A 227 7.38 11.49 1.05
CA SER A 227 7.84 11.78 2.41
C SER A 227 9.35 11.73 2.50
N GLN A 228 9.94 12.38 3.53
CA GLN A 228 11.39 12.39 3.67
C GLN A 228 11.93 10.98 3.73
N ASP A 229 11.36 10.10 4.59
CA ASP A 229 11.95 8.78 4.74
C ASP A 229 11.83 7.97 3.46
N ASP A 230 10.67 8.07 2.77
CA ASP A 230 10.55 7.35 1.49
C ASP A 230 11.54 7.90 0.49
N ILE A 231 11.79 9.23 0.47
CA ILE A 231 12.70 9.80 -0.53
C ILE A 231 14.08 9.26 -0.26
N LYS A 232 14.62 9.41 0.97
CA LYS A 232 15.97 8.91 1.23
C LYS A 232 16.02 7.42 1.02
N GLY A 233 14.94 6.67 1.35
CA GLY A 233 14.99 5.22 1.23
C GLY A 233 15.14 4.83 -0.21
N ILE A 234 14.25 5.33 -1.09
CA ILE A 234 14.33 4.93 -2.50
C ILE A 234 15.65 5.40 -3.08
N GLN A 235 16.13 6.62 -2.74
CA GLN A 235 17.40 7.08 -3.30
C GLN A 235 18.54 6.24 -2.79
N LYS A 236 18.56 5.84 -1.49
CA LYS A 236 19.73 5.09 -1.01
C LYS A 236 19.92 3.92 -1.94
N LEU A 237 18.82 3.27 -2.40
CA LEU A 237 18.95 2.04 -3.18
C LEU A 237 19.26 2.41 -4.62
N TYR A 238 18.47 3.29 -5.29
CA TYR A 238 18.80 3.67 -6.66
C TYR A 238 20.18 4.27 -6.70
N GLY A 239 20.40 5.40 -5.98
CA GLY A 239 21.70 6.07 -5.98
C GLY A 239 21.56 7.41 -6.68
N LYS A 240 22.40 8.40 -6.32
CA LYS A 240 22.28 9.75 -6.92
C LYS A 240 20.90 10.32 -6.63
N ARG A 241 20.62 11.57 -7.08
CA ARG A 241 19.29 12.14 -6.86
C ARG A 241 18.93 13.07 -8.00
N SER A 242 17.61 13.41 -8.16
CA SER A 242 17.21 14.23 -9.30
C SER A 242 15.86 14.82 -9.00
N ASN A 243 15.79 15.68 -7.95
CA ASN A 243 14.50 16.19 -7.47
C ASN A 243 14.48 17.69 -7.60
N SER A 244 13.41 18.32 -8.13
CA SER A 244 13.37 19.79 -8.16
C SER A 244 11.97 20.29 -8.45
N ARG A 245 11.54 21.42 -7.84
CA ARG A 245 10.24 22.03 -8.16
C ARG A 245 9.09 21.13 -7.75
N LYS A 246 7.94 21.68 -7.28
CA LYS A 246 6.81 20.82 -6.89
C LYS A 246 5.53 21.63 -6.96
N LYS A 247 4.47 21.15 -7.64
CA LYS A 247 3.23 21.92 -7.77
C LYS A 247 2.19 21.37 -6.84
C1 SGN B . 4.24 11.83 -17.35
C2 SGN B . 3.53 11.13 -18.54
C3 SGN B . 2.54 12.15 -19.15
C4 SGN B . 1.55 12.62 -18.05
C5 SGN B . 2.39 13.28 -16.92
C6 SGN B . 1.48 13.80 -15.76
N2 SGN B . 4.48 10.67 -19.54
O3 SGN B . 1.86 11.56 -20.26
O4 SGN B . 0.55 13.52 -18.56
O5 SGN B . 3.31 12.32 -16.37
O6 SGN B . 1.93 15.06 -15.22
S1 SGN B . 5.94 11.57 -20.04
O1S SGN B . 6.68 11.73 -18.80
O2S SGN B . 6.57 10.73 -21.05
O3S SGN B . 5.43 12.83 -20.51
S2 SGN B . 3.11 15.08 -14.28
O4S SGN B . 3.47 16.48 -14.21
O5S SGN B . 4.14 14.25 -14.89
O6S SGN B . 2.58 14.55 -13.03
H1 SGN B . 4.92 11.11 -16.86
H2 SGN B . 2.96 10.28 -18.14
H3 SGN B . 3.11 13.02 -19.52
H4 SGN B . 1.09 11.76 -17.58
H5 SGN B . 2.93 14.14 -17.33
H61 SGN B . 1.35 13.04 -14.97
H62 SGN B . 0.48 14.04 -16.14
HN21 SGN B . 4.26 9.81 -20.02
HO3 SGN B . 1.31 12.18 -20.71
C1 IDS B . -0.63 12.88 -19.12
C2 IDS B . -1.87 13.53 -18.47
C3 IDS B . -2.04 14.98 -19.00
C4 IDS B . -2.02 15.03 -20.56
C5 IDS B . -0.76 14.28 -21.06
C6 IDS B . -0.74 14.28 -22.57
O2 IDS B . -3.07 12.75 -18.69
O3 IDS B . -0.95 15.81 -18.54
O4 IDS B . -3.24 14.51 -21.17
O5 IDS B . -0.70 12.93 -20.56
O6A IDS B . -0.86 15.38 -23.17
O6B IDS B . -0.63 13.17 -23.16
S IDS B . -3.19 11.36 -18.10
O1S IDS B . -2.25 11.26 -17.00
O2S IDS B . -2.86 10.49 -19.23
O3S IDS B . -4.57 11.28 -17.69
H1 IDS B . -0.66 11.79 -18.92
H2 IDS B . -1.72 13.60 -17.37
H3 IDS B . -2.98 15.42 -18.63
H4 IDS B . -1.86 16.07 -20.88
H5 IDS B . 0.16 14.81 -20.74
HO3 IDS B . -0.89 15.88 -17.60
C1 SGN B . -4.35 15.46 -21.18
C2 SGN B . -5.60 14.97 -20.39
C3 SGN B . -6.54 14.06 -21.21
C4 SGN B . -6.89 14.80 -22.53
C5 SGN B . -5.52 14.95 -23.27
C6 SGN B . -5.70 15.59 -24.67
N2 SGN B . -5.23 14.19 -19.23
O3 SGN B . -7.67 13.74 -20.39
O4 SGN B . -7.93 14.17 -23.35
O5 SGN B . -4.68 15.87 -22.53
O6 SGN B . -4.47 16.10 -25.21
S1 SGN B . -6.14 14.30 -17.69
O1S SGN B . -5.09 14.61 -16.75
O2S SGN B . -6.64 12.95 -17.54
O3S SGN B . -7.15 15.32 -17.87
S2 SGN B . -3.41 15.14 -25.69
O4S SGN B . -4.05 14.36 -26.73
O5S SGN B . -2.36 16.02 -26.19
O6S SGN B . -2.99 14.36 -24.54
H1 SGN B . -4.07 16.40 -20.70
H2 SGN B . -6.17 15.87 -20.07
H3 SGN B . -6.08 13.09 -21.43
H4 SGN B . -7.22 15.83 -22.32
H5 SGN B . -5.04 13.97 -23.38
H61 SGN B . -6.35 16.48 -24.57
H62 SGN B . -6.19 14.89 -25.36
HN21 SGN B . -4.53 13.50 -19.35
HO3 SGN B . -8.16 14.52 -20.14
C1 IDS B . -9.25 14.18 -22.75
C2 IDS B . -10.38 14.25 -23.83
C3 IDS B . -10.61 12.86 -24.50
C4 IDS B . -10.77 11.76 -23.42
C5 IDS B . -9.51 11.81 -22.53
C6 IDS B . -9.56 10.67 -21.55
O2 IDS B . -11.65 14.66 -23.27
O3 IDS B . -9.47 12.51 -25.32
O4 IDS B . -11.99 11.98 -22.64
O5 IDS B . -9.49 13.09 -21.85
O6A IDS B . -9.90 10.91 -20.37
O6B IDS B . -9.25 9.52 -21.97
S IDS B . -11.83 16.05 -22.70
O1S IDS B . -10.89 16.92 -23.38
O2S IDS B . -13.21 16.35 -22.99
O3S IDS B . -11.57 15.90 -21.28
H1 IDS B . -9.37 15.11 -22.17
H2 IDS B . -10.11 14.97 -24.61
H3 IDS B . -11.51 12.90 -25.14
H4 IDS B . -10.77 10.77 -23.90
H5 IDS B . -8.59 11.69 -23.11
HO3 IDS B . -9.31 13.13 -26.04
C1 SGN B . -13.15 11.28 -23.16
C2 SGN B . -14.50 12.01 -22.88
C3 SGN B . -15.09 11.73 -21.48
C4 SGN B . -15.07 10.21 -21.21
C5 SGN B . -13.58 9.78 -21.30
C6 SGN B . -13.39 8.30 -20.88
N2 SGN B . -14.35 13.45 -23.06
O3 SGN B . -16.41 12.28 -21.34
O4 SGN B . -15.75 9.96 -19.94
O5 SGN B . -13.14 9.92 -22.67
O6 SGN B . -14.20 7.36 -21.60
S1 SGN B . -15.75 14.53 -23.37
O1S SGN B . -15.85 15.28 -22.14
O2S SGN B . -16.86 13.65 -23.66
O3S SGN B . -15.30 15.37 -24.46
S2 SGN B . -13.94 7.09 -23.07
O4S SGN B . -14.70 8.10 -23.78
O5S SGN B . -12.50 7.18 -23.25
O6S SGN B . -14.46 5.75 -23.26
H1 SGN B . -13.07 11.23 -24.26
H2 SGN B . -15.24 11.63 -23.62
H3 SGN B . -14.48 12.25 -20.72
H4 SGN B . -15.55 9.68 -22.04
H5 SGN B . -12.94 10.39 -20.63
H61 SGN B . -13.70 8.22 -19.83
H62 SGN B . -12.33 8.03 -20.94
HN21 SGN B . -13.44 13.84 -22.92
HO3 SGN B . -17.03 11.91 -21.95
C1 IDS B . -17.10 9.42 -20.05
C2 IDS B . -17.10 7.90 -19.73
C3 IDS B . -16.95 7.69 -18.20
C4 IDS B . -18.00 8.51 -17.39
C5 IDS B . -17.96 9.99 -17.86
C6 IDS B . -19.08 10.73 -17.17
O2 IDS B . -18.31 7.27 -20.18
O3 IDS B . -15.60 8.01 -17.80
O4 IDS B . -19.35 7.96 -17.55
O5 IDS B . -18.11 10.10 -19.28
O6A IDS B . -20.03 11.18 -17.86
O6B IDS B . -19.00 10.88 -15.91
S IDS B . -18.32 6.67 -21.58
O1S IDS B . -17.77 7.68 -22.46
O2S IDS B . -19.71 6.37 -21.82
O3S IDS B . -17.48 5.50 -21.45
H1 IDS B . -17.54 9.60 -21.04
H2 IDS B . -16.23 7.41 -20.19
H3 IDS B . -17.05 6.63 -17.97
H4 IDS B . -17.72 8.52 -16.32
H5 IDS B . -17.01 10.49 -17.59
HO3 IDS B . -15.35 8.89 -18.04
C1 SGN B . -19.65 6.87 -16.64
C2 SGN B . -20.52 5.77 -17.34
C3 SGN B . -22.03 6.11 -17.34
C4 SGN B . -22.44 6.48 -15.89
C5 SGN B . -21.61 7.72 -15.48
C6 SGN B . -22.06 8.21 -14.08
N2 SGN B . -20.09 5.58 -18.71
O3 SGN B . -22.79 5.02 -17.88
O4 SGN B . -23.86 6.73 -15.72
O5 SGN B . -20.21 7.34 -15.40
O6 SGN B . -21.48 9.50 -13.80
S1 SGN B . -20.55 4.13 -19.66
O1S SGN B . -21.66 4.61 -20.47
O2S SGN B . -19.40 3.83 -20.48
O3S SGN B . -20.94 3.14 -18.67
S2 SGN B . -21.86 10.16 -12.50
O4S SGN B . -21.21 11.45 -12.56
O5S SGN B . -23.32 10.26 -12.55
O6S SGN B . -21.36 9.28 -11.48
H1 SGN B . -18.73 6.35 -16.36
H2 SGN B . -20.39 4.82 -16.79
H3 SGN B . -22.23 6.97 -17.99
H4 SGN B . -22.12 5.67 -15.21
H5 SGN B . -21.75 8.54 -16.20
H61 SGN B . -21.80 7.48 -13.30
H62 SGN B . -23.16 8.33 -14.06
HN21 SGN B . -19.60 6.31 -19.16
HO3 SGN B . -22.70 4.23 -17.38
C1 IDS B . -24.72 5.55 -15.69
C2 IDS B . -25.93 5.80 -14.78
C3 IDS B . -26.90 6.83 -15.44
C4 IDS B . -27.25 6.32 -16.86
C5 IDS B . -25.96 6.09 -17.67
C6 IDS B . -26.30 5.56 -19.05
O2 IDS B . -26.58 4.53 -14.57
O3 IDS B . -26.26 8.11 -15.56
O4 IDS B . -27.99 5.10 -16.77
O5 IDS B . -25.14 5.11 -17.00
O6A IDS B . -25.74 4.50 -19.44
O6B IDS B . -27.14 6.20 -19.73
S IDS B . -27.27 4.27 -13.26
O1S IDS B . -26.18 4.02 -12.34
O2S IDS B . -28.05 5.45 -12.94
O3S IDS B . -28.09 3.09 -13.54
H1 IDS B . -24.20 4.68 -15.23
H2 IDS B . -25.55 6.19 -13.81
H3 IDS B . -27.83 6.93 -14.86
H4 IDS B . -27.89 7.07 -17.36
H5 IDS B . -25.40 7.03 -17.81
HO3 IDS B . -26.04 8.50 -14.72
CA CA C . 2.49 -5.77 -14.95
CA CA D . -11.78 -4.14 1.75
ZN ZN E . -5.93 -9.34 -8.33
ZN ZN F . 1.57 -0.82 1.57
N PRO A 1 -6.99 7.52 22.79
CA PRO A 1 -7.81 6.79 23.75
C PRO A 1 -7.29 5.37 23.91
N GLN A 2 -7.92 4.57 24.80
CA GLN A 2 -7.53 3.17 24.94
C GLN A 2 -8.73 2.35 25.40
N GLU A 3 -9.90 2.55 24.76
CA GLU A 3 -11.07 1.76 25.13
C GLU A 3 -10.81 0.33 24.73
N ALA A 4 -10.18 0.10 23.55
CA ALA A 4 -9.92 -1.27 23.12
C ALA A 4 -9.11 -2.05 24.14
N GLY A 5 -8.36 -1.40 25.06
CA GLY A 5 -7.71 -2.17 26.12
C GLY A 5 -8.75 -2.98 26.86
N GLY A 6 -9.89 -2.36 27.24
CA GLY A 6 -10.93 -3.07 27.97
C GLY A 6 -12.14 -3.41 27.11
N MET A 7 -12.00 -3.62 25.79
CA MET A 7 -13.14 -4.05 24.99
C MET A 7 -13.33 -5.54 25.12
N SER A 8 -14.48 -6.08 24.63
CA SER A 8 -14.74 -7.51 24.75
C SER A 8 -13.65 -8.34 24.10
N GLU A 9 -13.58 -9.64 24.49
CA GLU A 9 -12.57 -10.53 23.90
C GLU A 9 -12.71 -10.61 22.40
N LEU A 10 -13.92 -10.55 21.80
CA LEU A 10 -14.02 -10.61 20.35
C LEU A 10 -13.18 -9.49 19.77
N GLN A 11 -13.32 -8.26 20.30
CA GLN A 11 -12.62 -7.12 19.69
C GLN A 11 -11.14 -7.40 19.67
N TRP A 12 -10.59 -7.83 20.83
CA TRP A 12 -9.15 -8.10 20.92
C TRP A 12 -8.79 -9.23 19.98
N GLU A 13 -9.62 -10.30 19.89
CA GLU A 13 -9.29 -11.41 18.99
C GLU A 13 -9.26 -10.96 17.55
N GLN A 14 -10.21 -10.10 17.10
CA GLN A 14 -10.18 -9.66 15.71
C GLN A 14 -8.79 -9.12 15.40
N ALA A 15 -8.12 -8.41 16.34
CA ALA A 15 -6.79 -7.91 16.02
C ALA A 15 -5.88 -9.05 15.63
N GLN A 16 -5.77 -10.10 16.46
CA GLN A 16 -4.89 -11.22 16.13
C GLN A 16 -5.27 -11.75 14.76
N ASP A 17 -6.57 -12.01 14.52
CA ASP A 17 -7.00 -12.57 13.24
C ASP A 17 -6.65 -11.64 12.10
N TYR A 18 -6.91 -10.33 12.23
CA TYR A 18 -6.63 -9.41 11.12
C TYR A 18 -5.16 -9.41 10.85
N LEU A 19 -4.31 -9.52 11.89
CA LEU A 19 -2.87 -9.58 11.62
C LEU A 19 -2.62 -10.77 10.72
N LYS A 20 -3.33 -11.91 10.95
CA LYS A 20 -3.15 -13.10 10.10
C LYS A 20 -3.31 -12.76 8.63
N ARG A 21 -4.32 -11.95 8.24
CA ARG A 21 -4.55 -11.69 6.82
C ARG A 21 -3.48 -10.75 6.31
N PHE A 22 -3.10 -9.72 7.10
CA PHE A 22 -2.05 -8.80 6.65
C PHE A 22 -0.70 -9.47 6.56
N TYR A 23 -0.47 -10.67 7.15
CA TYR A 23 0.79 -11.39 6.95
C TYR A 23 0.48 -12.55 6.02
N LEU A 24 0.17 -13.77 6.50
CA LEU A 24 -0.17 -14.86 5.58
C LEU A 24 -1.30 -15.67 6.21
N TYR A 25 -1.01 -16.68 7.07
CA TYR A 25 -2.08 -17.49 7.64
C TYR A 25 -1.50 -18.23 8.84
N ASP A 26 -1.14 -17.49 9.91
CA ASP A 26 -0.45 -18.08 11.04
C ASP A 26 -1.44 -18.39 12.15
N SER A 27 -2.36 -19.35 11.92
CA SER A 27 -3.35 -19.68 12.94
C SER A 27 -2.70 -20.28 14.17
N GLU A 28 -1.60 -21.07 14.05
CA GLU A 28 -1.03 -21.68 15.24
C GLU A 28 -0.42 -20.65 16.17
N THR A 29 -0.11 -19.42 15.71
CA THR A 29 0.40 -18.40 16.63
C THR A 29 -0.65 -17.93 17.62
N LYS A 30 -1.93 -18.35 17.51
CA LYS A 30 -2.98 -17.85 18.41
C LYS A 30 -2.59 -18.15 19.85
N ASN A 31 -1.90 -17.24 20.57
CA ASN A 31 -1.45 -17.57 21.92
C ASN A 31 -1.00 -16.32 22.66
N ALA A 32 -1.28 -16.15 23.97
CA ALA A 32 -0.86 -14.92 24.65
C ALA A 32 0.65 -14.77 24.62
N ASN A 33 1.41 -15.86 24.87
CA ASN A 33 2.87 -15.72 24.95
C ASN A 33 3.41 -15.28 23.61
N SER A 34 3.21 -16.07 22.53
CA SER A 34 3.74 -15.67 21.23
C SER A 34 3.19 -14.32 20.84
N LEU A 35 1.89 -14.03 21.10
CA LEU A 35 1.32 -12.72 20.74
C LEU A 35 2.26 -11.61 21.13
N GLU A 36 2.89 -11.64 22.33
CA GLU A 36 3.73 -10.51 22.71
C GLU A 36 4.89 -10.36 21.74
N ALA A 37 5.63 -11.44 21.44
CA ALA A 37 6.77 -11.33 20.52
C ALA A 37 6.28 -11.04 19.11
N LYS A 38 5.25 -11.77 18.63
CA LYS A 38 4.74 -11.56 17.27
C LYS A 38 4.32 -10.12 17.09
N LEU A 39 3.65 -9.52 18.10
CA LEU A 39 3.27 -8.11 17.99
C LEU A 39 4.52 -7.28 18.07
N LYS A 40 5.54 -7.66 18.88
CA LYS A 40 6.77 -6.88 18.93
C LYS A 40 7.29 -6.63 17.52
N GLU A 41 7.47 -7.69 16.70
CA GLU A 41 8.06 -7.51 15.37
C GLU A 41 7.16 -6.70 14.48
N MET A 42 5.82 -6.84 14.61
CA MET A 42 4.94 -5.99 13.81
C MET A 42 5.23 -4.55 14.11
N GLN A 43 5.42 -4.16 15.39
CA GLN A 43 5.56 -2.75 15.70
C GLN A 43 6.66 -2.11 14.89
N LYS A 44 7.76 -2.81 14.55
CA LYS A 44 8.79 -2.19 13.73
C LYS A 44 8.27 -2.00 12.32
N PHE A 45 7.61 -3.04 11.73
CA PHE A 45 7.06 -2.87 10.39
C PHE A 45 6.23 -1.61 10.32
N PHE A 46 5.35 -1.37 11.33
CA PHE A 46 4.49 -0.19 11.28
C PHE A 46 5.26 1.04 11.72
N GLY A 47 6.18 0.93 12.70
CA GLY A 47 6.94 2.09 13.17
C GLY A 47 6.50 2.52 14.54
N LEU A 48 5.18 2.44 14.85
CA LEU A 48 4.68 2.87 16.16
C LEU A 48 5.61 2.47 17.29
N PRO A 49 5.96 3.31 18.31
CA PRO A 49 6.94 2.92 19.31
C PRO A 49 6.39 2.07 20.44
N ILE A 50 5.12 2.21 20.86
CA ILE A 50 4.61 1.42 21.99
C ILE A 50 4.83 -0.06 21.72
N THR A 51 5.72 -0.77 22.47
CA THR A 51 5.97 -2.20 22.22
C THR A 51 5.29 -3.08 23.23
N GLY A 52 5.00 -4.35 22.87
CA GLY A 52 4.33 -5.26 23.80
C GLY A 52 3.00 -4.73 24.27
N MET A 53 2.30 -3.89 23.46
CA MET A 53 1.01 -3.33 23.90
C MET A 53 0.14 -3.15 22.69
N LEU A 54 -1.21 -3.13 22.86
CA LEU A 54 -2.08 -2.83 21.71
C LEU A 54 -3.39 -2.31 22.23
N ASN A 55 -3.96 -1.24 21.62
CA ASN A 55 -5.21 -0.64 22.11
C ASN A 55 -5.37 0.76 21.53
N SER A 56 -4.32 1.61 21.61
CA SER A 56 -4.44 2.98 21.13
C SER A 56 -4.35 3.01 19.63
N ARG A 57 -3.20 3.35 19.00
CA ARG A 57 -3.14 3.38 17.53
C ARG A 57 -2.99 1.99 16.96
N VAL A 58 -2.44 0.98 17.68
CA VAL A 58 -2.28 -0.33 17.06
C VAL A 58 -3.64 -0.78 16.56
N ILE A 59 -4.68 -0.75 17.42
CA ILE A 59 -6.01 -1.19 16.96
C ILE A 59 -6.52 -0.29 15.87
N GLU A 60 -6.30 1.04 15.93
CA GLU A 60 -6.77 1.90 14.83
C GLU A 60 -6.26 1.33 13.53
N ILE A 61 -5.01 0.82 13.44
CA ILE A 61 -4.51 0.31 12.17
C ILE A 61 -5.32 -0.89 11.72
N MET A 62 -5.83 -1.73 12.65
CA MET A 62 -6.49 -2.96 12.25
C MET A 62 -7.79 -2.57 11.58
N GLN A 63 -8.64 -1.80 12.29
CA GLN A 63 -9.91 -1.36 11.69
C GLN A 63 -9.68 -0.42 10.54
N LYS A 64 -8.64 0.44 10.57
CA LYS A 64 -8.52 1.47 9.54
C LYS A 64 -7.98 0.84 8.28
N PRO A 65 -8.54 1.02 7.06
CA PRO A 65 -7.96 0.37 5.89
C PRO A 65 -6.66 1.07 5.53
N ARG A 66 -5.75 0.42 4.75
CA ARG A 66 -4.43 0.99 4.49
C ARG A 66 -3.86 0.46 3.19
N CYS A 67 -3.69 -0.87 3.08
CA CYS A 67 -3.22 -1.49 1.85
C CYS A 67 -3.64 -2.95 1.92
N GLY A 68 -3.57 -3.73 0.83
CA GLY A 68 -4.11 -5.09 0.87
C GLY A 68 -3.04 -6.04 0.37
N VAL A 69 -1.76 -5.78 0.72
CA VAL A 69 -0.66 -6.58 0.19
C VAL A 69 -0.13 -7.33 1.39
N PRO A 70 0.12 -8.65 1.41
CA PRO A 70 0.61 -9.26 2.63
C PRO A 70 1.99 -8.70 2.95
N ASP A 71 2.33 -8.53 4.24
CA ASP A 71 3.65 -8.01 4.62
C ASP A 71 4.74 -9.06 4.40
N VAL A 72 4.39 -10.32 4.07
CA VAL A 72 5.40 -11.36 3.84
C VAL A 72 4.92 -12.22 2.68
N ALA A 73 5.80 -13.06 2.08
CA ALA A 73 5.39 -13.85 0.92
C ALA A 73 6.20 -15.12 0.85
N GLU A 74 5.84 -16.09 -0.02
CA GLU A 74 6.59 -17.35 -0.06
C GLU A 74 6.32 -18.10 -1.35
N TYR A 75 7.10 -19.17 -1.62
CA TYR A 75 6.83 -20.02 -2.77
C TYR A 75 6.76 -19.21 -4.05
N SER A 76 7.88 -18.56 -4.45
CA SER A 76 7.88 -17.75 -5.66
C SER A 76 9.27 -17.68 -6.26
N LEU A 77 9.40 -17.19 -7.52
CA LEU A 77 10.70 -17.12 -8.19
C LEU A 77 11.17 -15.69 -8.04
N PHE A 78 11.75 -15.33 -6.86
CA PHE A 78 12.13 -13.94 -6.63
C PHE A 78 12.93 -13.46 -7.82
N PRO A 79 12.56 -12.43 -8.61
CA PRO A 79 13.34 -12.10 -9.80
C PRO A 79 14.57 -11.33 -9.39
N ASN A 80 15.54 -11.13 -10.32
CA ASN A 80 16.73 -10.36 -9.96
C ASN A 80 16.38 -8.90 -10.04
N SER A 81 17.08 -8.02 -9.29
CA SER A 81 16.83 -6.59 -9.38
C SER A 81 15.34 -6.32 -9.24
N PRO A 82 14.68 -6.44 -8.06
CA PRO A 82 13.25 -6.24 -8.03
C PRO A 82 12.93 -4.82 -8.43
N LYS A 83 13.71 -3.81 -8.00
CA LYS A 83 13.30 -2.44 -8.26
C LYS A 83 13.26 -2.21 -9.75
N TRP A 84 12.33 -1.38 -10.29
CA TRP A 84 12.30 -1.19 -11.74
C TRP A 84 13.64 -0.64 -12.15
N THR A 85 14.50 -1.45 -12.82
CA THR A 85 15.77 -0.92 -13.34
C THR A 85 15.68 -0.76 -14.85
N SER A 86 14.46 -0.73 -15.45
CA SER A 86 14.37 -0.60 -16.90
C SER A 86 14.65 0.83 -17.29
N LYS A 87 14.92 1.10 -18.59
CA LYS A 87 15.11 2.49 -19.01
C LYS A 87 13.79 3.20 -18.82
N VAL A 88 12.61 2.56 -19.10
CA VAL A 88 11.33 3.24 -18.88
C VAL A 88 10.24 2.29 -18.46
N VAL A 89 9.22 2.77 -17.71
CA VAL A 89 8.08 1.93 -17.33
C VAL A 89 6.84 2.54 -17.96
N THR A 90 5.78 1.74 -18.22
CA THR A 90 4.54 2.26 -18.79
C THR A 90 3.40 1.86 -17.87
N TYR A 91 2.23 2.53 -17.99
CA TYR A 91 1.08 2.21 -17.13
C TYR A 91 -0.21 2.41 -17.89
N ARG A 92 -1.16 1.44 -17.89
CA ARG A 92 -2.42 1.61 -18.63
C ARG A 92 -3.57 1.22 -17.72
N ILE A 93 -4.77 1.82 -17.91
CA ILE A 93 -5.87 1.57 -16.99
C ILE A 93 -6.71 0.46 -17.58
N VAL A 94 -7.13 -0.56 -16.80
CA VAL A 94 -7.91 -1.67 -17.36
C VAL A 94 -9.36 -1.25 -17.41
N SER A 95 -9.92 -0.80 -16.25
CA SER A 95 -11.33 -0.48 -16.17
C SER A 95 -11.49 0.74 -15.29
N TYR A 96 -12.73 1.23 -15.05
CA TYR A 96 -12.90 2.43 -14.24
C TYR A 96 -14.15 2.33 -13.41
N THR A 97 -14.25 3.14 -12.33
CA THR A 97 -15.38 3.05 -11.42
C THR A 97 -16.32 4.19 -11.73
N ARG A 98 -17.65 3.97 -11.72
CA ARG A 98 -18.59 5.07 -11.99
C ARG A 98 -18.30 6.28 -11.12
N ASP A 99 -17.73 6.11 -9.91
CA ASP A 99 -17.42 7.26 -9.07
C ASP A 99 -16.58 8.28 -9.81
N LEU A 100 -15.64 7.84 -10.70
CA LEU A 100 -14.69 8.76 -11.34
C LEU A 100 -14.65 8.50 -12.82
N PRO A 101 -14.41 9.47 -13.75
CA PRO A 101 -14.32 9.11 -15.15
C PRO A 101 -13.05 8.33 -15.42
N HIS A 102 -12.89 7.78 -16.64
CA HIS A 102 -11.74 6.91 -16.93
C HIS A 102 -10.49 7.76 -16.94
N ILE A 103 -10.52 8.86 -17.73
CA ILE A 103 -9.41 9.81 -17.79
C ILE A 103 -8.96 10.31 -16.44
N THR A 104 -9.85 10.44 -15.43
CA THR A 104 -9.43 10.97 -14.13
C THR A 104 -8.67 9.88 -13.43
N VAL A 105 -9.22 8.66 -13.32
CA VAL A 105 -8.43 7.59 -12.73
C VAL A 105 -7.07 7.65 -13.38
N ASP A 106 -7.02 7.77 -14.72
CA ASP A 106 -5.74 7.77 -15.41
C ASP A 106 -4.81 8.84 -14.90
N ARG A 107 -5.22 10.13 -14.89
CA ARG A 107 -4.29 11.18 -14.48
C ARG A 107 -3.89 10.99 -13.03
N LEU A 108 -4.76 10.52 -12.10
CA LEU A 108 -4.35 10.39 -10.70
C LEU A 108 -3.19 9.42 -10.64
N VAL A 109 -3.20 8.33 -11.44
CA VAL A 109 -2.09 7.37 -11.37
C VAL A 109 -0.86 8.12 -11.81
N SER A 110 -0.92 8.86 -12.93
CA SER A 110 0.26 9.58 -13.39
C SER A 110 0.70 10.59 -12.35
N LYS A 111 -0.25 11.24 -11.66
CA LYS A 111 0.09 12.32 -10.73
C LYS A 111 0.80 11.75 -9.52
N ALA A 112 0.40 10.56 -9.00
CA ALA A 112 1.13 9.94 -7.90
C ALA A 112 2.37 9.22 -8.41
N LEU A 113 2.23 8.37 -9.44
CA LEU A 113 3.38 7.69 -10.04
C LEU A 113 4.48 8.72 -10.26
N ASN A 114 4.16 9.84 -10.95
CA ASN A 114 5.18 10.86 -11.20
C ASN A 114 5.85 11.26 -9.91
N MET A 115 5.07 11.41 -8.82
CA MET A 115 5.63 11.86 -7.55
C MET A 115 6.74 10.92 -7.12
N TRP A 116 6.59 9.59 -7.32
CA TRP A 116 7.71 8.68 -7.10
C TRP A 116 8.84 8.94 -8.08
N GLY A 117 8.53 9.10 -9.38
CA GLY A 117 9.60 9.22 -10.39
C GLY A 117 10.53 10.37 -10.10
N LYS A 118 10.01 11.48 -9.52
CA LYS A 118 10.87 12.61 -9.21
C LYS A 118 11.94 12.24 -8.19
N GLU A 119 11.86 11.08 -7.50
CA GLU A 119 12.88 10.70 -6.52
C GLU A 119 13.93 9.77 -7.10
N ILE A 120 13.98 9.52 -8.42
CA ILE A 120 14.87 8.50 -8.97
C ILE A 120 15.20 8.85 -10.40
N PRO A 121 16.37 8.48 -10.99
CA PRO A 121 16.63 8.86 -12.37
C PRO A 121 15.75 8.14 -13.38
N LEU A 122 14.85 7.20 -12.97
CA LEU A 122 13.96 6.57 -13.94
C LEU A 122 13.16 7.61 -14.70
N HIS A 123 12.57 7.17 -15.85
CA HIS A 123 11.72 8.04 -16.67
C HIS A 123 10.39 7.32 -16.82
N PHE A 124 9.28 7.98 -17.21
CA PHE A 124 8.03 7.26 -17.45
C PHE A 124 7.47 7.62 -18.81
N ARG A 125 6.58 6.78 -19.36
CA ARG A 125 6.10 6.95 -20.73
C ARG A 125 4.59 6.82 -20.72
N LYS A 126 3.85 7.69 -21.45
CA LYS A 126 2.38 7.62 -21.43
C LYS A 126 1.97 6.61 -22.47
N VAL A 127 0.77 6.01 -22.33
CA VAL A 127 0.38 4.89 -23.19
C VAL A 127 -0.50 5.34 -24.33
N VAL A 128 -0.13 5.05 -25.60
CA VAL A 128 -1.01 5.35 -26.72
C VAL A 128 -1.00 4.27 -27.80
N TRP A 129 -0.44 3.06 -27.56
CA TRP A 129 -0.39 2.04 -28.62
C TRP A 129 0.22 0.77 -28.03
N GLY A 130 -0.59 -0.27 -27.71
CA GLY A 130 -0.03 -1.51 -27.15
C GLY A 130 -0.31 -1.61 -25.68
N THR A 131 0.08 -2.76 -25.05
CA THR A 131 -0.15 -2.96 -23.62
C THR A 131 0.97 -2.32 -22.83
N ALA A 132 0.86 -2.29 -21.48
CA ALA A 132 1.85 -1.62 -20.64
C ALA A 132 2.45 -2.56 -19.63
N ASP A 133 3.51 -2.12 -18.90
CA ASP A 133 4.11 -2.97 -17.88
C ASP A 133 3.17 -3.02 -16.71
N ILE A 134 2.80 -1.86 -16.13
CA ILE A 134 1.91 -1.85 -14.97
C ILE A 134 0.51 -1.78 -15.56
N MET A 135 -0.48 -2.48 -14.99
CA MET A 135 -1.88 -2.32 -15.40
C MET A 135 -2.62 -1.86 -14.17
N ILE A 136 -3.65 -0.97 -14.28
CA ILE A 136 -4.31 -0.42 -13.11
C ILE A 136 -5.78 -0.76 -13.22
N GLY A 137 -6.38 -1.58 -12.33
CA GLY A 137 -7.79 -1.97 -12.53
C GLY A 137 -8.58 -1.98 -11.25
N PHE A 138 -9.91 -2.21 -11.37
CA PHE A 138 -10.80 -2.27 -10.21
C PHE A 138 -11.37 -3.66 -10.19
N ALA A 139 -11.24 -4.45 -9.09
CA ALA A 139 -11.75 -5.81 -9.13
C ALA A 139 -11.91 -6.42 -7.76
N ARG A 140 -12.44 -7.66 -7.71
CA ARG A 140 -12.62 -8.38 -6.44
C ARG A 140 -11.71 -9.59 -6.47
N GLY A 141 -11.32 -10.18 -5.30
CA GLY A 141 -10.53 -11.40 -5.32
C GLY A 141 -11.12 -12.47 -6.21
N ALA A 142 -12.46 -12.46 -6.46
CA ALA A 142 -13.04 -13.40 -7.41
C ALA A 142 -12.84 -12.99 -8.86
N HIS A 143 -11.90 -12.08 -9.20
CA HIS A 143 -11.60 -11.80 -10.61
C HIS A 143 -10.73 -12.87 -11.21
N GLY A 144 -10.09 -13.75 -10.39
CA GLY A 144 -9.16 -14.75 -10.90
C GLY A 144 -7.84 -14.58 -10.19
N ASP A 145 -7.81 -14.73 -8.84
CA ASP A 145 -6.57 -14.58 -8.08
C ASP A 145 -6.82 -14.93 -6.63
N SER A 146 -5.78 -15.30 -5.86
CA SER A 146 -6.00 -15.64 -4.45
C SER A 146 -6.27 -14.39 -3.65
N TYR A 147 -6.61 -14.53 -2.34
CA TYR A 147 -6.75 -13.39 -1.44
C TYR A 147 -8.13 -12.80 -1.66
N PRO A 148 -9.15 -12.91 -0.76
CA PRO A 148 -10.50 -12.52 -1.14
C PRO A 148 -10.71 -11.04 -1.09
N PHE A 149 -11.86 -10.57 -1.64
CA PHE A 149 -12.20 -9.15 -1.60
C PHE A 149 -12.27 -8.66 -0.17
N ASP A 150 -12.87 -9.44 0.76
CA ASP A 150 -13.10 -8.95 2.13
C ASP A 150 -14.35 -8.10 2.11
N GLY A 151 -14.37 -7.00 1.31
CA GLY A 151 -15.53 -6.12 1.23
C GLY A 151 -15.10 -4.75 1.68
N PRO A 152 -15.94 -3.84 2.22
CA PRO A 152 -15.41 -2.56 2.66
C PRO A 152 -14.63 -2.76 3.94
N GLY A 153 -13.98 -1.70 4.48
CA GLY A 153 -13.19 -1.89 5.70
C GLY A 153 -11.90 -2.60 5.39
N ASN A 154 -11.32 -3.32 6.40
CA ASN A 154 -10.00 -3.92 6.28
C ASN A 154 -9.61 -4.36 4.89
N THR A 155 -8.31 -4.30 4.53
CA THR A 155 -7.86 -4.70 3.20
C THR A 155 -8.26 -3.61 2.22
N LEU A 156 -7.34 -2.69 1.85
CA LEU A 156 -7.71 -1.59 0.97
C LEU A 156 -7.43 -1.93 -0.48
N ALA A 157 -6.19 -2.33 -0.85
CA ALA A 157 -5.90 -2.56 -2.26
C ALA A 157 -4.73 -3.52 -2.40
N HIS A 158 -4.90 -4.71 -3.04
CA HIS A 158 -3.75 -5.56 -3.27
C HIS A 158 -2.97 -4.99 -4.43
N ALA A 159 -1.64 -5.24 -4.48
CA ALA A 159 -0.80 -4.79 -5.58
C ALA A 159 0.25 -5.85 -5.77
N PHE A 160 0.99 -5.87 -6.90
CA PHE A 160 1.98 -6.93 -7.11
C PHE A 160 3.36 -6.33 -7.18
N ALA A 161 4.42 -7.18 -7.07
CA ALA A 161 5.79 -6.67 -6.98
C ALA A 161 6.37 -6.55 -8.37
N PRO A 162 7.34 -5.65 -8.67
CA PRO A 162 7.88 -5.57 -10.03
C PRO A 162 8.54 -6.87 -10.39
N GLY A 163 7.84 -7.76 -11.12
CA GLY A 163 8.42 -9.04 -11.50
C GLY A 163 7.78 -9.55 -12.77
N THR A 164 8.56 -9.97 -13.80
CA THR A 164 7.95 -10.47 -15.04
C THR A 164 7.12 -9.37 -15.67
N GLY A 165 6.57 -9.60 -16.89
CA GLY A 165 5.71 -8.59 -17.49
C GLY A 165 4.37 -8.57 -16.77
N LEU A 166 3.77 -9.75 -16.52
CA LEU A 166 2.44 -9.79 -15.91
C LEU A 166 2.56 -9.23 -14.51
N GLY A 167 3.45 -9.78 -13.65
CA GLY A 167 3.58 -9.24 -12.29
C GLY A 167 4.02 -7.80 -12.34
N GLY A 168 3.98 -7.10 -11.19
CA GLY A 168 4.19 -5.64 -11.17
C GLY A 168 2.90 -4.87 -11.33
N ASP A 169 1.73 -5.46 -11.60
CA ASP A 169 0.52 -4.65 -11.77
C ASP A 169 -0.02 -4.13 -10.44
N ALA A 170 -0.91 -3.11 -10.49
CA ALA A 170 -1.54 -2.60 -9.27
C ALA A 170 -3.04 -2.79 -9.39
N HIS A 171 -3.79 -2.99 -8.28
CA HIS A 171 -5.25 -3.18 -8.34
C HIS A 171 -5.91 -2.34 -7.27
N PHE A 172 -7.26 -2.19 -7.30
CA PHE A 172 -7.96 -1.39 -6.30
C PHE A 172 -9.21 -2.13 -5.84
N ASP A 173 -9.43 -2.32 -4.52
CA ASP A 173 -10.63 -3.04 -4.06
C ASP A 173 -11.85 -2.26 -4.51
N GLU A 174 -12.56 -2.70 -5.58
CA GLU A 174 -13.73 -1.96 -6.03
C GLU A 174 -14.73 -1.74 -4.91
N ASP A 175 -14.83 -2.65 -3.92
CA ASP A 175 -15.77 -2.45 -2.82
C ASP A 175 -15.46 -1.16 -2.09
N GLU A 176 -14.15 -0.83 -1.92
CA GLU A 176 -13.80 0.38 -1.17
C GLU A 176 -14.23 1.62 -1.91
N ARG A 177 -14.26 2.76 -1.19
CA ARG A 177 -14.69 4.02 -1.79
C ARG A 177 -13.53 4.63 -2.54
N TRP A 178 -13.78 5.47 -3.57
CA TRP A 178 -12.69 5.99 -4.40
C TRP A 178 -13.11 7.33 -4.98
N THR A 179 -12.55 8.47 -4.54
CA THR A 179 -13.05 9.77 -5.03
C THR A 179 -11.98 10.82 -4.79
N ASP A 180 -12.02 12.04 -5.39
CA ASP A 180 -10.98 13.05 -5.11
C ASP A 180 -11.62 14.36 -4.71
N GLY A 181 -12.38 15.03 -5.62
CA GLY A 181 -12.98 16.31 -5.26
C GLY A 181 -13.86 16.16 -4.04
N SER A 182 -14.67 15.08 -3.96
CA SER A 182 -15.53 14.89 -2.80
C SER A 182 -14.71 14.71 -1.54
N SER A 183 -13.50 14.10 -1.61
CA SER A 183 -12.67 13.94 -0.42
C SER A 183 -13.51 13.34 0.69
N LEU A 184 -14.02 12.10 0.47
CA LEU A 184 -14.97 11.48 1.40
C LEU A 184 -14.36 10.24 2.02
N GLY A 185 -13.96 9.23 1.21
CA GLY A 185 -13.43 7.99 1.77
C GLY A 185 -11.95 7.95 1.50
N ILE A 186 -11.49 7.24 0.44
CA ILE A 186 -10.06 7.09 0.20
C ILE A 186 -9.69 7.95 -0.98
N ASN A 187 -8.82 8.98 -0.83
CA ASN A 187 -8.45 9.77 -1.99
C ASN A 187 -7.62 8.89 -2.91
N PHE A 188 -7.94 8.85 -4.22
CA PHE A 188 -7.16 7.99 -5.11
C PHE A 188 -5.73 8.47 -5.07
N LEU A 189 -5.51 9.82 -5.09
CA LEU A 189 -4.16 10.37 -5.09
C LEU A 189 -3.33 9.72 -3.99
N TYR A 190 -3.84 9.73 -2.74
CA TYR A 190 -3.04 9.22 -1.61
C TYR A 190 -2.79 7.75 -1.83
N ALA A 191 -3.87 6.94 -1.94
CA ALA A 191 -3.69 5.50 -2.11
C ALA A 191 -2.84 5.18 -3.32
N ALA A 192 -2.88 6.00 -4.39
CA ALA A 192 -2.10 5.69 -5.58
C ALA A 192 -0.63 5.72 -5.19
N THR A 193 -0.11 6.78 -4.55
CA THR A 193 1.28 6.75 -4.10
C THR A 193 1.56 5.46 -3.36
N HIS A 194 0.65 5.05 -2.45
CA HIS A 194 0.90 3.82 -1.68
C HIS A 194 0.95 2.61 -2.60
N ALA A 195 -0.08 2.44 -3.46
CA ALA A 195 -0.18 1.24 -4.29
C ALA A 195 0.91 1.20 -5.33
N LEU A 196 1.08 2.30 -6.11
CA LEU A 196 2.13 2.32 -7.12
C LEU A 196 3.45 2.10 -6.41
N GLY A 197 3.67 2.67 -5.21
CA GLY A 197 4.91 2.40 -4.48
C GLY A 197 5.24 0.92 -4.50
N HIS A 198 4.25 0.04 -4.21
CA HIS A 198 4.52 -1.40 -4.23
C HIS A 198 4.74 -1.92 -5.62
N SER A 199 4.13 -1.34 -6.68
CA SER A 199 4.53 -1.72 -8.04
C SER A 199 5.99 -1.41 -8.29
N LEU A 200 6.66 -0.53 -7.51
CA LEU A 200 8.09 -0.28 -7.67
C LEU A 200 8.91 -1.14 -6.73
N GLY A 201 8.30 -2.05 -5.93
CA GLY A 201 9.06 -2.86 -4.98
C GLY A 201 9.33 -2.12 -3.68
N MET A 202 8.72 -0.93 -3.43
CA MET A 202 9.03 -0.22 -2.19
C MET A 202 8.33 -0.92 -1.05
N GLY A 203 8.92 -0.87 0.17
CA GLY A 203 8.32 -1.49 1.33
C GLY A 203 7.75 -0.41 2.20
N HIS A 204 6.98 -0.78 3.25
CA HIS A 204 6.43 0.23 4.15
C HIS A 204 7.57 0.91 4.88
N SER A 205 7.32 2.11 5.46
CA SER A 205 8.38 2.84 6.17
C SER A 205 7.97 3.06 7.61
N SER A 206 8.93 3.38 8.50
CA SER A 206 8.65 3.55 9.93
C SER A 206 8.44 4.99 10.33
N ASP A 207 8.49 5.97 9.40
CA ASP A 207 8.50 7.38 9.82
C ASP A 207 7.08 7.77 10.14
N PRO A 208 6.74 8.61 11.15
CA PRO A 208 5.33 8.93 11.37
C PRO A 208 4.75 9.70 10.21
N ASN A 209 5.58 10.33 9.35
CA ASN A 209 5.07 11.09 8.21
C ASN A 209 5.47 10.40 6.92
N ALA A 210 5.35 9.06 6.81
CA ALA A 210 5.73 8.38 5.56
C ALA A 210 4.62 8.46 4.54
N VAL A 211 4.92 8.26 3.24
CA VAL A 211 3.87 8.24 2.22
C VAL A 211 3.27 6.85 2.13
N MET A 212 4.06 5.77 2.38
CA MET A 212 3.49 4.42 2.44
C MET A 212 3.17 4.10 3.88
N TYR A 213 2.77 5.09 4.73
CA TYR A 213 2.71 4.81 6.16
C TYR A 213 1.54 3.86 6.35
N PRO A 214 1.66 2.68 7.02
CA PRO A 214 0.49 1.81 7.11
C PRO A 214 -0.54 2.29 8.11
N THR A 215 -0.30 3.36 8.90
CA THR A 215 -1.39 3.92 9.72
C THR A 215 -2.18 4.92 8.90
N TYR A 216 -1.88 5.15 7.60
CA TYR A 216 -2.60 6.13 6.79
C TYR A 216 -2.10 7.52 7.11
N GLY A 217 -2.05 8.46 6.14
CA GLY A 217 -1.52 9.78 6.42
C GLY A 217 -2.43 10.52 7.39
N ASN A 218 -1.94 10.95 8.57
CA ASN A 218 -2.79 11.71 9.49
C ASN A 218 -3.01 13.12 8.96
N GLY A 219 -4.06 13.82 9.46
CA GLY A 219 -4.28 15.20 9.05
C GLY A 219 -4.77 15.31 7.63
N ASP A 220 -5.14 16.53 7.19
CA ASP A 220 -5.59 16.76 5.82
C ASP A 220 -4.63 17.76 5.19
N PRO A 221 -3.50 17.37 4.56
CA PRO A 221 -2.55 18.38 4.10
C PRO A 221 -3.08 19.12 2.88
N GLN A 222 -2.39 20.20 2.46
CA GLN A 222 -2.85 20.94 1.27
C GLN A 222 -2.53 20.09 0.05
N ASN A 223 -1.25 19.95 -0.33
CA ASN A 223 -0.87 19.14 -1.50
C ASN A 223 -0.35 17.78 -1.09
N PHE A 224 0.57 17.69 -0.09
CA PHE A 224 1.16 16.41 0.31
C PHE A 224 2.17 16.00 -0.75
N LYS A 225 3.31 15.37 -0.35
CA LYS A 225 4.28 14.91 -1.34
C LYS A 225 5.11 13.80 -0.76
N LEU A 226 6.05 13.21 -1.55
CA LEU A 226 6.88 12.11 -1.05
C LEU A 226 7.50 12.47 0.30
N SER A 227 7.81 11.47 1.15
CA SER A 227 8.32 11.75 2.49
C SER A 227 9.83 11.77 2.55
N GLN A 228 10.39 12.28 3.67
CA GLN A 228 11.83 12.37 3.81
C GLN A 228 12.45 10.99 3.88
N ASP A 229 12.00 10.12 4.83
CA ASP A 229 12.64 8.82 4.97
C ASP A 229 12.37 7.98 3.74
N ASP A 230 11.16 8.09 3.14
CA ASP A 230 10.91 7.33 1.92
C ASP A 230 11.90 7.73 0.85
N ILE A 231 12.13 9.05 0.65
CA ILE A 231 13.06 9.48 -0.40
C ILE A 231 14.41 8.88 -0.14
N LYS A 232 14.95 8.99 1.09
CA LYS A 232 16.29 8.44 1.33
C LYS A 232 16.25 6.95 1.11
N GLY A 233 15.15 6.27 1.49
CA GLY A 233 15.08 4.82 1.37
C GLY A 233 15.31 4.43 -0.07
N ILE A 234 14.54 5.00 -1.01
CA ILE A 234 14.70 4.61 -2.40
C ILE A 234 16.09 4.99 -2.88
N GLN A 235 16.63 6.17 -2.51
CA GLN A 235 17.99 6.51 -2.94
C GLN A 235 19.02 5.54 -2.41
N LYS A 236 18.84 4.90 -1.24
CA LYS A 236 19.89 4.01 -0.75
C LYS A 236 20.19 2.95 -1.79
N LEU A 237 19.19 2.53 -2.60
CA LEU A 237 19.39 1.45 -3.57
C LEU A 237 19.73 2.01 -4.94
N TYR A 238 18.97 3.01 -5.45
CA TYR A 238 19.28 3.58 -6.77
C TYR A 238 20.58 4.35 -6.72
N GLY A 239 20.98 4.90 -5.55
CA GLY A 239 22.20 5.71 -5.50
C GLY A 239 22.04 6.99 -6.27
N LYS A 240 20.81 7.51 -6.49
CA LYS A 240 20.64 8.73 -7.29
C LYS A 240 19.24 9.28 -7.18
N ARG A 241 19.01 10.52 -7.69
CA ARG A 241 17.68 11.13 -7.65
C ARG A 241 17.35 11.75 -8.99
N SER A 242 16.12 12.29 -9.16
CA SER A 242 15.77 13.08 -10.34
C SER A 242 15.67 14.53 -9.90
N ASN A 243 15.49 15.48 -10.85
CA ASN A 243 15.45 16.89 -10.51
C ASN A 243 14.21 17.53 -11.13
N SER A 244 13.10 17.65 -10.37
CA SER A 244 11.90 18.32 -10.91
C SER A 244 11.00 18.72 -9.76
N ARG A 245 10.28 19.88 -9.84
CA ARG A 245 9.40 20.32 -8.76
C ARG A 245 8.76 21.63 -9.18
N LYS A 246 7.56 21.63 -9.81
CA LYS A 246 6.96 22.89 -10.26
C LYS A 246 5.46 22.74 -10.47
N LYS A 247 4.73 22.30 -9.42
CA LYS A 247 3.29 22.06 -9.56
C LYS A 247 2.64 21.94 -8.20
C1 SGN B . 2.94 12.70 -17.84
C2 SGN B . 2.02 12.52 -19.07
C3 SGN B . 1.14 13.79 -19.22
C4 SGN B . 0.39 14.12 -17.88
C5 SGN B . 1.45 14.18 -16.75
C6 SGN B . 0.79 14.40 -15.35
N2 SGN B . 2.78 12.27 -20.29
O3 SGN B . 0.25 13.64 -20.34
O4 SGN B . -0.33 15.39 -17.93
O5 SGN B . 2.16 12.94 -16.67
O6 SGN B . 1.64 14.01 -14.27
S1 SGN B . 4.37 11.43 -20.34
O1S SGN B . 4.61 11.15 -21.74
O2S SGN B . 5.27 12.40 -19.76
O3S SGN B . 4.22 10.28 -19.47
S2 SGN B . 3.00 14.66 -14.11
O4S SGN B . 3.18 14.70 -12.67
O5S SGN B . 2.90 15.98 -14.71
O6S SGN B . 3.91 13.77 -14.79
H1 SGN B . 3.53 11.79 -17.64
H2 SGN B . 1.36 11.64 -18.88
H3 SGN B . 1.79 14.65 -19.45
H4 SGN B . -0.27 13.27 -17.67
H5 SGN B . 2.15 15.00 -16.93
H61 SGN B . -0.10 13.76 -15.25
H62 SGN B . 0.48 15.45 -15.24
HN21 SGN B . 2.36 12.54 -21.16
HO3 SGN B . -0.33 12.90 -20.26
C1 IDS B . -1.72 15.30 -18.38
C2 IDS B . -2.67 14.83 -17.24
C3 IDS B . -3.01 16.00 -16.27
C4 IDS B . -3.54 17.27 -17.01
C5 IDS B . -2.45 17.61 -18.07
C6 IDS B . -2.90 18.81 -18.84
O2 IDS B . -3.86 14.21 -17.73
O3 IDS B . -1.81 16.33 -15.55
O4 IDS B . -4.84 17.13 -17.67
O5 IDS B . -2.23 16.51 -18.97
O6A IDS B . -2.82 19.95 -18.29
O6B IDS B . -3.34 18.65 -20.02
S IDS B . -3.82 12.80 -18.29
O1S IDS B . -5.21 12.39 -18.25
O2S IDS B . -2.97 12.02 -17.40
O3S IDS B . -3.30 12.90 -19.64
H1 IDS B . -1.75 14.62 -19.22
H2 IDS B . -2.15 14.10 -16.59
H3 IDS B . -3.72 15.61 -15.53
H4 IDS B . -3.60 18.11 -16.31
H5 IDS B . -1.49 17.85 -17.58
HO3 IDS B . -1.95 17.00 -14.88
C1 SGN B . -5.99 17.08 -16.78
C2 SGN B . -7.06 16.13 -17.38
C3 SGN B . -8.23 16.84 -18.10
C4 SGN B . -8.74 18.00 -17.22
C5 SGN B . -7.53 18.96 -17.06
C6 SGN B . -8.03 20.28 -16.40
N2 SGN B . -6.43 15.14 -18.24
O3 SGN B . -9.26 15.85 -18.29
O4 SGN B . -9.92 18.66 -17.78
O5 SGN B . -6.50 18.33 -16.25
O6 SGN B . -6.98 21.20 -16.05
S1 SGN B . -6.17 15.39 -20.00
O1S SGN B . -5.23 14.38 -20.42
O2S SGN B . -5.73 16.76 -20.12
O3S SGN B . -7.50 15.21 -20.54
S2 SGN B . -6.20 21.01 -14.76
O4S SGN B . -6.70 19.81 -14.14
O5S SGN B . -4.82 20.92 -15.20
O6S SGN B . -6.51 22.22 -14.02
H1 SGN B . -5.67 16.58 -15.86
H2 SGN B . -7.57 15.61 -16.55
H3 SGN B . -7.95 17.27 -19.08
H4 SGN B . -8.95 17.62 -16.21
H5 SGN B . -7.08 19.23 -18.03
H61 SGN B . -8.68 20.09 -15.53
H62 SGN B . -8.63 20.82 -17.14
HN21 SGN B . -6.10 14.29 -17.81
HO3 SGN B . -8.98 15.15 -18.88
C1 IDS B . -11.18 18.28 -17.17
C2 IDS B . -12.42 19.12 -17.62
C3 IDS B . -13.01 18.66 -18.98
C4 IDS B . -13.23 17.12 -18.99
C5 IDS B . -11.87 16.51 -18.62
C6 IDS B . -12.06 15.02 -18.68
O2 IDS B . -13.51 18.98 -16.68
O3 IDS B . -12.08 19.06 -20.01
O4 IDS B . -14.24 16.68 -18.03
O5 IDS B . -11.48 16.88 -17.29
O6A IDS B . -11.92 14.47 -19.81
O6B IDS B . -12.33 14.42 -17.61
S IDS B . -13.68 20.02 -15.60
O1S IDS B . -14.78 19.49 -14.80
O2S IDS B . -12.42 20.07 -14.89
O3S IDS B . -14.01 21.23 -16.31
H1 IDS B . -11.08 18.47 -16.09
H2 IDS B . -12.13 20.18 -17.72
H3 IDS B . -13.97 19.17 -19.15
H4 IDS B . -13.47 16.78 -20.02
H5 IDS B . -11.12 16.81 -19.37
HO3 IDS B . -12.37 18.84 -20.89
C1 SGN B . -15.54 16.37 -18.63
C2 SGN B . -16.71 16.55 -17.62
C3 SGN B . -16.95 15.32 -16.69
C4 SGN B . -17.05 14.04 -17.57
C5 SGN B . -15.69 13.97 -18.33
C6 SGN B . -15.53 12.65 -19.13
N2 SGN B . -16.45 17.75 -16.83
O3 SGN B . -18.17 15.54 -15.97
O4 SGN B . -17.33 12.86 -16.75
O5 SGN B . -15.57 15.07 -19.26
O6 SGN B . -14.23 12.65 -19.76
S1 SGN B . -17.72 18.96 -16.49
O1S SGN B . -18.71 18.82 -17.53
O2S SGN B . -17.00 20.22 -16.42
O3S SGN B . -18.20 18.55 -15.18
S2 SGN B . -13.83 11.39 -20.49
O4S SGN B . -12.57 11.73 -21.12
O5S SGN B . -13.69 10.38 -19.44
O6S SGN B . -14.90 11.12 -21.42
H1 SGN B . -15.72 17.13 -19.42
H2 SGN B . -17.63 16.67 -18.20
H3 SGN B . -16.11 15.24 -15.97
H4 SGN B . -17.86 14.23 -18.29
H5 SGN B . -14.85 13.98 -17.61
H61 SGN B . -16.33 12.56 -19.88
H62 SGN B . -15.58 11.80 -18.43
HN21 SGN B . -15.54 17.86 -16.44
HO3 SGN B . -18.37 14.82 -15.39
C1 IDS B . -18.34 11.94 -17.28
C2 IDS B . -17.99 10.45 -17.01
C3 IDS B . -18.22 10.03 -15.54
C4 IDS B . -19.69 10.34 -15.13
C5 IDS B . -19.88 11.86 -15.39
C6 IDS B . -21.27 12.25 -14.95
O2 IDS B . -18.70 9.58 -17.92
O3 IDS B . -17.36 10.76 -14.65
O4 IDS B . -20.68 9.59 -15.88
O5 IDS B . -19.68 12.21 -16.79
O6A IDS B . -21.54 12.19 -13.72
O6B IDS B . -22.11 12.59 -15.83
S IDS B . -17.85 8.64 -18.76
O1S IDS B . -17.02 9.52 -19.57
O2S IDS B . -18.81 7.88 -19.55
O3S IDS B . -17.12 7.84 -17.79
H1 IDS B . -18.39 12.01 -18.38
H2 IDS B . -16.92 10.35 -17.24
H3 IDS B . -17.93 8.98 -15.44
H4 IDS B . -19.83 10.14 -14.06
H5 IDS B . -19.19 12.46 -14.78
HO3 IDS B . -17.44 10.49 -13.74
C1 SGN B . -20.79 8.19 -15.52
C2 SGN B . -21.38 7.37 -16.69
C3 SGN B . -22.93 7.23 -16.66
C4 SGN B . -23.36 6.82 -15.23
C5 SGN B . -22.87 7.96 -14.29
C6 SGN B . -23.39 7.72 -12.85
N2 SGN B . -20.97 7.88 -18.00
O3 SGN B . -23.32 6.33 -17.70
O4 SGN B . -24.78 6.56 -15.07
O5 SGN B . -21.43 7.95 -14.25
O6 SGN B . -22.81 8.70 -11.97
S1 SGN B . -21.74 9.27 -18.83
O1S SGN B . -22.18 10.19 -17.79
O2S SGN B . -20.74 9.76 -19.75
O3S SGN B . -22.86 8.64 -19.50
S2 SGN B . -23.20 8.71 -10.51
O4S SGN B . -21.94 8.65 -9.82
O5S SGN B . -23.91 9.96 -10.35
O6S SGN B . -24.03 7.54 -10.29
H1 SGN B . -19.78 7.78 -15.37
H2 SGN B . -21.01 6.32 -16.58
H3 SGN B . -23.42 8.19 -16.90
H4 SGN B . -22.78 5.93 -14.91
H5 SGN B . -23.23 8.95 -14.62
H61 SGN B . -23.11 6.71 -12.51
H62 SGN B . -24.50 7.81 -12.84
HN21 SGN B . -20.24 7.39 -18.45
HO3 SGN B . -23.01 5.44 -17.55
C1 IDS B . -25.22 5.25 -15.51
C2 IDS B . -26.60 4.87 -14.92
C3 IDS B . -27.71 5.72 -15.57
C4 IDS B . -27.63 5.59 -17.12
C5 IDS B . -26.21 5.99 -17.57
C6 IDS B . -26.09 5.86 -19.07
O2 IDS B . -26.95 3.48 -15.14
O3 IDS B . -27.55 7.10 -15.16
O4 IDS B . -27.89 4.24 -17.51
O5 IDS B . -25.26 5.11 -16.95
O6A IDS B . -25.06 5.32 -19.55
O6B IDS B . -27.03 6.32 -19.79
S IDS B . -26.29 2.37 -14.36
O1S IDS B . -26.26 2.82 -12.98
O2S IDS B . -27.17 1.24 -14.58
O3S IDS B . -24.98 2.18 -14.97
H1 IDS B . -24.52 4.50 -15.13
H2 IDS B . -26.60 5.09 -13.83
H3 IDS B . -28.69 5.35 -15.22
H4 IDS B . -28.40 6.23 -17.58
H5 IDS B . -25.99 7.04 -17.32
HO3 IDS B . -28.23 7.66 -15.51
CA CA C . 2.73 -6.06 -14.90
CA CA D . -11.82 -3.30 1.70
ZN ZN E . -6.08 -9.32 -8.17
ZN ZN F . 1.18 -1.28 1.55
N PRO A 1 -7.67 10.31 27.28
CA PRO A 1 -8.53 9.21 27.67
C PRO A 1 -8.13 7.97 26.92
N GLN A 2 -8.89 6.85 27.06
CA GLN A 2 -8.56 5.61 26.37
C GLN A 2 -9.82 5.01 25.77
N GLU A 3 -9.78 4.51 24.51
CA GLU A 3 -10.97 3.87 23.92
C GLU A 3 -10.96 2.38 24.19
N ALA A 4 -9.79 1.71 24.26
CA ALA A 4 -9.78 0.28 24.55
C ALA A 4 -10.63 -0.05 25.75
N GLY A 5 -10.70 0.85 26.77
CA GLY A 5 -11.57 0.56 27.92
C GLY A 5 -12.94 0.10 27.50
N GLY A 6 -13.55 0.74 26.47
CA GLY A 6 -14.88 0.34 26.02
C GLY A 6 -14.82 -0.61 24.84
N MET A 7 -13.92 -1.62 24.83
CA MET A 7 -13.89 -2.62 23.77
C MET A 7 -14.06 -4.00 24.35
N SER A 8 -14.34 -5.02 23.48
CA SER A 8 -14.61 -6.38 23.94
C SER A 8 -13.53 -7.31 23.44
N GLU A 9 -13.56 -8.61 23.86
CA GLU A 9 -12.61 -9.57 23.31
C GLU A 9 -12.71 -9.55 21.81
N LEU A 10 -13.93 -9.50 21.22
CA LEU A 10 -14.05 -9.57 19.76
C LEU A 10 -13.07 -8.64 19.09
N GLN A 11 -12.97 -7.37 19.56
CA GLN A 11 -12.11 -6.41 18.88
C GLN A 11 -10.67 -6.81 19.08
N TRP A 12 -10.28 -7.14 20.33
CA TRP A 12 -8.90 -7.56 20.60
C TRP A 12 -8.55 -8.77 19.76
N GLU A 13 -9.51 -9.70 19.54
CA GLU A 13 -9.21 -10.93 18.80
C GLU A 13 -9.21 -10.69 17.31
N GLN A 14 -10.15 -9.88 16.76
CA GLN A 14 -10.10 -9.58 15.34
C GLN A 14 -8.74 -9.01 15.02
N ALA A 15 -8.28 -8.01 15.79
CA ALA A 15 -6.94 -7.46 15.56
C ALA A 15 -5.92 -8.55 15.34
N GLN A 16 -5.87 -9.53 16.27
CA GLN A 16 -4.84 -10.57 16.17
C GLN A 16 -5.04 -11.32 14.87
N ASP A 17 -6.31 -11.61 14.50
CA ASP A 17 -6.57 -12.29 13.23
C ASP A 17 -6.19 -11.40 12.06
N TYR A 18 -6.41 -10.06 12.14
CA TYR A 18 -6.11 -9.19 11.00
C TYR A 18 -4.62 -9.19 10.75
N LEU A 19 -3.77 -9.36 11.79
CA LEU A 19 -2.33 -9.41 11.52
C LEU A 19 -2.07 -10.67 10.71
N LYS A 20 -2.74 -11.80 11.04
CA LYS A 20 -2.52 -13.05 10.30
C LYS A 20 -2.65 -12.83 8.80
N ARG A 21 -3.67 -12.07 8.34
CA ARG A 21 -3.86 -11.91 6.89
C ARG A 21 -2.87 -10.92 6.36
N PHE A 22 -2.57 -9.82 7.11
CA PHE A 22 -1.59 -8.86 6.63
C PHE A 22 -0.23 -9.49 6.47
N TYR A 23 0.04 -10.71 7.00
CA TYR A 23 1.30 -11.40 6.73
C TYR A 23 0.98 -12.48 5.72
N LEU A 24 0.57 -13.70 6.11
CA LEU A 24 0.18 -14.71 5.12
C LEU A 24 -1.02 -15.46 5.67
N TYR A 25 -0.83 -16.56 6.45
CA TYR A 25 -1.96 -17.29 6.99
C TYR A 25 -1.41 -18.20 8.08
N ASP A 26 -1.29 -17.69 9.33
CA ASP A 26 -0.58 -18.41 10.38
C ASP A 26 -1.56 -18.79 11.48
N SER A 27 -2.52 -19.69 11.19
CA SER A 27 -3.49 -20.09 12.21
C SER A 27 -2.85 -20.86 13.33
N GLU A 28 -1.91 -21.76 13.01
CA GLU A 28 -1.24 -22.54 14.05
C GLU A 28 -0.57 -21.65 15.08
N THR A 29 -0.22 -20.38 14.75
CA THR A 29 0.42 -19.51 15.74
C THR A 29 -0.53 -19.16 16.87
N LYS A 30 -1.87 -19.37 16.75
CA LYS A 30 -2.78 -19.07 17.87
C LYS A 30 -2.21 -19.60 19.19
N ASN A 31 -1.75 -18.69 20.09
CA ASN A 31 -1.31 -19.13 21.42
C ASN A 31 -1.10 -17.89 22.28
N ALA A 32 -1.45 -17.90 23.58
CA ALA A 32 -1.34 -16.67 24.39
C ALA A 32 0.09 -16.15 24.38
N ASN A 33 1.09 -17.05 24.62
CA ASN A 33 2.48 -16.60 24.65
C ASN A 33 2.99 -16.25 23.27
N SER A 34 2.40 -16.73 22.15
CA SER A 34 2.86 -16.25 20.84
C SER A 34 2.24 -14.92 20.49
N LEU A 35 1.31 -14.34 21.28
CA LEU A 35 0.73 -13.05 20.89
C LEU A 35 1.88 -12.06 20.95
N GLU A 36 2.54 -11.93 22.13
CA GLU A 36 3.68 -11.01 22.23
C GLU A 36 4.65 -11.17 21.07
N ALA A 37 4.91 -12.40 20.57
CA ALA A 37 5.90 -12.56 19.51
C ALA A 37 5.37 -12.00 18.21
N LYS A 38 4.24 -12.52 17.67
CA LYS A 38 3.74 -12.00 16.40
C LYS A 38 3.52 -10.50 16.48
N LEU A 39 3.04 -9.95 17.61
CA LEU A 39 2.87 -8.50 17.67
C LEU A 39 4.22 -7.85 17.59
N LYS A 40 5.25 -8.37 18.28
CA LYS A 40 6.56 -7.71 18.24
C LYS A 40 6.94 -7.38 16.80
N GLU A 41 6.63 -8.26 15.81
CA GLU A 41 6.99 -7.96 14.43
C GLU A 41 6.17 -6.81 13.88
N MET A 42 4.86 -6.74 14.18
CA MET A 42 4.02 -5.63 13.72
C MET A 42 4.63 -4.30 14.10
N GLN A 43 5.27 -4.24 15.29
CA GLN A 43 5.70 -2.95 15.84
C GLN A 43 6.81 -2.39 14.98
N LYS A 44 7.78 -3.24 14.55
CA LYS A 44 8.84 -2.76 13.67
C LYS A 44 8.23 -2.36 12.35
N PHE A 45 7.32 -3.20 11.79
CA PHE A 45 6.77 -2.90 10.48
C PHE A 45 6.08 -1.55 10.48
N PHE A 46 5.35 -1.21 11.56
CA PHE A 46 4.71 0.10 11.65
C PHE A 46 5.68 1.16 12.11
N GLY A 47 6.65 0.82 13.01
CA GLY A 47 7.60 1.81 13.53
C GLY A 47 7.33 2.13 14.98
N LEU A 48 6.05 2.25 15.39
CA LEU A 48 5.72 2.65 16.76
C LEU A 48 6.65 2.08 17.81
N PRO A 49 7.17 2.81 18.83
CA PRO A 49 8.07 2.20 19.80
C PRO A 49 7.33 1.24 20.74
N ILE A 50 6.44 1.73 21.63
CA ILE A 50 5.73 0.87 22.60
C ILE A 50 5.63 -0.58 22.16
N THR A 51 6.48 -1.49 22.68
CA THR A 51 6.45 -2.88 22.20
C THR A 51 5.44 -3.72 22.95
N GLY A 52 4.92 -4.80 22.31
CA GLY A 52 4.03 -5.72 23.02
C GLY A 52 2.80 -5.07 23.61
N MET A 53 2.23 -4.02 22.97
CA MET A 53 0.98 -3.42 23.44
C MET A 53 -0.09 -3.62 22.40
N LEU A 54 -1.39 -3.59 22.78
CA LEU A 54 -2.46 -3.75 21.81
C LEU A 54 -3.72 -3.11 22.33
N ASN A 55 -3.81 -1.76 22.26
CA ASN A 55 -4.92 -1.06 22.91
C ASN A 55 -4.98 0.42 22.56
N SER A 56 -3.90 1.19 22.79
CA SER A 56 -3.95 2.63 22.53
C SER A 56 -3.84 2.88 21.04
N ARG A 57 -2.68 3.35 20.50
CA ARG A 57 -2.60 3.62 19.06
C ARG A 57 -2.68 2.32 18.29
N VAL A 58 -2.06 1.24 18.81
CA VAL A 58 -1.87 0.02 18.03
C VAL A 58 -3.22 -0.49 17.55
N ILE A 59 -4.19 -0.70 18.48
CA ILE A 59 -5.53 -1.13 18.05
C ILE A 59 -6.13 -0.09 17.15
N GLU A 60 -6.00 1.22 17.50
CA GLU A 60 -6.62 2.26 16.67
C GLU A 60 -6.36 1.99 15.20
N ILE A 61 -5.19 1.41 14.84
CA ILE A 61 -4.88 1.22 13.42
C ILE A 61 -5.56 0.00 12.84
N MET A 62 -5.70 -1.10 13.62
CA MET A 62 -6.31 -2.30 13.08
C MET A 62 -7.66 -1.93 12.49
N GLN A 63 -8.46 -1.11 13.22
CA GLN A 63 -9.75 -0.67 12.68
C GLN A 63 -9.57 0.22 11.48
N LYS A 64 -8.57 1.14 11.41
CA LYS A 64 -8.43 1.98 10.21
C LYS A 64 -8.24 1.07 9.01
N PRO A 65 -8.53 1.48 7.74
CA PRO A 65 -8.23 0.61 6.62
C PRO A 65 -6.74 0.47 6.49
N ARG A 66 -6.26 -0.49 5.66
CA ARG A 66 -4.81 -0.67 5.52
C ARG A 66 -4.51 -1.25 4.15
N CYS A 67 -3.33 -0.99 3.54
CA CYS A 67 -3.02 -1.59 2.25
C CYS A 67 -3.32 -3.08 2.24
N GLY A 68 -3.50 -3.69 1.05
CA GLY A 68 -3.96 -5.06 0.96
C GLY A 68 -2.91 -5.94 0.34
N VAL A 69 -1.62 -5.73 0.71
CA VAL A 69 -0.51 -6.49 0.12
C VAL A 69 0.18 -7.15 1.29
N PRO A 70 0.59 -8.45 1.30
CA PRO A 70 1.22 -8.97 2.51
C PRO A 70 2.55 -8.29 2.76
N ASP A 71 3.15 -8.53 3.94
CA ASP A 71 4.41 -7.89 4.31
C ASP A 71 5.53 -8.92 4.35
N VAL A 72 5.44 -9.99 3.55
CA VAL A 72 6.40 -11.10 3.65
C VAL A 72 6.32 -11.87 2.34
N ALA A 73 7.40 -12.58 1.96
CA ALA A 73 7.39 -13.33 0.70
C ALA A 73 8.40 -14.45 0.78
N GLU A 74 8.48 -15.34 -0.23
CA GLU A 74 9.45 -16.43 -0.19
C GLU A 74 9.85 -16.81 -1.60
N TYR A 75 11.14 -17.11 -1.85
CA TYR A 75 11.56 -17.58 -3.17
C TYR A 75 11.09 -16.64 -4.26
N SER A 76 11.74 -15.46 -4.41
CA SER A 76 11.29 -14.48 -5.38
C SER A 76 12.45 -13.65 -5.89
N LEU A 77 13.31 -14.26 -6.75
CA LEU A 77 14.43 -13.51 -7.36
C LEU A 77 14.31 -13.45 -8.87
N PHE A 78 13.13 -13.74 -9.49
CA PHE A 78 13.05 -13.67 -10.95
C PHE A 78 13.52 -12.34 -11.51
N PRO A 79 12.93 -11.16 -11.16
CA PRO A 79 13.33 -9.95 -11.86
C PRO A 79 14.72 -9.51 -11.50
N ASN A 80 15.26 -8.51 -12.25
CA ASN A 80 16.59 -7.97 -11.94
C ASN A 80 16.39 -6.87 -10.92
N SER A 81 17.12 -6.89 -9.79
CA SER A 81 16.94 -5.89 -8.72
C SER A 81 15.57 -6.03 -8.09
N PRO A 82 15.32 -5.71 -6.79
CA PRO A 82 13.96 -5.73 -6.29
C PRO A 82 13.16 -4.51 -6.71
N LYS A 83 13.69 -3.57 -7.53
CA LYS A 83 12.96 -2.36 -7.91
C LYS A 83 12.76 -2.35 -9.41
N TRP A 84 12.13 -1.30 -9.98
CA TRP A 84 12.10 -1.12 -11.43
C TRP A 84 13.49 -0.79 -11.93
N THR A 85 14.26 -1.74 -12.52
CA THR A 85 15.54 -1.37 -13.16
C THR A 85 15.32 -1.01 -14.62
N SER A 86 14.12 -1.19 -15.20
CA SER A 86 13.97 -1.02 -16.65
C SER A 86 14.43 0.36 -17.09
N LYS A 87 14.81 0.54 -18.36
CA LYS A 87 15.14 1.87 -18.84
C LYS A 87 13.89 2.71 -18.72
N VAL A 88 12.69 2.14 -19.05
CA VAL A 88 11.44 2.88 -18.87
C VAL A 88 10.32 1.95 -18.47
N VAL A 89 9.22 2.49 -17.89
CA VAL A 89 8.07 1.66 -17.55
C VAL A 89 6.82 2.35 -18.05
N THR A 90 5.72 1.60 -18.32
CA THR A 90 4.51 2.19 -18.88
C THR A 90 3.34 1.79 -18.00
N TYR A 91 2.18 2.49 -18.09
CA TYR A 91 1.07 2.22 -17.17
C TYR A 91 -0.25 2.48 -17.86
N ARG A 92 -1.25 1.55 -17.82
CA ARG A 92 -2.53 1.77 -18.50
C ARG A 92 -3.68 1.39 -17.61
N ILE A 93 -4.81 2.13 -17.65
CA ILE A 93 -5.92 1.85 -16.74
C ILE A 93 -6.73 0.75 -17.41
N VAL A 94 -7.16 -0.31 -16.68
CA VAL A 94 -7.95 -1.36 -17.31
C VAL A 94 -9.36 -0.85 -17.43
N SER A 95 -9.95 -0.38 -16.29
CA SER A 95 -11.33 0.07 -16.27
C SER A 95 -11.44 1.20 -15.28
N TYR A 96 -12.64 1.79 -15.10
CA TYR A 96 -12.76 2.93 -14.18
C TYR A 96 -14.00 2.77 -13.34
N THR A 97 -14.06 3.50 -12.20
CA THR A 97 -15.14 3.31 -11.24
C THR A 97 -16.13 4.44 -11.41
N ARG A 98 -17.45 4.17 -11.33
CA ARG A 98 -18.45 5.24 -11.46
C ARG A 98 -18.14 6.43 -10.57
N ASP A 99 -17.55 6.23 -9.36
CA ASP A 99 -17.28 7.37 -8.49
C ASP A 99 -16.47 8.45 -9.19
N LEU A 100 -15.55 8.08 -10.11
CA LEU A 100 -14.63 9.04 -10.72
C LEU A 100 -14.64 8.85 -12.23
N PRO A 101 -14.64 9.89 -13.11
CA PRO A 101 -14.65 9.59 -14.52
C PRO A 101 -13.33 8.99 -14.95
N HIS A 102 -13.32 8.26 -16.07
CA HIS A 102 -12.12 7.55 -16.51
C HIS A 102 -10.92 8.47 -16.49
N ILE A 103 -11.07 9.68 -17.05
CA ILE A 103 -9.96 10.61 -17.12
C ILE A 103 -9.37 10.94 -15.77
N THR A 104 -10.23 11.11 -14.75
CA THR A 104 -9.73 11.55 -13.46
C THR A 104 -8.95 10.43 -12.85
N VAL A 105 -9.45 9.17 -12.91
CA VAL A 105 -8.64 8.07 -12.41
C VAL A 105 -7.32 8.15 -13.13
N ASP A 106 -7.34 8.22 -14.49
CA ASP A 106 -6.09 8.21 -15.24
C ASP A 106 -5.09 9.21 -14.70
N ARG A 107 -5.45 10.50 -14.55
CA ARG A 107 -4.43 11.46 -14.11
C ARG A 107 -4.03 11.17 -12.67
N LEU A 108 -4.94 10.76 -11.76
CA LEU A 108 -4.51 10.50 -10.39
C LEU A 108 -3.46 9.41 -10.38
N VAL A 109 -3.53 8.40 -11.28
CA VAL A 109 -2.46 7.39 -11.31
C VAL A 109 -1.21 8.12 -11.74
N SER A 110 -1.27 8.88 -12.86
CA SER A 110 -0.06 9.56 -13.35
C SER A 110 0.52 10.48 -12.30
N LYS A 111 -0.35 11.15 -11.52
CA LYS A 111 0.10 12.22 -10.63
C LYS A 111 0.85 11.62 -9.45
N ALA A 112 0.39 10.47 -8.92
CA ALA A 112 1.17 9.79 -7.88
C ALA A 112 2.36 9.08 -8.50
N LEU A 113 2.09 8.26 -9.54
CA LEU A 113 3.14 7.50 -10.23
C LEU A 113 4.31 8.42 -10.56
N ASN A 114 4.02 9.60 -11.15
CA ASN A 114 5.10 10.51 -11.54
C ASN A 114 5.76 11.02 -10.27
N MET A 115 4.98 11.32 -9.22
CA MET A 115 5.60 11.74 -7.95
C MET A 115 6.70 10.74 -7.62
N TRP A 116 6.47 9.42 -7.67
CA TRP A 116 7.59 8.51 -7.43
C TRP A 116 8.68 8.77 -8.46
N GLY A 117 8.34 8.74 -9.76
CA GLY A 117 9.37 8.79 -10.80
C GLY A 117 10.31 9.97 -10.67
N LYS A 118 9.79 11.18 -10.39
CA LYS A 118 10.66 12.35 -10.34
C LYS A 118 11.75 12.20 -9.30
N GLU A 119 11.60 11.35 -8.25
CA GLU A 119 12.64 11.22 -7.23
C GLU A 119 13.65 10.13 -7.55
N ILE A 120 13.79 9.69 -8.82
CA ILE A 120 14.80 8.68 -9.17
C ILE A 120 15.25 8.95 -10.58
N PRO A 121 16.48 8.59 -11.03
CA PRO A 121 16.87 8.91 -12.40
C PRO A 121 16.11 8.11 -13.45
N LEU A 122 15.25 7.13 -13.07
CA LEU A 122 14.44 6.42 -14.06
C LEU A 122 13.67 7.34 -14.97
N HIS A 123 13.14 6.78 -16.08
CA HIS A 123 12.31 7.53 -17.04
C HIS A 123 10.91 6.93 -17.02
N PHE A 124 9.86 7.67 -17.46
CA PHE A 124 8.50 7.12 -17.52
C PHE A 124 7.91 7.48 -18.88
N ARG A 125 6.92 6.71 -19.41
CA ARG A 125 6.43 6.94 -20.78
C ARG A 125 4.91 6.85 -20.79
N LYS A 126 4.22 7.60 -21.68
CA LYS A 126 2.75 7.64 -21.68
C LYS A 126 2.21 6.59 -22.61
N VAL A 127 0.99 6.08 -22.36
CA VAL A 127 0.43 4.99 -23.16
C VAL A 127 -0.45 5.47 -24.29
N VAL A 128 -0.09 5.27 -25.58
CA VAL A 128 -0.98 5.60 -26.68
C VAL A 128 -1.01 4.55 -27.78
N TRP A 129 -0.41 3.34 -27.65
CA TRP A 129 -0.48 2.35 -28.73
C TRP A 129 0.08 1.04 -28.23
N GLY A 130 -0.76 0.06 -27.80
CA GLY A 130 -0.26 -1.22 -27.31
C GLY A 130 -0.67 -1.43 -25.88
N THR A 131 -0.18 -2.52 -25.24
CA THR A 131 -0.52 -2.82 -23.85
C THR A 131 0.61 -2.35 -22.97
N ALA A 132 0.36 -2.05 -21.68
CA ALA A 132 1.41 -1.51 -20.81
C ALA A 132 1.81 -2.49 -19.74
N ASP A 133 2.88 -2.16 -18.97
CA ASP A 133 3.33 -3.07 -17.91
C ASP A 133 2.43 -2.95 -16.71
N ILE A 134 2.21 -1.72 -16.20
CA ILE A 134 1.58 -1.57 -14.88
C ILE A 134 0.11 -1.34 -15.10
N MET A 135 -0.71 -2.42 -15.08
CA MET A 135 -2.13 -2.27 -15.38
C MET A 135 -2.83 -1.75 -14.13
N ILE A 136 -3.81 -0.81 -14.24
CA ILE A 136 -4.45 -0.22 -13.06
C ILE A 136 -5.93 -0.54 -13.13
N GLY A 137 -6.41 -1.65 -12.51
CA GLY A 137 -7.83 -2.02 -12.65
C GLY A 137 -8.60 -1.87 -11.35
N PHE A 138 -9.94 -1.98 -11.43
CA PHE A 138 -10.79 -1.99 -10.25
C PHE A 138 -11.36 -3.39 -10.16
N ALA A 139 -11.19 -4.12 -9.03
CA ALA A 139 -11.69 -5.49 -9.00
C ALA A 139 -11.84 -6.00 -7.60
N ARG A 140 -12.52 -7.16 -7.40
CA ARG A 140 -12.68 -7.76 -6.07
C ARG A 140 -11.70 -8.91 -5.97
N GLY A 141 -11.36 -9.35 -4.74
CA GLY A 141 -10.45 -10.49 -4.56
C GLY A 141 -10.83 -11.68 -5.41
N ALA A 142 -12.14 -11.94 -5.63
CA ALA A 142 -12.56 -13.06 -6.48
C ALA A 142 -12.55 -12.73 -7.95
N HIS A 143 -11.82 -11.69 -8.43
CA HIS A 143 -11.76 -11.47 -9.87
C HIS A 143 -10.92 -12.58 -10.48
N GLY A 144 -9.78 -12.92 -9.82
CA GLY A 144 -8.95 -14.03 -10.31
C GLY A 144 -7.59 -13.94 -9.67
N ASP A 145 -7.52 -14.06 -8.31
CA ASP A 145 -6.25 -13.87 -7.61
C ASP A 145 -6.38 -14.20 -6.13
N SER A 146 -5.24 -14.27 -5.41
CA SER A 146 -5.28 -14.63 -4.00
C SER A 146 -5.93 -13.55 -3.15
N TYR A 147 -6.13 -13.85 -1.85
CA TYR A 147 -6.63 -12.85 -0.89
C TYR A 147 -8.12 -12.71 -1.08
N PRO A 148 -9.03 -12.85 -0.08
CA PRO A 148 -10.45 -12.81 -0.38
C PRO A 148 -10.94 -11.38 -0.54
N PHE A 149 -12.21 -11.22 -0.97
CA PHE A 149 -12.77 -9.88 -1.15
C PHE A 149 -12.99 -9.14 0.14
N ASP A 150 -13.21 -9.80 1.30
CA ASP A 150 -13.39 -9.09 2.56
C ASP A 150 -14.29 -7.85 2.54
N GLY A 151 -15.13 -7.63 1.51
CA GLY A 151 -16.05 -6.49 1.54
C GLY A 151 -15.37 -5.16 1.82
N PRO A 152 -16.12 -4.11 2.27
CA PRO A 152 -15.48 -2.82 2.51
C PRO A 152 -14.68 -2.91 3.79
N GLY A 153 -14.00 -1.81 4.20
CA GLY A 153 -13.18 -1.88 5.40
C GLY A 153 -11.99 -2.78 5.15
N ASN A 154 -11.47 -3.47 6.21
CA ASN A 154 -10.34 -4.40 6.08
C ASN A 154 -9.87 -4.70 4.66
N THR A 155 -8.58 -4.50 4.34
CA THR A 155 -8.05 -4.74 2.99
C THR A 155 -8.45 -3.56 2.13
N LEU A 156 -7.46 -2.80 1.61
CA LEU A 156 -7.77 -1.61 0.81
C LEU A 156 -7.44 -1.88 -0.65
N ALA A 157 -6.19 -2.22 -1.00
CA ALA A 157 -5.84 -2.46 -2.40
C ALA A 157 -4.71 -3.46 -2.50
N HIS A 158 -4.76 -4.45 -3.41
CA HIS A 158 -3.65 -5.39 -3.56
C HIS A 158 -2.83 -4.97 -4.77
N ALA A 159 -1.48 -4.97 -4.67
CA ALA A 159 -0.62 -4.64 -5.81
C ALA A 159 0.36 -5.78 -5.95
N PHE A 160 1.21 -5.80 -7.00
CA PHE A 160 2.17 -6.89 -7.18
C PHE A 160 3.57 -6.36 -7.23
N ALA A 161 4.58 -7.23 -6.98
CA ALA A 161 5.98 -6.78 -6.96
C ALA A 161 6.47 -6.68 -8.38
N PRO A 162 7.60 -6.01 -8.72
CA PRO A 162 7.98 -5.91 -10.13
C PRO A 162 8.53 -7.20 -10.65
N GLY A 163 7.64 -8.18 -10.92
CA GLY A 163 8.06 -9.49 -11.42
C GLY A 163 7.64 -9.66 -12.86
N THR A 164 8.48 -9.23 -13.84
CA THR A 164 8.18 -9.45 -15.25
C THR A 164 7.04 -8.55 -15.69
N GLY A 165 6.86 -8.26 -17.00
CA GLY A 165 5.75 -7.39 -17.43
C GLY A 165 4.45 -7.71 -16.72
N LEU A 166 4.15 -9.02 -16.52
CA LEU A 166 2.91 -9.37 -15.82
C LEU A 166 2.96 -8.76 -14.45
N GLY A 167 3.97 -9.10 -13.62
CA GLY A 167 3.99 -8.56 -12.26
C GLY A 167 4.30 -7.08 -12.28
N GLY A 168 4.14 -6.40 -11.13
CA GLY A 168 4.17 -4.94 -11.10
C GLY A 168 2.77 -4.35 -11.15
N ASP A 169 1.73 -5.07 -11.64
CA ASP A 169 0.42 -4.44 -11.78
C ASP A 169 -0.10 -3.89 -10.47
N ALA A 170 -1.09 -2.96 -10.53
CA ALA A 170 -1.72 -2.42 -9.33
C ALA A 170 -3.22 -2.63 -9.44
N HIS A 171 -3.95 -3.01 -8.37
CA HIS A 171 -5.41 -3.15 -8.45
C HIS A 171 -6.04 -2.31 -7.36
N PHE A 172 -7.38 -2.10 -7.39
CA PHE A 172 -8.06 -1.31 -6.36
C PHE A 172 -9.29 -2.09 -5.93
N ASP A 173 -9.49 -2.35 -4.61
CA ASP A 173 -10.67 -3.10 -4.17
C ASP A 173 -11.89 -2.32 -4.62
N GLU A 174 -12.59 -2.74 -5.70
CA GLU A 174 -13.74 -1.96 -6.17
C GLU A 174 -14.76 -1.80 -5.06
N ASP A 175 -14.87 -2.77 -4.13
CA ASP A 175 -15.83 -2.63 -3.03
C ASP A 175 -15.54 -1.38 -2.23
N GLU A 176 -14.25 -1.02 -2.03
CA GLU A 176 -13.93 0.14 -1.22
C GLU A 176 -14.40 1.42 -1.87
N ARG A 177 -14.50 2.50 -1.06
CA ARG A 177 -14.88 3.80 -1.60
C ARG A 177 -13.68 4.40 -2.31
N TRP A 178 -13.92 5.25 -3.33
CA TRP A 178 -12.81 5.86 -4.06
C TRP A 178 -13.25 7.20 -4.56
N THR A 179 -12.50 8.30 -4.35
CA THR A 179 -12.96 9.60 -4.83
C THR A 179 -11.80 10.57 -4.81
N ASP A 180 -12.03 11.89 -5.05
CA ASP A 180 -10.92 12.85 -5.00
C ASP A 180 -11.43 14.22 -4.64
N GLY A 181 -12.30 14.84 -5.47
CA GLY A 181 -12.87 16.13 -5.08
C GLY A 181 -13.72 15.98 -3.84
N SER A 182 -14.50 14.87 -3.71
CA SER A 182 -15.37 14.72 -2.55
C SER A 182 -14.57 14.56 -1.28
N SER A 183 -13.35 13.97 -1.33
CA SER A 183 -12.54 13.81 -0.12
C SER A 183 -13.38 13.26 1.01
N LEU A 184 -14.02 12.10 0.77
CA LEU A 184 -14.94 11.48 1.74
C LEU A 184 -14.34 10.17 2.17
N GLY A 185 -14.24 9.15 1.27
CA GLY A 185 -13.71 7.86 1.68
C GLY A 185 -12.22 7.86 1.48
N ILE A 186 -11.69 7.06 0.52
CA ILE A 186 -10.24 6.99 0.35
C ILE A 186 -9.89 7.88 -0.82
N ASN A 187 -8.80 8.68 -0.73
CA ASN A 187 -8.45 9.59 -1.82
C ASN A 187 -7.61 8.80 -2.79
N PHE A 188 -7.98 8.72 -4.09
CA PHE A 188 -7.17 7.91 -5.01
C PHE A 188 -5.76 8.45 -5.00
N LEU A 189 -5.56 9.79 -4.90
CA LEU A 189 -4.21 10.33 -4.95
C LEU A 189 -3.36 9.68 -3.88
N TYR A 190 -3.86 9.68 -2.63
CA TYR A 190 -3.08 9.16 -1.51
C TYR A 190 -2.81 7.68 -1.69
N ALA A 191 -3.87 6.88 -1.90
CA ALA A 191 -3.67 5.44 -2.05
C ALA A 191 -2.81 5.15 -3.26
N ALA A 192 -3.00 5.88 -4.38
CA ALA A 192 -2.21 5.61 -5.57
C ALA A 192 -0.74 5.64 -5.22
N THR A 193 -0.26 6.66 -4.46
CA THR A 193 1.16 6.64 -4.09
C THR A 193 1.51 5.37 -3.36
N HIS A 194 0.60 4.87 -2.50
CA HIS A 194 0.89 3.66 -1.74
C HIS A 194 0.88 2.47 -2.70
N ALA A 195 -0.24 2.22 -3.41
CA ALA A 195 -0.32 1.08 -4.32
C ALA A 195 0.78 1.08 -5.35
N LEU A 196 1.02 2.22 -6.04
CA LEU A 196 2.11 2.26 -7.02
C LEU A 196 3.42 2.11 -6.29
N GLY A 197 3.59 2.71 -5.09
CA GLY A 197 4.85 2.55 -4.36
C GLY A 197 5.19 1.08 -4.22
N HIS A 198 4.23 0.24 -3.77
CA HIS A 198 4.50 -1.21 -3.68
C HIS A 198 5.07 -1.73 -4.98
N SER A 199 4.49 -1.37 -6.14
CA SER A 199 5.00 -1.92 -7.41
C SER A 199 6.44 -1.55 -7.69
N LEU A 200 7.06 -0.59 -6.96
CA LEU A 200 8.48 -0.27 -7.19
C LEU A 200 9.36 -1.04 -6.23
N GLY A 201 8.86 -2.10 -5.53
CA GLY A 201 9.67 -2.72 -4.50
C GLY A 201 9.81 -1.87 -3.26
N MET A 202 9.10 -0.72 -3.13
CA MET A 202 9.26 0.08 -1.93
C MET A 202 8.64 -0.68 -0.78
N GLY A 203 9.36 -0.87 0.36
CA GLY A 203 8.75 -1.50 1.53
C GLY A 203 8.18 -0.44 2.42
N HIS A 204 7.45 -0.81 3.50
CA HIS A 204 6.87 0.21 4.36
C HIS A 204 7.96 0.96 5.08
N SER A 205 7.62 2.12 5.69
CA SER A 205 8.59 2.94 6.42
C SER A 205 8.20 3.03 7.88
N SER A 206 9.13 3.42 8.77
CA SER A 206 8.82 3.55 10.19
C SER A 206 8.58 4.99 10.59
N ASP A 207 8.25 5.91 9.64
CA ASP A 207 8.22 7.35 9.96
C ASP A 207 6.80 7.78 10.19
N PRO A 208 6.41 8.66 11.16
CA PRO A 208 5.01 8.92 11.39
C PRO A 208 4.35 9.73 10.30
N ASN A 209 5.09 10.29 9.32
CA ASN A 209 4.46 11.01 8.22
C ASN A 209 4.75 10.30 6.92
N ALA A 210 4.84 8.93 6.90
CA ALA A 210 5.27 8.27 5.67
C ALA A 210 4.17 8.22 4.64
N VAL A 211 4.55 7.95 3.37
CA VAL A 211 3.58 7.88 2.28
C VAL A 211 3.06 6.47 2.13
N MET A 212 3.89 5.43 2.39
CA MET A 212 3.40 4.05 2.44
C MET A 212 3.09 3.69 3.87
N TYR A 213 2.68 4.65 4.73
CA TYR A 213 2.61 4.34 6.15
C TYR A 213 1.41 3.44 6.34
N PRO A 214 1.45 2.31 7.08
CA PRO A 214 0.25 1.53 7.27
C PRO A 214 -0.69 2.18 8.26
N THR A 215 -0.32 3.32 8.89
CA THR A 215 -1.22 3.97 9.84
C THR A 215 -1.89 5.11 9.11
N TYR A 216 -2.41 4.84 7.89
CA TYR A 216 -2.94 5.93 7.07
C TYR A 216 -4.07 6.61 7.83
N GLY A 217 -4.01 7.94 8.05
CA GLY A 217 -5.07 8.61 8.78
C GLY A 217 -6.37 8.56 8.04
N ASN A 218 -7.48 8.96 8.70
CA ASN A 218 -8.79 8.95 8.04
C ASN A 218 -8.88 10.07 7.04
N GLY A 219 -8.68 11.33 7.46
CA GLY A 219 -8.85 12.45 6.54
C GLY A 219 -7.85 12.39 5.41
N ASP A 220 -8.05 13.20 4.35
CA ASP A 220 -7.17 13.17 3.19
C ASP A 220 -6.43 14.50 3.11
N PRO A 221 -5.17 14.63 2.62
CA PRO A 221 -4.56 15.95 2.53
C PRO A 221 -5.11 16.67 1.33
N GLN A 222 -4.74 17.96 1.13
CA GLN A 222 -5.24 18.71 -0.02
C GLN A 222 -4.37 18.40 -1.22
N ASN A 223 -3.08 18.81 -1.23
CA ASN A 223 -2.23 18.59 -2.39
C ASN A 223 -1.49 17.27 -2.31
N PHE A 224 -1.15 16.77 -1.10
CA PHE A 224 -0.42 15.49 -0.97
C PHE A 224 1.01 15.67 -1.45
N LYS A 225 2.02 15.06 -0.76
CA LYS A 225 3.41 15.09 -1.24
C LYS A 225 4.12 13.84 -0.78
N LEU A 226 5.32 13.53 -1.32
CA LEU A 226 6.07 12.35 -0.88
C LEU A 226 6.67 12.60 0.47
N SER A 227 7.13 11.54 1.18
CA SER A 227 7.75 11.72 2.50
C SER A 227 9.24 11.61 2.42
N GLN A 228 9.98 12.22 3.38
CA GLN A 228 11.44 12.11 3.38
C GLN A 228 11.85 10.65 3.49
N ASP A 229 11.38 9.93 4.53
CA ASP A 229 11.90 8.58 4.75
C ASP A 229 11.64 7.70 3.56
N ASP A 230 10.45 7.78 2.93
CA ASP A 230 10.24 7.01 1.71
C ASP A 230 11.31 7.34 0.70
N ILE A 231 11.57 8.64 0.44
CA ILE A 231 12.51 8.98 -0.63
C ILE A 231 13.93 8.57 -0.29
N LYS A 232 14.46 8.87 0.91
CA LYS A 232 15.81 8.39 1.19
C LYS A 232 15.82 6.88 1.01
N GLY A 233 14.72 6.18 1.36
CA GLY A 233 14.70 4.73 1.22
C GLY A 233 14.92 4.32 -0.22
N ILE A 234 14.17 4.91 -1.19
CA ILE A 234 14.34 4.46 -2.58
C ILE A 234 15.69 4.88 -3.07
N GLN A 235 16.15 6.13 -2.79
CA GLN A 235 17.41 6.59 -3.38
C GLN A 235 18.59 5.85 -2.79
N LYS A 236 18.51 5.30 -1.56
CA LYS A 236 19.67 4.59 -1.01
C LYS A 236 19.97 3.38 -1.87
N LEU A 237 18.93 2.69 -2.41
CA LEU A 237 19.16 1.46 -3.17
C LEU A 237 19.48 1.82 -4.60
N TYR A 238 18.74 2.79 -5.21
CA TYR A 238 19.06 3.18 -6.60
C TYR A 238 20.44 3.76 -6.59
N GLY A 239 20.66 4.86 -5.83
CA GLY A 239 21.99 5.46 -5.74
C GLY A 239 21.88 6.94 -5.48
N LYS A 240 21.50 7.75 -6.50
CA LYS A 240 21.41 9.20 -6.28
C LYS A 240 20.71 9.86 -7.46
N ARG A 241 19.79 10.84 -7.23
CA ARG A 241 19.06 11.48 -8.32
C ARG A 241 19.54 12.90 -8.47
N SER A 242 19.64 13.44 -9.72
CA SER A 242 20.14 14.81 -9.92
C SER A 242 19.01 15.80 -10.22
N ASN A 243 18.16 16.15 -9.22
CA ASN A 243 17.10 17.14 -9.46
C ASN A 243 16.54 17.64 -8.15
N SER A 244 15.66 18.66 -8.15
CA SER A 244 15.06 19.14 -6.91
C SER A 244 13.74 19.84 -7.19
N ARG A 245 13.74 20.99 -7.92
CA ARG A 245 12.47 21.66 -8.20
C ARG A 245 11.62 20.71 -9.03
N LYS A 246 10.29 20.61 -8.73
CA LYS A 246 9.38 19.84 -9.59
C LYS A 246 8.00 19.92 -8.97
N LYS A 247 6.90 19.70 -9.71
CA LYS A 247 5.57 19.80 -9.11
C LYS A 247 4.58 18.89 -9.81
C1 SGN B . 3.65 12.82 -17.57
C2 SGN B . 2.61 11.85 -18.19
C3 SGN B . 1.59 12.61 -19.08
C4 SGN B . 1.01 13.87 -18.37
C5 SGN B . 2.20 14.69 -17.80
C6 SGN B . 1.75 15.94 -17.00
N2 SGN B . 3.32 10.83 -18.97
O3 SGN B . 0.58 11.66 -19.48
O4 SGN B . 0.28 14.74 -19.29
O5 SGN B . 2.97 13.88 -16.90
O6 SGN B . 2.82 16.85 -16.70
S1 SGN B . 4.77 11.17 -19.98
O1S SGN B . 5.64 11.97 -19.13
O2S SGN B . 5.26 9.87 -20.37
O3S SGN B . 4.23 11.96 -21.07
S2 SGN B . 4.00 16.38 -15.89
O4S SGN B . 4.58 17.62 -15.40
O5S SGN B . 4.86 15.68 -16.84
O6S SGN B . 3.47 15.54 -14.84
H1 SGN B . 4.31 12.29 -16.87
H2 SGN B . 2.09 11.36 -17.36
H3 SGN B . 2.10 12.96 -19.99
H4 SGN B . 0.38 13.56 -17.52
H5 SGN B . 2.83 15.04 -18.64
H61 SGN B . 1.21 15.65 -16.08
H62 SGN B . 1.06 16.53 -17.63
HN21 SGN B . 2.93 9.90 -18.98
HO3 SGN B . 0.07 11.32 -18.76
C1 IDS B . -1.07 14.33 -19.63
C2 IDS B . -2.15 14.78 -18.60
C3 IDS B . -2.46 16.31 -18.73
C4 IDS B . -2.64 16.77 -20.21
C5 IDS B . -1.47 16.23 -21.06
C6 IDS B . -1.67 16.59 -22.51
O2 IDS B . -3.37 14.02 -18.76
O3 IDS B . -1.39 17.08 -18.15
O4 IDS B . -3.92 16.40 -20.79
O5 IDS B . -1.40 14.79 -20.96
O6A IDS B . -2.17 17.72 -22.79
O6B IDS B . -1.32 15.76 -23.38
S IDS B . -3.36 12.52 -18.56
O1S IDS B . -3.29 11.99 -19.91
O2S IDS B . -4.62 12.24 -17.91
O3S IDS B . -2.21 12.20 -17.73
H1 IDS B . -1.09 13.25 -19.79
H2 IDS B . -1.80 14.60 -17.57
H3 IDS B . -3.37 16.55 -18.16
H4 IDS B . -2.51 17.86 -20.25
H5 IDS B . -0.51 16.67 -20.73
HO3 IDS B . -1.30 16.95 -17.22
C1 SGN B . -5.02 17.30 -20.47
C2 SGN B . -6.19 16.56 -19.77
C3 SGN B . -7.16 15.87 -20.75
C4 SGN B . -7.61 16.90 -21.82
C5 SGN B . -6.31 17.32 -22.56
C6 SGN B . -6.62 18.21 -23.79
N2 SGN B . -5.67 15.54 -18.87
O3 SGN B . -8.21 15.38 -19.93
O4 SGN B . -8.69 16.48 -22.72
O5 SGN B . -5.46 18.04 -21.63
O6 SGN B . -7.41 19.37 -23.47
S1 SGN B . -6.28 15.32 -17.21
O1S SGN B . -7.47 16.13 -17.09
O2S SGN B . -5.16 15.76 -16.39
O3S SGN B . -6.45 13.88 -17.13
S2 SGN B . -6.78 20.62 -22.93
O4S SGN B . -6.93 21.58 -24.02
O5S SGN B . -7.59 20.95 -21.76
O6S SGN B . -5.40 20.33 -22.62
H1 SGN B . -4.70 18.07 -19.76
H2 SGN B . -6.78 17.30 -19.20
H3 SGN B . -6.65 15.02 -21.24
H4 SGN B . -7.95 17.83 -21.32
H5 SGN B . -5.75 16.43 -22.93
H61 SGN B . -7.23 17.62 -24.49
H62 SGN B . -5.70 18.50 -24.32
HN21 SGN B . -4.99 14.91 -19.24
HO3 SGN B . -8.79 14.82 -20.43
C1 IDS B . -9.99 16.29 -22.09
C2 IDS B . -11.21 16.59 -23.00
C3 IDS B . -11.50 15.44 -24.01
C4 IDS B . -11.57 14.08 -23.26
C5 IDS B . -10.22 13.93 -22.53
C6 IDS B . -10.20 12.58 -21.89
O2 IDS B . -12.44 16.75 -22.26
O3 IDS B . -10.47 15.37 -25.02
O4 IDS B . -12.68 14.06 -22.31
O5 IDS B . -10.13 14.96 -21.52
O6A IDS B . -9.40 11.70 -22.32
O6B IDS B . -11.02 12.38 -20.96
S IDS B . -12.59 17.86 -21.24
O1S IDS B . -14.01 18.17 -21.28
O2S IDS B . -12.18 17.25 -19.99
O3S IDS B . -11.74 18.96 -21.69
H1 IDS B . -10.06 16.98 -21.25
H2 IDS B . -11.03 17.51 -23.58
H3 IDS B . -12.46 15.61 -24.51
H4 IDS B . -11.61 13.27 -24.00
H5 IDS B . -9.35 14.00 -23.21
HO3 IDS B . -10.40 16.16 -25.54
C1 SGN B . -13.82 13.28 -22.73
C2 SGN B . -15.20 13.83 -22.23
C3 SGN B . -15.64 13.28 -20.85
C4 SGN B . -15.48 11.74 -20.84
C5 SGN B . -13.97 11.48 -21.09
C6 SGN B . -13.65 9.96 -21.02
N2 SGN B . -15.15 15.28 -22.27
O3 SGN B . -17.00 13.66 -20.61
O4 SGN B . -16.02 11.20 -19.60
O5 SGN B . -13.64 11.88 -22.44
O6 SGN B . -12.25 9.81 -21.31
S1 SGN B . -15.64 16.18 -23.74
O1S SGN B . -14.91 17.43 -23.69
O2S SGN B . -17.07 16.34 -23.52
O3S SGN B . -15.35 15.28 -24.84
S2 SGN B . -11.76 8.43 -21.70
O4S SGN B . -11.77 8.47 -23.15
O5S SGN B . -10.42 8.37 -21.13
O6S SGN B . -12.68 7.49 -21.12
H1 SGN B . -13.89 13.36 -23.83
H2 SGN B . -15.98 13.48 -22.92
H3 SGN B . -15.01 13.72 -20.05
H4 SGN B . -15.97 11.31 -21.73
H5 SGN B . -13.36 12.01 -20.33
H61 SGN B . -14.26 9.44 -21.77
H62 SGN B . -13.86 9.55 -20.02
HN21 SGN B . -14.77 15.78 -21.49
HO3 SGN B . -17.31 13.36 -19.76
C1 IDS B . -17.31 10.54 -19.71
C2 IDS B . -17.13 9.00 -19.59
C3 IDS B . -16.83 8.62 -18.10
C4 IDS B . -17.88 9.24 -17.12
C5 IDS B . -18.02 10.74 -17.41
C6 IDS B . -19.12 11.30 -16.54
O2 IDS B . -18.31 8.29 -20.02
O3 IDS B . -15.49 9.00 -17.77
O4 IDS B . -19.18 8.57 -17.21
O5 IDS B . -18.32 11.00 -18.79
O6A IDS B . -18.94 11.29 -15.29
O6B IDS B . -20.16 11.73 -17.09
S IDS B . -18.38 7.86 -21.46
O1S IDS B . -18.06 9.02 -22.26
O2S IDS B . -19.74 7.40 -21.61
O3S IDS B . -17.38 6.79 -21.55
H1 IDS B . -17.83 10.78 -20.65
H2 IDS B . -16.27 8.67 -20.18
H3 IDS B . -16.84 7.53 -18.01
H4 IDS B . -17.50 9.16 -16.09
H5 IDS B . -17.10 11.31 -17.18
HO3 IDS B . -15.32 9.93 -17.94
C1 SGN B . -19.28 7.35 -16.44
C2 SGN B . -20.09 6.27 -17.21
C3 SGN B . -21.63 6.49 -17.09
C4 SGN B . -21.98 6.61 -15.59
C5 SGN B . -21.19 7.83 -15.03
C6 SGN B . -21.59 8.05 -13.54
N2 SGN B . -19.74 6.26 -18.62
O3 SGN B . -22.33 5.44 -17.76
O4 SGN B . -23.40 6.72 -15.29
O5 SGN B . -19.78 7.56 -15.10
O6 SGN B . -20.70 9.02 -12.95
S1 SGN B . -20.02 4.84 -19.66
O1S SGN B . -18.84 4.77 -20.49
O2S SGN B . -20.26 3.73 -18.76
O3S SGN B . -21.17 5.24 -20.45
S2 SGN B . -20.99 9.42 -11.52
O4S SGN B . -19.84 10.22 -11.15
O5S SGN B . -22.22 10.18 -11.60
O6S SGN B . -21.10 8.18 -10.78
H1 SGN B . -18.28 6.90 -16.29
H2 SGN B . -19.86 5.28 -16.77
H3 SGN B . -21.92 7.42 -17.61
H4 SGN B . -21.55 5.73 -15.06
H5 SGN B . -21.43 8.75 -15.59
H61 SGN B . -21.50 7.11 -13.00
H62 SGN B . -22.63 8.41 -13.47
HN21 SGN B . -19.41 7.11 -19.02
HO3 SGN B . -22.16 4.58 -17.38
C1 IDS B . -24.15 5.48 -15.38
C2 IDS B . -25.40 5.50 -14.46
C3 IDS B . -26.47 6.47 -15.04
C4 IDS B . -26.76 6.06 -16.51
C5 IDS B . -25.44 6.07 -17.31
C6 IDS B . -25.67 5.65 -18.75
O2 IDS B . -25.89 4.15 -14.39
O3 IDS B . -26.01 7.83 -15.02
O4 IDS B . -27.34 4.76 -16.57
O5 IDS B . -24.53 5.12 -16.73
O6A IDS B . -24.75 5.02 -19.35
O6B IDS B . -26.77 5.93 -19.29
S IDS B . -26.54 3.66 -13.12
O1S IDS B . -27.45 4.71 -12.70
O2S IDS B . -27.20 2.44 -13.52
O3S IDS B . -25.43 3.46 -12.21
H1 IDS B . -23.55 4.63 -15.00
H2 IDS B . -25.07 5.84 -13.46
H3 IDS B . -27.42 6.39 -14.48
H4 IDS B . -27.48 6.78 -16.93
H5 IDS B . -24.99 7.08 -17.34
HO3 IDS B . -25.85 8.15 -14.14
CA CA C . 2.63 -5.58 -14.58
CA CA D . -11.98 -3.97 1.59
ZN ZN E . -5.93 -9.31 -8.32
ZN ZN F . 1.54 -1.06 1.95
N PRO A 1 -5.89 7.25 27.09
CA PRO A 1 -5.61 6.09 26.26
C PRO A 1 -5.96 4.83 27.05
N GLN A 2 -7.24 4.40 27.03
CA GLN A 2 -7.64 3.19 27.75
C GLN A 2 -8.86 2.59 27.09
N GLU A 3 -8.81 2.40 25.75
CA GLU A 3 -9.96 1.85 25.05
C GLU A 3 -10.04 0.37 25.34
N ALA A 4 -8.91 -0.37 25.21
CA ALA A 4 -8.95 -1.81 25.49
C ALA A 4 -9.55 -2.12 26.83
N GLY A 5 -9.35 -1.27 27.85
CA GLY A 5 -9.95 -1.53 29.16
C GLY A 5 -11.41 -1.91 29.02
N GLY A 6 -12.16 -1.21 28.14
CA GLY A 6 -13.57 -1.54 27.94
C GLY A 6 -13.80 -2.23 26.61
N MET A 7 -13.00 -3.27 26.27
CA MET A 7 -13.25 -4.05 25.06
C MET A 7 -13.48 -5.50 25.42
N SER A 8 -14.03 -6.30 24.48
CA SER A 8 -14.33 -7.70 24.76
C SER A 8 -13.24 -8.60 24.19
N GLU A 9 -13.26 -9.90 24.56
CA GLU A 9 -12.34 -10.85 23.96
C GLU A 9 -12.43 -10.80 22.45
N LEU A 10 -13.62 -10.48 21.87
CA LEU A 10 -13.73 -10.48 20.41
C LEU A 10 -12.77 -9.47 19.83
N GLN A 11 -12.73 -8.21 20.32
CA GLN A 11 -11.78 -7.26 19.74
C GLN A 11 -10.38 -7.76 19.96
N TRP A 12 -10.00 -8.16 21.20
CA TRP A 12 -8.63 -8.59 21.45
C TRP A 12 -8.23 -9.69 20.49
N GLU A 13 -9.09 -10.69 20.27
CA GLU A 13 -8.75 -11.78 19.36
C GLU A 13 -8.71 -11.24 17.95
N GLN A 14 -9.73 -10.46 17.52
CA GLN A 14 -9.73 -9.90 16.17
C GLN A 14 -8.42 -9.17 15.94
N ALA A 15 -7.90 -8.41 16.93
CA ALA A 15 -6.63 -7.73 16.74
C ALA A 15 -5.59 -8.76 16.36
N GLN A 16 -5.43 -9.81 17.18
CA GLN A 16 -4.40 -10.82 16.88
C GLN A 16 -4.62 -11.40 15.50
N ASP A 17 -5.87 -11.80 15.16
CA ASP A 17 -6.12 -12.40 13.86
C ASP A 17 -5.87 -11.42 12.73
N TYR A 18 -6.23 -10.12 12.87
CA TYR A 18 -5.97 -9.17 11.80
C TYR A 18 -4.50 -9.11 11.47
N LEU A 19 -3.57 -9.42 12.42
CA LEU A 19 -2.17 -9.51 12.04
C LEU A 19 -2.02 -10.72 11.13
N LYS A 20 -2.56 -11.89 11.55
CA LYS A 20 -2.38 -13.13 10.78
C LYS A 20 -2.68 -12.95 9.31
N ARG A 21 -3.78 -12.23 8.96
CA ARG A 21 -4.19 -12.13 7.56
C ARG A 21 -3.29 -11.21 6.77
N PHE A 22 -2.69 -10.16 7.39
CA PHE A 22 -1.75 -9.34 6.61
C PHE A 22 -0.69 -10.24 6.03
N TYR A 23 -0.23 -11.28 6.75
CA TYR A 23 0.83 -12.14 6.22
C TYR A 23 0.24 -13.43 5.68
N LEU A 24 -0.67 -13.32 4.68
CA LEU A 24 -1.29 -14.50 4.08
C LEU A 24 -2.11 -15.25 5.11
N TYR A 25 -1.48 -16.05 6.01
CA TYR A 25 -2.24 -16.82 7.00
C TYR A 25 -1.24 -17.53 7.89
N ASP A 26 -0.86 -16.93 9.05
CA ASP A 26 0.23 -17.48 9.86
C ASP A 26 -0.34 -18.17 11.08
N SER A 27 -0.82 -19.43 10.93
CA SER A 27 -1.41 -20.14 12.07
C SER A 27 -0.39 -20.55 13.11
N GLU A 28 0.86 -20.94 12.74
CA GLU A 28 1.83 -21.36 13.76
C GLU A 28 1.88 -20.37 14.90
N THR A 29 1.96 -19.06 14.60
CA THR A 29 2.09 -18.06 15.66
C THR A 29 0.91 -18.01 16.62
N LYS A 30 -0.25 -18.64 16.31
CA LYS A 30 -1.39 -18.56 17.24
C LYS A 30 -1.02 -19.20 18.58
N ASN A 31 -0.59 -18.40 19.59
CA ASN A 31 -0.26 -18.96 20.90
C ASN A 31 -0.18 -17.85 21.93
N ALA A 32 -0.29 -18.22 23.23
CA ALA A 32 -0.26 -17.20 24.26
C ALA A 32 1.09 -16.54 24.38
N ASN A 33 2.18 -17.33 24.44
CA ASN A 33 3.51 -16.73 24.63
C ASN A 33 3.97 -16.13 23.31
N SER A 34 3.75 -16.81 22.16
CA SER A 34 4.22 -16.30 20.88
C SER A 34 3.69 -14.91 20.61
N LEU A 35 2.40 -14.61 20.91
CA LEU A 35 1.87 -13.29 20.57
C LEU A 35 2.80 -12.22 21.09
N GLU A 36 3.40 -12.40 22.29
CA GLU A 36 4.19 -11.33 22.88
C GLU A 36 5.36 -11.02 21.95
N ALA A 37 6.09 -12.05 21.50
CA ALA A 37 7.16 -11.82 20.53
C ALA A 37 6.62 -11.38 19.19
N LYS A 38 5.46 -11.92 18.75
CA LYS A 38 4.99 -11.63 17.39
C LYS A 38 4.66 -10.16 17.30
N LEU A 39 3.81 -9.66 18.23
CA LEU A 39 3.56 -8.21 18.34
C LEU A 39 4.87 -7.48 18.14
N LYS A 40 5.95 -7.92 18.84
CA LYS A 40 7.18 -7.15 18.80
C LYS A 40 7.61 -6.84 17.38
N GLU A 41 7.49 -7.80 16.42
CA GLU A 41 7.86 -7.51 15.04
C GLU A 41 6.89 -6.52 14.44
N MET A 42 5.57 -6.72 14.67
CA MET A 42 4.57 -5.86 14.04
C MET A 42 4.83 -4.40 14.37
N GLN A 43 5.40 -4.11 15.56
CA GLN A 43 5.60 -2.72 15.93
C GLN A 43 6.47 -2.04 14.92
N LYS A 44 7.58 -2.69 14.47
CA LYS A 44 8.43 -2.10 13.44
C LYS A 44 7.60 -1.92 12.17
N PHE A 45 6.73 -2.90 11.82
CA PHE A 45 5.94 -2.79 10.59
C PHE A 45 5.27 -1.44 10.50
N PHE A 46 4.69 -0.92 11.61
CA PHE A 46 4.02 0.39 11.59
C PHE A 46 4.86 1.49 12.20
N GLY A 47 5.95 1.23 12.96
CA GLY A 47 6.74 2.31 13.57
C GLY A 47 6.23 2.78 14.91
N LEU A 48 4.96 2.52 15.29
CA LEU A 48 4.42 2.98 16.57
C LEU A 48 5.38 2.82 17.74
N PRO A 49 5.38 3.68 18.80
CA PRO A 49 6.35 3.50 19.88
C PRO A 49 6.02 2.39 20.86
N ILE A 50 4.77 2.23 21.35
CA ILE A 50 4.55 1.28 22.46
C ILE A 50 5.04 -0.11 22.06
N THR A 51 6.09 -0.68 22.72
CA THR A 51 6.64 -1.95 22.27
C THR A 51 6.01 -3.12 23.01
N GLY A 52 5.92 -4.31 22.37
CA GLY A 52 5.40 -5.50 23.06
C GLY A 52 4.10 -5.28 23.80
N MET A 53 3.21 -4.37 23.31
CA MET A 53 1.96 -4.07 24.01
C MET A 53 0.91 -3.73 22.99
N LEU A 54 -0.40 -3.69 23.37
CA LEU A 54 -1.41 -3.17 22.46
C LEU A 54 -2.61 -2.67 23.24
N ASN A 55 -3.30 -1.60 22.73
CA ASN A 55 -4.48 -1.08 23.43
C ASN A 55 -5.04 0.15 22.74
N SER A 56 -4.18 1.15 22.38
CA SER A 56 -4.69 2.38 21.78
C SER A 56 -3.92 2.67 20.50
N ARG A 57 -2.62 3.04 20.54
CA ARG A 57 -1.94 3.33 19.27
C ARG A 57 -2.00 2.11 18.39
N VAL A 58 -1.90 0.89 18.99
CA VAL A 58 -1.91 -0.32 18.18
C VAL A 58 -3.31 -0.64 17.72
N ILE A 59 -4.33 -0.69 18.62
CA ILE A 59 -5.68 -1.02 18.16
C ILE A 59 -6.10 -0.01 17.12
N GLU A 60 -5.80 1.29 17.33
CA GLU A 60 -6.09 2.30 16.29
C GLU A 60 -5.71 1.79 14.91
N ILE A 61 -4.54 1.12 14.75
CA ILE A 61 -4.13 0.65 13.42
C ILE A 61 -5.07 -0.43 12.93
N MET A 62 -5.56 -1.31 13.84
CA MET A 62 -6.37 -2.44 13.41
C MET A 62 -7.65 -1.89 12.82
N GLN A 63 -8.31 -0.95 13.53
CA GLN A 63 -9.57 -0.39 13.06
C GLN A 63 -9.38 0.56 11.90
N LYS A 64 -8.25 1.29 11.76
CA LYS A 64 -8.07 2.18 10.61
C LYS A 64 -7.90 1.33 9.37
N PRO A 65 -8.19 1.79 8.12
CA PRO A 65 -7.99 0.93 6.96
C PRO A 65 -6.51 0.76 6.72
N ARG A 66 -6.13 -0.15 5.79
CA ARG A 66 -4.71 -0.34 5.52
C ARG A 66 -4.50 -0.98 4.17
N CYS A 67 -3.35 -0.73 3.50
CA CYS A 67 -2.96 -1.46 2.29
C CYS A 67 -3.41 -2.90 2.26
N GLY A 68 -3.48 -3.53 1.06
CA GLY A 68 -3.94 -4.92 0.97
C GLY A 68 -2.91 -5.80 0.32
N VAL A 69 -1.60 -5.48 0.52
CA VAL A 69 -0.53 -6.23 -0.13
C VAL A 69 0.04 -7.16 0.91
N PRO A 70 0.32 -8.46 0.71
CA PRO A 70 0.89 -9.24 1.79
C PRO A 70 2.31 -8.80 2.03
N ASP A 71 2.97 -9.31 3.09
CA ASP A 71 4.32 -8.87 3.41
C ASP A 71 5.17 -10.03 3.86
N VAL A 72 5.22 -11.09 3.02
CA VAL A 72 6.03 -12.26 3.33
C VAL A 72 6.52 -12.84 2.02
N ALA A 73 7.61 -13.63 2.04
CA ALA A 73 8.14 -14.19 0.79
C ALA A 73 8.88 -15.47 1.10
N GLU A 74 9.18 -16.29 0.07
CA GLU A 74 9.78 -17.60 0.34
C GLU A 74 10.39 -18.11 -0.95
N TYR A 75 11.26 -19.15 -0.91
CA TYR A 75 11.87 -19.63 -2.15
C TYR A 75 12.60 -18.46 -2.80
N SER A 76 13.81 -18.13 -2.30
CA SER A 76 14.58 -17.04 -2.88
C SER A 76 14.71 -17.22 -4.38
N LEU A 77 13.78 -16.63 -5.18
CA LEU A 77 13.88 -16.76 -6.64
C LEU A 77 13.29 -15.50 -7.24
N PHE A 78 13.74 -14.32 -6.75
CA PHE A 78 13.13 -13.05 -7.17
C PHE A 78 13.75 -12.60 -8.48
N PRO A 79 13.09 -11.73 -9.28
CA PRO A 79 13.68 -11.28 -10.54
C PRO A 79 14.82 -10.31 -10.28
N ASN A 80 15.39 -9.74 -11.37
CA ASN A 80 16.51 -8.79 -11.22
C ASN A 80 16.17 -7.71 -10.20
N SER A 81 16.66 -7.84 -8.94
CA SER A 81 16.49 -6.78 -7.95
C SER A 81 15.06 -6.70 -7.46
N PRO A 82 14.73 -6.28 -6.22
CA PRO A 82 13.33 -6.20 -5.83
C PRO A 82 12.61 -5.04 -6.50
N LYS A 83 13.28 -3.92 -6.84
CA LYS A 83 12.58 -2.77 -7.43
C LYS A 83 12.72 -2.81 -8.93
N TRP A 84 11.95 -1.99 -9.69
CA TRP A 84 12.03 -2.06 -11.16
C TRP A 84 13.47 -1.90 -11.60
N THR A 85 13.98 -2.79 -12.47
CA THR A 85 15.30 -2.60 -13.07
C THR A 85 15.16 -2.18 -14.52
N SER A 86 13.92 -1.99 -15.07
CA SER A 86 13.79 -1.68 -16.49
C SER A 86 14.32 -0.31 -16.81
N LYS A 87 14.73 -0.06 -18.07
CA LYS A 87 15.18 1.29 -18.44
C LYS A 87 14.02 2.25 -18.41
N VAL A 88 12.76 1.77 -18.61
CA VAL A 88 11.59 2.65 -18.46
C VAL A 88 10.45 1.84 -17.88
N VAL A 89 9.49 2.47 -17.17
CA VAL A 89 8.32 1.75 -16.68
C VAL A 89 7.11 2.49 -17.20
N THR A 90 6.01 1.81 -17.58
CA THR A 90 4.87 2.49 -18.20
C THR A 90 3.61 2.08 -17.49
N TYR A 91 2.45 2.73 -17.75
CA TYR A 91 1.26 2.50 -16.93
C TYR A 91 -0.04 2.72 -17.70
N ARG A 92 -1.10 1.91 -17.47
CA ARG A 92 -2.34 2.03 -18.26
C ARG A 92 -3.52 1.77 -17.35
N ILE A 93 -4.68 2.44 -17.55
CA ILE A 93 -5.80 2.25 -16.63
C ILE A 93 -6.62 1.10 -17.17
N VAL A 94 -7.08 0.14 -16.34
CA VAL A 94 -7.89 -0.96 -16.86
C VAL A 94 -9.29 -0.43 -17.08
N SER A 95 -9.89 0.18 -16.02
CA SER A 95 -11.27 0.65 -16.11
C SER A 95 -11.41 1.96 -15.38
N TYR A 96 -12.57 2.64 -15.46
CA TYR A 96 -12.77 3.92 -14.78
C TYR A 96 -14.04 3.82 -13.97
N THR A 97 -14.04 4.23 -12.67
CA THR A 97 -15.18 4.00 -11.80
C THR A 97 -16.18 5.12 -11.99
N ARG A 98 -17.50 4.85 -11.84
CA ARG A 98 -18.51 5.88 -12.04
C ARG A 98 -18.20 7.07 -11.16
N ASP A 99 -17.73 6.84 -9.91
CA ASP A 99 -17.40 7.96 -9.02
C ASP A 99 -16.54 9.00 -9.68
N LEU A 100 -15.59 8.61 -10.57
CA LEU A 100 -14.63 9.55 -11.14
C LEU A 100 -14.57 9.36 -12.64
N PRO A 101 -14.57 10.38 -13.54
CA PRO A 101 -14.47 10.06 -14.95
C PRO A 101 -13.08 9.53 -15.25
N HIS A 102 -12.86 9.06 -16.50
CA HIS A 102 -11.61 8.38 -16.83
C HIS A 102 -10.47 9.37 -16.81
N ILE A 103 -10.67 10.58 -17.39
CA ILE A 103 -9.64 11.62 -17.30
C ILE A 103 -9.15 11.78 -15.88
N THR A 104 -10.06 11.75 -14.88
CA THR A 104 -9.64 12.03 -13.50
C THR A 104 -8.87 10.84 -13.00
N VAL A 105 -9.43 9.61 -13.04
CA VAL A 105 -8.68 8.45 -12.57
C VAL A 105 -7.30 8.54 -13.18
N ASP A 106 -7.22 8.66 -14.53
CA ASP A 106 -5.93 8.70 -15.19
C ASP A 106 -5.02 9.76 -14.62
N ARG A 107 -5.47 11.03 -14.49
CA ARG A 107 -4.53 12.06 -14.05
C ARG A 107 -4.08 11.79 -12.63
N LEU A 108 -4.91 11.20 -11.74
CA LEU A 108 -4.44 10.89 -10.39
C LEU A 108 -3.32 9.87 -10.49
N VAL A 109 -3.48 8.79 -11.30
CA VAL A 109 -2.45 7.74 -11.29
C VAL A 109 -1.13 8.37 -11.64
N SER A 110 -1.13 9.22 -12.70
CA SER A 110 0.15 9.78 -13.15
C SER A 110 0.64 10.81 -12.15
N LYS A 111 -0.25 11.59 -11.52
CA LYS A 111 0.18 12.60 -10.56
C LYS A 111 0.93 11.95 -9.40
N ALA A 112 0.56 10.72 -8.99
CA ALA A 112 1.31 10.04 -7.94
C ALA A 112 2.49 9.26 -8.49
N LEU A 113 2.25 8.37 -9.48
CA LEU A 113 3.35 7.65 -10.14
C LEU A 113 4.47 8.62 -10.46
N ASN A 114 4.14 9.80 -11.02
CA ASN A 114 5.17 10.76 -11.39
C ASN A 114 5.90 11.19 -10.15
N MET A 115 5.18 11.48 -9.02
CA MET A 115 5.88 11.81 -7.79
C MET A 115 6.92 10.74 -7.54
N TRP A 116 6.56 9.44 -7.54
CA TRP A 116 7.61 8.44 -7.35
C TRP A 116 8.72 8.66 -8.37
N GLY A 117 8.37 8.78 -9.66
CA GLY A 117 9.40 8.85 -10.70
C GLY A 117 10.36 10.00 -10.53
N LYS A 118 9.92 11.18 -10.03
CA LYS A 118 10.83 12.33 -9.93
C LYS A 118 11.94 12.09 -8.92
N GLU A 119 11.86 11.08 -8.03
CA GLU A 119 12.90 10.88 -7.01
C GLU A 119 13.96 9.89 -7.44
N ILE A 120 14.03 9.47 -8.73
CA ILE A 120 14.88 8.33 -9.09
C ILE A 120 15.34 8.48 -10.51
N PRO A 121 16.49 7.91 -10.96
CA PRO A 121 16.90 8.07 -12.35
C PRO A 121 16.04 7.24 -13.29
N LEU A 122 15.16 6.34 -12.79
CA LEU A 122 14.26 5.65 -13.72
C LEU A 122 13.55 6.66 -14.60
N HIS A 123 13.06 6.19 -15.76
CA HIS A 123 12.36 7.06 -16.70
C HIS A 123 10.93 6.57 -16.77
N PHE A 124 9.95 7.37 -17.28
CA PHE A 124 8.59 6.88 -17.42
C PHE A 124 8.03 7.28 -18.78
N ARG A 125 7.15 6.46 -19.41
CA ARG A 125 6.65 6.74 -20.75
C ARG A 125 5.17 7.06 -20.65
N LYS A 126 4.59 7.86 -21.57
CA LYS A 126 3.13 8.08 -21.55
C LYS A 126 2.55 7.02 -22.45
N VAL A 127 1.41 6.38 -22.08
CA VAL A 127 0.86 5.29 -22.90
C VAL A 127 -0.29 5.75 -23.77
N VAL A 128 -0.50 5.14 -24.95
CA VAL A 128 -1.55 5.59 -25.88
C VAL A 128 -1.91 4.48 -26.86
N TRP A 129 -0.93 3.85 -27.56
CA TRP A 129 -1.22 2.79 -28.51
C TRP A 129 -0.66 1.51 -27.92
N GLY A 130 -1.49 0.61 -27.35
CA GLY A 130 -0.99 -0.69 -26.88
C GLY A 130 -1.18 -0.90 -25.40
N THR A 131 -0.60 -2.00 -24.85
CA THR A 131 -0.73 -2.33 -23.43
C THR A 131 0.46 -1.76 -22.67
N ALA A 132 0.57 -1.97 -21.34
CA ALA A 132 1.67 -1.38 -20.57
C ALA A 132 2.17 -2.30 -19.47
N ASP A 133 3.26 -1.91 -18.78
CA ASP A 133 3.80 -2.76 -17.72
C ASP A 133 2.87 -2.72 -16.54
N ILE A 134 2.60 -1.52 -15.96
CA ILE A 134 1.75 -1.46 -14.78
C ILE A 134 0.32 -1.33 -15.28
N MET A 135 -0.68 -1.96 -14.64
CA MET A 135 -2.08 -1.76 -15.00
C MET A 135 -2.78 -1.19 -13.78
N ILE A 136 -3.73 -0.23 -13.91
CA ILE A 136 -4.32 0.45 -12.73
C ILE A 136 -5.81 0.22 -12.76
N GLY A 137 -6.34 -0.88 -12.18
CA GLY A 137 -7.77 -1.16 -12.24
C GLY A 137 -8.38 -1.24 -10.87
N PHE A 138 -9.74 -1.22 -10.77
CA PHE A 138 -10.42 -1.43 -9.48
C PHE A 138 -11.28 -2.65 -9.64
N ALA A 139 -11.09 -3.72 -8.82
CA ALA A 139 -11.85 -4.96 -9.05
C ALA A 139 -11.84 -5.82 -7.81
N ARG A 140 -12.50 -7.01 -7.84
CA ARG A 140 -12.53 -7.91 -6.69
C ARG A 140 -11.82 -9.21 -7.04
N GLY A 141 -11.47 -10.05 -6.05
CA GLY A 141 -10.79 -11.31 -6.31
C GLY A 141 -11.48 -12.14 -7.37
N ALA A 142 -12.81 -11.97 -7.54
CA ALA A 142 -13.50 -12.61 -8.66
C ALA A 142 -13.22 -11.95 -10.00
N HIS A 143 -12.17 -11.11 -10.16
CA HIS A 143 -11.81 -10.59 -11.49
C HIS A 143 -10.93 -11.56 -12.24
N GLY A 144 -10.66 -12.78 -11.70
CA GLY A 144 -9.73 -13.70 -12.35
C GLY A 144 -8.39 -13.65 -11.65
N ASP A 145 -8.32 -13.81 -10.30
CA ASP A 145 -7.04 -13.91 -9.63
C ASP A 145 -7.20 -14.42 -8.21
N SER A 146 -6.09 -14.74 -7.52
CA SER A 146 -6.17 -15.27 -6.16
C SER A 146 -6.48 -14.15 -5.18
N TYR A 147 -6.46 -14.43 -3.85
CA TYR A 147 -6.62 -13.38 -2.84
C TYR A 147 -8.10 -13.15 -2.65
N PRO A 148 -8.70 -13.05 -1.44
CA PRO A 148 -10.15 -12.97 -1.36
C PRO A 148 -10.64 -11.57 -1.67
N PHE A 149 -11.97 -11.41 -1.83
CA PHE A 149 -12.54 -10.09 -2.08
C PHE A 149 -12.32 -9.16 -0.93
N ASP A 150 -12.33 -9.65 0.34
CA ASP A 150 -12.10 -8.76 1.47
C ASP A 150 -13.32 -7.89 1.72
N GLY A 151 -13.84 -7.12 0.72
CA GLY A 151 -15.11 -6.42 0.91
C GLY A 151 -14.88 -5.03 1.48
N PRO A 152 -15.86 -4.34 2.09
CA PRO A 152 -15.58 -3.00 2.60
C PRO A 152 -14.78 -3.14 3.87
N GLY A 153 -14.25 -2.02 4.42
CA GLY A 153 -13.47 -2.13 5.64
C GLY A 153 -12.11 -2.73 5.38
N ASN A 154 -11.57 -3.52 6.34
CA ASN A 154 -10.19 -4.01 6.27
C ASN A 154 -9.71 -4.34 4.86
N THR A 155 -8.39 -4.13 4.59
CA THR A 155 -7.82 -4.47 3.29
C THR A 155 -8.26 -3.42 2.30
N LEU A 156 -7.32 -2.63 1.72
CA LEU A 156 -7.69 -1.47 0.90
C LEU A 156 -7.36 -1.72 -0.56
N ALA A 157 -6.11 -2.10 -0.91
CA ALA A 157 -5.74 -2.26 -2.31
C ALA A 157 -4.66 -3.30 -2.45
N HIS A 158 -4.89 -4.42 -3.20
CA HIS A 158 -3.80 -5.38 -3.42
C HIS A 158 -2.94 -4.87 -4.56
N ALA A 159 -1.68 -5.34 -4.65
CA ALA A 159 -0.76 -4.88 -5.69
C ALA A 159 0.33 -5.90 -5.81
N PHE A 160 1.16 -5.89 -6.88
CA PHE A 160 2.15 -6.94 -7.07
C PHE A 160 3.53 -6.33 -7.25
N ALA A 161 4.59 -7.18 -7.33
CA ALA A 161 5.97 -6.70 -7.40
C ALA A 161 6.48 -6.84 -8.82
N PRO A 162 7.53 -6.10 -9.28
CA PRO A 162 7.92 -6.17 -10.68
C PRO A 162 8.57 -7.49 -11.03
N GLY A 163 7.78 -8.53 -11.39
CA GLY A 163 8.38 -9.82 -11.75
C GLY A 163 7.57 -10.54 -12.81
N THR A 164 8.22 -11.45 -13.58
CA THR A 164 7.54 -12.17 -14.67
C THR A 164 7.15 -11.23 -15.79
N GLY A 165 6.19 -10.30 -15.58
CA GLY A 165 5.81 -9.36 -16.63
C GLY A 165 4.37 -8.94 -16.42
N LEU A 166 3.44 -9.93 -16.42
CA LEU A 166 2.03 -9.62 -16.12
C LEU A 166 1.97 -8.99 -14.76
N GLY A 167 2.73 -9.50 -13.77
CA GLY A 167 2.75 -8.88 -12.44
C GLY A 167 3.31 -7.48 -12.46
N GLY A 168 3.76 -6.95 -11.30
CA GLY A 168 4.12 -5.54 -11.23
C GLY A 168 2.93 -4.62 -11.42
N ASP A 169 1.67 -5.12 -11.37
CA ASP A 169 0.51 -4.26 -11.56
C ASP A 169 -0.04 -3.73 -10.26
N ALA A 170 -0.89 -2.66 -10.31
CA ALA A 170 -1.51 -2.13 -9.11
C ALA A 170 -3.01 -2.35 -9.21
N HIS A 171 -3.68 -2.91 -8.18
CA HIS A 171 -5.14 -3.05 -8.21
C HIS A 171 -5.72 -2.24 -7.07
N PHE A 172 -7.06 -2.05 -7.06
CA PHE A 172 -7.73 -1.29 -6.01
C PHE A 172 -8.98 -2.06 -5.62
N ASP A 173 -9.37 -2.14 -4.32
CA ASP A 173 -10.58 -2.88 -3.94
C ASP A 173 -11.79 -2.15 -4.48
N GLU A 174 -12.45 -2.61 -5.56
CA GLU A 174 -13.66 -1.93 -6.04
C GLU A 174 -14.68 -1.77 -4.94
N ASP A 175 -14.74 -2.70 -3.97
CA ASP A 175 -15.72 -2.56 -2.90
C ASP A 175 -15.49 -1.26 -2.17
N GLU A 176 -14.22 -0.88 -1.93
CA GLU A 176 -13.93 0.38 -1.23
C GLU A 176 -14.40 1.56 -2.04
N ARG A 177 -14.56 2.72 -1.35
CA ARG A 177 -14.97 3.94 -2.03
C ARG A 177 -13.78 4.56 -2.70
N TRP A 178 -13.99 5.43 -3.72
CA TRP A 178 -12.87 6.04 -4.44
C TRP A 178 -13.29 7.37 -5.00
N THR A 179 -12.62 8.50 -4.67
CA THR A 179 -13.06 9.79 -5.18
C THR A 179 -11.96 10.81 -4.97
N ASP A 180 -12.20 12.11 -5.28
CA ASP A 180 -11.16 13.12 -5.10
C ASP A 180 -11.78 14.46 -4.76
N GLY A 181 -12.61 15.05 -5.66
CA GLY A 181 -13.29 16.29 -5.30
C GLY A 181 -14.23 16.07 -4.15
N SER A 182 -14.93 14.91 -4.10
CA SER A 182 -15.90 14.68 -3.02
C SER A 182 -15.20 14.47 -1.69
N SER A 183 -13.94 13.96 -1.67
CA SER A 183 -13.21 13.82 -0.40
C SER A 183 -14.09 13.19 0.64
N LEU A 184 -14.60 11.97 0.35
CA LEU A 184 -15.59 11.30 1.20
C LEU A 184 -14.98 10.03 1.75
N GLY A 185 -14.54 9.08 0.88
CA GLY A 185 -13.96 7.83 1.35
C GLY A 185 -12.46 7.88 1.34
N ILE A 186 -11.78 7.26 0.35
CA ILE A 186 -10.32 7.18 0.37
C ILE A 186 -9.83 8.09 -0.72
N ASN A 187 -8.91 9.05 -0.45
CA ASN A 187 -8.46 9.93 -1.52
C ASN A 187 -7.74 9.07 -2.54
N PHE A 188 -8.15 9.14 -3.83
CA PHE A 188 -7.47 8.32 -4.85
C PHE A 188 -6.01 8.71 -4.87
N LEU A 189 -5.69 10.01 -4.72
CA LEU A 189 -4.30 10.46 -4.77
C LEU A 189 -3.48 9.75 -3.71
N TYR A 190 -3.93 9.81 -2.44
CA TYR A 190 -3.17 9.21 -1.35
C TYR A 190 -2.98 7.73 -1.60
N ALA A 191 -4.10 7.02 -1.93
CA ALA A 191 -3.99 5.59 -2.20
C ALA A 191 -3.12 5.34 -3.41
N ALA A 192 -3.17 6.19 -4.45
CA ALA A 192 -2.36 5.93 -5.63
C ALA A 192 -0.90 5.88 -5.24
N THR A 193 -0.39 6.89 -4.51
CA THR A 193 1.02 6.88 -4.16
C THR A 193 1.35 5.62 -3.38
N HIS A 194 0.40 5.13 -2.55
CA HIS A 194 0.65 3.87 -1.83
C HIS A 194 0.67 2.73 -2.83
N ALA A 195 -0.46 2.49 -3.56
CA ALA A 195 -0.55 1.35 -4.48
C ALA A 195 0.56 1.37 -5.51
N LEU A 196 0.78 2.51 -6.20
CA LEU A 196 1.83 2.58 -7.23
C LEU A 196 3.17 2.32 -6.58
N GLY A 197 3.45 2.85 -5.38
CA GLY A 197 4.75 2.60 -4.75
C GLY A 197 5.04 1.11 -4.72
N HIS A 198 4.05 0.25 -4.38
CA HIS A 198 4.30 -1.19 -4.37
C HIS A 198 4.70 -1.72 -5.72
N SER A 199 4.14 -1.18 -6.83
CA SER A 199 4.59 -1.62 -8.15
C SER A 199 6.08 -1.44 -8.34
N LEU A 200 6.76 -0.58 -7.53
CA LEU A 200 8.20 -0.38 -7.65
C LEU A 200 8.94 -1.17 -6.60
N GLY A 201 8.36 -2.28 -6.06
CA GLY A 201 9.04 -3.02 -5.00
C GLY A 201 9.39 -2.18 -3.80
N MET A 202 8.70 -1.03 -3.55
CA MET A 202 9.00 -0.26 -2.34
C MET A 202 8.35 -0.95 -1.16
N GLY A 203 8.85 -0.68 0.07
CA GLY A 203 8.31 -1.32 1.27
C GLY A 203 7.77 -0.26 2.20
N HIS A 204 7.15 -0.69 3.32
CA HIS A 204 6.55 0.28 4.24
C HIS A 204 7.64 0.99 5.00
N SER A 205 7.30 2.12 5.67
CA SER A 205 8.29 2.87 6.44
C SER A 205 7.77 3.06 7.85
N SER A 206 8.66 3.46 8.78
CA SER A 206 8.29 3.59 10.19
C SER A 206 8.14 5.04 10.60
N ASP A 207 8.02 6.00 9.66
CA ASP A 207 8.02 7.42 10.04
C ASP A 207 6.58 7.83 10.28
N PRO A 208 6.20 8.68 11.26
CA PRO A 208 4.79 8.97 11.47
C PRO A 208 4.17 9.66 10.27
N ASN A 209 4.97 10.27 9.36
CA ASN A 209 4.42 10.96 8.20
C ASN A 209 4.89 10.30 6.92
N ALA A 210 5.07 8.96 6.86
CA ALA A 210 5.58 8.35 5.63
C ALA A 210 4.54 8.42 4.52
N VAL A 211 4.96 8.20 3.25
CA VAL A 211 4.00 8.16 2.15
C VAL A 211 3.34 6.80 2.13
N MET A 212 4.12 5.73 2.40
CA MET A 212 3.60 4.37 2.38
C MET A 212 3.38 4.02 3.84
N TYR A 213 2.70 4.91 4.61
CA TYR A 213 2.60 4.68 6.05
C TYR A 213 1.40 3.79 6.23
N PRO A 214 1.47 2.57 6.81
CA PRO A 214 0.25 1.78 6.96
C PRO A 214 -0.62 2.33 8.05
N THR A 215 -0.17 3.28 8.91
CA THR A 215 -1.05 3.81 9.94
C THR A 215 -1.81 4.97 9.33
N TYR A 216 -2.54 4.74 8.21
CA TYR A 216 -3.24 5.86 7.57
C TYR A 216 -4.29 6.31 8.56
N GLY A 217 -4.30 7.59 8.98
CA GLY A 217 -5.27 8.04 9.98
C GLY A 217 -6.67 8.07 9.39
N ASN A 218 -7.40 9.21 9.48
CA ASN A 218 -8.78 9.26 8.98
C ASN A 218 -9.02 10.53 8.17
N GLY A 219 -8.82 11.74 8.75
CA GLY A 219 -9.00 12.95 7.95
C GLY A 219 -8.07 12.91 6.75
N ASP A 220 -8.41 13.63 5.65
CA ASP A 220 -7.59 13.58 4.44
C ASP A 220 -6.81 14.88 4.29
N PRO A 221 -5.56 14.90 3.77
CA PRO A 221 -4.81 16.16 3.64
C PRO A 221 -5.28 16.97 2.45
N GLN A 222 -4.85 18.26 2.31
CA GLN A 222 -5.26 19.05 1.16
C GLN A 222 -4.53 18.53 -0.07
N ASN A 223 -3.25 18.90 -0.30
CA ASN A 223 -2.53 18.51 -1.51
C ASN A 223 -1.73 17.25 -1.28
N PHE A 224 -1.04 17.13 -0.12
CA PHE A 224 -0.26 15.93 0.18
C PHE A 224 0.96 15.82 -0.69
N LYS A 225 1.99 15.07 -0.22
CA LYS A 225 3.28 15.05 -0.89
C LYS A 225 4.07 13.84 -0.47
N LEU A 226 5.19 13.56 -1.17
CA LEU A 226 6.09 12.50 -0.72
C LEU A 226 6.65 12.83 0.65
N SER A 227 7.30 11.84 1.31
CA SER A 227 7.80 12.03 2.67
C SER A 227 9.30 11.85 2.70
N GLN A 228 10.01 12.44 3.69
CA GLN A 228 11.47 12.36 3.67
C GLN A 228 11.94 10.93 3.81
N ASP A 229 11.45 10.21 4.85
CA ASP A 229 11.98 8.86 5.09
C ASP A 229 11.68 7.96 3.91
N ASP A 230 10.51 8.14 3.25
CA ASP A 230 10.21 7.34 2.06
C ASP A 230 11.18 7.67 0.95
N ILE A 231 11.49 8.98 0.76
CA ILE A 231 12.37 9.37 -0.34
C ILE A 231 13.76 8.81 -0.10
N LYS A 232 14.39 9.09 1.06
CA LYS A 232 15.74 8.57 1.27
C LYS A 232 15.77 7.07 1.07
N GLY A 233 14.69 6.35 1.44
CA GLY A 233 14.71 4.89 1.32
C GLY A 233 14.93 4.49 -0.12
N ILE A 234 14.07 4.95 -1.06
CA ILE A 234 14.25 4.53 -2.46
C ILE A 234 15.59 5.02 -2.95
N GLN A 235 16.00 6.25 -2.58
CA GLN A 235 17.29 6.77 -3.06
C GLN A 235 18.43 5.94 -2.54
N LYS A 236 18.32 5.23 -1.39
CA LYS A 236 19.44 4.41 -0.93
C LYS A 236 19.75 3.36 -1.98
N LEU A 237 18.75 2.81 -2.70
CA LEU A 237 19.02 1.71 -3.65
C LEU A 237 19.55 2.28 -4.94
N TYR A 238 18.87 3.29 -5.51
CA TYR A 238 19.29 3.85 -6.80
C TYR A 238 20.50 4.76 -6.64
N GLY A 239 20.78 5.31 -5.44
CA GLY A 239 21.95 6.17 -5.29
C GLY A 239 21.78 7.43 -6.11
N LYS A 240 20.79 8.28 -5.77
CA LYS A 240 20.55 9.51 -6.54
C LYS A 240 19.69 10.47 -5.74
N ARG A 241 19.45 11.72 -6.19
CA ARG A 241 18.51 12.59 -5.48
C ARG A 241 18.19 13.78 -6.34
N SER A 242 16.89 14.03 -6.69
CA SER A 242 16.57 15.16 -7.56
C SER A 242 15.11 15.55 -7.43
N ASN A 243 14.72 16.77 -7.90
CA ASN A 243 13.31 17.16 -7.91
C ASN A 243 12.71 17.15 -6.52
N SER A 244 12.64 18.31 -5.83
CA SER A 244 12.10 18.35 -4.47
C SER A 244 11.18 19.56 -4.36
N ARG A 245 10.01 19.51 -5.04
CA ARG A 245 9.12 20.67 -5.06
C ARG A 245 7.69 20.23 -5.29
N LYS A 246 6.70 21.15 -5.23
CA LYS A 246 5.33 20.76 -5.61
C LYS A 246 4.59 21.94 -6.20
N LYS A 247 3.55 21.67 -7.02
CA LYS A 247 2.75 22.73 -7.64
C LYS A 247 1.96 23.50 -6.60
C1 SGN B . 3.90 12.47 -17.87
C2 SGN B . 3.60 12.04 -19.32
C3 SGN B . 2.62 13.06 -19.95
C4 SGN B . 1.34 13.14 -19.06
C5 SGN B . 1.81 13.58 -17.64
C6 SGN B . 0.67 13.84 -16.62
N2 SGN B . 4.84 11.91 -20.06
O3 SGN B . 2.31 12.63 -21.28
O4 SGN B . 0.39 14.09 -19.64
O5 SGN B . 2.69 12.57 -17.11
O6 SGN B . 1.06 14.67 -15.51
S1 SGN B . 5.91 10.47 -19.90
O1S SGN B . 7.06 10.98 -19.20
O2S SGN B . 5.14 9.49 -19.15
O3S SGN B . 6.24 10.12 -21.26
S2 SGN B . 1.80 14.08 -14.32
O4S SGN B . 2.08 15.25 -13.50
O5S SGN B . 3.00 13.45 -14.85
O6S SGN B . 0.86 13.16 -13.72
H1 SGN B . 4.57 11.73 -17.37
H2 SGN B . 3.11 11.06 -19.27
H3 SGN B . 3.10 14.04 -20.00
H4 SGN B . 0.95 12.11 -19.04
H5 SGN B . 2.36 14.53 -17.71
H61 SGN B . 0.13 12.92 -16.33
H62 SGN B . -0.06 14.49 -17.11
HN21 SGN B . 5.13 12.66 -20.65
HO3 SGN B . 1.73 13.25 -21.73
C1 IDS B . -1.00 13.66 -19.60
C2 IDS B . -1.99 14.81 -19.26
C3 IDS B . -2.08 15.80 -20.45
C4 IDS B . -2.51 15.04 -21.72
C5 IDS B . -1.48 13.91 -21.94
C6 IDS B . -1.88 13.18 -23.20
O2 IDS B . -3.31 14.28 -18.97
O3 IDS B . -0.81 16.43 -20.70
O4 IDS B . -3.85 14.50 -21.58
O5 IDS B . -1.42 13.01 -20.82
O6A IDS B . -2.91 12.46 -23.17
O6B IDS B . -1.17 13.31 -24.23
S IDS B . -3.65 13.73 -17.59
O1S IDS B . -2.87 12.53 -17.38
O2S IDS B . -5.07 13.45 -17.71
O3S IDS B . -3.35 14.81 -16.67
H1 IDS B . -1.13 12.91 -18.81
H2 IDS B . -1.67 15.41 -18.39
H3 IDS B . -2.80 16.61 -20.24
H4 IDS B . -2.46 15.70 -22.60
H5 IDS B . -0.47 14.34 -22.11
HO3 IDS B . -0.47 16.92 -19.95
C1 SGN B . -4.92 15.42 -21.93
C2 SGN B . -6.21 15.20 -21.10
C3 SGN B . -6.98 13.96 -21.61
C4 SGN B . -7.27 14.16 -23.13
C5 SGN B . -5.87 14.20 -23.80
C6 SGN B . -5.98 14.25 -25.35
N2 SGN B . -5.86 15.06 -19.69
O3 SGN B . -8.15 13.84 -20.81
O4 SGN B . -8.19 13.18 -23.69
O5 SGN B . -5.16 15.38 -23.35
O6 SGN B . -6.64 15.44 -25.85
S1 SGN B . -5.83 16.43 -18.54
O1S SGN B . -6.53 17.52 -19.18
O2S SGN B . -4.41 16.68 -18.34
O3S SGN B . -6.41 15.89 -17.32
S2 SGN B . -5.81 16.62 -26.30
O4S SGN B . -4.97 16.11 -27.36
O5S SGN B . -6.79 17.59 -26.76
O6S SGN B . -5.08 17.08 -25.13
H1 SGN B . -4.61 16.46 -21.69
H2 SGN B . -6.86 16.07 -21.22
H3 SGN B . -6.36 13.05 -21.45
H4 SGN B . -7.68 15.16 -23.31
H5 SGN B . -5.31 13.28 -23.56
H61 SGN B . -6.60 13.40 -25.69
H62 SGN B . -4.99 14.12 -25.81
HN21 SGN B . -5.62 14.14 -19.38
HO3 SGN B . -8.62 13.02 -20.93
C1 IDS B . -9.57 13.34 -23.27
C2 IDS B . -10.55 13.18 -24.46
C3 IDS B . -10.81 11.68 -24.80
C4 IDS B . -11.11 10.86 -23.53
C5 IDS B . -10.00 11.09 -22.48
C6 IDS B . -10.34 10.28 -21.26
O2 IDS B . -11.84 13.77 -24.16
O3 IDS B . -9.70 11.14 -25.56
O4 IDS B . -12.40 11.23 -22.95
O5 IDS B . -9.94 12.49 -22.15
O6A IDS B . -10.05 9.04 -21.26
O6B IDS B . -10.91 10.84 -20.29
S IDS B . -12.03 15.27 -24.28
O1S IDS B . -10.71 15.89 -24.36
O2S IDS B . -12.81 15.41 -25.50
O3S IDS B . -12.77 15.61 -23.07
H1 IDS B . -9.75 14.33 -22.84
H2 IDS B . -10.14 13.66 -25.36
H3 IDS B . -11.66 11.62 -25.50
H4 IDS B . -11.09 9.77 -23.77
H5 IDS B . -9.01 10.76 -22.83
HO3 IDS B . -8.87 11.22 -25.13
C1 SGN B . -13.52 10.46 -23.46
C2 SGN B . -14.87 11.24 -23.39
C3 SGN B . -15.52 11.21 -21.98
C4 SGN B . -15.57 9.75 -21.45
C5 SGN B . -14.10 9.24 -21.44
C6 SGN B . -14.04 7.81 -20.83
N2 SGN B . -14.67 12.63 -23.80
O3 SGN B . -16.83 11.79 -22.00
O4 SGN B . -16.23 9.74 -20.15
O5 SGN B . -13.59 9.18 -22.80
O6 SGN B . -14.93 6.85 -21.45
S1 SGN B . -15.99 13.59 -24.53
O1S SGN B . -15.33 14.61 -25.33
O2S SGN B . -16.67 14.14 -23.38
O3S SGN B . -16.82 12.63 -25.25
S2 SGN B . -14.41 5.97 -22.57
O4S SGN B . -13.35 5.19 -21.95
O5S SGN B . -15.57 5.19 -22.94
O6S SGN B . -13.95 6.88 -23.61
H1 SGN B . -13.36 10.26 -24.53
H2 SGN B . -15.58 10.75 -24.08
H3 SGN B . -14.93 11.81 -21.28
H4 SGN B . -16.06 9.10 -22.19
H5 SGN B . -13.47 9.89 -20.82
H61 SGN B . -14.39 7.89 -19.79
H62 SGN B . -13.00 7.45 -20.82
HN21 SGN B . -13.80 13.06 -23.58
HO3 SGN B . -17.44 11.34 -22.58
C1 IDS B . -17.61 9.28 -20.17
C2 IDS B . -17.71 7.84 -19.61
C3 IDS B . -17.71 7.84 -18.06
C4 IDS B . -18.73 8.84 -17.46
C5 IDS B . -18.50 10.24 -18.11
C6 IDS B . -19.56 11.19 -17.62
O2 IDS B . -18.90 7.17 -20.09
O3 IDS B . -16.37 8.05 -17.57
O4 IDS B . -20.11 8.40 -17.67
O5 IDS B . -18.58 10.15 -19.54
O6A IDS B . -20.08 11.98 -18.47
O6B IDS B . -19.88 11.17 -16.40
S IDS B . -18.79 6.38 -21.39
O1S IDS B . -18.12 7.24 -22.35
O2S IDS B . -20.16 6.09 -21.73
O3S IDS B . -18.02 5.21 -21.02
H1 IDS B . -18.04 9.33 -21.18
H2 IDS B . -16.83 7.25 -19.92
H3 IDS B . -17.96 6.82 -17.71
H4 IDS B . -18.53 8.97 -16.39
H5 IDS B . -17.52 10.67 -17.82
HO3 IDS B . -16.00 8.89 -17.85
C1 SGN B . -20.58 7.43 -16.70
C2 SGN B . -21.46 6.32 -17.33
C3 SGN B . -22.90 6.81 -17.60
C4 SGN B . -23.48 7.35 -16.25
C5 SGN B . -22.56 8.55 -15.83
C6 SGN B . -23.09 9.17 -14.53
N2 SGN B . -20.89 5.89 -18.58
O3 SGN B . -23.63 5.76 -18.21
O4 SGN B . -24.89 7.70 -16.35
O5 SGN B . -21.23 8.05 -15.56
O6 SGN B . -22.20 10.24 -14.10
S1 SGN B . -21.11 4.21 -19.21
O1S SGN B . -21.90 4.41 -20.40
O2S SGN B . -19.78 3.79 -19.53
O3S SGN B . -21.78 3.48 -18.16
S2 SGN B . -22.47 10.85 -12.76
O4S SGN B . -23.90 11.09 -12.70
O5S SGN B . -22.00 9.84 -11.82
O6S SGN B . -21.68 12.06 -12.76
H1 SGN B . -19.72 6.89 -16.24
H2 SGN B . -21.51 5.45 -16.64
H3 SGN B . -22.84 7.65 -18.33
H4 SGN B . -23.33 6.63 -15.44
H5 SGN B . -22.53 9.34 -16.62
H61 SGN B . -23.15 8.40 -13.75
H62 SGN B . -24.10 9.59 -14.72
HN21 SGN B . -20.44 6.58 -19.14
HO3 SGN B . -24.53 6.00 -18.43
C1 IDS B . -25.77 6.58 -16.09
C2 IDS B . -26.33 6.63 -14.64
C3 IDS B . -27.43 7.71 -14.51
C4 IDS B . -28.48 7.52 -15.62
C5 IDS B . -27.79 7.55 -17.00
C6 IDS B . -28.81 7.32 -18.09
O2 IDS B . -26.85 5.33 -14.34
O3 IDS B . -26.90 9.05 -14.62
O4 IDS B . -29.13 6.24 -15.45
O5 IDS B . -26.83 6.48 -17.07
O6A IDS B . -28.50 6.55 -19.04
O6B IDS B . -29.91 7.91 -18.03
S IDS B . -26.93 4.85 -12.90
O1S IDS B . -25.71 4.08 -12.73
O2S IDS B . -26.97 6.02 -12.04
O3S IDS B . -28.14 4.06 -12.87
H1 IDS B . -25.26 5.61 -16.19
H2 IDS B . -25.47 6.85 -13.98
H3 IDS B . -27.96 7.62 -13.55
H4 IDS B . -29.25 8.30 -15.54
H5 IDS B . -27.30 8.51 -17.17
HO3 IDS B . -26.33 9.27 -13.90
CA CA C . 2.35 -6.16 -15.83
CA CA D . -11.84 -3.10 1.69
ZN ZN E . -6.40 -9.04 -8.34
ZN ZN F . 1.35 -1.07 1.53
#